data_8IKW
#
_entry.id   8IKW
#
_cell.length_a   68.727
_cell.length_b   105.218
_cell.length_c   113.821
_cell.angle_alpha   63.93
_cell.angle_beta   89.12
_cell.angle_gamma   86.27
#
_symmetry.space_group_name_H-M   'P 1'
#
loop_
_entity.id
_entity.type
_entity.pdbx_description
1 polymer 'Polygalacturonase inhibitor 2'
2 polymer Endo-polygalacturonase
3 branched beta-D-mannopyranose-(1-4)-2-acetamido-2-deoxy-beta-D-glucopyranose-(1-4)-2-acetamido-2-deoxy-beta-D-glucopyranose
4 branched alpha-L-fucopyranose-(1-3)-[2-acetamido-2-deoxy-beta-D-glucopyranose-(1-4)][alpha-L-fucopyranose-(1-6)]2-acetamido-2-deoxy-beta-D-glucopyranose
5 branched 2-acetamido-2-deoxy-beta-D-glucopyranose-(1-4)-2-acetamido-2-deoxy-beta-D-glucopyranose
6 branched 2-acetamido-2-deoxy-beta-D-glucopyranose-(1-4)-[alpha-L-fucopyranose-(1-6)]2-acetamido-2-deoxy-beta-D-glucopyranose
7 branched alpha-D-mannopyranose-(1-3)-[alpha-D-mannopyranose-(1-6)]beta-D-mannopyranose-(1-4)-2-acetamido-2-deoxy-beta-D-glucopyranose-(1-4)-2-acetamido-2-deoxy-beta-D-glucopyranose
8 water water
#
loop_
_entity_poly.entity_id
_entity_poly.type
_entity_poly.pdbx_seq_one_letter_code
_entity_poly.pdbx_strand_id
1 'polypeptide(L)'
;ELCNPQDKQALLQIKKDLGNPTTLSSWLPTTDCCNRTWLGVLCDTDTQTYRVNNLDLSGLNLPKPYPIPSSLANLPYLNF
LYIGGINNLVGPIPPAIAKLTQLHYLYITHTNVSGAIPDFLSQIKTLVTLDFSYNALSGTLPPSISSLPNLVGITFDGNR
ISGAIPDSYGSFSKLFTSMTISRNRLTGKIPPTFANLNLAFVDLSRNMLEGDASVLFGSDKNTQKIHLAKNSLAFDLGKV
GLSKNLNGLDLRNNRIYGTLPQGLTQLKFLHSLDVSFNNLCGEIPQGGNLQRFDVSAYANNKCLCGSPLPACT
;
A,C,E,G
2 'polypeptide(L)'
;DPCSVTEYSGLATAVSSCKNIVLNGFQVPTGKQLDLSSLQNDSTVTFKGTTTFATTADNDFNPIVISGSNITITGASGHV
IDGNGQAYWDGKGSNSNSNQKPDHFIVVQKTTGNSKITNLNIQNWPVHCFDITGSSQLTISGLILDNRAGDKPNAKSGSL
PAAHNTDGFDISSSDHVTLDNNHVYNQDDCVAVTSGTNIVVSNMYCSGGHGLSIGSVGGKSDNVVDGVQFLSSQVVNSQN
GCRIKSNSGATGTINNVTYQNIALTNISTYGVDVQQDYLNGGPTGKPTNGVKISNIKFIKVTGTVASSAQDWFILCGDGS
CSGFTFSGNAITGGGKTSSCNYPTNTCPS
;
B,D,F,H
#
loop_
_chem_comp.id
_chem_comp.type
_chem_comp.name
_chem_comp.formula
BMA D-saccharide, beta linking beta-D-mannopyranose 'C6 H12 O6'
FUC L-saccharide, alpha linking alpha-L-fucopyranose 'C6 H12 O5'
MAN D-saccharide, alpha linking alpha-D-mannopyranose 'C6 H12 O6'
NAG D-saccharide, beta linking 2-acetamido-2-deoxy-beta-D-glucopyranose 'C8 H15 N O6'
#
# COMPACT_ATOMS: atom_id res chain seq x y z
N GLU A 1 -19.58 72.35 -45.77
CA GLU A 1 -19.50 70.90 -45.54
C GLU A 1 -20.21 70.14 -46.65
N LEU A 2 -19.77 68.91 -46.87
CA LEU A 2 -20.49 68.01 -47.77
C LEU A 2 -21.86 67.66 -47.21
N CYS A 3 -21.94 67.49 -45.88
CA CYS A 3 -23.15 67.08 -45.18
C CYS A 3 -24.29 68.04 -45.46
N ASN A 4 -25.46 67.51 -45.80
CA ASN A 4 -26.63 68.34 -45.97
C ASN A 4 -27.15 68.79 -44.60
N PRO A 5 -27.51 70.08 -44.46
CA PRO A 5 -27.92 70.57 -43.13
C PRO A 5 -29.12 69.84 -42.53
N GLN A 6 -30.10 69.46 -43.35
CA GLN A 6 -31.25 68.75 -42.80
C GLN A 6 -30.88 67.33 -42.38
N ASP A 7 -30.05 66.66 -43.17
CA ASP A 7 -29.57 65.34 -42.76
C ASP A 7 -28.85 65.41 -41.42
N LYS A 8 -28.00 66.43 -41.24
CA LYS A 8 -27.27 66.57 -39.99
C LYS A 8 -28.22 66.78 -38.81
N GLN A 9 -29.21 67.68 -38.98
CA GLN A 9 -30.23 67.86 -37.94
C GLN A 9 -30.94 66.56 -37.63
N ALA A 10 -31.30 65.80 -38.64
CA ALA A 10 -32.02 64.55 -38.40
C ALA A 10 -31.16 63.55 -37.63
N LEU A 11 -29.89 63.40 -38.01
CA LEU A 11 -29.00 62.48 -37.31
C LEU A 11 -28.82 62.88 -35.84
N LEU A 12 -28.57 64.16 -35.58
CA LEU A 12 -28.43 64.57 -34.19
C LEU A 12 -29.74 64.41 -33.44
N GLN A 13 -30.87 64.59 -34.10
CA GLN A 13 -32.15 64.37 -33.41
C GLN A 13 -32.39 62.88 -33.14
N ILE A 14 -31.98 62.01 -34.05
CA ILE A 14 -32.07 60.57 -33.78
C ILE A 14 -31.21 60.21 -32.57
N LYS A 15 -30.00 60.74 -32.52
CA LYS A 15 -29.11 60.46 -31.41
C LYS A 15 -29.73 60.90 -30.11
N LYS A 16 -30.35 62.06 -30.12
CA LYS A 16 -31.04 62.55 -28.96
C LYS A 16 -32.20 61.65 -28.57
N ASP A 17 -32.95 61.21 -29.55
CA ASP A 17 -34.09 60.34 -29.27
C ASP A 17 -33.69 58.99 -28.74
N LEU A 18 -32.44 58.62 -28.92
CA LEU A 18 -31.90 57.43 -28.32
C LEU A 18 -31.15 57.72 -27.02
N GLY A 19 -31.41 58.88 -26.41
CA GLY A 19 -30.81 59.20 -25.14
C GLY A 19 -29.39 59.66 -25.23
N ASN A 20 -28.94 60.12 -26.40
CA ASN A 20 -27.56 60.54 -26.61
C ASN A 20 -26.62 59.43 -26.13
N PRO A 21 -26.68 58.24 -26.73
CA PRO A 21 -25.80 57.16 -26.27
C PRO A 21 -24.34 57.47 -26.54
N THR A 22 -23.46 57.03 -25.61
CA THR A 22 -22.03 57.27 -25.76
C THR A 22 -21.45 56.61 -27.00
N THR A 23 -22.08 55.54 -27.48
CA THR A 23 -21.58 54.86 -28.66
C THR A 23 -21.65 55.72 -29.92
N LEU A 24 -22.47 56.79 -29.92
CA LEU A 24 -22.53 57.73 -31.03
C LEU A 24 -21.77 59.02 -30.72
N SER A 25 -20.72 58.92 -29.88
CA SER A 25 -19.84 60.04 -29.56
C SER A 25 -19.25 60.71 -30.80
N SER A 26 -18.99 59.95 -31.86
CA SER A 26 -18.42 60.56 -33.05
C SER A 26 -19.36 61.51 -33.78
N TRP A 27 -20.65 61.54 -33.45
CA TRP A 27 -21.59 62.42 -34.14
C TRP A 27 -21.51 63.81 -33.50
N LEU A 28 -20.45 64.51 -33.82
CA LEU A 28 -20.27 65.81 -33.19
C LEU A 28 -20.85 66.91 -34.07
N PRO A 29 -21.72 67.79 -33.52
CA PRO A 29 -22.36 68.81 -34.35
C PRO A 29 -21.37 69.74 -35.00
N THR A 30 -20.12 69.73 -34.56
CA THR A 30 -19.08 70.58 -35.11
C THR A 30 -18.33 69.93 -36.28
N THR A 31 -18.74 68.73 -36.72
CA THR A 31 -17.97 67.98 -37.71
C THR A 31 -18.85 67.61 -38.90
N ASP A 32 -18.20 67.31 -40.03
CA ASP A 32 -18.88 66.97 -41.29
C ASP A 32 -19.31 65.53 -41.27
N CYS A 33 -20.62 65.29 -41.24
CA CYS A 33 -21.15 63.94 -41.16
C CYS A 33 -20.81 63.10 -42.40
N CYS A 34 -20.37 63.69 -43.49
CA CYS A 34 -19.98 62.97 -44.71
C CYS A 34 -18.50 62.59 -44.84
N ASN A 35 -17.74 62.72 -43.78
CA ASN A 35 -16.30 62.45 -43.80
C ASN A 35 -15.86 61.06 -43.32
N ARG A 36 -16.80 60.18 -43.01
CA ARG A 36 -16.52 58.82 -42.49
C ARG A 36 -16.12 58.81 -41.00
N THR A 37 -16.06 59.95 -40.35
CA THR A 37 -15.84 60.02 -38.91
C THR A 37 -17.06 59.62 -38.09
N TRP A 38 -18.25 59.96 -38.55
CA TRP A 38 -19.47 59.62 -37.85
C TRP A 38 -19.74 58.15 -37.99
N LEU A 39 -19.72 57.43 -36.88
CA LEU A 39 -19.84 55.98 -36.97
C LEU A 39 -21.19 55.60 -37.53
N GLY A 40 -21.17 54.76 -38.57
CA GLY A 40 -22.35 54.22 -39.18
C GLY A 40 -23.02 55.08 -40.23
N VAL A 41 -22.44 56.22 -40.58
CA VAL A 41 -23.09 57.14 -41.51
C VAL A 41 -22.31 57.14 -42.79
N LEU A 42 -23.00 56.92 -43.91
CA LEU A 42 -22.44 57.11 -45.23
C LEU A 42 -23.36 57.95 -46.11
N CYS A 43 -22.73 58.78 -46.95
CA CYS A 43 -23.40 59.71 -47.85
C CYS A 43 -23.30 59.22 -49.29
N ASP A 44 -24.21 59.69 -50.13
CA ASP A 44 -24.29 59.21 -51.51
C ASP A 44 -23.14 59.79 -52.35
N THR A 45 -22.10 58.99 -52.58
CA THR A 45 -21.04 59.39 -53.50
C THR A 45 -21.29 58.89 -54.94
N ASP A 46 -22.32 58.09 -55.18
CA ASP A 46 -22.60 57.64 -56.54
C ASP A 46 -23.29 58.73 -57.35
N THR A 47 -24.38 59.28 -56.83
CA THR A 47 -25.03 60.44 -57.42
C THR A 47 -24.31 61.75 -57.10
N GLN A 48 -23.42 61.74 -56.11
CA GLN A 48 -22.73 62.92 -55.62
C GLN A 48 -23.70 64.00 -55.13
N THR A 49 -24.87 63.60 -54.64
CA THR A 49 -25.64 64.52 -53.82
C THR A 49 -25.05 64.62 -52.44
N TYR A 50 -24.33 63.58 -52.00
CA TYR A 50 -23.83 63.44 -50.63
C TYR A 50 -24.95 63.49 -49.59
N ARG A 51 -26.19 63.19 -49.96
CA ARG A 51 -27.21 63.01 -48.95
C ARG A 51 -26.96 61.70 -48.20
N VAL A 52 -27.32 61.66 -46.92
CA VAL A 52 -27.12 60.45 -46.11
C VAL A 52 -28.03 59.36 -46.68
N ASN A 53 -27.43 58.26 -47.15
CA ASN A 53 -28.23 57.21 -47.77
C ASN A 53 -27.99 55.81 -47.20
N ASN A 54 -27.09 55.70 -46.24
CA ASN A 54 -26.69 54.43 -45.65
C ASN A 54 -26.48 54.73 -44.18
N LEU A 55 -27.32 54.15 -43.31
CA LEU A 55 -27.26 54.35 -41.87
C LEU A 55 -27.22 53.00 -41.16
N ASP A 56 -26.22 52.83 -40.28
CA ASP A 56 -25.99 51.58 -39.56
C ASP A 56 -25.97 51.89 -38.08
N LEU A 57 -27.00 51.44 -37.36
CA LEU A 57 -27.15 51.63 -35.93
C LEU A 57 -27.06 50.23 -35.32
N SER A 58 -25.91 49.90 -34.75
CA SER A 58 -25.67 48.56 -34.25
C SER A 58 -24.95 48.58 -32.91
N GLY A 59 -25.39 47.70 -32.00
CA GLY A 59 -24.79 47.54 -30.68
C GLY A 59 -24.67 48.81 -29.86
N LEU A 60 -25.74 49.61 -29.80
CA LEU A 60 -25.66 50.95 -29.21
C LEU A 60 -25.66 50.99 -27.68
N ASN A 61 -26.04 49.90 -27.01
CA ASN A 61 -26.01 49.83 -25.55
C ASN A 61 -26.72 51.03 -24.92
N LEU A 62 -28.02 51.12 -25.22
CA LEU A 62 -28.82 52.23 -24.71
C LEU A 62 -28.98 52.10 -23.20
N PRO A 63 -28.90 53.22 -22.46
CA PRO A 63 -29.01 53.13 -20.99
C PRO A 63 -30.44 52.89 -20.52
N LYS A 64 -31.43 53.29 -21.31
CA LYS A 64 -32.85 53.11 -21.06
C LYS A 64 -33.50 52.59 -22.34
N PRO A 65 -34.71 52.04 -22.24
CA PRO A 65 -35.43 51.62 -23.46
C PRO A 65 -35.96 52.80 -24.25
N TYR A 66 -35.82 52.70 -25.57
CA TYR A 66 -36.28 53.73 -26.49
C TYR A 66 -36.96 53.06 -27.66
N PRO A 67 -37.97 53.70 -28.23
CA PRO A 67 -38.52 53.19 -29.50
C PRO A 67 -37.63 53.60 -30.67
N ILE A 68 -37.96 53.03 -31.84
CA ILE A 68 -37.34 53.49 -33.09
C ILE A 68 -37.72 54.95 -33.31
N PRO A 69 -36.77 55.87 -33.43
CA PRO A 69 -37.12 57.28 -33.58
C PRO A 69 -37.83 57.56 -34.90
N SER A 70 -38.98 58.23 -34.81
CA SER A 70 -39.67 58.68 -36.01
C SER A 70 -38.88 59.73 -36.79
N SER A 71 -37.89 60.39 -36.16
CA SER A 71 -37.02 61.31 -36.89
C SER A 71 -36.24 60.62 -38.01
N LEU A 72 -36.21 59.28 -38.07
CA LEU A 72 -35.65 58.62 -39.24
C LEU A 72 -36.31 59.09 -40.53
N ALA A 73 -37.59 59.48 -40.47
CA ALA A 73 -38.26 59.95 -41.68
C ALA A 73 -37.64 61.23 -42.24
N ASN A 74 -36.86 61.97 -41.44
CA ASN A 74 -36.20 63.18 -41.92
C ASN A 74 -34.85 62.88 -42.60
N LEU A 75 -34.53 61.61 -42.87
CA LEU A 75 -33.44 61.27 -43.79
C LEU A 75 -34.07 60.66 -45.04
N PRO A 76 -34.68 61.47 -45.92
CA PRO A 76 -35.50 60.93 -46.99
C PRO A 76 -34.73 60.15 -48.06
N TYR A 77 -33.40 60.24 -48.09
CA TYR A 77 -32.64 59.54 -49.11
C TYR A 77 -32.06 58.22 -48.63
N LEU A 78 -32.44 57.74 -47.45
CA LEU A 78 -31.92 56.46 -47.01
C LEU A 78 -32.24 55.38 -48.04
N ASN A 79 -31.18 54.74 -48.53
CA ASN A 79 -31.22 53.52 -49.34
C ASN A 79 -31.02 52.26 -48.49
N PHE A 80 -30.24 52.33 -47.42
CA PHE A 80 -29.87 51.18 -46.61
C PHE A 80 -30.02 51.59 -45.15
N LEU A 81 -30.83 50.85 -44.38
CA LEU A 81 -31.03 51.14 -42.97
C LEU A 81 -30.88 49.83 -42.20
N TYR A 82 -29.82 49.76 -41.39
CA TYR A 82 -29.57 48.60 -40.53
C TYR A 82 -29.70 49.05 -39.08
N ILE A 83 -30.61 48.44 -38.35
CA ILE A 83 -30.75 48.64 -36.92
C ILE A 83 -30.66 47.27 -36.28
N GLY A 84 -29.58 46.99 -35.57
CA GLY A 84 -29.34 45.63 -35.08
C GLY A 84 -28.58 45.55 -33.78
N GLY A 85 -28.86 44.49 -33.01
CA GLY A 85 -28.08 44.19 -31.83
C GLY A 85 -28.25 45.18 -30.68
N ILE A 86 -29.48 45.58 -30.40
CA ILE A 86 -29.79 46.60 -29.42
C ILE A 86 -30.92 46.11 -28.55
N ASN A 87 -30.59 45.56 -27.36
CA ASN A 87 -31.59 45.00 -26.46
C ASN A 87 -32.61 46.04 -25.99
N ASN A 88 -32.20 47.28 -25.81
CA ASN A 88 -33.11 48.30 -25.28
C ASN A 88 -33.84 49.08 -26.36
N LEU A 89 -33.79 48.62 -27.62
CA LEU A 89 -34.68 49.14 -28.64
C LEU A 89 -35.99 48.36 -28.60
N VAL A 90 -37.10 49.06 -28.42
CA VAL A 90 -38.38 48.44 -28.07
C VAL A 90 -39.48 49.06 -28.93
N GLY A 91 -40.69 48.51 -28.80
CA GLY A 91 -41.86 49.09 -29.43
C GLY A 91 -42.02 48.65 -30.88
N PRO A 92 -43.10 49.08 -31.52
CA PRO A 92 -43.41 48.59 -32.87
C PRO A 92 -42.58 49.25 -33.97
N ILE A 93 -42.68 48.66 -35.16
CA ILE A 93 -42.05 49.27 -36.33
C ILE A 93 -42.92 50.47 -36.69
N PRO A 94 -42.39 51.68 -36.66
CA PRO A 94 -43.25 52.88 -36.72
C PRO A 94 -43.58 53.29 -38.16
N PRO A 95 -44.74 53.92 -38.36
CA PRO A 95 -45.13 54.36 -39.71
C PRO A 95 -44.18 55.37 -40.32
N ALA A 96 -43.30 56.00 -39.53
CA ALA A 96 -42.30 56.88 -40.10
C ALA A 96 -41.46 56.18 -41.17
N ILE A 97 -41.25 54.88 -41.01
CA ILE A 97 -40.46 54.12 -41.97
C ILE A 97 -41.09 54.22 -43.35
N ALA A 98 -42.42 54.36 -43.40
CA ALA A 98 -43.13 54.47 -44.67
C ALA A 98 -42.78 55.76 -45.43
N LYS A 99 -42.19 56.75 -44.76
CA LYS A 99 -41.75 57.95 -45.45
C LYS A 99 -40.40 57.77 -46.14
N LEU A 100 -39.72 56.63 -45.95
CA LEU A 100 -38.43 56.42 -46.59
C LEU A 100 -38.68 55.79 -47.96
N THR A 101 -39.05 56.65 -48.90
CA THR A 101 -39.53 56.16 -50.21
C THR A 101 -38.42 55.70 -51.13
N GLN A 102 -37.16 55.81 -50.74
CA GLN A 102 -36.05 55.30 -51.53
C GLN A 102 -35.38 54.10 -50.87
N LEU A 103 -36.01 53.52 -49.87
CA LEU A 103 -35.39 52.43 -49.12
C LEU A 103 -35.37 51.16 -49.96
N HIS A 104 -34.17 50.59 -50.12
CA HIS A 104 -33.94 49.30 -50.76
C HIS A 104 -33.64 48.18 -49.77
N TYR A 105 -32.82 48.42 -48.75
CA TYR A 105 -32.39 47.36 -47.83
C TYR A 105 -32.76 47.77 -46.41
N LEU A 106 -33.61 46.97 -45.75
CA LEU A 106 -34.07 47.31 -44.41
C LEU A 106 -33.83 46.15 -43.48
N TYR A 107 -33.11 46.41 -42.38
CA TYR A 107 -32.84 45.42 -41.34
C TYR A 107 -33.18 46.02 -39.99
N ILE A 108 -34.03 45.35 -39.23
CA ILE A 108 -34.28 45.64 -37.84
C ILE A 108 -34.24 44.28 -37.14
N THR A 109 -33.14 44.01 -36.47
CA THR A 109 -32.80 42.63 -36.13
C THR A 109 -32.09 42.55 -34.78
N HIS A 110 -32.29 41.43 -34.08
CA HIS A 110 -31.66 41.21 -32.79
C HIS A 110 -31.93 42.39 -31.84
N THR A 111 -33.20 42.80 -31.78
CA THR A 111 -33.66 43.83 -30.86
C THR A 111 -34.88 43.36 -30.05
N ASN A 112 -35.48 44.28 -29.30
CA ASN A 112 -36.74 43.96 -28.65
C ASN A 112 -37.94 44.62 -29.32
N VAL A 113 -37.83 44.90 -30.61
CA VAL A 113 -38.97 45.44 -31.32
C VAL A 113 -40.11 44.42 -31.32
N SER A 114 -41.33 44.91 -31.22
CA SER A 114 -42.47 44.01 -31.01
C SER A 114 -43.62 44.48 -31.86
N GLY A 115 -44.75 43.82 -31.71
CA GLY A 115 -45.92 44.13 -32.49
C GLY A 115 -45.90 43.42 -33.84
N ALA A 116 -46.84 43.81 -34.67
CA ALA A 116 -46.96 43.08 -35.95
C ALA A 116 -46.01 43.63 -37.00
N ILE A 117 -45.68 42.78 -37.97
CA ILE A 117 -45.00 43.29 -39.16
C ILE A 117 -46.03 44.09 -39.94
N PRO A 118 -45.81 45.38 -40.17
CA PRO A 118 -46.88 46.26 -40.66
C PRO A 118 -47.09 46.13 -42.14
N ASP A 119 -48.35 46.20 -42.55
CA ASP A 119 -48.66 46.11 -43.96
C ASP A 119 -48.24 47.37 -44.72
N PHE A 120 -47.99 48.49 -44.04
CA PHE A 120 -47.59 49.69 -44.78
C PHE A 120 -46.27 49.49 -45.51
N LEU A 121 -45.46 48.49 -45.14
CA LEU A 121 -44.24 48.20 -45.89
C LEU A 121 -44.53 47.94 -47.35
N SER A 122 -45.74 47.48 -47.66
CA SER A 122 -46.08 47.24 -49.07
C SER A 122 -45.99 48.52 -49.91
N GLN A 123 -46.00 49.70 -49.28
CA GLN A 123 -45.95 50.97 -50.01
C GLN A 123 -44.54 51.35 -50.45
N ILE A 124 -43.49 50.75 -49.91
CA ILE A 124 -42.13 51.15 -50.24
C ILE A 124 -41.68 50.28 -51.40
N LYS A 125 -42.02 50.73 -52.62
CA LYS A 125 -41.88 49.91 -53.81
C LYS A 125 -40.43 49.63 -54.16
N THR A 126 -39.50 50.41 -53.64
CA THR A 126 -38.09 50.19 -53.95
C THR A 126 -37.46 49.08 -53.13
N LEU A 127 -38.19 48.52 -52.17
CA LEU A 127 -37.61 47.53 -51.27
C LEU A 127 -37.05 46.32 -52.02
N VAL A 128 -35.79 45.99 -51.74
CA VAL A 128 -35.11 44.81 -52.24
C VAL A 128 -35.06 43.70 -51.19
N THR A 129 -34.73 44.02 -49.94
CA THR A 129 -34.75 42.98 -48.90
C THR A 129 -35.33 43.54 -47.62
N LEU A 130 -36.00 42.63 -46.91
CA LEU A 130 -36.47 42.88 -45.56
C LEU A 130 -35.88 41.84 -44.62
N ASP A 131 -35.26 42.29 -43.51
CA ASP A 131 -34.73 41.39 -42.47
C ASP A 131 -35.24 41.90 -41.13
N PHE A 132 -36.18 41.16 -40.53
CA PHE A 132 -36.75 41.49 -39.24
C PHE A 132 -36.57 40.32 -38.30
N SER A 133 -35.42 39.66 -38.38
CA SER A 133 -35.20 38.40 -37.68
C SER A 133 -34.79 38.64 -36.23
N TYR A 134 -35.20 37.71 -35.38
CA TYR A 134 -34.78 37.68 -33.97
C TYR A 134 -35.17 38.93 -33.20
N ASN A 135 -36.44 39.30 -33.27
CA ASN A 135 -36.96 40.34 -32.38
C ASN A 135 -38.02 39.74 -31.44
N ALA A 136 -39.10 40.47 -31.19
CA ALA A 136 -40.25 39.89 -30.51
C ALA A 136 -41.52 40.19 -31.27
N LEU A 137 -41.47 40.19 -32.61
CA LEU A 137 -42.65 40.50 -33.41
C LEU A 137 -43.67 39.38 -33.36
N SER A 138 -44.95 39.75 -33.44
CA SER A 138 -46.05 38.80 -33.27
C SER A 138 -47.10 39.03 -34.34
N GLY A 139 -48.31 38.49 -34.14
CA GLY A 139 -49.31 38.60 -35.17
C GLY A 139 -49.03 37.64 -36.31
N THR A 140 -49.65 37.91 -37.45
CA THR A 140 -49.52 37.05 -38.63
C THR A 140 -48.69 37.73 -39.71
N LEU A 141 -48.36 36.96 -40.75
CA LEU A 141 -47.59 37.50 -41.86
C LEU A 141 -48.42 38.50 -42.67
N PRO A 142 -47.90 39.68 -42.97
CA PRO A 142 -48.64 40.67 -43.80
C PRO A 142 -48.74 40.23 -45.26
N PRO A 143 -49.96 39.99 -45.75
CA PRO A 143 -50.06 39.43 -47.10
C PRO A 143 -49.69 40.41 -48.21
N SER A 144 -49.81 41.72 -47.94
CA SER A 144 -49.63 42.73 -48.97
C SER A 144 -48.19 42.81 -49.47
N ILE A 145 -47.20 42.38 -48.67
CA ILE A 145 -45.83 42.54 -49.14
C ILE A 145 -45.55 41.63 -50.32
N SER A 146 -46.45 40.70 -50.62
CA SER A 146 -46.26 39.90 -51.80
C SER A 146 -46.29 40.74 -53.07
N SER A 147 -46.87 41.94 -53.01
CA SER A 147 -46.92 42.79 -54.21
C SER A 147 -45.65 43.61 -54.46
N LEU A 148 -44.67 43.58 -53.56
CA LEU A 148 -43.43 44.36 -53.75
C LEU A 148 -42.66 43.89 -55.00
N PRO A 149 -42.48 44.74 -56.01
CA PRO A 149 -41.95 44.22 -57.30
C PRO A 149 -40.44 44.02 -57.34
N ASN A 150 -39.67 44.65 -56.46
CA ASN A 150 -38.21 44.51 -56.48
C ASN A 150 -37.69 43.57 -55.41
N LEU A 151 -38.58 43.00 -54.58
CA LEU A 151 -38.15 42.27 -53.38
C LEU A 151 -37.50 40.95 -53.75
N VAL A 152 -36.28 40.74 -53.24
CA VAL A 152 -35.57 39.50 -53.48
C VAL A 152 -35.60 38.54 -52.30
N GLY A 153 -35.83 39.03 -51.07
CA GLY A 153 -35.80 38.12 -49.94
C GLY A 153 -36.45 38.69 -48.72
N ILE A 154 -36.98 37.79 -47.91
CA ILE A 154 -37.45 38.13 -46.57
C ILE A 154 -36.77 37.19 -45.59
N THR A 155 -36.42 37.76 -44.42
CA THR A 155 -35.72 37.05 -43.34
C THR A 155 -36.46 37.42 -42.04
N PHE A 156 -37.42 36.58 -41.64
CA PHE A 156 -38.31 36.85 -40.51
C PHE A 156 -38.11 35.87 -39.38
N ASP A 157 -36.94 35.21 -39.34
CA ASP A 157 -36.74 34.12 -38.40
C ASP A 157 -36.74 34.59 -36.96
N GLY A 158 -37.15 33.68 -36.08
CA GLY A 158 -36.91 33.90 -34.66
C GLY A 158 -37.83 34.91 -34.00
N ASN A 159 -39.10 34.97 -34.40
CA ASN A 159 -40.04 35.88 -33.75
C ASN A 159 -41.19 35.07 -33.16
N ARG A 160 -42.37 35.64 -33.06
CA ARG A 160 -43.52 34.93 -32.51
C ARG A 160 -44.68 34.98 -33.49
N ILE A 161 -44.36 34.95 -34.78
CA ILE A 161 -45.38 35.10 -35.81
C ILE A 161 -46.21 33.84 -35.88
N SER A 162 -47.52 34.01 -35.98
CA SER A 162 -48.42 32.86 -35.99
C SER A 162 -49.26 32.87 -37.24
N GLY A 163 -50.22 31.96 -37.27
CA GLY A 163 -51.15 31.86 -38.38
C GLY A 163 -50.53 31.14 -39.55
N ALA A 164 -51.29 31.08 -40.63
CA ALA A 164 -50.85 30.38 -41.84
C ALA A 164 -50.06 31.30 -42.75
N ILE A 165 -49.21 30.69 -43.57
CA ILE A 165 -48.53 31.45 -44.64
C ILE A 165 -49.56 31.91 -45.66
N PRO A 166 -49.62 33.19 -46.01
CA PRO A 166 -50.65 33.63 -46.95
C PRO A 166 -50.49 32.95 -48.31
N ASP A 167 -51.62 32.64 -48.94
CA ASP A 167 -51.58 32.22 -50.34
C ASP A 167 -50.91 33.27 -51.22
N SER A 168 -51.04 34.55 -50.87
CA SER A 168 -50.40 35.60 -51.64
C SER A 168 -48.88 35.47 -51.66
N TYR A 169 -48.29 34.70 -50.75
CA TYR A 169 -46.84 34.59 -50.78
C TYR A 169 -46.35 33.73 -51.93
N GLY A 170 -47.25 33.17 -52.73
CA GLY A 170 -46.78 32.64 -53.98
C GLY A 170 -46.59 33.67 -55.08
N SER A 171 -46.92 34.96 -54.86
CA SER A 171 -46.95 35.96 -55.92
C SER A 171 -45.70 36.85 -55.97
N PHE A 172 -44.68 36.55 -55.18
CA PHE A 172 -43.46 37.32 -55.29
C PHE A 172 -42.92 37.22 -56.71
N SER A 173 -42.10 38.20 -57.05
CA SER A 173 -41.57 38.29 -58.40
C SER A 173 -40.57 37.17 -58.66
N LYS A 174 -40.21 37.01 -59.92
CA LYS A 174 -39.12 36.11 -60.29
C LYS A 174 -37.76 36.59 -59.76
N LEU A 175 -37.65 37.83 -59.27
CA LEU A 175 -36.43 38.28 -58.59
C LEU A 175 -36.33 37.74 -57.17
N PHE A 176 -37.43 37.23 -56.61
CA PHE A 176 -37.51 36.78 -55.21
C PHE A 176 -36.82 35.43 -55.07
N THR A 177 -35.71 35.38 -54.33
CA THR A 177 -35.01 34.10 -54.28
C THR A 177 -34.81 33.54 -52.87
N SER A 178 -35.16 34.27 -51.82
CA SER A 178 -34.82 33.80 -50.48
C SER A 178 -35.97 34.04 -49.51
N MET A 179 -36.41 32.96 -48.84
CA MET A 179 -37.50 33.10 -47.89
C MET A 179 -37.15 32.33 -46.63
N THR A 180 -36.94 33.03 -45.52
CA THR A 180 -36.68 32.35 -44.25
C THR A 180 -37.62 32.93 -43.18
N ILE A 181 -38.36 32.04 -42.52
CA ILE A 181 -39.32 32.37 -41.48
C ILE A 181 -39.24 31.31 -40.39
N SER A 182 -38.04 30.79 -40.15
CA SER A 182 -37.84 29.70 -39.22
C SER A 182 -38.07 30.19 -37.79
N ARG A 183 -38.25 29.26 -36.90
CA ARG A 183 -38.37 29.61 -35.48
C ARG A 183 -39.50 30.57 -35.14
N ASN A 184 -40.68 30.30 -35.63
CA ASN A 184 -41.84 31.08 -35.32
C ASN A 184 -42.93 30.06 -34.89
N ARG A 185 -44.18 30.41 -35.03
CA ARG A 185 -45.28 29.53 -34.67
C ARG A 185 -46.26 29.36 -35.83
N LEU A 186 -45.73 29.28 -37.03
CA LEU A 186 -46.56 29.15 -38.19
C LEU A 186 -47.29 27.80 -38.22
N THR A 187 -48.54 27.85 -38.58
CA THR A 187 -49.36 26.64 -38.64
C THR A 187 -49.89 26.45 -40.05
N GLY A 188 -50.52 25.31 -40.28
CA GLY A 188 -51.16 25.05 -41.57
C GLY A 188 -50.19 24.50 -42.61
N LYS A 189 -50.61 24.62 -43.86
CA LYS A 189 -49.95 23.98 -45.00
C LYS A 189 -49.18 25.03 -45.78
N ILE A 190 -48.12 24.59 -46.43
CA ILE A 190 -47.45 25.49 -47.37
C ILE A 190 -48.36 25.69 -48.56
N PRO A 191 -48.65 26.93 -48.98
CA PRO A 191 -49.65 27.15 -50.04
C PRO A 191 -49.24 26.49 -51.33
N PRO A 192 -50.20 25.95 -52.10
CA PRO A 192 -49.85 25.43 -53.43
C PRO A 192 -49.34 26.52 -54.37
N THR A 193 -49.69 27.78 -54.12
CA THR A 193 -49.20 28.86 -54.96
C THR A 193 -47.69 29.00 -54.91
N PHE A 194 -47.02 28.39 -53.93
CA PHE A 194 -45.56 28.41 -53.95
C PHE A 194 -44.99 27.69 -55.17
N ALA A 195 -45.82 27.00 -55.95
CA ALA A 195 -45.33 26.47 -57.22
C ALA A 195 -44.79 27.59 -58.10
N ASN A 196 -45.25 28.83 -57.88
CA ASN A 196 -44.86 29.95 -58.72
C ASN A 196 -43.58 30.63 -58.28
N LEU A 197 -42.93 30.19 -57.22
CA LEU A 197 -41.65 30.72 -56.78
C LEU A 197 -40.50 29.84 -57.26
N ASN A 198 -39.30 30.43 -57.29
CA ASN A 198 -38.10 29.69 -57.65
C ASN A 198 -36.99 30.10 -56.67
N LEU A 199 -37.04 29.53 -55.47
CA LEU A 199 -36.21 29.97 -54.35
C LEU A 199 -34.85 29.30 -54.35
N ALA A 200 -33.79 30.14 -54.27
CA ALA A 200 -32.46 29.63 -53.98
C ALA A 200 -32.37 29.10 -52.56
N PHE A 201 -32.99 29.78 -51.60
CA PHE A 201 -32.90 29.38 -50.21
C PHE A 201 -34.29 29.45 -49.61
N VAL A 202 -34.69 28.38 -48.94
CA VAL A 202 -35.93 28.43 -48.17
C VAL A 202 -35.70 27.79 -46.80
N ASP A 203 -36.15 28.47 -45.74
CA ASP A 203 -36.00 27.95 -44.37
C ASP A 203 -37.31 28.19 -43.64
N LEU A 204 -38.10 27.13 -43.44
CA LEU A 204 -39.32 27.23 -42.66
C LEU A 204 -39.26 26.31 -41.46
N SER A 205 -38.05 25.95 -41.04
CA SER A 205 -37.85 25.03 -39.94
C SER A 205 -38.38 25.59 -38.62
N ARG A 206 -38.67 24.68 -37.70
CA ARG A 206 -39.03 25.00 -36.32
C ARG A 206 -40.31 25.83 -36.27
N ASN A 207 -41.33 25.31 -36.92
CA ASN A 207 -42.63 25.91 -36.88
C ASN A 207 -43.62 24.75 -36.59
N MET A 208 -44.88 24.93 -36.91
CA MET A 208 -45.86 23.86 -36.73
C MET A 208 -46.54 23.53 -38.06
N LEU A 209 -45.80 23.61 -39.13
CA LEU A 209 -46.33 23.34 -40.42
C LEU A 209 -46.73 21.91 -40.65
N GLU A 210 -47.79 21.71 -41.42
CA GLU A 210 -48.33 20.39 -41.64
C GLU A 210 -48.37 20.04 -43.10
N GLY A 211 -48.44 18.76 -43.40
CA GLY A 211 -48.61 18.35 -44.77
C GLY A 211 -47.55 18.32 -45.82
N ASP A 212 -47.99 18.43 -47.06
CA ASP A 212 -47.09 18.35 -48.16
C ASP A 212 -46.19 19.52 -48.38
N ALA A 213 -44.92 19.26 -48.62
CA ALA A 213 -43.99 20.33 -48.98
C ALA A 213 -43.40 20.12 -50.37
N SER A 214 -43.97 19.21 -51.16
CA SER A 214 -43.41 18.92 -52.47
C SER A 214 -43.34 20.13 -53.35
N VAL A 215 -44.19 21.12 -53.12
CA VAL A 215 -44.20 22.33 -53.97
C VAL A 215 -42.89 23.11 -53.89
N LEU A 216 -42.07 22.90 -52.86
CA LEU A 216 -40.75 23.53 -52.77
C LEU A 216 -39.66 22.79 -53.53
N PHE A 217 -39.97 21.62 -54.09
CA PHE A 217 -39.01 20.82 -54.85
C PHE A 217 -39.33 20.90 -56.34
N GLY A 218 -38.34 20.58 -57.16
CA GLY A 218 -38.54 20.51 -58.59
C GLY A 218 -37.22 20.47 -59.32
N SER A 219 -37.08 19.57 -60.31
CA SER A 219 -35.84 19.52 -61.08
C SER A 219 -35.61 20.79 -61.92
N ASP A 220 -36.67 21.58 -62.13
CA ASP A 220 -36.58 22.81 -62.89
C ASP A 220 -36.15 24.01 -62.05
N LYS A 221 -36.12 23.90 -60.73
CA LYS A 221 -35.80 25.01 -59.85
C LYS A 221 -34.30 25.26 -59.80
N ASN A 222 -33.94 26.48 -59.42
CA ASN A 222 -32.55 26.87 -59.15
C ASN A 222 -32.44 27.05 -57.63
N THR A 223 -32.30 25.95 -56.92
CA THR A 223 -32.40 25.93 -55.47
C THR A 223 -31.10 25.40 -54.89
N GLN A 224 -30.57 26.14 -53.91
CA GLN A 224 -29.37 25.72 -53.21
C GLN A 224 -29.64 25.03 -51.87
N LYS A 225 -30.59 25.52 -51.07
CA LYS A 225 -30.80 25.00 -49.72
C LYS A 225 -32.29 24.91 -49.42
N ILE A 226 -32.69 23.76 -48.88
CA ILE A 226 -34.06 23.55 -48.42
C ILE A 226 -34.01 23.10 -46.96
N HIS A 227 -34.57 23.92 -46.07
CA HIS A 227 -34.49 23.69 -44.64
C HIS A 227 -35.90 23.67 -44.07
N LEU A 228 -36.39 22.49 -43.71
CA LEU A 228 -37.77 22.34 -43.23
C LEU A 228 -37.82 21.53 -41.93
N ALA A 229 -36.71 21.42 -41.22
CA ALA A 229 -36.67 20.56 -40.04
C ALA A 229 -37.66 21.00 -38.95
N LYS A 230 -38.11 20.01 -38.16
CA LYS A 230 -38.86 20.26 -36.92
C LYS A 230 -40.21 20.93 -37.19
N ASN A 231 -41.00 20.28 -38.06
CA ASN A 231 -42.37 20.63 -38.38
C ASN A 231 -43.18 19.33 -38.27
N SER A 232 -44.41 19.29 -38.77
CA SER A 232 -45.08 18.00 -38.85
C SER A 232 -45.44 17.72 -40.33
N LEU A 233 -44.49 17.91 -41.20
CA LEU A 233 -44.74 17.71 -42.63
C LEU A 233 -44.89 16.22 -42.94
N ALA A 234 -45.72 15.90 -43.93
CA ALA A 234 -45.96 14.51 -44.30
C ALA A 234 -46.25 14.44 -45.79
N PHE A 235 -45.38 13.79 -46.57
CA PHE A 235 -45.62 13.59 -47.99
C PHE A 235 -44.67 12.51 -48.47
N ASP A 236 -44.90 12.04 -49.69
CA ASP A 236 -44.07 10.97 -50.25
C ASP A 236 -42.83 11.60 -50.88
N LEU A 237 -41.70 11.47 -50.19
CA LEU A 237 -40.46 12.09 -50.64
C LEU A 237 -39.96 11.48 -51.95
N GLY A 238 -40.31 10.23 -52.23
CA GLY A 238 -39.71 9.59 -53.39
C GLY A 238 -40.15 10.15 -54.71
N LYS A 239 -41.22 10.95 -54.74
CA LYS A 239 -41.79 11.52 -55.94
C LYS A 239 -41.22 12.88 -56.32
N VAL A 240 -40.40 13.50 -55.50
CA VAL A 240 -39.97 14.89 -55.77
C VAL A 240 -38.80 14.92 -56.75
N GLY A 241 -38.76 15.99 -57.59
CA GLY A 241 -37.56 16.28 -58.37
C GLY A 241 -36.61 17.19 -57.59
N LEU A 242 -35.34 17.16 -57.96
CA LEU A 242 -34.30 17.88 -57.21
C LEU A 242 -33.56 18.85 -58.12
N SER A 243 -33.32 20.04 -57.61
CA SER A 243 -32.54 21.01 -58.38
C SER A 243 -31.09 20.56 -58.50
N LYS A 244 -30.52 20.76 -59.69
CA LYS A 244 -29.11 20.45 -59.89
C LYS A 244 -28.21 21.25 -58.97
N ASN A 245 -28.66 22.41 -58.49
CA ASN A 245 -27.80 23.24 -57.65
C ASN A 245 -27.87 22.89 -56.16
N LEU A 246 -28.71 21.93 -55.75
CA LEU A 246 -28.96 21.70 -54.31
C LEU A 246 -27.70 21.26 -53.58
N ASN A 247 -27.31 22.00 -52.56
CA ASN A 247 -26.16 21.59 -51.75
C ASN A 247 -26.51 21.26 -50.32
N GLY A 248 -27.74 21.55 -49.89
CA GLY A 248 -28.17 21.32 -48.53
C GLY A 248 -29.64 20.99 -48.46
N LEU A 249 -29.93 19.84 -47.86
CA LEU A 249 -31.29 19.38 -47.64
C LEU A 249 -31.44 18.96 -46.19
N ASP A 250 -32.29 19.65 -45.43
CA ASP A 250 -32.49 19.35 -44.01
C ASP A 250 -33.99 19.19 -43.72
N LEU A 251 -34.42 17.93 -43.60
CA LEU A 251 -35.81 17.57 -43.45
C LEU A 251 -36.03 16.90 -42.09
N ARG A 252 -35.05 16.97 -41.20
CA ARG A 252 -35.04 16.26 -39.90
C ARG A 252 -36.29 16.53 -39.06
N ASN A 253 -36.78 15.50 -38.36
CA ASN A 253 -37.91 15.61 -37.41
C ASN A 253 -39.20 16.10 -38.09
N ASN A 254 -39.68 15.31 -39.05
CA ASN A 254 -41.00 15.50 -39.66
C ASN A 254 -41.66 14.12 -39.68
N ARG A 255 -42.65 13.97 -40.54
CA ARG A 255 -43.35 12.70 -40.77
C ARG A 255 -43.34 12.36 -42.25
N ILE A 256 -42.23 12.64 -42.91
CA ILE A 256 -42.11 12.40 -44.35
C ILE A 256 -41.90 10.89 -44.56
N TYR A 257 -42.57 10.33 -45.57
CA TYR A 257 -42.58 8.87 -45.79
C TYR A 257 -42.16 8.56 -47.23
N GLY A 258 -42.17 7.27 -47.56
CA GLY A 258 -41.72 6.82 -48.87
C GLY A 258 -40.24 6.52 -48.88
N THR A 259 -39.71 6.30 -50.08
CA THR A 259 -38.29 6.07 -50.31
C THR A 259 -37.58 7.37 -50.68
N LEU A 260 -36.27 7.39 -50.49
CA LEU A 260 -35.47 8.52 -50.94
C LEU A 260 -35.41 8.54 -52.47
N PRO A 261 -35.52 9.73 -53.10
CA PRO A 261 -35.51 9.77 -54.57
C PRO A 261 -34.14 9.42 -55.15
N GLN A 262 -34.10 8.62 -56.19
CA GLN A 262 -32.82 8.22 -56.81
C GLN A 262 -32.07 9.40 -57.38
N GLY A 263 -32.75 10.50 -57.65
CA GLY A 263 -32.14 11.72 -58.16
C GLY A 263 -31.12 12.31 -57.22
N LEU A 264 -31.17 11.93 -55.97
CA LEU A 264 -30.18 12.38 -55.01
C LEU A 264 -28.78 11.99 -55.47
N THR A 265 -28.66 10.88 -56.17
CA THR A 265 -27.38 10.42 -56.71
C THR A 265 -26.74 11.38 -57.71
N GLN A 266 -27.57 12.06 -58.49
CA GLN A 266 -27.08 13.00 -59.49
C GLN A 266 -26.70 14.40 -58.98
N LEU A 267 -26.86 14.66 -57.69
CA LEU A 267 -26.56 15.97 -57.17
C LEU A 267 -25.09 16.12 -56.86
N LYS A 268 -24.41 16.83 -57.71
CA LYS A 268 -22.99 17.01 -57.58
C LYS A 268 -22.52 17.76 -56.37
N PHE A 269 -23.28 18.75 -55.96
CA PHE A 269 -22.87 19.60 -54.86
C PHE A 269 -23.51 19.33 -53.49
N LEU A 270 -24.23 18.23 -53.38
CA LEU A 270 -24.89 17.95 -52.09
C LEU A 270 -23.81 17.68 -51.05
N HIS A 271 -23.70 18.59 -50.08
CA HIS A 271 -22.69 18.50 -49.03
C HIS A 271 -23.31 18.41 -47.63
N SER A 272 -24.60 18.70 -47.48
CA SER A 272 -25.27 18.58 -46.19
C SER A 272 -26.60 17.90 -46.43
N LEU A 273 -26.85 16.82 -45.70
CA LEU A 273 -28.10 16.10 -45.80
C LEU A 273 -28.50 15.63 -44.40
N ASP A 274 -29.77 15.86 -44.02
CA ASP A 274 -30.28 15.30 -42.77
C ASP A 274 -31.75 14.96 -43.00
N VAL A 275 -32.07 13.65 -43.02
CA VAL A 275 -33.44 13.17 -43.15
C VAL A 275 -33.83 12.34 -41.93
N SER A 276 -33.09 12.48 -40.84
CA SER A 276 -33.30 11.69 -39.63
C SER A 276 -34.63 12.03 -38.94
N PHE A 277 -35.16 11.06 -38.21
CA PHE A 277 -36.44 11.22 -37.49
C PHE A 277 -37.57 11.53 -38.45
N ASN A 278 -37.77 10.63 -39.40
CA ASN A 278 -38.91 10.73 -40.29
C ASN A 278 -39.49 9.29 -40.45
N ASN A 279 -40.29 9.07 -41.47
CA ASN A 279 -40.88 7.75 -41.73
C ASN A 279 -40.44 7.11 -43.04
N LEU A 280 -39.23 7.40 -43.46
CA LEU A 280 -38.71 6.89 -44.68
C LEU A 280 -38.42 5.40 -44.68
N CYS A 281 -38.52 4.81 -45.85
CA CYS A 281 -38.35 3.39 -46.01
C CYS A 281 -37.52 3.03 -47.22
N GLY A 282 -36.91 1.87 -47.20
CA GLY A 282 -36.15 1.43 -48.33
C GLY A 282 -34.68 1.69 -48.42
N GLU A 283 -34.14 1.25 -49.52
CA GLU A 283 -32.73 1.41 -49.70
C GLU A 283 -32.29 2.81 -49.97
N ILE A 284 -31.30 3.21 -49.25
CA ILE A 284 -30.71 4.51 -49.54
C ILE A 284 -30.10 4.45 -50.93
N PRO A 285 -30.41 5.40 -51.82
CA PRO A 285 -29.82 5.38 -53.17
C PRO A 285 -28.31 5.35 -53.08
N GLN A 286 -27.69 4.49 -53.89
CA GLN A 286 -26.26 4.27 -53.82
C GLN A 286 -25.59 5.04 -54.96
N GLY A 287 -24.76 6.00 -54.61
CA GLY A 287 -24.18 6.86 -55.62
C GLY A 287 -24.07 8.30 -55.16
N GLY A 288 -23.45 9.15 -55.98
CA GLY A 288 -23.32 10.56 -55.61
C GLY A 288 -22.54 10.71 -54.32
N ASN A 289 -22.98 11.63 -53.47
CA ASN A 289 -22.35 11.87 -52.18
C ASN A 289 -23.11 11.22 -51.03
N LEU A 290 -24.08 10.37 -51.30
CA LEU A 290 -24.90 9.82 -50.24
C LEU A 290 -24.17 8.93 -49.25
N GLN A 291 -23.06 8.34 -49.67
CA GLN A 291 -22.34 7.44 -48.82
C GLN A 291 -21.30 8.13 -47.99
N ARG A 292 -21.12 9.41 -48.23
CA ARG A 292 -20.23 10.20 -47.42
C ARG A 292 -20.81 10.50 -46.05
N PHE A 293 -22.12 10.53 -45.98
CA PHE A 293 -22.77 10.91 -44.77
C PHE A 293 -22.75 9.96 -43.59
N ASP A 294 -22.72 10.52 -42.40
CA ASP A 294 -22.78 9.75 -41.19
C ASP A 294 -24.10 9.00 -41.13
N VAL A 295 -24.11 7.87 -40.42
CA VAL A 295 -25.39 7.15 -40.30
C VAL A 295 -26.44 8.03 -39.66
N SER A 296 -26.01 8.97 -38.81
CA SER A 296 -26.93 9.88 -38.11
C SER A 296 -27.71 10.77 -39.09
N ALA A 297 -27.23 10.93 -40.32
CA ALA A 297 -28.00 11.65 -41.34
C ALA A 297 -29.27 10.90 -41.73
N TYR A 298 -29.29 9.59 -41.56
CA TYR A 298 -30.40 8.74 -41.96
C TYR A 298 -31.12 8.04 -40.81
N ALA A 299 -30.71 8.32 -39.61
CA ALA A 299 -31.23 7.65 -38.47
C ALA A 299 -32.67 7.85 -38.08
N ASN A 300 -33.21 6.92 -37.34
CA ASN A 300 -34.55 7.06 -36.83
C ASN A 300 -35.62 7.22 -37.88
N ASN A 301 -35.49 6.45 -38.93
CA ASN A 301 -36.54 6.39 -39.94
C ASN A 301 -37.27 5.04 -39.80
N LYS A 302 -38.26 4.79 -40.62
CA LYS A 302 -39.01 3.56 -40.48
C LYS A 302 -38.36 2.26 -40.87
N CYS A 303 -37.82 2.22 -42.08
CA CYS A 303 -37.21 1.00 -42.60
C CYS A 303 -36.14 1.25 -43.66
N LEU A 304 -35.30 2.23 -43.42
CA LEU A 304 -34.23 2.53 -44.32
C LEU A 304 -33.15 1.50 -44.20
N CYS A 305 -32.41 1.31 -45.27
CA CYS A 305 -31.32 0.36 -45.26
C CYS A 305 -30.31 0.71 -46.36
N GLY A 306 -29.11 0.19 -46.27
CA GLY A 306 -28.12 0.42 -47.29
C GLY A 306 -27.07 1.37 -46.86
N SER A 307 -25.89 1.28 -47.45
CA SER A 307 -24.78 2.09 -46.99
C SER A 307 -25.17 3.56 -47.00
N PRO A 308 -24.80 4.28 -45.96
CA PRO A 308 -23.93 3.98 -44.82
C PRO A 308 -24.54 3.08 -43.77
N LEU A 309 -25.81 2.80 -43.88
CA LEU A 309 -26.50 1.93 -42.98
C LEU A 309 -26.27 0.40 -43.30
N PRO A 310 -26.64 -0.53 -42.38
CA PRO A 310 -26.45 -1.95 -42.74
C PRO A 310 -27.17 -2.29 -44.04
N ALA A 311 -26.61 -3.25 -44.77
CA ALA A 311 -27.10 -3.57 -46.11
C ALA A 311 -28.51 -4.14 -46.06
N CYS A 312 -29.26 -3.92 -47.13
CA CYS A 312 -30.63 -4.41 -47.18
C CYS A 312 -30.66 -5.93 -47.34
N THR A 313 -31.72 -6.55 -46.83
CA THR A 313 -31.93 -8.00 -46.95
C THR A 313 -32.91 -8.31 -48.08
N ASP B 1 0.06 15.00 -9.40
CA ASP B 1 -0.49 16.32 -9.74
C ASP B 1 -1.57 16.16 -10.80
N PRO B 2 -2.83 16.29 -10.39
CA PRO B 2 -3.94 16.13 -11.34
C PRO B 2 -3.96 17.21 -12.41
N CYS B 3 -3.31 18.36 -12.18
CA CYS B 3 -3.29 19.45 -13.13
C CYS B 3 -2.20 19.31 -14.19
N SER B 4 -1.27 18.37 -14.04
CA SER B 4 -0.23 18.15 -15.03
C SER B 4 -0.60 16.89 -15.80
N VAL B 5 -1.05 17.05 -17.03
CA VAL B 5 -1.56 15.93 -17.79
C VAL B 5 -0.44 15.34 -18.63
N THR B 6 -0.14 14.05 -18.39
CA THR B 6 0.87 13.33 -19.17
C THR B 6 0.28 12.30 -20.13
N GLU B 7 -1.00 11.98 -20.03
CA GLU B 7 -1.64 11.04 -20.94
C GLU B 7 -3.09 11.44 -21.05
N TYR B 8 -3.74 11.01 -22.15
CA TYR B 8 -5.13 11.43 -22.41
C TYR B 8 -6.05 11.13 -21.24
N SER B 9 -5.84 9.97 -20.58
CA SER B 9 -6.74 9.54 -19.51
C SER B 9 -6.82 10.54 -18.35
N GLY B 10 -5.79 11.37 -18.17
CA GLY B 10 -5.82 12.35 -17.10
C GLY B 10 -6.42 13.70 -17.48
N LEU B 11 -6.87 13.88 -18.72
CA LEU B 11 -7.30 15.21 -19.16
C LEU B 11 -8.61 15.64 -18.48
N ALA B 12 -9.64 14.79 -18.54
CA ALA B 12 -10.95 15.15 -18.02
C ALA B 12 -10.86 15.60 -16.55
N THR B 13 -10.17 14.82 -15.71
CA THR B 13 -9.97 15.20 -14.30
C THR B 13 -9.41 16.62 -14.14
N ALA B 14 -8.41 16.94 -14.91
CA ALA B 14 -7.85 18.27 -14.86
C ALA B 14 -8.80 19.39 -15.27
N VAL B 15 -9.53 19.17 -16.34
CA VAL B 15 -10.46 20.17 -16.83
C VAL B 15 -11.57 20.40 -15.79
N SER B 16 -12.02 19.35 -15.17
CA SER B 16 -13.05 19.45 -14.13
C SER B 16 -12.58 20.15 -12.89
N SER B 17 -11.34 19.99 -12.53
CA SER B 17 -10.90 20.48 -11.26
C SER B 17 -9.89 21.56 -11.20
N CYS B 18 -9.19 21.77 -12.28
CA CYS B 18 -8.08 22.68 -12.23
C CYS B 18 -8.13 23.98 -13.01
N LYS B 19 -7.72 25.03 -12.36
CA LYS B 19 -7.63 26.31 -13.04
C LYS B 19 -6.31 26.56 -13.78
N ASN B 20 -5.25 25.82 -13.48
CA ASN B 20 -4.01 25.94 -14.21
C ASN B 20 -3.65 24.53 -14.67
N ILE B 21 -3.73 24.28 -15.96
CA ILE B 21 -3.49 22.96 -16.49
C ILE B 21 -2.29 22.92 -17.43
N VAL B 22 -1.46 21.90 -17.30
CA VAL B 22 -0.35 21.70 -18.23
C VAL B 22 -0.54 20.40 -18.97
N LEU B 23 -0.48 20.49 -20.30
CA LEU B 23 -0.48 19.32 -21.19
C LEU B 23 0.96 19.07 -21.62
N ASN B 24 1.49 17.89 -21.29
CA ASN B 24 2.93 17.64 -21.37
C ASN B 24 3.36 17.03 -22.70
N GLY B 25 2.46 16.91 -23.67
CA GLY B 25 2.86 16.36 -24.96
C GLY B 25 2.58 14.88 -25.02
N PHE B 26 1.36 14.51 -25.37
CA PHE B 26 1.00 13.10 -25.51
C PHE B 26 0.17 12.93 -26.77
N GLN B 27 -0.04 11.68 -27.17
CA GLN B 27 -0.90 11.38 -28.31
C GLN B 27 -2.33 11.21 -27.82
N VAL B 28 -3.25 11.91 -28.46
CA VAL B 28 -4.68 11.72 -28.21
C VAL B 28 -5.18 10.52 -29.01
N PRO B 29 -5.84 9.56 -28.38
CA PRO B 29 -6.22 8.31 -29.09
C PRO B 29 -7.35 8.54 -30.10
N THR B 30 -7.53 7.55 -30.98
CA THR B 30 -8.49 7.71 -32.08
C THR B 30 -9.92 7.88 -31.55
N GLY B 31 -10.69 8.72 -32.24
CA GLY B 31 -12.07 9.01 -31.89
C GLY B 31 -12.22 9.80 -30.60
N LYS B 32 -11.12 10.17 -29.96
CA LYS B 32 -11.17 10.89 -28.70
C LYS B 32 -10.75 12.34 -28.92
N GLN B 33 -11.46 13.21 -28.25
CA GLN B 33 -11.36 14.65 -28.45
C GLN B 33 -10.51 15.27 -27.35
N LEU B 34 -9.55 16.11 -27.74
CA LEU B 34 -8.90 16.97 -26.75
C LEU B 34 -9.90 18.03 -26.30
N ASP B 35 -10.64 17.70 -25.24
CA ASP B 35 -11.88 18.37 -24.87
C ASP B 35 -11.56 19.40 -23.80
N LEU B 36 -11.41 20.67 -24.22
CA LEU B 36 -11.29 21.79 -23.32
C LEU B 36 -12.55 22.64 -23.34
N SER B 37 -13.69 22.01 -23.61
CA SER B 37 -14.95 22.75 -23.68
C SER B 37 -15.54 23.05 -22.31
N SER B 38 -15.02 22.44 -21.24
CA SER B 38 -15.58 22.64 -19.91
C SER B 38 -14.66 23.46 -19.01
N LEU B 39 -13.70 24.20 -19.58
CA LEU B 39 -12.73 24.93 -18.78
C LEU B 39 -13.41 25.87 -17.78
N GLN B 40 -12.91 25.89 -16.55
CA GLN B 40 -13.45 26.81 -15.56
C GLN B 40 -13.12 28.25 -15.92
N ASN B 41 -13.90 29.19 -15.37
CA ASN B 41 -13.60 30.61 -15.50
C ASN B 41 -12.16 30.87 -15.06
N ASP B 42 -11.48 31.78 -15.75
CA ASP B 42 -10.14 32.24 -15.41
C ASP B 42 -9.07 31.14 -15.49
N SER B 43 -9.33 30.05 -16.22
CA SER B 43 -8.37 28.97 -16.32
C SER B 43 -7.31 29.23 -17.39
N THR B 44 -6.16 28.55 -17.21
CA THR B 44 -5.03 28.63 -18.12
C THR B 44 -4.61 27.21 -18.51
N VAL B 45 -4.42 26.99 -19.82
CA VAL B 45 -3.91 25.73 -20.33
C VAL B 45 -2.60 26.01 -21.06
N THR B 46 -1.54 25.33 -20.66
CA THR B 46 -0.23 25.49 -21.29
C THR B 46 0.18 24.21 -22.00
N PHE B 47 0.46 24.31 -23.29
CA PHE B 47 0.95 23.17 -24.04
C PHE B 47 2.45 23.09 -23.86
N LYS B 48 2.95 21.87 -23.61
CA LYS B 48 4.37 21.57 -23.53
C LYS B 48 4.66 20.33 -24.37
N GLY B 49 5.93 20.18 -24.75
CA GLY B 49 6.28 19.00 -25.51
C GLY B 49 5.54 19.00 -26.83
N THR B 50 5.38 17.80 -27.39
CA THR B 50 4.74 17.60 -28.68
C THR B 50 3.43 16.85 -28.47
N THR B 51 2.31 17.49 -28.82
CA THR B 51 0.98 16.87 -28.82
C THR B 51 0.66 16.29 -30.19
N THR B 52 0.23 15.02 -30.22
CA THR B 52 -0.07 14.35 -31.48
C THR B 52 -1.47 13.73 -31.38
N PHE B 53 -1.96 13.23 -32.51
CA PHE B 53 -3.28 12.63 -32.63
C PHE B 53 -3.21 11.36 -33.45
N ALA B 54 -3.80 10.27 -32.95
CA ALA B 54 -4.02 9.07 -33.75
C ALA B 54 -5.03 9.37 -34.87
N THR B 55 -5.02 8.51 -35.90
CA THR B 55 -5.88 8.73 -37.05
C THR B 55 -7.35 8.47 -36.71
N THR B 56 -8.21 9.41 -37.09
CA THR B 56 -9.66 9.32 -36.94
C THR B 56 -10.23 9.81 -38.27
N ALA B 57 -10.50 8.89 -39.19
CA ALA B 57 -10.97 9.25 -40.54
C ALA B 57 -12.47 9.45 -40.50
N ASP B 58 -12.88 10.65 -40.06
CA ASP B 58 -14.28 10.98 -39.85
C ASP B 58 -14.45 12.47 -40.17
N ASN B 59 -15.30 12.78 -41.14
CA ASN B 59 -15.52 14.18 -41.52
C ASN B 59 -16.03 15.01 -40.34
N ASP B 60 -16.92 14.43 -39.53
CA ASP B 60 -17.59 15.14 -38.45
C ASP B 60 -16.75 15.27 -37.18
N PHE B 61 -15.57 14.64 -37.13
CA PHE B 61 -14.76 14.62 -35.94
C PHE B 61 -14.01 15.94 -35.76
N ASN B 62 -13.97 16.43 -34.53
CA ASN B 62 -13.27 17.67 -34.18
C ASN B 62 -12.25 17.37 -33.09
N PRO B 63 -10.96 17.32 -33.44
CA PRO B 63 -9.92 16.88 -32.49
C PRO B 63 -9.77 17.73 -31.23
N ILE B 64 -9.85 19.07 -31.35
CA ILE B 64 -9.61 19.98 -30.23
C ILE B 64 -10.80 20.93 -30.12
N VAL B 65 -11.38 21.03 -28.94
CA VAL B 65 -12.48 21.99 -28.76
C VAL B 65 -12.21 22.82 -27.52
N ILE B 66 -12.49 24.13 -27.62
CA ILE B 66 -12.15 25.11 -26.62
C ILE B 66 -13.38 25.97 -26.32
N SER B 67 -13.70 26.11 -25.04
CA SER B 67 -14.79 26.98 -24.63
C SER B 67 -14.58 27.36 -23.17
N GLY B 68 -15.03 28.56 -22.83
CA GLY B 68 -14.93 29.04 -21.47
C GLY B 68 -14.93 30.56 -21.43
N SER B 69 -14.80 31.09 -20.21
CA SER B 69 -14.87 32.52 -20.01
C SER B 69 -13.59 33.00 -19.31
N ASN B 70 -12.96 34.03 -19.90
CA ASN B 70 -11.66 34.55 -19.42
C ASN B 70 -10.61 33.44 -19.30
N ILE B 71 -10.53 32.60 -20.34
CA ILE B 71 -9.58 31.51 -20.37
C ILE B 71 -8.35 31.93 -21.15
N THR B 72 -7.25 31.21 -20.90
CA THR B 72 -6.01 31.40 -21.63
C THR B 72 -5.50 30.05 -22.09
N ILE B 73 -5.26 29.91 -23.39
CA ILE B 73 -4.63 28.75 -23.98
C ILE B 73 -3.30 29.23 -24.56
N THR B 74 -2.20 28.65 -24.11
CA THR B 74 -0.91 29.16 -24.55
C THR B 74 0.09 28.04 -24.68
N GLY B 75 1.27 28.37 -25.18
CA GLY B 75 2.31 27.39 -25.43
C GLY B 75 3.64 27.84 -24.87
N ALA B 76 4.40 26.88 -24.35
CA ALA B 76 5.73 27.11 -23.80
C ALA B 76 6.81 26.83 -24.85
N SER B 77 8.01 27.33 -24.59
CA SER B 77 9.12 27.21 -25.53
C SER B 77 9.28 25.77 -26.02
N GLY B 78 9.42 25.61 -27.33
CA GLY B 78 9.68 24.31 -27.91
C GLY B 78 8.46 23.46 -28.18
N HIS B 79 7.28 23.83 -27.68
CA HIS B 79 6.10 22.99 -27.85
C HIS B 79 5.67 22.91 -29.32
N VAL B 80 5.03 21.79 -29.67
CA VAL B 80 4.50 21.55 -31.01
C VAL B 80 3.14 20.88 -30.86
N ILE B 81 2.18 21.32 -31.68
CA ILE B 81 0.89 20.64 -31.81
C ILE B 81 0.81 20.14 -33.25
N ASP B 82 0.85 18.82 -33.42
CA ASP B 82 0.82 18.22 -34.75
C ASP B 82 -0.56 17.60 -34.99
N GLY B 83 -1.17 17.95 -36.12
CA GLY B 83 -2.53 17.51 -36.38
C GLY B 83 -2.69 16.23 -37.18
N ASN B 84 -1.61 15.48 -37.43
CA ASN B 84 -1.69 14.18 -38.14
C ASN B 84 -2.19 14.36 -39.56
N GLY B 85 -1.92 15.53 -40.15
CA GLY B 85 -2.49 15.85 -41.45
C GLY B 85 -2.08 14.86 -42.52
N GLN B 86 -0.83 14.38 -42.45
CA GLN B 86 -0.31 13.45 -43.46
C GLN B 86 -1.18 12.20 -43.58
N ALA B 87 -1.86 11.80 -42.51
CA ALA B 87 -2.69 10.61 -42.56
C ALA B 87 -3.97 10.80 -43.37
N TYR B 88 -4.37 12.04 -43.65
CA TYR B 88 -5.65 12.34 -44.29
C TYR B 88 -5.53 12.90 -45.68
N TRP B 89 -4.52 13.74 -45.93
CA TRP B 89 -4.45 14.54 -47.13
C TRP B 89 -4.56 13.66 -48.37
N ASP B 90 -5.40 14.07 -49.32
CA ASP B 90 -5.56 13.31 -50.55
C ASP B 90 -5.77 14.18 -51.77
N GLY B 91 -5.41 15.46 -51.68
CA GLY B 91 -5.61 16.40 -52.77
C GLY B 91 -6.99 17.05 -52.87
N LYS B 92 -7.97 16.49 -52.21
CA LYS B 92 -9.33 16.97 -52.35
C LYS B 92 -9.96 17.72 -51.18
N GLY B 93 -9.30 17.73 -50.05
CA GLY B 93 -9.83 18.46 -48.93
C GLY B 93 -11.22 18.11 -48.41
N SER B 94 -12.10 19.10 -48.32
CA SER B 94 -13.42 18.89 -47.71
C SER B 94 -14.39 18.15 -48.61
N ASN B 95 -14.06 18.01 -49.89
CA ASN B 95 -14.88 17.25 -50.83
C ASN B 95 -15.26 15.86 -50.34
N ASN B 99 -12.53 10.03 -48.86
CA ASN B 99 -11.63 9.72 -47.75
C ASN B 99 -11.92 10.73 -46.67
N GLN B 100 -12.30 10.23 -45.50
CA GLN B 100 -12.81 11.09 -44.45
C GLN B 100 -11.67 11.78 -43.73
N LYS B 101 -11.87 13.07 -43.43
CA LYS B 101 -10.85 13.86 -42.77
C LYS B 101 -11.56 14.80 -41.81
N PRO B 102 -11.12 14.88 -40.54
CA PRO B 102 -11.75 15.83 -39.63
C PRO B 102 -11.76 17.22 -40.23
N ASP B 103 -12.96 17.80 -40.38
CA ASP B 103 -13.08 19.04 -41.13
C ASP B 103 -12.58 20.24 -40.33
N HIS B 104 -12.75 20.23 -39.02
CA HIS B 104 -12.33 21.33 -38.15
C HIS B 104 -11.31 20.80 -37.15
N PHE B 105 -10.08 21.33 -37.21
CA PHE B 105 -9.05 20.86 -36.29
C PHE B 105 -9.28 21.41 -34.90
N ILE B 106 -9.45 22.73 -34.78
CA ILE B 106 -9.65 23.41 -33.49
C ILE B 106 -10.93 24.24 -33.58
N VAL B 107 -11.89 23.93 -32.71
CA VAL B 107 -13.14 24.68 -32.63
C VAL B 107 -13.10 25.54 -31.39
N VAL B 108 -13.23 26.84 -31.58
CA VAL B 108 -13.30 27.80 -30.48
C VAL B 108 -14.74 28.27 -30.41
N GLN B 109 -15.47 27.75 -29.46
CA GLN B 109 -16.90 28.02 -29.38
C GLN B 109 -17.35 28.57 -28.05
N LYS B 110 -18.20 29.57 -28.08
CA LYS B 110 -18.70 30.16 -26.85
C LYS B 110 -17.60 30.59 -25.87
N THR B 111 -16.56 31.17 -26.40
CA THR B 111 -15.42 31.61 -25.61
C THR B 111 -15.62 33.11 -25.43
N THR B 112 -15.68 33.59 -24.21
CA THR B 112 -16.05 34.96 -23.92
C THR B 112 -15.12 35.55 -22.87
N GLY B 113 -15.34 36.83 -22.59
CA GLY B 113 -14.83 37.45 -21.38
C GLY B 113 -13.34 37.71 -21.40
N ASN B 114 -12.84 38.21 -22.53
CA ASN B 114 -11.44 38.59 -22.69
C ASN B 114 -10.53 37.38 -22.63
N SER B 115 -10.93 36.30 -23.31
CA SER B 115 -10.09 35.13 -23.47
C SER B 115 -8.97 35.36 -24.49
N LYS B 116 -7.93 34.53 -24.42
CA LYS B 116 -6.85 34.63 -25.38
C LYS B 116 -6.24 33.27 -25.69
N ILE B 117 -5.83 33.13 -26.94
CA ILE B 117 -5.07 32.00 -27.45
C ILE B 117 -3.78 32.58 -28.01
N THR B 118 -2.65 32.22 -27.41
CA THR B 118 -1.39 32.89 -27.73
C THR B 118 -0.27 31.88 -27.92
N ASN B 119 0.57 32.15 -28.90
CA ASN B 119 1.90 31.56 -29.02
C ASN B 119 1.84 30.04 -29.20
N LEU B 120 0.85 29.56 -29.96
CA LEU B 120 0.79 28.14 -30.28
C LEU B 120 1.54 27.84 -31.58
N ASN B 121 2.22 26.70 -31.60
CA ASN B 121 3.02 26.24 -32.72
C ASN B 121 2.32 25.00 -33.29
N ILE B 122 1.62 25.18 -34.40
CA ILE B 122 0.72 24.17 -34.96
C ILE B 122 1.20 23.81 -36.36
N GLN B 123 1.25 22.52 -36.66
CA GLN B 123 1.71 22.03 -37.94
C GLN B 123 0.85 20.85 -38.37
N ASN B 124 0.74 20.66 -39.69
CA ASN B 124 0.18 19.43 -40.26
C ASN B 124 -1.24 19.15 -39.77
N TRP B 125 -2.14 20.14 -39.98
CA TRP B 125 -3.52 19.89 -39.59
C TRP B 125 -4.32 19.40 -40.80
N PRO B 126 -5.44 18.68 -40.58
CA PRO B 126 -6.08 17.97 -41.71
C PRO B 126 -6.74 18.84 -42.76
N VAL B 127 -7.72 19.65 -42.36
CA VAL B 127 -8.47 20.50 -43.28
C VAL B 127 -8.53 21.92 -42.75
N HIS B 128 -9.69 22.40 -42.31
CA HIS B 128 -9.73 23.73 -41.71
C HIS B 128 -9.06 23.71 -40.36
N CYS B 129 -8.31 24.76 -40.03
CA CYS B 129 -7.64 24.78 -38.74
C CYS B 129 -8.55 25.32 -37.64
N PHE B 130 -8.63 26.64 -37.49
CA PHE B 130 -9.48 27.26 -36.47
C PHE B 130 -10.86 27.55 -37.06
N ASP B 131 -11.90 27.11 -36.35
CA ASP B 131 -13.29 27.49 -36.54
C ASP B 131 -13.75 28.22 -35.28
N ILE B 132 -13.90 29.53 -35.37
CA ILE B 132 -14.25 30.39 -34.25
C ILE B 132 -15.73 30.73 -34.39
N THR B 133 -16.49 30.47 -33.33
CA THR B 133 -17.94 30.59 -33.47
C THR B 133 -18.56 30.98 -32.14
N GLY B 134 -19.62 31.77 -32.21
CA GLY B 134 -20.36 32.13 -31.02
C GLY B 134 -19.52 32.72 -29.91
N SER B 135 -18.50 33.50 -30.24
CA SER B 135 -17.55 33.96 -29.24
C SER B 135 -17.51 35.47 -29.20
N SER B 136 -16.89 35.97 -28.14
CA SER B 136 -16.91 37.40 -27.91
C SER B 136 -15.69 37.79 -27.07
N GLN B 137 -15.05 38.89 -27.43
CA GLN B 137 -13.92 39.43 -26.68
C GLN B 137 -12.83 38.37 -26.55
N LEU B 138 -12.30 37.99 -27.71
CA LEU B 138 -11.33 36.91 -27.86
C LEU B 138 -10.13 37.44 -28.63
N THR B 139 -8.93 37.16 -28.12
CA THR B 139 -7.71 37.55 -28.79
C THR B 139 -6.93 36.30 -29.18
N ILE B 140 -6.49 36.23 -30.43
CA ILE B 140 -5.66 35.13 -30.89
C ILE B 140 -4.40 35.75 -31.49
N SER B 141 -3.24 35.52 -30.86
CA SER B 141 -2.03 36.25 -31.22
C SER B 141 -0.79 35.37 -31.07
N GLY B 142 0.18 35.60 -31.95
CA GLY B 142 1.47 34.95 -31.88
C GLY B 142 1.52 33.53 -32.40
N LEU B 143 0.51 33.08 -33.14
CA LEU B 143 0.50 31.70 -33.61
C LEU B 143 1.30 31.53 -34.90
N ILE B 144 1.83 30.33 -35.09
CA ILE B 144 2.35 29.87 -36.38
C ILE B 144 1.58 28.64 -36.79
N LEU B 145 0.93 28.70 -37.95
CA LEU B 145 0.22 27.58 -38.54
C LEU B 145 1.02 27.16 -39.76
N ASP B 146 1.72 26.05 -39.66
CA ASP B 146 2.64 25.66 -40.73
C ASP B 146 2.14 24.37 -41.37
N ASN B 147 1.50 24.49 -42.52
CA ASN B 147 1.06 23.35 -43.29
C ASN B 147 1.85 23.21 -44.60
N ARG B 148 3.09 23.70 -44.62
CA ARG B 148 3.93 23.64 -45.81
C ARG B 148 4.22 22.23 -46.29
N ALA B 149 4.18 21.27 -45.38
CA ALA B 149 4.37 19.90 -45.79
C ALA B 149 3.24 19.39 -46.69
N GLY B 150 2.08 20.03 -46.68
CA GLY B 150 0.99 19.69 -47.57
C GLY B 150 1.02 20.24 -48.98
N ASP B 151 1.95 21.15 -49.25
CA ASP B 151 2.11 21.75 -50.57
C ASP B 151 2.48 20.77 -51.65
N LYS B 152 3.30 19.80 -51.29
CA LYS B 152 3.67 18.74 -52.23
C LYS B 152 2.62 17.67 -52.44
N PRO B 153 2.68 17.00 -53.59
CA PRO B 153 1.77 15.86 -53.72
C PRO B 153 2.18 14.68 -52.83
N ASN B 154 1.23 13.80 -52.54
CA ASN B 154 1.52 12.60 -51.80
C ASN B 154 1.01 11.34 -52.53
N ALA B 155 0.97 10.19 -51.89
CA ALA B 155 0.58 8.94 -52.52
C ALA B 155 -0.88 8.90 -52.92
N LYS B 156 -1.71 9.83 -52.46
CA LYS B 156 -3.13 9.81 -52.82
C LYS B 156 -3.59 10.98 -53.67
N SER B 157 -2.76 12.02 -53.86
CA SER B 157 -3.25 13.25 -54.47
C SER B 157 -2.93 13.35 -55.95
N GLY B 158 -2.32 12.32 -56.53
CA GLY B 158 -1.96 12.40 -57.94
C GLY B 158 -1.00 13.54 -58.17
N SER B 159 -1.39 14.46 -59.05
CA SER B 159 -0.57 15.62 -59.39
C SER B 159 -0.77 16.80 -58.45
N LEU B 160 -1.83 16.80 -57.62
CA LEU B 160 -2.27 17.97 -56.87
C LEU B 160 -1.53 18.07 -55.55
N PRO B 161 -1.41 19.29 -55.00
CA PRO B 161 -0.95 19.43 -53.61
C PRO B 161 -1.80 18.55 -52.70
N ALA B 162 -1.16 17.89 -51.74
CA ALA B 162 -1.88 16.94 -50.88
C ALA B 162 -2.91 17.65 -50.00
N ALA B 163 -2.52 18.77 -49.38
CA ALA B 163 -3.41 19.51 -48.49
C ALA B 163 -4.27 20.47 -49.30
N HIS B 164 -5.52 20.60 -48.88
CA HIS B 164 -6.52 21.38 -49.62
C HIS B 164 -7.58 21.84 -48.64
N ASN B 165 -8.15 23.03 -48.90
CA ASN B 165 -9.18 23.62 -48.02
C ASN B 165 -8.67 23.86 -46.60
N THR B 166 -7.40 24.20 -46.46
CA THR B 166 -6.80 24.30 -45.14
C THR B 166 -6.87 25.73 -44.60
N ASP B 167 -8.09 26.26 -44.49
CA ASP B 167 -8.29 27.60 -43.95
C ASP B 167 -7.58 27.74 -42.60
N GLY B 168 -6.94 28.88 -42.39
CA GLY B 168 -6.30 29.16 -41.11
C GLY B 168 -7.27 29.52 -40.00
N PHE B 169 -8.02 30.61 -40.19
CA PHE B 169 -9.03 31.08 -39.22
C PHE B 169 -10.34 31.36 -39.94
N ASP B 170 -11.38 30.58 -39.64
CA ASP B 170 -12.74 30.86 -40.07
C ASP B 170 -13.51 31.45 -38.91
N ILE B 171 -14.20 32.57 -39.15
CA ILE B 171 -14.92 33.24 -38.07
C ILE B 171 -16.39 33.37 -38.45
N SER B 172 -17.27 33.03 -37.50
CA SER B 172 -18.70 33.25 -37.68
C SER B 172 -19.34 33.58 -36.35
N SER B 173 -20.43 34.34 -36.42
CA SER B 173 -21.31 34.59 -35.27
C SER B 173 -20.53 34.97 -34.03
N SER B 174 -19.58 35.88 -34.22
CA SER B 174 -18.69 36.33 -33.15
C SER B 174 -18.57 37.84 -33.20
N ASP B 175 -18.19 38.41 -32.07
CA ASP B 175 -18.09 39.85 -31.93
C ASP B 175 -16.82 40.17 -31.16
N HIS B 176 -16.11 41.23 -31.58
CA HIS B 176 -14.89 41.70 -30.91
C HIS B 176 -13.83 40.59 -30.84
N VAL B 177 -13.51 40.03 -31.99
CA VAL B 177 -12.43 39.06 -32.11
C VAL B 177 -11.26 39.75 -32.78
N THR B 178 -10.09 39.60 -32.18
CA THR B 178 -8.86 40.16 -32.71
C THR B 178 -7.91 39.02 -33.03
N LEU B 179 -7.45 38.99 -34.27
CA LEU B 179 -6.40 38.10 -34.74
C LEU B 179 -5.18 38.99 -34.98
N ASP B 180 -4.13 38.78 -34.22
CA ASP B 180 -2.97 39.66 -34.34
C ASP B 180 -1.69 38.87 -34.39
N ASN B 181 -0.80 39.23 -35.33
CA ASN B 181 0.58 38.73 -35.36
C ASN B 181 0.63 37.21 -35.43
N ASN B 182 -0.04 36.67 -36.43
CA ASN B 182 -0.10 35.25 -36.70
C ASN B 182 0.47 35.00 -38.08
N HIS B 183 1.16 33.87 -38.22
CA HIS B 183 1.74 33.42 -39.48
C HIS B 183 0.99 32.18 -39.95
N VAL B 184 0.56 32.17 -41.21
CA VAL B 184 -0.20 31.05 -41.75
C VAL B 184 0.43 30.63 -43.06
N TYR B 185 0.93 29.41 -43.12
CA TYR B 185 1.42 28.80 -44.35
C TYR B 185 0.46 27.67 -44.64
N ASN B 186 -0.34 27.81 -45.69
CA ASN B 186 -1.41 26.86 -45.90
C ASN B 186 -1.77 26.81 -47.39
N GLN B 187 -2.99 26.36 -47.69
CA GLN B 187 -3.43 26.14 -49.05
C GLN B 187 -4.84 26.71 -49.32
N ASP B 188 -5.38 27.51 -48.40
CA ASP B 188 -6.70 28.12 -48.64
C ASP B 188 -6.75 29.45 -47.88
N ASP B 189 -7.96 29.95 -47.57
CA ASP B 189 -8.05 31.26 -46.91
C ASP B 189 -7.14 31.33 -45.69
N CYS B 190 -6.34 32.40 -45.62
CA CYS B 190 -5.64 32.70 -44.38
C CYS B 190 -6.63 33.02 -43.27
N VAL B 191 -7.52 33.99 -43.54
CA VAL B 191 -8.65 34.31 -42.69
C VAL B 191 -9.89 34.37 -43.58
N ALA B 192 -11.01 33.83 -43.10
CA ALA B 192 -12.31 33.93 -43.79
C ALA B 192 -13.38 34.30 -42.77
N VAL B 193 -14.01 35.46 -42.95
CA VAL B 193 -15.09 35.90 -42.08
C VAL B 193 -16.40 35.75 -42.86
N THR B 194 -17.27 34.83 -42.42
CA THR B 194 -18.57 34.68 -43.04
C THR B 194 -19.68 35.38 -42.29
N SER B 195 -19.43 35.76 -41.03
CA SER B 195 -20.34 36.61 -40.25
C SER B 195 -19.58 37.07 -39.02
N GLY B 196 -19.98 38.22 -38.49
CA GLY B 196 -19.35 38.74 -37.28
C GLY B 196 -19.34 40.26 -37.31
N THR B 197 -19.01 40.83 -36.15
CA THR B 197 -18.98 42.27 -35.97
C THR B 197 -17.73 42.63 -35.17
N ASN B 198 -17.16 43.80 -35.48
CA ASN B 198 -16.00 44.30 -34.74
C ASN B 198 -14.85 43.28 -34.77
N ILE B 199 -14.51 42.81 -35.96
CA ILE B 199 -13.41 41.87 -36.13
C ILE B 199 -12.19 42.68 -36.55
N VAL B 200 -11.04 42.39 -35.94
CA VAL B 200 -9.76 43.02 -36.28
C VAL B 200 -8.77 41.92 -36.64
N VAL B 201 -8.09 42.08 -37.77
CA VAL B 201 -7.11 41.13 -38.27
C VAL B 201 -5.88 41.97 -38.60
N SER B 202 -4.85 41.90 -37.77
CA SER B 202 -3.72 42.81 -37.85
C SER B 202 -2.41 42.03 -37.85
N ASN B 203 -1.41 42.57 -38.57
CA ASN B 203 -0.06 42.05 -38.51
C ASN B 203 -0.04 40.56 -38.86
N MET B 204 -0.80 40.18 -39.88
CA MET B 204 -0.80 38.80 -40.32
C MET B 204 0.27 38.60 -41.39
N TYR B 205 0.84 37.40 -41.41
CA TYR B 205 1.71 36.98 -42.49
C TYR B 205 1.09 35.73 -43.10
N CYS B 206 0.53 35.86 -44.30
CA CYS B 206 -0.22 34.78 -44.95
C CYS B 206 0.52 34.34 -46.20
N SER B 207 0.84 33.05 -46.27
CA SER B 207 1.60 32.51 -47.38
C SER B 207 0.98 31.22 -47.90
N GLY B 208 0.89 31.11 -49.22
CA GLY B 208 0.53 29.88 -49.89
C GLY B 208 -0.95 29.68 -50.11
N GLY B 209 -1.80 30.48 -49.47
CA GLY B 209 -3.24 30.20 -49.43
C GLY B 209 -4.05 31.02 -50.41
N HIS B 210 -5.24 31.44 -49.97
CA HIS B 210 -6.17 32.16 -50.83
C HIS B 210 -6.42 33.59 -50.35
N GLY B 211 -5.67 34.07 -49.37
CA GLY B 211 -5.73 35.47 -49.00
C GLY B 211 -6.60 35.76 -47.79
N LEU B 212 -6.94 37.05 -47.66
CA LEU B 212 -7.73 37.58 -46.56
C LEU B 212 -9.13 37.86 -47.07
N SER B 213 -10.11 37.11 -46.55
CA SER B 213 -11.40 36.98 -47.23
C SER B 213 -12.56 37.28 -46.29
N ILE B 214 -13.53 37.98 -46.85
CA ILE B 214 -14.90 38.02 -46.35
C ILE B 214 -15.72 37.04 -47.19
N GLY B 215 -16.38 36.11 -46.52
CA GLY B 215 -17.32 35.27 -47.24
C GLY B 215 -16.79 33.89 -47.54
N SER B 216 -17.50 33.17 -48.41
CA SER B 216 -18.69 33.68 -49.10
C SER B 216 -19.90 33.86 -48.16
N VAL B 217 -20.53 35.02 -48.26
CA VAL B 217 -21.64 35.44 -47.39
C VAL B 217 -22.96 35.09 -48.07
N GLY B 218 -23.91 34.66 -47.26
CA GLY B 218 -25.26 34.44 -47.77
C GLY B 218 -25.62 32.97 -47.73
N GLY B 219 -26.89 32.70 -47.42
CA GLY B 219 -27.41 31.35 -47.37
C GLY B 219 -27.09 30.57 -46.10
N LYS B 220 -26.33 31.15 -45.20
CA LYS B 220 -25.91 30.48 -43.97
C LYS B 220 -26.82 30.90 -42.83
N SER B 221 -26.48 30.44 -41.63
CA SER B 221 -27.31 30.75 -40.46
C SER B 221 -27.19 32.22 -40.08
N ASP B 222 -26.02 32.83 -40.30
CA ASP B 222 -25.76 34.24 -40.04
C ASP B 222 -25.17 34.85 -41.31
N ASN B 223 -25.78 35.93 -41.81
CA ASN B 223 -25.31 36.49 -43.07
C ASN B 223 -25.04 37.97 -42.95
N VAL B 224 -24.61 38.42 -41.78
CA VAL B 224 -24.27 39.81 -41.55
C VAL B 224 -22.82 39.89 -41.10
N VAL B 225 -22.03 40.64 -41.85
CA VAL B 225 -20.66 41.00 -41.50
C VAL B 225 -20.66 42.52 -41.32
N ASP B 226 -20.22 43.01 -40.16
CA ASP B 226 -20.27 44.45 -39.91
C ASP B 226 -19.08 44.89 -39.09
N GLY B 227 -18.15 45.59 -39.74
CA GLY B 227 -16.97 46.13 -39.07
C GLY B 227 -15.82 45.14 -39.01
N VAL B 228 -15.09 44.97 -40.11
CA VAL B 228 -13.90 44.12 -40.15
C VAL B 228 -12.74 44.98 -40.62
N GLN B 229 -11.62 44.90 -39.93
CA GLN B 229 -10.43 45.65 -40.32
C GLN B 229 -9.35 44.62 -40.59
N PHE B 230 -8.79 44.64 -41.79
CA PHE B 230 -7.59 43.88 -42.13
C PHE B 230 -6.48 44.92 -42.24
N LEU B 231 -5.51 44.87 -41.35
CA LEU B 231 -4.55 45.95 -41.19
C LEU B 231 -3.14 45.40 -41.19
N SER B 232 -2.22 46.13 -41.84
CA SER B 232 -0.77 45.95 -41.69
C SER B 232 -0.38 44.48 -41.83
N SER B 233 -0.70 43.91 -42.97
CA SER B 233 -0.51 42.48 -43.19
C SER B 233 0.18 42.23 -44.52
N GLN B 234 0.74 41.03 -44.62
CA GLN B 234 1.37 40.51 -45.83
C GLN B 234 0.59 39.34 -46.39
N VAL B 235 0.39 39.33 -47.71
CA VAL B 235 -0.13 38.18 -48.44
C VAL B 235 0.84 37.84 -49.57
N VAL B 236 1.41 36.64 -49.53
CA VAL B 236 2.42 36.25 -50.51
C VAL B 236 2.11 34.86 -51.03
N ASN B 237 2.44 34.62 -52.31
CA ASN B 237 2.34 33.28 -52.91
C ASN B 237 0.92 32.73 -52.76
N SER B 238 -0.06 33.59 -52.95
CA SER B 238 -1.45 33.24 -52.70
C SER B 238 -2.31 33.46 -53.93
N GLN B 239 -3.50 32.85 -53.93
CA GLN B 239 -4.41 32.97 -55.08
C GLN B 239 -5.01 34.38 -55.18
N ASN B 240 -5.35 34.97 -54.06
CA ASN B 240 -5.90 36.32 -53.98
C ASN B 240 -5.17 37.09 -52.90
N GLY B 241 -5.24 38.41 -53.02
CA GLY B 241 -4.79 39.26 -51.92
C GLY B 241 -5.94 39.54 -50.96
N CYS B 242 -6.83 40.45 -51.34
CA CYS B 242 -8.03 40.81 -50.59
C CYS B 242 -9.27 40.32 -51.34
N ARG B 243 -10.21 39.71 -50.63
CA ARG B 243 -11.35 39.10 -51.29
C ARG B 243 -12.62 39.27 -50.47
N ILE B 244 -13.70 39.62 -51.19
CA ILE B 244 -15.06 39.71 -50.66
C ILE B 244 -15.97 38.95 -51.62
N LYS B 245 -16.65 37.93 -51.13
CA LYS B 245 -17.57 37.17 -51.96
C LYS B 245 -18.94 37.08 -51.32
N SER B 246 -19.98 37.10 -52.16
CA SER B 246 -21.32 36.78 -51.71
C SER B 246 -21.94 35.79 -52.67
N ASN B 247 -22.84 34.96 -52.13
CA ASN B 247 -23.45 33.86 -52.88
C ASN B 247 -24.65 34.34 -53.71
N SER B 248 -24.71 33.85 -54.95
CA SER B 248 -25.83 34.12 -55.82
C SER B 248 -27.17 33.71 -55.19
N GLY B 249 -28.15 34.60 -55.30
CA GLY B 249 -29.50 34.33 -54.83
C GLY B 249 -29.69 34.54 -53.34
N ALA B 250 -28.64 34.89 -52.62
CA ALA B 250 -28.72 34.98 -51.15
C ALA B 250 -29.07 36.41 -50.72
N THR B 251 -29.39 36.56 -49.43
CA THR B 251 -29.61 37.87 -48.83
C THR B 251 -28.65 38.04 -47.66
N GLY B 252 -28.30 39.28 -47.37
CA GLY B 252 -27.36 39.56 -46.30
C GLY B 252 -26.75 40.93 -46.45
N THR B 253 -25.74 41.19 -45.61
CA THR B 253 -25.08 42.48 -45.53
C THR B 253 -23.61 42.32 -45.17
N ILE B 254 -22.74 42.94 -45.97
CA ILE B 254 -21.31 43.13 -45.67
C ILE B 254 -21.10 44.63 -45.55
N ASN B 255 -20.78 45.10 -44.34
CA ASN B 255 -20.66 46.53 -44.12
C ASN B 255 -19.41 46.86 -43.33
N ASN B 256 -18.72 47.93 -43.74
CA ASN B 256 -17.59 48.51 -43.00
C ASN B 256 -16.43 47.52 -42.91
N VAL B 257 -15.88 47.22 -44.07
CA VAL B 257 -14.69 46.37 -44.18
C VAL B 257 -13.57 47.22 -44.74
N THR B 258 -12.43 47.20 -44.07
CA THR B 258 -11.26 47.97 -44.50
C THR B 258 -10.09 47.05 -44.74
N TYR B 259 -9.43 47.19 -45.88
CA TYR B 259 -8.12 46.57 -46.09
C TYR B 259 -7.13 47.72 -46.14
N GLN B 260 -6.24 47.79 -45.16
CA GLN B 260 -5.35 48.94 -45.00
C GLN B 260 -3.93 48.49 -44.74
N ASN B 261 -2.99 48.98 -45.55
CA ASN B 261 -1.57 48.64 -45.48
C ASN B 261 -1.36 47.13 -45.66
N ILE B 262 -1.78 46.66 -46.82
CA ILE B 262 -1.65 45.26 -47.21
C ILE B 262 -0.59 45.15 -48.28
N ALA B 263 0.43 44.33 -48.05
CA ALA B 263 1.53 44.16 -49.00
C ALA B 263 1.41 42.81 -49.69
N LEU B 264 1.40 42.82 -51.04
CA LEU B 264 1.20 41.63 -51.86
C LEU B 264 2.47 41.24 -52.62
N THR B 265 2.74 39.94 -52.67
CA THR B 265 3.82 39.41 -53.51
C THR B 265 3.34 38.13 -54.17
N ASN B 266 3.41 38.07 -55.51
CA ASN B 266 3.22 36.81 -56.24
C ASN B 266 1.82 36.23 -56.02
N ILE B 267 0.81 37.07 -56.25
CA ILE B 267 -0.59 36.68 -56.19
C ILE B 267 -0.98 36.12 -57.56
N SER B 268 -1.59 34.93 -57.60
CA SER B 268 -1.78 34.25 -58.87
C SER B 268 -3.02 34.69 -59.64
N THR B 269 -4.12 35.04 -58.94
CA THR B 269 -5.39 35.25 -59.63
C THR B 269 -5.93 36.66 -59.50
N TYR B 270 -6.17 37.18 -58.29
CA TYR B 270 -6.75 38.52 -58.14
C TYR B 270 -6.01 39.28 -57.06
N GLY B 271 -5.51 40.47 -57.38
CA GLY B 271 -4.99 41.32 -56.32
C GLY B 271 -6.08 41.61 -55.30
N VAL B 272 -7.14 42.20 -55.81
CA VAL B 272 -8.40 42.45 -55.10
C VAL B 272 -9.52 41.80 -55.89
N ASP B 273 -10.43 41.15 -55.17
CA ASP B 273 -11.53 40.40 -55.74
C ASP B 273 -12.77 40.68 -54.92
N VAL B 274 -13.77 41.28 -55.54
CA VAL B 274 -15.07 41.54 -54.91
C VAL B 274 -16.11 41.04 -55.91
N GLN B 275 -16.87 40.00 -55.56
CA GLN B 275 -17.84 39.52 -56.53
C GLN B 275 -19.05 38.89 -55.84
N GLN B 276 -20.19 38.96 -56.54
CA GLN B 276 -21.49 38.64 -56.00
C GLN B 276 -22.19 37.52 -56.77
N ASP B 277 -21.44 36.67 -57.45
CA ASP B 277 -21.99 35.67 -58.37
C ASP B 277 -21.55 34.25 -58.00
N TYR B 278 -21.32 33.95 -56.72
CA TYR B 278 -20.78 32.65 -56.39
C TYR B 278 -21.90 31.64 -56.19
N LEU B 279 -21.78 30.52 -56.87
CA LEU B 279 -22.78 29.47 -56.78
C LEU B 279 -22.00 28.17 -56.66
N ASN B 280 -22.06 27.58 -55.46
CA ASN B 280 -21.41 26.31 -55.18
C ASN B 280 -19.91 26.38 -55.51
N GLY B 281 -19.25 27.33 -54.84
CA GLY B 281 -17.81 27.50 -54.92
C GLY B 281 -17.28 27.90 -56.28
N GLY B 282 -18.13 28.33 -57.21
CA GLY B 282 -17.70 28.81 -58.51
C GLY B 282 -18.46 30.03 -59.00
N PRO B 283 -17.79 30.88 -59.78
CA PRO B 283 -18.46 32.10 -60.31
C PRO B 283 -19.44 31.77 -61.44
N THR B 284 -20.55 32.52 -61.47
CA THR B 284 -21.51 32.37 -62.57
C THR B 284 -21.44 33.48 -63.59
N GLY B 285 -20.84 34.62 -63.26
CA GLY B 285 -20.90 35.76 -64.13
C GLY B 285 -22.16 36.58 -64.02
N LYS B 286 -23.16 36.14 -63.24
CA LYS B 286 -24.42 36.85 -63.09
C LYS B 286 -24.60 37.22 -61.62
N PRO B 287 -24.09 38.36 -61.17
CA PRO B 287 -24.24 38.74 -59.76
C PRO B 287 -25.69 39.11 -59.45
N THR B 288 -26.12 38.76 -58.24
CA THR B 288 -27.45 39.15 -57.78
C THR B 288 -27.29 40.30 -56.78
N ASN B 289 -28.40 40.82 -56.32
CA ASN B 289 -28.36 42.04 -55.50
C ASN B 289 -29.00 41.84 -54.12
N GLY B 290 -29.16 40.60 -53.65
CA GLY B 290 -29.72 40.41 -52.31
C GLY B 290 -28.76 40.66 -51.16
N VAL B 291 -27.45 40.60 -51.39
CA VAL B 291 -26.47 40.89 -50.34
C VAL B 291 -25.92 42.30 -50.58
N LYS B 292 -26.17 43.21 -49.64
CA LYS B 292 -25.62 44.56 -49.74
C LYS B 292 -24.15 44.57 -49.34
N ILE B 293 -23.35 45.32 -50.07
CA ILE B 293 -21.94 45.51 -49.72
C ILE B 293 -21.71 47.01 -49.66
N SER B 294 -21.37 47.53 -48.49
CA SER B 294 -21.28 48.97 -48.32
C SER B 294 -20.14 49.35 -47.40
N ASN B 295 -19.58 50.55 -47.62
CA ASN B 295 -18.45 51.07 -46.85
C ASN B 295 -17.26 50.11 -46.85
N ILE B 296 -16.76 49.85 -48.04
CA ILE B 296 -15.54 49.06 -48.23
C ILE B 296 -14.42 50.01 -48.59
N LYS B 297 -13.31 49.95 -47.84
CA LYS B 297 -12.15 50.81 -48.08
C LYS B 297 -10.94 49.96 -48.44
N PHE B 298 -10.23 50.34 -49.52
CA PHE B 298 -8.92 49.78 -49.83
C PHE B 298 -7.92 50.92 -49.75
N ILE B 299 -7.06 50.87 -48.74
CA ILE B 299 -6.13 51.94 -48.40
C ILE B 299 -4.74 51.32 -48.38
N LYS B 300 -3.90 51.72 -49.32
CA LYS B 300 -2.52 51.28 -49.36
C LYS B 300 -2.43 49.77 -49.44
N VAL B 301 -3.20 49.19 -50.35
CA VAL B 301 -2.97 47.82 -50.81
C VAL B 301 -1.99 47.94 -51.95
N THR B 302 -0.75 47.49 -51.73
CA THR B 302 0.31 47.70 -52.70
C THR B 302 1.13 46.42 -52.87
N GLY B 303 1.92 46.37 -53.94
CA GLY B 303 2.86 45.29 -54.14
C GLY B 303 2.81 44.80 -55.57
N THR B 304 3.23 43.55 -55.76
CA THR B 304 3.30 42.98 -57.10
C THR B 304 2.53 41.67 -57.13
N VAL B 305 1.71 41.49 -58.16
CA VAL B 305 1.01 40.24 -58.38
C VAL B 305 1.66 39.54 -59.57
N ALA B 306 1.36 38.25 -59.71
CA ALA B 306 1.94 37.48 -60.81
C ALA B 306 1.35 37.90 -62.17
N SER B 307 2.10 37.62 -63.25
CA SER B 307 1.63 37.94 -64.60
C SER B 307 0.31 37.25 -64.92
N SER B 308 0.00 36.15 -64.28
CA SER B 308 -1.24 35.43 -64.50
C SER B 308 -2.44 36.16 -63.95
N ALA B 309 -2.21 37.12 -63.10
CA ALA B 309 -3.29 37.79 -62.42
C ALA B 309 -3.95 39.02 -62.97
N GLN B 310 -5.10 39.38 -62.42
CA GLN B 310 -5.72 40.64 -62.71
C GLN B 310 -5.45 41.42 -61.40
N ASP B 311 -5.03 42.66 -61.53
CA ASP B 311 -4.80 43.45 -60.36
C ASP B 311 -6.09 43.64 -59.59
N TRP B 312 -7.16 43.94 -60.31
CA TRP B 312 -8.45 44.17 -59.70
C TRP B 312 -9.61 43.51 -60.37
N PHE B 313 -10.51 42.98 -59.57
CA PHE B 313 -11.75 42.43 -60.07
C PHE B 313 -12.94 42.76 -59.20
N ILE B 314 -13.89 43.52 -59.72
CA ILE B 314 -15.11 43.84 -59.01
C ILE B 314 -16.37 43.54 -59.85
N LEU B 315 -17.25 42.68 -59.37
CA LEU B 315 -18.46 42.30 -60.06
C LEU B 315 -19.66 42.36 -59.10
N CYS B 316 -20.16 43.56 -58.88
CA CYS B 316 -21.30 43.79 -58.04
C CYS B 316 -22.64 43.60 -58.71
N GLY B 317 -23.67 43.32 -57.94
CA GLY B 317 -25.00 43.22 -58.48
C GLY B 317 -25.61 44.60 -58.66
N ASP B 318 -26.82 44.67 -59.13
CA ASP B 318 -27.43 45.95 -59.42
C ASP B 318 -27.85 46.67 -58.15
N GLY B 319 -27.15 47.73 -57.83
CA GLY B 319 -27.49 48.52 -56.66
C GLY B 319 -27.09 47.96 -55.31
N SER B 320 -26.39 46.83 -55.30
CA SER B 320 -26.02 46.18 -54.05
C SER B 320 -24.69 46.64 -53.48
N CYS B 321 -23.97 47.44 -54.24
CA CYS B 321 -22.72 47.97 -53.79
C CYS B 321 -22.72 49.47 -53.61
N SER B 322 -22.22 49.94 -52.48
CA SER B 322 -22.19 51.34 -52.15
C SER B 322 -20.97 51.78 -51.38
N GLY B 323 -20.56 53.00 -51.56
CA GLY B 323 -19.46 53.51 -50.77
C GLY B 323 -18.11 52.84 -50.76
N PHE B 324 -17.53 52.67 -51.92
CA PHE B 324 -16.21 52.09 -52.03
C PHE B 324 -15.20 53.23 -52.04
N THR B 325 -14.16 53.10 -51.26
CA THR B 325 -13.13 54.12 -51.19
C THR B 325 -11.77 53.53 -51.55
N PHE B 326 -11.04 54.20 -52.42
CA PHE B 326 -9.71 53.76 -52.79
C PHE B 326 -8.65 54.84 -52.52
N SER B 327 -7.63 54.53 -51.73
CA SER B 327 -6.58 55.50 -51.41
C SER B 327 -5.17 54.90 -51.36
N GLY B 328 -4.25 55.39 -52.16
CA GLY B 328 -2.87 54.92 -52.10
C GLY B 328 -2.56 53.51 -52.58
N ASN B 329 -3.48 52.91 -53.28
CA ASN B 329 -3.22 51.58 -53.74
C ASN B 329 -2.20 51.53 -54.86
N ALA B 330 -1.43 50.47 -54.90
CA ALA B 330 -0.52 50.28 -55.97
C ALA B 330 -0.37 48.81 -56.33
N ILE B 331 -1.43 48.18 -56.79
CA ILE B 331 -1.36 46.78 -57.13
C ILE B 331 -0.95 46.71 -58.56
N THR B 332 0.20 46.14 -58.80
CA THR B 332 0.74 46.11 -60.15
C THR B 332 1.30 44.75 -60.57
N GLY B 333 1.51 44.56 -61.86
CA GLY B 333 2.07 43.32 -62.41
C GLY B 333 1.18 42.38 -63.16
N GLY B 334 -0.11 42.59 -63.06
CA GLY B 334 -1.04 41.72 -63.74
C GLY B 334 -1.00 41.78 -65.25
N GLY B 335 -0.98 40.62 -65.87
CA GLY B 335 -1.02 40.57 -67.29
C GLY B 335 -2.39 40.47 -67.87
N LYS B 336 -3.39 40.18 -67.05
CA LYS B 336 -4.75 40.17 -67.53
C LYS B 336 -5.42 41.48 -67.15
N THR B 337 -6.08 42.13 -68.10
CA THR B 337 -6.66 43.42 -67.81
C THR B 337 -7.68 43.34 -66.70
N SER B 338 -7.60 44.26 -65.77
CA SER B 338 -8.53 44.27 -64.67
C SER B 338 -9.97 44.58 -65.10
N SER B 339 -10.93 44.27 -64.21
CA SER B 339 -12.30 44.45 -64.62
C SER B 339 -13.13 44.86 -63.41
N CYS B 340 -13.76 46.04 -63.48
CA CYS B 340 -14.62 46.54 -62.43
C CYS B 340 -15.91 47.09 -63.01
N ASN B 341 -17.02 46.84 -62.31
CA ASN B 341 -18.29 47.43 -62.67
C ASN B 341 -18.82 48.36 -61.58
N TYR B 342 -18.02 48.61 -60.53
CA TYR B 342 -18.39 49.55 -59.47
C TYR B 342 -17.13 50.04 -58.77
N PRO B 343 -17.03 51.33 -58.38
CA PRO B 343 -18.03 52.42 -58.51
C PRO B 343 -18.26 52.86 -59.93
N THR B 344 -17.26 52.67 -60.78
CA THR B 344 -17.31 53.00 -62.21
C THR B 344 -16.91 51.77 -63.02
N ASN B 345 -16.81 51.94 -64.35
CA ASN B 345 -16.40 50.86 -65.25
C ASN B 345 -14.90 50.71 -65.38
N THR B 346 -14.12 51.49 -64.64
CA THR B 346 -12.67 51.50 -64.71
C THR B 346 -12.10 51.13 -63.35
N CYS B 347 -10.99 50.41 -63.32
CA CYS B 347 -10.38 50.01 -62.07
C CYS B 347 -9.29 50.98 -61.65
N PRO B 348 -8.79 50.89 -60.40
CA PRO B 348 -7.62 51.70 -60.03
C PRO B 348 -6.33 51.26 -60.72
N SER B 349 -6.24 50.02 -61.16
CA SER B 349 -5.05 49.48 -61.80
C SER B 349 -5.42 48.21 -62.56
N GLU C 1 -20.28 53.51 17.00
CA GLU C 1 -20.25 52.06 17.23
C GLU C 1 -21.00 51.35 16.13
N LEU C 2 -20.60 50.10 15.87
CA LEU C 2 -21.38 49.28 14.95
C LEU C 2 -22.72 48.91 15.58
N CYS C 3 -22.73 48.70 16.89
CA CYS C 3 -23.91 48.26 17.64
C CYS C 3 -25.03 49.27 17.47
N ASN C 4 -26.24 48.77 17.20
CA ASN C 4 -27.42 49.62 17.12
C ASN C 4 -27.84 50.06 18.52
N PRO C 5 -28.19 51.33 18.69
CA PRO C 5 -28.53 51.82 20.04
C PRO C 5 -29.71 51.07 20.68
N GLN C 6 -30.71 50.68 19.88
CA GLN C 6 -31.84 49.96 20.46
C GLN C 6 -31.44 48.55 20.91
N ASP C 7 -30.66 47.85 20.09
CA ASP C 7 -30.15 46.54 20.47
C ASP C 7 -29.36 46.63 21.77
N LYS C 8 -28.52 47.66 21.90
CA LYS C 8 -27.71 47.81 23.10
C LYS C 8 -28.58 48.02 24.33
N GLN C 9 -29.56 48.92 24.22
CA GLN C 9 -30.52 49.10 25.31
C GLN C 9 -31.20 47.78 25.66
N ALA C 10 -31.65 47.05 24.65
CA ALA C 10 -32.39 45.81 24.92
C ALA C 10 -31.50 44.79 25.62
N LEU C 11 -30.27 44.63 25.16
CA LEU C 11 -29.35 43.66 25.80
C LEU C 11 -29.08 44.04 27.25
N LEU C 12 -28.79 45.32 27.51
CA LEU C 12 -28.56 45.73 28.90
C LEU C 12 -29.80 45.58 29.75
N GLN C 13 -30.98 45.80 29.17
CA GLN C 13 -32.21 45.60 29.93
C GLN C 13 -32.45 44.12 30.17
N ILE C 14 -32.13 43.26 29.20
CA ILE C 14 -32.21 41.81 29.40
C ILE C 14 -31.32 41.37 30.57
N LYS C 15 -30.08 41.84 30.58
CA LYS C 15 -29.16 41.54 31.66
C LYS C 15 -29.73 42.00 33.00
N LYS C 16 -30.27 43.23 33.04
CA LYS C 16 -30.88 43.74 34.26
C LYS C 16 -32.07 42.89 34.69
N ASP C 17 -32.91 42.48 33.73
CA ASP C 17 -34.06 41.64 34.02
C ASP C 17 -33.67 40.23 34.47
N LEU C 18 -32.40 39.84 34.31
CA LEU C 18 -31.91 38.60 34.86
C LEU C 18 -31.05 38.79 36.11
N GLY C 19 -31.17 39.95 36.77
CA GLY C 19 -30.43 40.25 37.98
C GLY C 19 -28.99 40.68 37.80
N ASN C 20 -28.60 41.13 36.61
CA ASN C 20 -27.23 41.52 36.32
C ASN C 20 -26.26 40.40 36.73
N PRO C 21 -26.42 39.20 36.18
CA PRO C 21 -25.54 38.11 36.59
C PRO C 21 -24.08 38.38 36.22
N THR C 22 -23.18 37.96 37.12
CA THR C 22 -21.75 38.14 36.90
C THR C 22 -21.28 37.46 35.62
N THR C 23 -22.00 36.42 35.17
CA THR C 23 -21.64 35.75 33.93
C THR C 23 -21.73 36.69 32.72
N LEU C 24 -22.51 37.77 32.81
CA LEU C 24 -22.64 38.77 31.77
C LEU C 24 -21.81 40.01 32.08
N SER C 25 -20.70 39.79 32.78
CA SER C 25 -19.68 40.79 33.06
C SER C 25 -19.24 41.59 31.85
N SER C 26 -19.07 40.93 30.72
CA SER C 26 -18.59 41.53 29.48
C SER C 26 -19.58 42.49 28.85
N TRP C 27 -20.82 42.56 29.32
CA TRP C 27 -21.81 43.43 28.68
C TRP C 27 -21.70 44.83 29.28
N LEU C 28 -20.64 45.50 28.91
CA LEU C 28 -20.33 46.82 29.49
C LEU C 28 -20.91 47.94 28.65
N PRO C 29 -21.68 48.86 29.24
CA PRO C 29 -22.29 49.94 28.45
C PRO C 29 -21.27 50.84 27.76
N THR C 30 -20.00 50.72 28.13
CA THR C 30 -18.91 51.51 27.56
C THR C 30 -18.33 50.84 26.33
N THR C 31 -18.89 49.72 25.89
CA THR C 31 -18.26 48.91 24.85
C THR C 31 -19.22 48.66 23.69
N ASP C 32 -18.64 48.30 22.55
CA ASP C 32 -19.40 48.03 21.33
C ASP C 32 -19.86 46.57 21.34
N CYS C 33 -21.17 46.37 21.46
CA CYS C 33 -21.70 45.01 21.54
C CYS C 33 -21.40 44.19 20.29
N CYS C 34 -20.97 44.84 19.23
CA CYS C 34 -20.66 44.17 17.98
C CYS C 34 -19.17 43.75 17.74
N ASN C 35 -18.32 43.96 18.71
CA ASN C 35 -16.89 43.64 18.54
C ASN C 35 -16.45 42.28 19.14
N ARG C 36 -17.37 41.37 19.41
CA ARG C 36 -17.06 40.02 19.94
C ARG C 36 -16.66 39.99 21.41
N THR C 37 -16.63 41.12 22.09
CA THR C 37 -16.40 41.16 23.52
C THR C 37 -17.57 40.69 24.36
N TRP C 38 -18.79 41.02 23.92
CA TRP C 38 -19.95 40.68 24.66
C TRP C 38 -20.23 39.21 24.50
N LEU C 39 -20.13 38.47 25.60
CA LEU C 39 -20.28 37.02 25.52
C LEU C 39 -21.67 36.64 25.03
N GLY C 40 -21.71 35.81 23.99
CA GLY C 40 -22.97 35.31 23.48
C GLY C 40 -23.68 36.21 22.50
N VAL C 41 -23.12 37.37 22.16
CA VAL C 41 -23.78 38.32 21.27
C VAL C 41 -23.06 38.33 19.93
N LEU C 42 -23.82 38.16 18.84
CA LEU C 42 -23.31 38.36 17.49
C LEU C 42 -24.28 39.23 16.67
N CYS C 43 -23.69 40.07 15.82
CA CYS C 43 -24.37 41.00 14.94
C CYS C 43 -24.34 40.49 13.50
N ASP C 44 -25.27 40.98 12.69
CA ASP C 44 -25.45 40.50 11.32
C ASP C 44 -24.39 41.06 10.38
N THR C 45 -23.38 40.24 10.03
CA THR C 45 -22.38 40.64 9.04
C THR C 45 -22.74 40.24 7.62
N ASP C 46 -23.82 39.48 7.41
CA ASP C 46 -24.19 39.08 6.06
C ASP C 46 -24.95 40.20 5.35
N THR C 47 -26.03 40.69 5.93
CA THR C 47 -26.70 41.85 5.39
C THR C 47 -25.98 43.15 5.72
N GLN C 48 -24.98 43.10 6.61
CA GLN C 48 -24.22 44.25 7.07
C GLN C 48 -25.10 45.34 7.67
N THR C 49 -26.26 44.99 8.21
CA THR C 49 -26.93 45.92 9.10
C THR C 49 -26.24 45.97 10.45
N TYR C 50 -25.54 44.90 10.84
CA TYR C 50 -24.95 44.75 12.18
C TYR C 50 -25.99 44.78 13.29
N ARG C 51 -27.27 44.49 13.01
CA ARG C 51 -28.19 44.29 14.13
C ARG C 51 -27.90 42.97 14.84
N VAL C 52 -28.20 42.92 16.14
CA VAL C 52 -27.97 41.69 16.91
C VAL C 52 -28.92 40.62 16.37
N ASN C 53 -28.35 39.55 15.84
CA ASN C 53 -29.20 38.53 15.27
C ASN C 53 -28.94 37.13 15.84
N ASN C 54 -27.99 36.99 16.75
CA ASN C 54 -27.61 35.70 17.32
C ASN C 54 -27.30 35.95 18.79
N LEU C 55 -28.11 35.37 19.68
CA LEU C 55 -27.96 35.55 21.10
C LEU C 55 -27.93 34.18 21.74
N ASP C 56 -26.87 33.92 22.53
CA ASP C 56 -26.64 32.65 23.21
C ASP C 56 -26.45 32.96 24.70
N LEU C 57 -27.44 32.56 25.52
CA LEU C 57 -27.44 32.76 26.97
C LEU C 57 -27.39 31.38 27.61
N SER C 58 -26.25 31.00 28.15
CA SER C 58 -26.06 29.64 28.63
C SER C 58 -25.27 29.62 29.93
N GLY C 59 -25.69 28.79 30.86
CA GLY C 59 -25.03 28.67 32.15
C GLY C 59 -24.90 29.93 32.97
N LEU C 60 -25.95 30.73 33.03
CA LEU C 60 -25.84 32.03 33.68
C LEU C 60 -25.68 32.11 35.21
N ASN C 61 -25.94 31.05 35.92
CA ASN C 61 -25.86 31.16 37.39
C ASN C 61 -26.63 32.31 37.98
N LEU C 62 -27.92 32.31 37.72
CA LEU C 62 -28.75 33.34 38.25
C LEU C 62 -28.82 33.42 39.82
N PRO C 63 -28.79 34.64 40.41
CA PRO C 63 -28.78 34.68 41.88
C PRO C 63 -30.15 34.35 42.48
N LYS C 64 -31.23 34.63 41.76
CA LYS C 64 -32.62 34.37 42.12
C LYS C 64 -33.36 33.78 40.94
N PRO C 65 -34.56 33.22 41.12
CA PRO C 65 -35.33 32.79 39.95
C PRO C 65 -35.86 33.99 39.19
N TYR C 66 -35.77 33.93 37.87
CA TYR C 66 -36.25 34.97 36.98
C TYR C 66 -36.95 34.30 35.81
N PRO C 67 -38.00 34.91 35.26
CA PRO C 67 -38.61 34.43 34.02
C PRO C 67 -37.83 34.91 32.79
N ILE C 68 -38.21 34.36 31.64
CA ILE C 68 -37.65 34.84 30.37
C ILE C 68 -38.03 36.31 30.19
N PRO C 69 -37.06 37.21 30.05
CA PRO C 69 -37.38 38.65 29.94
C PRO C 69 -38.13 38.97 28.65
N SER C 70 -39.25 39.67 28.81
CA SER C 70 -40.00 40.13 27.64
C SER C 70 -39.22 41.13 26.80
N SER C 71 -38.20 41.79 27.39
CA SER C 71 -37.34 42.69 26.63
C SER C 71 -36.62 42.02 25.46
N LEU C 72 -36.61 40.67 25.39
CA LEU C 72 -36.12 40.00 24.20
C LEU C 72 -36.83 40.50 22.93
N ALA C 73 -38.08 40.91 23.05
CA ALA C 73 -38.82 41.38 21.88
C ALA C 73 -38.18 42.63 21.27
N ASN C 74 -37.36 43.37 22.03
CA ASN C 74 -36.73 44.56 21.51
C ASN C 74 -35.46 44.26 20.75
N LEU C 75 -35.19 42.97 20.47
CA LEU C 75 -34.15 42.59 19.51
C LEU C 75 -34.83 42.00 18.28
N PRO C 76 -35.44 42.84 17.44
CA PRO C 76 -36.33 42.32 16.40
C PRO C 76 -35.64 41.56 15.28
N TYR C 77 -34.32 41.61 15.19
CA TYR C 77 -33.59 40.91 14.15
C TYR C 77 -33.05 39.57 14.61
N LEU C 78 -33.39 39.12 15.82
CA LEU C 78 -32.89 37.81 16.24
C LEU C 78 -33.26 36.75 15.20
N ASN C 79 -32.23 36.10 14.68
CA ASN C 79 -32.32 34.89 13.86
C ASN C 79 -32.13 33.61 14.68
N PHE C 80 -31.29 33.69 15.71
CA PHE C 80 -30.86 32.56 16.51
C PHE C 80 -30.96 32.95 17.97
N LEU C 81 -31.69 32.17 18.76
CA LEU C 81 -31.84 32.45 20.19
C LEU C 81 -31.66 31.13 20.93
N TYR C 82 -30.57 31.04 21.69
CA TYR C 82 -30.28 29.87 22.52
C TYR C 82 -30.34 30.28 23.98
N ILE C 83 -31.19 29.66 24.75
CA ILE C 83 -31.26 29.87 26.20
C ILE C 83 -31.18 28.49 26.82
N GLY C 84 -30.07 28.18 27.48
CA GLY C 84 -29.84 26.82 27.94
C GLY C 84 -29.04 26.73 29.21
N GLY C 85 -29.30 25.69 30.00
CA GLY C 85 -28.47 25.39 31.16
C GLY C 85 -28.59 26.41 32.28
N ILE C 86 -29.81 26.82 32.63
CA ILE C 86 -30.05 27.85 33.64
C ILE C 86 -31.11 27.35 34.61
N ASN C 87 -30.67 26.84 35.77
CA ASN C 87 -31.59 26.24 36.71
C ASN C 87 -32.59 27.26 37.25
N ASN C 88 -32.17 28.52 37.39
CA ASN C 88 -33.03 29.55 37.94
C ASN C 88 -33.83 30.32 36.90
N LEU C 89 -33.91 29.86 35.65
CA LEU C 89 -34.85 30.41 34.69
C LEU C 89 -36.16 29.63 34.78
N VAL C 90 -37.25 30.34 35.03
CA VAL C 90 -38.52 29.73 35.42
C VAL C 90 -39.65 30.40 34.66
N GLY C 91 -40.87 29.90 34.84
CA GLY C 91 -42.04 30.53 34.27
C GLY C 91 -42.29 30.07 32.83
N PRO C 92 -43.36 30.55 32.22
CA PRO C 92 -43.75 30.05 30.88
C PRO C 92 -42.95 30.69 29.75
N ILE C 93 -43.12 30.12 28.57
CA ILE C 93 -42.53 30.73 27.37
C ILE C 93 -43.40 31.95 27.05
N PRO C 94 -42.86 33.16 27.10
CA PRO C 94 -43.72 34.35 27.11
C PRO C 94 -44.11 34.77 25.70
N PRO C 95 -45.27 35.40 25.56
CA PRO C 95 -45.75 35.85 24.25
C PRO C 95 -44.83 36.86 23.59
N ALA C 96 -43.90 37.46 24.33
CA ALA C 96 -42.93 38.36 23.72
C ALA C 96 -42.15 37.68 22.61
N ILE C 97 -41.93 36.36 22.71
CA ILE C 97 -41.19 35.63 21.69
C ILE C 97 -41.90 35.77 20.34
N ALA C 98 -43.21 35.95 20.34
CA ALA C 98 -43.91 36.10 19.08
C ALA C 98 -43.54 37.37 18.32
N LYS C 99 -42.93 38.37 18.96
CA LYS C 99 -42.48 39.55 18.22
C LYS C 99 -41.19 39.30 17.48
N LEU C 100 -40.56 38.15 17.65
CA LEU C 100 -39.30 37.89 16.96
C LEU C 100 -39.63 37.27 15.60
N THR C 101 -40.07 38.14 14.69
CA THR C 101 -40.68 37.68 13.44
C THR C 101 -39.67 37.23 12.41
N GLN C 102 -38.38 37.31 12.70
CA GLN C 102 -37.30 36.79 11.85
C GLN C 102 -36.61 35.58 12.48
N LEU C 103 -37.20 34.99 13.51
CA LEU C 103 -36.56 33.89 14.23
C LEU C 103 -36.59 32.62 13.41
N HIS C 104 -35.41 32.01 13.22
CA HIS C 104 -35.26 30.70 12.57
C HIS C 104 -34.94 29.55 13.52
N TYR C 105 -34.04 29.75 14.47
CA TYR C 105 -33.59 28.68 15.38
C TYR C 105 -33.83 29.11 16.82
N LEU C 106 -34.67 28.35 17.55
CA LEU C 106 -35.03 28.72 18.91
C LEU C 106 -34.76 27.52 19.81
N TYR C 107 -33.99 27.75 20.88
CA TYR C 107 -33.67 26.74 21.89
C TYR C 107 -33.93 27.33 23.26
N ILE C 108 -34.79 26.67 24.06
CA ILE C 108 -34.95 26.97 25.48
C ILE C 108 -34.89 25.61 26.17
N THR C 109 -33.76 25.31 26.79
CA THR C 109 -33.45 23.93 27.12
C THR C 109 -32.66 23.82 28.42
N HIS C 110 -32.86 22.72 29.13
CA HIS C 110 -32.16 22.49 30.38
C HIS C 110 -32.38 23.66 31.33
N THR C 111 -33.64 24.10 31.44
CA THR C 111 -34.00 25.16 32.36
C THR C 111 -35.20 24.72 33.19
N ASN C 112 -35.75 25.62 33.98
CA ASN C 112 -36.96 25.29 34.71
C ASN C 112 -38.19 25.97 34.12
N VAL C 113 -38.17 26.27 32.82
CA VAL C 113 -39.34 26.82 32.17
C VAL C 113 -40.48 25.80 32.20
N SER C 114 -41.69 26.28 32.38
CA SER C 114 -42.84 25.43 32.67
C SER C 114 -44.03 25.91 31.88
N GLY C 115 -45.17 25.24 32.06
CA GLY C 115 -46.37 25.54 31.30
C GLY C 115 -46.43 24.80 29.98
N ALA C 116 -47.39 25.20 29.17
CA ALA C 116 -47.59 24.50 27.90
C ALA C 116 -46.67 25.06 26.83
N ILE C 117 -46.38 24.24 25.83
CA ILE C 117 -45.74 24.78 24.63
C ILE C 117 -46.78 25.60 23.88
N PRO C 118 -46.54 26.88 23.64
CA PRO C 118 -47.61 27.75 23.18
C PRO C 118 -47.90 27.65 21.70
N ASP C 119 -49.19 27.75 21.38
CA ASP C 119 -49.62 27.73 19.99
C ASP C 119 -49.22 28.98 19.26
N PHE C 120 -48.90 30.09 19.96
CA PHE C 120 -48.51 31.27 19.21
C PHE C 120 -47.22 31.05 18.40
N LEU C 121 -46.45 29.99 18.68
CA LEU C 121 -45.30 29.68 17.84
C LEU C 121 -45.68 29.44 16.37
N SER C 122 -46.93 29.06 16.11
CA SER C 122 -47.36 28.85 14.73
C SER C 122 -47.34 30.15 13.93
N GLN C 123 -47.27 31.30 14.61
CA GLN C 123 -47.23 32.60 13.93
C GLN C 123 -45.84 32.97 13.43
N ILE C 124 -44.78 32.34 13.93
CA ILE C 124 -43.42 32.75 13.54
C ILE C 124 -43.06 31.91 12.32
N LYS C 125 -43.45 32.40 11.14
CA LYS C 125 -43.39 31.60 9.92
C LYS C 125 -41.98 31.24 9.49
N THR C 126 -40.96 31.95 9.97
CA THR C 126 -39.57 31.70 9.62
C THR C 126 -38.93 30.58 10.41
N LEU C 127 -39.63 30.01 11.41
CA LEU C 127 -39.03 29.01 12.27
C LEU C 127 -38.53 27.81 11.47
N VAL C 128 -37.26 27.45 11.68
CA VAL C 128 -36.63 26.27 11.12
C VAL C 128 -36.51 25.15 12.15
N THR C 129 -36.08 25.47 13.38
CA THR C 129 -36.07 24.43 14.41
C THR C 129 -36.54 24.97 15.75
N LEU C 130 -37.21 24.05 16.48
CA LEU C 130 -37.58 24.30 17.87
C LEU C 130 -36.95 23.25 18.78
N ASP C 131 -36.29 23.70 19.84
CA ASP C 131 -35.69 22.79 20.84
C ASP C 131 -36.13 23.29 22.20
N PHE C 132 -37.05 22.57 22.84
CA PHE C 132 -37.52 22.89 24.18
C PHE C 132 -37.30 21.70 25.10
N SER C 133 -36.18 21.01 24.95
CA SER C 133 -35.97 19.74 25.63
C SER C 133 -35.48 19.95 27.07
N TYR C 134 -35.87 19.04 27.96
CA TYR C 134 -35.36 18.98 29.33
C TYR C 134 -35.65 20.25 30.10
N ASN C 135 -36.92 20.66 30.08
CA ASN C 135 -37.35 21.74 30.94
C ASN C 135 -38.36 21.15 31.93
N ALA C 136 -39.43 21.86 32.24
CA ALA C 136 -40.53 21.29 32.98
C ALA C 136 -41.85 21.60 32.28
N LEU C 137 -41.85 21.58 30.92
CA LEU C 137 -43.07 21.89 30.19
C LEU C 137 -44.10 20.76 30.33
N SER C 138 -45.37 21.14 30.36
CA SER C 138 -46.46 20.19 30.57
C SER C 138 -47.55 20.47 29.54
N GLY C 139 -48.76 19.99 29.79
CA GLY C 139 -49.82 20.12 28.79
C GLY C 139 -49.63 19.13 27.65
N THR C 140 -50.31 19.39 26.52
CA THR C 140 -50.27 18.54 25.34
C THR C 140 -49.53 19.25 24.20
N LEU C 141 -49.23 18.49 23.16
CA LEU C 141 -48.53 19.05 22.01
C LEU C 141 -49.43 20.04 21.27
N PRO C 142 -48.94 21.24 20.98
CA PRO C 142 -49.74 22.24 20.23
C PRO C 142 -49.89 21.84 18.78
N PRO C 143 -51.13 21.61 18.31
CA PRO C 143 -51.31 21.06 16.96
C PRO C 143 -50.98 22.04 15.85
N SER C 144 -51.12 23.34 16.13
CA SER C 144 -51.00 24.31 15.08
C SER C 144 -49.57 24.37 14.51
N ILE C 145 -48.55 23.95 15.25
CA ILE C 145 -47.21 24.12 14.70
C ILE C 145 -46.99 23.25 13.48
N SER C 146 -47.90 22.31 13.18
CA SER C 146 -47.73 21.55 11.95
C SER C 146 -47.80 22.44 10.72
N SER C 147 -48.32 23.66 10.85
CA SER C 147 -48.44 24.51 9.67
C SER C 147 -47.17 25.29 9.36
N LEU C 148 -46.16 25.25 10.22
CA LEU C 148 -44.96 26.03 9.99
C LEU C 148 -44.26 25.56 8.72
N PRO C 149 -44.13 26.39 7.68
CA PRO C 149 -43.69 25.89 6.38
C PRO C 149 -42.18 25.72 6.21
N ASN C 150 -41.35 26.35 7.07
CA ASN C 150 -39.90 26.17 7.01
C ASN C 150 -39.40 25.20 8.08
N LEU C 151 -40.29 24.64 8.89
CA LEU C 151 -39.81 23.89 10.06
C LEU C 151 -39.21 22.53 9.67
N VAL C 152 -37.96 22.33 10.11
CA VAL C 152 -37.14 21.14 9.87
C VAL C 152 -37.22 20.13 11.00
N GLY C 153 -37.43 20.59 12.23
CA GLY C 153 -37.36 19.63 13.31
C GLY C 153 -37.87 20.16 14.62
N ILE C 154 -38.35 19.24 15.47
CA ILE C 154 -38.72 19.59 16.85
C ILE C 154 -38.00 18.65 17.81
N THR C 155 -37.56 19.21 18.95
CA THR C 155 -36.81 18.49 19.99
C THR C 155 -37.47 18.86 21.31
N PHE C 156 -38.44 18.04 21.76
CA PHE C 156 -39.25 18.30 22.96
C PHE C 156 -39.02 17.29 24.08
N ASP C 157 -37.91 16.58 24.07
CA ASP C 157 -37.68 15.46 24.98
C ASP C 157 -37.55 15.93 26.43
N GLY C 158 -37.92 15.06 27.35
CA GLY C 158 -37.60 15.31 28.75
C GLY C 158 -38.46 16.32 29.45
N ASN C 159 -39.73 16.39 29.09
CA ASN C 159 -40.63 17.29 29.80
C ASN C 159 -41.73 16.45 30.43
N ARG C 160 -42.93 17.01 30.56
CA ARG C 160 -44.06 16.31 31.13
C ARG C 160 -45.25 16.38 30.19
N ILE C 161 -44.99 16.35 28.89
CA ILE C 161 -46.05 16.51 27.91
C ILE C 161 -46.95 15.27 27.88
N SER C 162 -48.25 15.48 27.86
CA SER C 162 -49.15 14.36 27.96
C SER C 162 -50.08 14.36 26.76
N GLY C 163 -51.05 13.46 26.78
CA GLY C 163 -52.00 13.39 25.68
C GLY C 163 -51.45 12.65 24.48
N ALA C 164 -52.25 12.64 23.44
CA ALA C 164 -51.93 11.93 22.21
C ALA C 164 -51.17 12.84 21.25
N ILE C 165 -50.42 12.22 20.37
CA ILE C 165 -49.80 12.99 19.29
C ILE C 165 -50.89 13.50 18.36
N PRO C 166 -50.93 14.79 18.04
CA PRO C 166 -51.98 15.30 17.15
C PRO C 166 -51.90 14.66 15.77
N ASP C 167 -53.08 14.36 15.20
CA ASP C 167 -53.12 13.93 13.80
C ASP C 167 -52.49 14.96 12.88
N SER C 168 -52.63 16.25 13.21
CA SER C 168 -52.03 17.30 12.42
C SER C 168 -50.52 17.14 12.29
N TYR C 169 -49.89 16.37 13.18
CA TYR C 169 -48.43 16.27 13.03
C TYR C 169 -48.02 15.41 11.87
N GLY C 170 -48.98 14.79 11.17
CA GLY C 170 -48.57 14.25 9.90
C GLY C 170 -48.47 15.27 8.79
N SER C 171 -48.81 16.55 9.04
CA SER C 171 -48.88 17.54 7.97
C SER C 171 -47.66 18.45 7.90
N PHE C 172 -46.59 18.16 8.64
CA PHE C 172 -45.38 18.93 8.48
C PHE C 172 -44.93 18.87 7.03
N SER C 173 -44.12 19.85 6.64
CA SER C 173 -43.67 19.98 5.25
C SER C 173 -42.68 18.87 4.89
N LYS C 174 -42.34 18.77 3.59
CA LYS C 174 -41.28 17.87 3.16
C LYS C 174 -39.91 18.29 3.67
N LEU C 175 -39.76 19.50 4.14
CA LEU C 175 -38.47 19.85 4.75
C LEU C 175 -38.31 19.27 6.17
N PHE C 176 -39.39 18.81 6.78
CA PHE C 176 -39.39 18.34 8.17
C PHE C 176 -38.74 16.95 8.25
N THR C 177 -37.58 16.86 8.89
CA THR C 177 -36.88 15.58 8.90
C THR C 177 -36.61 15.00 10.28
N SER C 178 -36.88 15.73 11.38
CA SER C 178 -36.45 15.22 12.69
C SER C 178 -37.51 15.50 13.74
N MET C 179 -37.98 14.45 14.42
CA MET C 179 -38.98 14.61 15.46
C MET C 179 -38.53 13.84 16.70
N THR C 180 -38.20 14.54 17.79
CA THR C 180 -37.86 13.83 19.02
C THR C 180 -38.71 14.40 20.14
N ILE C 181 -39.46 13.52 20.82
CA ILE C 181 -40.36 13.81 21.95
C ILE C 181 -40.26 12.72 23.02
N SER C 182 -39.06 12.20 23.21
CA SER C 182 -38.85 11.11 24.15
C SER C 182 -38.99 11.60 25.58
N ARG C 183 -39.17 10.66 26.51
CA ARG C 183 -39.16 10.99 27.96
C ARG C 183 -40.24 12.03 28.30
N ASN C 184 -41.46 11.78 27.86
CA ASN C 184 -42.60 12.60 28.19
C ASN C 184 -43.64 11.60 28.70
N ARG C 185 -44.91 11.95 28.64
CA ARG C 185 -45.95 11.03 29.04
C ARG C 185 -47.00 10.88 27.95
N LEU C 186 -46.55 10.73 26.70
CA LEU C 186 -47.49 10.61 25.59
C LEU C 186 -48.22 9.27 25.60
N THR C 187 -49.51 9.32 25.30
CA THR C 187 -50.37 8.15 25.26
C THR C 187 -50.99 8.03 23.87
N GLY C 188 -51.73 6.93 23.67
CA GLY C 188 -52.43 6.72 22.41
C GLY C 188 -51.55 6.10 21.34
N LYS C 189 -51.94 6.30 20.08
CA LYS C 189 -51.32 5.65 18.93
C LYS C 189 -50.58 6.68 18.10
N ILE C 190 -49.55 6.21 17.40
CA ILE C 190 -48.93 7.12 16.45
C ILE C 190 -49.90 7.34 15.29
N PRO C 191 -50.24 8.57 14.94
CA PRO C 191 -51.31 8.77 13.96
C PRO C 191 -50.94 8.17 12.62
N PRO C 192 -51.91 7.63 11.90
CA PRO C 192 -51.65 7.16 10.53
C PRO C 192 -51.22 8.27 9.60
N THR C 193 -51.58 9.52 9.89
CA THR C 193 -51.14 10.62 9.03
C THR C 193 -49.61 10.72 8.95
N PHE C 194 -48.89 10.04 9.84
CA PHE C 194 -47.44 10.02 9.80
C PHE C 194 -46.92 9.35 8.53
N ALA C 195 -47.80 8.67 7.77
CA ALA C 195 -47.41 8.16 6.45
C ALA C 195 -46.98 9.28 5.52
N ASN C 196 -47.43 10.49 5.79
CA ASN C 196 -47.07 11.61 4.94
C ASN C 196 -45.75 12.22 5.30
N LEU C 197 -45.09 11.75 6.34
CA LEU C 197 -43.79 12.28 6.75
C LEU C 197 -42.69 11.41 6.19
N ASN C 198 -41.50 11.98 6.15
CA ASN C 198 -40.28 11.27 5.70
C ASN C 198 -39.14 11.67 6.65
N LEU C 199 -39.11 11.06 7.84
CA LEU C 199 -38.20 11.46 8.91
C LEU C 199 -36.83 10.82 8.81
N ALA C 200 -35.79 11.64 8.83
CA ALA C 200 -34.43 11.14 9.02
C ALA C 200 -34.24 10.55 10.43
N PHE C 201 -34.82 11.19 11.45
CA PHE C 201 -34.62 10.82 12.85
C PHE C 201 -35.96 10.87 13.53
N VAL C 202 -36.31 9.81 14.25
CA VAL C 202 -37.50 9.88 15.09
C VAL C 202 -37.19 9.23 16.44
N ASP C 203 -37.58 9.91 17.51
CA ASP C 203 -37.35 9.39 18.86
C ASP C 203 -38.61 9.65 19.66
N LEU C 204 -39.38 8.60 19.90
CA LEU C 204 -40.55 8.70 20.76
C LEU C 204 -40.43 7.75 21.94
N SER C 205 -39.21 7.37 22.31
CA SER C 205 -38.93 6.45 23.38
C SER C 205 -39.37 7.01 24.74
N ARG C 206 -39.60 6.10 25.66
CA ARG C 206 -39.88 6.44 27.04
C ARG C 206 -41.14 7.30 27.16
N ASN C 207 -42.20 6.84 26.50
CA ASN C 207 -43.53 7.41 26.65
C ASN C 207 -44.48 6.27 27.00
N MET C 208 -45.76 6.45 26.74
CA MET C 208 -46.68 5.32 26.91
C MET C 208 -47.43 5.03 25.63
N LEU C 209 -46.75 5.07 24.49
CA LEU C 209 -47.45 4.86 23.23
C LEU C 209 -47.85 3.41 23.06
N GLU C 210 -49.00 3.18 22.43
CA GLU C 210 -49.52 1.83 22.20
C GLU C 210 -49.64 1.59 20.69
N GLY C 211 -49.77 0.31 20.34
CA GLY C 211 -50.22 -0.05 19.00
C GLY C 211 -49.15 -0.05 17.92
N ASP C 212 -49.58 0.19 16.69
CA ASP C 212 -48.74 0.02 15.51
C ASP C 212 -47.79 1.21 15.31
N ALA C 213 -46.54 0.91 14.99
CA ALA C 213 -45.57 1.94 14.62
C ALA C 213 -45.08 1.74 13.20
N SER C 214 -45.73 0.85 12.41
CA SER C 214 -45.29 0.58 11.04
C SER C 214 -45.29 1.84 10.19
N VAL C 215 -46.12 2.81 10.53
CA VAL C 215 -46.19 4.05 9.71
C VAL C 215 -44.86 4.80 9.66
N LEU C 216 -43.96 4.54 10.62
CA LEU C 216 -42.64 5.16 10.67
C LEU C 216 -41.60 4.42 9.85
N PHE C 217 -41.96 3.25 9.31
CA PHE C 217 -41.04 2.44 8.53
C PHE C 217 -41.44 2.52 7.07
N GLY C 218 -40.49 2.19 6.19
CA GLY C 218 -40.77 2.19 4.76
C GLY C 218 -39.51 2.14 3.92
N SER C 219 -39.52 1.28 2.90
CA SER C 219 -38.40 1.18 1.97
C SER C 219 -38.20 2.47 1.17
N ASP C 220 -39.21 3.31 1.09
CA ASP C 220 -39.15 4.56 0.35
C ASP C 220 -38.68 5.75 1.18
N LYS C 221 -38.58 5.60 2.50
CA LYS C 221 -38.17 6.72 3.35
C LYS C 221 -36.65 6.88 3.32
N ASN C 222 -36.22 8.07 3.71
CA ASN C 222 -34.83 8.40 3.96
C ASN C 222 -34.64 8.56 5.46
N THR C 223 -34.49 7.43 6.17
CA THR C 223 -34.49 7.40 7.62
C THR C 223 -33.15 6.86 8.09
N GLN C 224 -32.52 7.58 8.99
CA GLN C 224 -31.28 7.13 9.58
C GLN C 224 -31.50 6.42 10.92
N LYS C 225 -32.39 6.92 11.80
CA LYS C 225 -32.52 6.37 13.14
C LYS C 225 -34.00 6.32 13.56
N ILE C 226 -34.40 5.17 14.06
CA ILE C 226 -35.74 5.00 14.65
C ILE C 226 -35.56 4.56 16.09
N HIS C 227 -36.01 5.38 17.03
CA HIS C 227 -35.85 5.14 18.47
C HIS C 227 -37.24 5.17 19.09
N LEU C 228 -37.73 4.00 19.54
CA LEU C 228 -39.07 3.81 20.09
C LEU C 228 -39.06 2.99 21.38
N ALA C 229 -37.92 2.88 22.03
CA ALA C 229 -37.80 2.00 23.18
C ALA C 229 -38.71 2.43 24.32
N LYS C 230 -39.12 1.45 25.13
CA LYS C 230 -39.82 1.71 26.39
C LYS C 230 -41.17 2.36 26.15
N ASN C 231 -41.99 1.70 25.34
CA ASN C 231 -43.39 2.07 25.15
C ASN C 231 -44.19 0.77 25.32
N SER C 232 -45.44 0.75 24.91
CA SER C 232 -46.20 -0.50 24.82
C SER C 232 -46.60 -0.75 23.36
N LEU C 233 -45.67 -0.58 22.43
CA LEU C 233 -46.03 -0.76 21.02
C LEU C 233 -46.24 -2.26 20.68
N ALA C 234 -47.15 -2.52 19.74
CA ALA C 234 -47.44 -3.91 19.40
C ALA C 234 -47.82 -3.97 17.93
N PHE C 235 -46.99 -4.63 17.13
CA PHE C 235 -47.29 -4.82 15.71
C PHE C 235 -46.38 -5.92 15.17
N ASP C 236 -46.68 -6.35 13.95
CA ASP C 236 -45.91 -7.42 13.31
C ASP C 236 -44.69 -6.81 12.62
N LEU C 237 -43.52 -7.00 13.25
CA LEU C 237 -42.31 -6.37 12.75
C LEU C 237 -41.87 -6.91 11.39
N GLY C 238 -42.20 -8.16 11.09
CA GLY C 238 -41.73 -8.78 9.86
C GLY C 238 -42.31 -8.19 8.59
N LYS C 239 -43.35 -7.39 8.71
CA LYS C 239 -44.02 -6.79 7.56
C LYS C 239 -43.47 -5.43 7.16
N VAL C 240 -42.56 -4.83 7.95
CA VAL C 240 -42.14 -3.46 7.65
C VAL C 240 -41.07 -3.46 6.57
N GLY C 241 -41.09 -2.41 5.73
CA GLY C 241 -39.97 -2.12 4.86
C GLY C 241 -38.98 -1.22 5.56
N LEU C 242 -37.75 -1.26 5.12
CA LEU C 242 -36.67 -0.54 5.81
C LEU C 242 -35.97 0.40 4.85
N SER C 243 -35.70 1.62 5.32
CA SER C 243 -35.00 2.58 4.49
C SER C 243 -33.54 2.16 4.35
N LYS C 244 -33.00 2.32 3.14
CA LYS C 244 -31.60 1.95 2.86
C LYS C 244 -30.62 2.70 3.73
N ASN C 245 -30.98 3.90 4.20
CA ASN C 245 -30.07 4.70 5.01
C ASN C 245 -30.08 4.34 6.48
N LEU C 246 -30.93 3.39 6.90
CA LEU C 246 -31.08 3.11 8.33
C LEU C 246 -29.78 2.64 8.95
N ASN C 247 -29.31 3.36 9.98
CA ASN C 247 -28.14 2.96 10.71
C ASN C 247 -28.42 2.67 12.18
N GLY C 248 -29.61 2.98 12.68
CA GLY C 248 -29.91 2.78 14.10
C GLY C 248 -31.35 2.42 14.35
N LEU C 249 -31.58 1.30 15.02
CA LEU C 249 -32.94 0.84 15.32
C LEU C 249 -32.99 0.40 16.78
N ASP C 250 -33.79 1.09 17.60
CA ASP C 250 -33.89 0.76 19.03
C ASP C 250 -35.36 0.59 19.36
N LEU C 251 -35.79 -0.68 19.49
CA LEU C 251 -37.19 -1.00 19.75
C LEU C 251 -37.36 -1.65 21.11
N ARG C 252 -36.30 -1.64 21.92
CA ARG C 252 -36.22 -2.38 23.18
C ARG C 252 -37.39 -2.06 24.12
N ASN C 253 -37.88 -3.09 24.83
CA ASN C 253 -38.94 -2.97 25.84
C ASN C 253 -40.26 -2.47 25.23
N ASN C 254 -40.78 -3.23 24.29
CA ASN C 254 -42.12 -3.03 23.77
C ASN C 254 -42.80 -4.39 23.78
N ARG C 255 -43.87 -4.52 23.01
CA ARG C 255 -44.58 -5.79 22.84
C ARG C 255 -44.65 -6.14 21.35
N ILE C 256 -43.60 -5.88 20.63
CA ILE C 256 -43.57 -6.07 19.18
C ILE C 256 -43.40 -7.58 18.89
N TYR C 257 -44.14 -8.10 17.91
CA TYR C 257 -44.18 -9.54 17.66
C TYR C 257 -43.85 -9.84 16.20
N GLY C 258 -43.90 -11.13 15.85
CA GLY C 258 -43.55 -11.59 14.52
C GLY C 258 -42.07 -11.90 14.43
N THR C 259 -41.64 -12.15 13.21
CA THR C 259 -40.24 -12.41 12.91
C THR C 259 -39.55 -11.11 12.52
N LEU C 260 -38.23 -11.11 12.65
CA LEU C 260 -37.45 -9.98 12.16
C LEU C 260 -37.48 -9.99 10.62
N PRO C 261 -37.62 -8.81 9.98
CA PRO C 261 -37.71 -8.79 8.51
C PRO C 261 -36.39 -9.16 7.82
N GLN C 262 -36.49 -9.94 6.73
CA GLN C 262 -35.27 -10.33 6.02
C GLN C 262 -34.54 -9.13 5.43
N GLY C 263 -35.27 -8.07 5.06
CA GLY C 263 -34.66 -6.88 4.53
C GLY C 263 -33.56 -6.30 5.39
N LEU C 264 -33.54 -6.64 6.69
CA LEU C 264 -32.49 -6.17 7.59
C LEU C 264 -31.11 -6.56 7.11
N THR C 265 -31.00 -7.69 6.40
CA THR C 265 -29.69 -8.14 5.90
C THR C 265 -29.16 -7.24 4.80
N GLN C 266 -30.02 -6.47 4.15
CA GLN C 266 -29.62 -5.56 3.07
C GLN C 266 -29.16 -4.18 3.54
N LEU C 267 -29.22 -3.88 4.83
CA LEU C 267 -28.89 -2.55 5.32
C LEU C 267 -27.39 -2.45 5.55
N LYS C 268 -26.71 -1.65 4.70
CA LYS C 268 -25.26 -1.60 4.70
C LYS C 268 -24.70 -0.83 5.88
N PHE C 269 -25.46 0.13 6.41
CA PHE C 269 -24.97 0.99 7.49
C PHE C 269 -25.63 0.73 8.83
N LEU C 270 -26.34 -0.38 8.99
CA LEU C 270 -26.93 -0.68 10.30
C LEU C 270 -25.80 -0.96 11.28
N HIS C 271 -25.60 -0.06 12.24
CA HIS C 271 -24.53 -0.14 13.23
C HIS C 271 -25.06 -0.25 14.66
N SER C 272 -26.34 0.02 14.88
CA SER C 272 -26.93 -0.13 16.21
C SER C 272 -28.29 -0.79 16.06
N LEU C 273 -28.48 -1.88 16.79
CA LEU C 273 -29.73 -2.62 16.77
C LEU C 273 -30.03 -3.06 18.21
N ASP C 274 -31.26 -2.83 18.66
CA ASP C 274 -31.69 -3.38 19.96
C ASP C 274 -33.16 -3.71 19.88
N VAL C 275 -33.50 -5.00 19.89
CA VAL C 275 -34.89 -5.43 19.86
C VAL C 275 -35.24 -6.27 21.11
N SER C 276 -34.41 -6.18 22.14
CA SER C 276 -34.58 -6.99 23.35
C SER C 276 -35.85 -6.61 24.11
N PHE C 277 -36.36 -7.56 24.90
CA PHE C 277 -37.58 -7.36 25.68
C PHE C 277 -38.74 -7.01 24.76
N ASN C 278 -38.99 -7.90 23.80
CA ASN C 278 -40.17 -7.80 22.95
C ASN C 278 -40.78 -9.24 22.83
N ASN C 279 -41.65 -9.47 21.87
CA ASN C 279 -42.30 -10.77 21.64
C ASN C 279 -41.94 -11.42 20.30
N LEU C 280 -40.73 -11.21 19.84
CA LEU C 280 -40.30 -11.73 18.58
C LEU C 280 -40.03 -13.22 18.54
N CYS C 281 -40.27 -13.81 17.37
CA CYS C 281 -40.09 -15.22 17.18
C CYS C 281 -39.38 -15.51 15.87
N GLY C 282 -38.71 -16.64 15.78
CA GLY C 282 -38.08 -17.04 14.56
C GLY C 282 -36.62 -16.83 14.36
N GLU C 283 -36.13 -17.27 13.21
CA GLU C 283 -34.71 -17.18 12.94
C GLU C 283 -34.29 -15.75 12.70
N ILE C 284 -33.24 -15.36 13.37
CA ILE C 284 -32.67 -14.06 13.06
C ILE C 284 -32.13 -14.12 11.65
N PRO C 285 -32.47 -13.16 10.77
CA PRO C 285 -31.93 -13.22 9.41
C PRO C 285 -30.42 -13.25 9.45
N GLN C 286 -29.87 -14.11 8.60
CA GLN C 286 -28.43 -14.35 8.55
C GLN C 286 -27.86 -13.61 7.35
N GLY C 287 -27.01 -12.63 7.60
CA GLY C 287 -26.52 -11.75 6.55
C GLY C 287 -26.43 -10.31 7.03
N GLY C 288 -25.89 -9.44 6.18
CA GLY C 288 -25.72 -8.05 6.58
C GLY C 288 -24.83 -7.93 7.79
N ASN C 289 -25.22 -7.04 8.71
CA ASN C 289 -24.50 -6.80 9.94
C ASN C 289 -25.15 -7.47 11.15
N LEU C 290 -26.13 -8.36 10.92
CA LEU C 290 -26.96 -8.85 12.01
C LEU C 290 -26.16 -9.74 12.97
N GLN C 291 -25.13 -10.42 12.48
CA GLN C 291 -24.35 -11.30 13.35
C GLN C 291 -23.23 -10.54 14.05
N ARG C 292 -23.19 -9.21 13.94
CA ARG C 292 -22.19 -8.42 14.68
C ARG C 292 -22.64 -8.08 16.09
N PHE C 293 -23.93 -8.03 16.33
CA PHE C 293 -24.41 -7.53 17.60
C PHE C 293 -24.33 -8.60 18.68
N ASP C 294 -24.11 -8.15 19.92
CA ASP C 294 -24.13 -9.04 21.07
C ASP C 294 -25.50 -9.73 21.18
N VAL C 295 -25.50 -10.89 21.86
CA VAL C 295 -26.77 -11.58 22.07
C VAL C 295 -27.75 -10.67 22.81
N SER C 296 -27.22 -9.76 23.63
CA SER C 296 -28.06 -8.84 24.41
C SER C 296 -28.92 -7.95 23.54
N ALA C 297 -28.53 -7.75 22.26
CA ALA C 297 -29.37 -7.00 21.33
C ALA C 297 -30.66 -7.74 20.99
N TYR C 298 -30.66 -9.07 21.11
CA TYR C 298 -31.80 -9.90 20.77
C TYR C 298 -32.44 -10.57 21.97
N ALA C 299 -31.92 -10.34 23.18
CA ALA C 299 -32.30 -11.13 24.34
C ALA C 299 -33.76 -10.85 24.77
N ASN C 300 -34.29 -11.74 25.56
CA ASN C 300 -35.62 -11.56 26.11
C ASN C 300 -36.75 -11.40 25.15
N ASN C 301 -36.71 -12.17 24.08
CA ASN C 301 -37.82 -12.20 23.18
C ASN C 301 -38.61 -13.50 23.38
N LYS C 302 -39.56 -13.77 22.54
CA LYS C 302 -40.32 -14.97 22.70
C LYS C 302 -39.73 -16.29 22.20
N CYS C 303 -39.35 -16.37 20.94
CA CYS C 303 -38.84 -17.62 20.31
C CYS C 303 -37.76 -17.35 19.25
N LEU C 304 -36.93 -16.36 19.49
CA LEU C 304 -35.85 -16.06 18.56
C LEU C 304 -34.74 -17.09 18.60
N CYS C 305 -34.17 -17.34 17.45
CA CYS C 305 -33.07 -18.25 17.36
C CYS C 305 -32.16 -17.88 16.17
N GLY C 306 -30.98 -18.47 16.10
CA GLY C 306 -30.04 -18.23 15.02
C GLY C 306 -28.92 -17.29 15.44
N SER C 307 -27.74 -17.48 14.83
CA SER C 307 -26.55 -16.73 15.23
C SER C 307 -26.87 -15.23 15.30
N PRO C 308 -26.43 -14.51 16.37
CA PRO C 308 -25.55 -14.97 17.46
C PRO C 308 -26.24 -15.75 18.57
N LEU C 309 -27.55 -15.99 18.50
CA LEU C 309 -28.22 -16.87 19.46
C LEU C 309 -27.94 -18.32 19.05
N PRO C 310 -28.24 -19.29 19.93
CA PRO C 310 -28.08 -20.70 19.53
C PRO C 310 -28.88 -21.02 18.28
N ALA C 311 -28.40 -22.00 17.52
CA ALA C 311 -29.00 -22.31 16.23
C ALA C 311 -30.43 -22.81 16.39
N CYS C 312 -31.24 -22.56 15.36
CA CYS C 312 -32.63 -23.03 15.41
C CYS C 312 -32.67 -24.55 15.28
N THR C 313 -33.74 -25.14 15.84
CA THR C 313 -33.99 -26.58 15.71
C THR C 313 -34.97 -26.87 14.58
N GLU D 1 34.61 14.47 2.64
CA GLU D 1 34.05 13.50 1.68
C GLU D 1 34.36 12.09 2.10
N LEU D 2 33.47 11.14 1.75
CA LEU D 2 33.78 9.74 1.98
C LEU D 2 34.96 9.31 1.12
N CYS D 3 35.05 9.88 -0.08
CA CYS D 3 36.08 9.51 -1.05
C CYS D 3 37.47 9.74 -0.46
N ASN D 4 38.35 8.74 -0.62
CA ASN D 4 39.74 8.87 -0.24
C ASN D 4 40.48 9.78 -1.21
N PRO D 5 41.29 10.71 -0.70
CA PRO D 5 41.96 11.65 -1.61
C PRO D 5 42.86 10.97 -2.64
N GLN D 6 43.58 9.90 -2.28
CA GLN D 6 44.44 9.21 -3.25
C GLN D 6 43.59 8.45 -4.27
N ASP D 7 42.52 7.81 -3.83
CA ASP D 7 41.59 7.20 -4.78
C ASP D 7 41.06 8.23 -5.78
N LYS D 8 40.71 9.42 -5.30
CA LYS D 8 40.16 10.43 -6.19
C LYS D 8 41.19 10.91 -7.21
N GLN D 9 42.41 11.22 -6.74
CA GLN D 9 43.49 11.55 -7.67
C GLN D 9 43.67 10.45 -8.70
N ALA D 10 43.66 9.19 -8.24
CA ALA D 10 43.91 8.07 -9.12
C ALA D 10 42.83 7.95 -10.20
N LEU D 11 41.56 8.08 -9.80
CA LEU D 11 40.46 7.99 -10.78
C LEU D 11 40.56 9.10 -11.81
N LEU D 12 40.83 10.33 -11.36
CA LEU D 12 40.93 11.44 -12.29
C LEU D 12 42.12 11.26 -13.23
N GLN D 13 43.21 10.67 -12.76
CA GLN D 13 44.36 10.40 -13.61
C GLN D 13 44.07 9.27 -14.58
N ILE D 14 43.34 8.24 -14.15
CA ILE D 14 42.91 7.22 -15.10
C ILE D 14 42.08 7.85 -16.21
N LYS D 15 41.15 8.72 -15.83
CA LYS D 15 40.31 9.42 -16.81
C LYS D 15 41.16 10.26 -17.74
N LYS D 16 42.13 10.99 -17.19
CA LYS D 16 43.04 11.80 -18.00
C LYS D 16 43.82 10.92 -18.96
N ASP D 17 44.33 9.79 -18.49
CA ASP D 17 45.11 8.85 -19.31
C ASP D 17 44.26 8.14 -20.36
N LEU D 18 42.94 8.21 -20.28
CA LEU D 18 42.05 7.71 -21.32
C LEU D 18 41.51 8.83 -22.22
N GLY D 19 42.11 10.01 -22.16
CA GLY D 19 41.69 11.11 -22.99
C GLY D 19 40.51 11.89 -22.50
N ASN D 20 40.19 11.79 -21.21
CA ASN D 20 39.04 12.50 -20.63
C ASN D 20 37.79 12.26 -21.47
N PRO D 21 37.37 11.01 -21.64
CA PRO D 21 36.20 10.74 -22.48
C PRO D 21 34.94 11.33 -21.88
N THR D 22 34.06 11.83 -22.74
CA THR D 22 32.78 12.39 -22.31
C THR D 22 31.92 11.37 -21.57
N THR D 23 32.13 10.08 -21.81
CA THR D 23 31.37 9.09 -21.07
C THR D 23 31.66 9.10 -19.59
N LEU D 24 32.81 9.66 -19.18
CA LEU D 24 33.13 9.84 -17.76
C LEU D 24 32.98 11.31 -17.34
N SER D 25 32.10 12.07 -18.01
CA SER D 25 31.82 13.44 -17.56
C SER D 25 31.39 13.47 -16.09
N SER D 26 30.73 12.41 -15.60
CA SER D 26 30.28 12.40 -14.21
C SER D 26 31.43 12.38 -13.21
N TRP D 27 32.67 12.17 -13.64
CA TRP D 27 33.79 12.13 -12.69
C TRP D 27 34.27 13.55 -12.43
N LEU D 28 33.47 14.31 -11.62
CA LEU D 28 33.75 15.74 -11.42
C LEU D 28 34.63 15.95 -10.18
N PRO D 29 35.75 16.66 -10.29
CA PRO D 29 36.63 16.82 -9.13
C PRO D 29 35.94 17.52 -7.96
N THR D 30 34.79 18.13 -8.18
CA THR D 30 34.05 18.87 -7.16
C THR D 30 33.00 18.01 -6.45
N THR D 31 32.95 16.71 -6.74
CA THR D 31 32.06 15.73 -6.16
C THR D 31 32.77 14.59 -5.47
N ASP D 32 31.99 13.99 -4.57
CA ASP D 32 32.39 12.86 -3.76
C ASP D 32 32.29 11.62 -4.62
N CYS D 33 33.42 11.04 -4.95
CA CYS D 33 33.43 9.86 -5.81
C CYS D 33 32.72 8.65 -5.19
N CYS D 34 32.38 8.68 -3.90
CA CYS D 34 31.70 7.57 -3.23
C CYS D 34 30.20 7.77 -3.09
N ASN D 35 29.61 8.70 -3.84
CA ASN D 35 28.19 9.02 -3.71
C ASN D 35 27.34 8.44 -4.86
N ARG D 36 27.84 7.40 -5.54
CA ARG D 36 27.10 6.72 -6.61
C ARG D 36 26.80 7.63 -7.79
N THR D 37 27.39 8.82 -7.82
CA THR D 37 27.23 9.72 -8.95
C THR D 37 28.33 9.52 -9.99
N TRP D 38 29.53 9.06 -9.59
CA TRP D 38 30.58 8.78 -10.56
C TRP D 38 30.28 7.46 -11.25
N LEU D 39 30.02 7.50 -12.55
CA LEU D 39 29.60 6.29 -13.25
C LEU D 39 30.67 5.21 -13.13
N GLY D 40 30.25 4.02 -12.70
CA GLY D 40 31.13 2.85 -12.63
C GLY D 40 31.96 2.73 -11.37
N VAL D 41 31.79 3.61 -10.39
CA VAL D 41 32.66 3.64 -9.22
C VAL D 41 31.86 3.22 -8.02
N LEU D 42 32.38 2.24 -7.27
CA LEU D 42 31.80 1.89 -5.98
C LEU D 42 32.88 1.77 -4.90
N CYS D 43 32.51 2.20 -3.68
CA CYS D 43 33.39 2.22 -2.52
C CYS D 43 33.02 1.12 -1.52
N ASP D 44 33.97 0.80 -0.63
CA ASP D 44 33.83 -0.31 0.32
C ASP D 44 32.91 0.05 1.49
N THR D 45 31.66 -0.41 1.40
CA THR D 45 30.69 -0.28 2.49
C THR D 45 30.63 -1.50 3.41
N ASP D 46 31.35 -2.58 3.10
CA ASP D 46 31.40 -3.74 3.98
C ASP D 46 32.35 -3.50 5.15
N THR D 47 33.61 -3.19 4.85
CA THR D 47 34.59 -2.80 5.85
C THR D 47 34.45 -1.36 6.27
N GLN D 48 33.72 -0.57 5.48
CA GLN D 48 33.57 0.89 5.64
C GLN D 48 34.83 1.67 5.80
N THR D 49 35.83 1.25 5.07
CA THR D 49 36.89 2.16 4.71
C THR D 49 36.42 3.16 3.65
N TYR D 50 35.40 2.82 2.87
CA TYR D 50 34.98 3.60 1.70
C TYR D 50 36.09 3.78 0.67
N ARG D 51 37.10 2.90 0.65
CA ARG D 51 38.04 2.93 -0.46
C ARG D 51 37.36 2.40 -1.72
N VAL D 52 37.80 2.91 -2.88
CA VAL D 52 37.25 2.46 -4.15
C VAL D 52 37.64 1.00 -4.32
N ASN D 53 36.65 0.12 -4.37
CA ASN D 53 36.99 -1.31 -4.49
C ASN D 53 36.33 -1.99 -5.68
N ASN D 54 35.52 -1.27 -6.42
CA ASN D 54 34.74 -1.85 -7.50
C ASN D 54 34.70 -0.81 -8.60
N LEU D 55 35.32 -1.10 -9.76
CA LEU D 55 35.38 -0.15 -10.86
C LEU D 55 34.95 -0.82 -12.16
N ASP D 56 34.02 -0.20 -12.87
CA ASP D 56 33.45 -0.77 -14.07
C ASP D 56 33.56 0.28 -15.16
N LEU D 57 34.44 0.03 -16.14
CA LEU D 57 34.69 0.91 -17.27
C LEU D 57 34.19 0.19 -18.52
N SER D 58 33.06 0.63 -19.05
CA SER D 58 32.45 -0.11 -20.16
C SER D 58 31.93 0.85 -21.23
N GLY D 59 32.15 0.50 -22.49
CA GLY D 59 31.64 1.33 -23.59
C GLY D 59 32.08 2.77 -23.55
N LEU D 60 33.36 3.01 -23.30
CA LEU D 60 33.81 4.39 -23.05
C LEU D 60 33.91 5.24 -24.31
N ASN D 61 33.91 4.64 -25.50
CA ASN D 61 33.96 5.39 -26.76
C ASN D 61 35.11 6.41 -26.76
N LEU D 62 36.31 5.89 -26.63
CA LEU D 62 37.48 6.75 -26.56
C LEU D 62 37.74 7.42 -27.91
N PRO D 63 38.16 8.68 -27.93
CA PRO D 63 38.34 9.36 -29.21
C PRO D 63 39.61 8.92 -29.95
N LYS D 64 40.63 8.46 -29.25
CA LYS D 64 41.82 7.89 -29.84
C LYS D 64 42.14 6.59 -29.11
N PRO D 65 43.04 5.77 -29.66
CA PRO D 65 43.49 4.58 -28.92
C PRO D 65 44.37 4.89 -27.72
N TYR D 66 44.12 4.16 -26.64
CA TYR D 66 44.82 4.30 -25.38
C TYR D 66 45.12 2.93 -24.80
N PRO D 67 46.26 2.77 -24.12
CA PRO D 67 46.51 1.54 -23.36
C PRO D 67 45.80 1.56 -22.02
N ILE D 68 45.77 0.39 -21.38
CA ILE D 68 45.28 0.32 -20.01
C ILE D 68 46.17 1.19 -19.13
N PRO D 69 45.61 2.18 -18.42
CA PRO D 69 46.44 3.13 -17.65
C PRO D 69 47.13 2.49 -16.46
N SER D 70 48.44 2.74 -16.36
CA SER D 70 49.19 2.27 -15.20
C SER D 70 48.70 2.88 -13.90
N SER D 71 48.02 4.02 -13.96
CA SER D 71 47.42 4.63 -12.76
C SER D 71 46.39 3.73 -12.08
N LEU D 72 45.91 2.68 -12.74
CA LEU D 72 45.07 1.71 -12.04
C LEU D 72 45.75 1.18 -10.78
N ALA D 73 47.08 1.09 -10.77
CA ALA D 73 47.78 0.58 -9.62
C ALA D 73 47.61 1.47 -8.39
N ASN D 74 47.24 2.74 -8.57
CA ASN D 74 47.02 3.65 -7.46
C ASN D 74 45.64 3.53 -6.86
N LEU D 75 44.89 2.50 -7.24
CA LEU D 75 43.69 2.11 -6.50
C LEU D 75 43.93 0.76 -5.83
N PRO D 76 44.70 0.72 -4.74
CA PRO D 76 45.14 -0.57 -4.18
C PRO D 76 44.03 -1.42 -3.57
N TYR D 77 42.83 -0.88 -3.36
CA TYR D 77 41.79 -1.70 -2.75
C TYR D 77 40.83 -2.28 -3.77
N LEU D 78 41.14 -2.20 -5.08
CA LEU D 78 40.23 -2.80 -6.05
C LEU D 78 40.06 -4.28 -5.75
N ASN D 79 38.80 -4.69 -5.53
CA ASN D 79 38.35 -6.08 -5.46
C ASN D 79 37.78 -6.55 -6.79
N PHE D 80 37.17 -5.65 -7.55
CA PHE D 80 36.47 -5.95 -8.80
C PHE D 80 36.85 -4.91 -9.83
N LEU D 81 37.34 -5.35 -10.99
CA LEU D 81 37.72 -4.45 -12.08
C LEU D 81 37.13 -5.03 -13.36
N TYR D 82 36.20 -4.31 -13.96
CA TYR D 82 35.63 -4.71 -15.25
C TYR D 82 36.00 -3.66 -16.28
N ILE D 83 36.65 -4.08 -17.35
CA ILE D 83 36.96 -3.19 -18.46
C ILE D 83 36.45 -3.89 -19.69
N GLY D 84 35.42 -3.35 -20.31
CA GLY D 84 34.76 -4.07 -21.39
C GLY D 84 34.18 -3.18 -22.45
N GLY D 85 34.17 -3.69 -23.68
CA GLY D 85 33.42 -3.05 -24.75
C GLY D 85 34.00 -1.72 -25.15
N ILE D 86 35.33 -1.69 -25.36
CA ILE D 86 36.06 -0.47 -25.67
C ILE D 86 36.97 -0.78 -26.86
N ASN D 87 36.51 -0.43 -28.06
CA ASN D 87 37.27 -0.74 -29.28
C ASN D 87 38.62 -0.06 -29.30
N ASN D 88 38.73 1.12 -28.70
CA ASN D 88 39.97 1.88 -28.75
C ASN D 88 40.88 1.64 -27.55
N LEU D 89 40.62 0.64 -26.73
CA LEU D 89 41.59 0.21 -25.73
C LEU D 89 42.48 -0.86 -26.35
N VAL D 90 43.80 -0.62 -26.33
CA VAL D 90 44.77 -1.39 -27.11
C VAL D 90 45.95 -1.71 -26.21
N GLY D 91 46.93 -2.43 -26.74
CA GLY D 91 48.12 -2.67 -25.97
C GLY D 91 47.98 -3.85 -25.02
N PRO D 92 49.06 -4.22 -24.38
CA PRO D 92 49.06 -5.44 -23.56
C PRO D 92 48.47 -5.23 -22.16
N ILE D 93 48.26 -6.33 -21.45
CA ILE D 93 47.82 -6.28 -20.04
C ILE D 93 49.04 -5.83 -19.23
N PRO D 94 49.01 -4.65 -18.60
CA PRO D 94 50.25 -4.07 -18.03
C PRO D 94 50.59 -4.63 -16.66
N PRO D 95 51.88 -4.67 -16.33
CA PRO D 95 52.30 -5.21 -15.02
C PRO D 95 51.78 -4.43 -13.83
N ALA D 96 51.29 -3.20 -14.03
CA ALA D 96 50.66 -2.46 -12.94
C ALA D 96 49.51 -3.27 -12.32
N ILE D 97 48.86 -4.11 -13.11
CA ILE D 97 47.76 -4.92 -12.60
C ILE D 97 48.24 -5.79 -11.44
N ALA D 98 49.52 -6.18 -11.46
CA ALA D 98 50.12 -7.01 -10.42
C ALA D 98 50.20 -6.28 -9.10
N LYS D 99 50.06 -4.97 -9.10
CA LYS D 99 50.04 -4.20 -7.86
C LYS D 99 48.68 -4.23 -7.18
N LEU D 100 47.65 -4.76 -7.84
CA LEU D 100 46.32 -4.80 -7.24
C LEU D 100 46.22 -6.08 -6.38
N THR D 101 46.82 -6.01 -5.20
CA THR D 101 46.98 -7.22 -4.41
C THR D 101 45.69 -7.67 -3.71
N GLN D 102 44.58 -6.96 -3.88
CA GLN D 102 43.31 -7.45 -3.36
C GLN D 102 42.32 -7.79 -4.46
N LEU D 103 42.75 -7.88 -5.71
CA LEU D 103 41.83 -8.14 -6.81
C LEU D 103 41.26 -9.54 -6.70
N HIS D 104 39.93 -9.65 -6.70
CA HIS D 104 39.27 -10.95 -6.79
C HIS D 104 38.68 -11.23 -8.18
N TYR D 105 38.05 -10.25 -8.81
CA TYR D 105 37.36 -10.46 -10.08
C TYR D 105 37.93 -9.51 -11.12
N LEU D 106 38.49 -10.09 -12.17
CA LEU D 106 39.13 -9.25 -13.17
C LEU D 106 38.53 -9.62 -14.51
N TYR D 107 38.02 -8.61 -15.22
CA TYR D 107 37.51 -8.76 -16.58
C TYR D 107 38.14 -7.69 -17.49
N ILE D 108 38.74 -8.12 -18.61
CA ILE D 108 39.16 -7.23 -19.68
C ILE D 108 38.68 -7.93 -20.94
N THR D 109 37.57 -7.44 -21.50
CA THR D 109 36.80 -8.21 -22.47
C THR D 109 36.20 -7.32 -23.56
N HIS D 110 36.09 -7.85 -24.77
CA HIS D 110 35.59 -7.09 -25.91
C HIS D 110 36.35 -5.77 -26.07
N THR D 111 37.68 -5.88 -26.07
CA THR D 111 38.55 -4.74 -26.37
C THR D 111 39.54 -5.12 -27.46
N ASN D 112 40.49 -4.24 -27.75
CA ASN D 112 41.57 -4.58 -28.66
C ASN D 112 42.86 -4.82 -27.90
N VAL D 113 42.77 -5.21 -26.62
CA VAL D 113 43.98 -5.56 -25.90
C VAL D 113 44.67 -6.76 -26.58
N SER D 114 45.99 -6.72 -26.60
CA SER D 114 46.76 -7.66 -27.41
C SER D 114 47.93 -8.21 -26.60
N GLY D 115 48.76 -9.04 -27.24
CA GLY D 115 49.89 -9.68 -26.56
C GLY D 115 49.51 -10.95 -25.83
N ALA D 116 50.45 -11.47 -25.05
CA ALA D 116 50.22 -12.74 -24.35
C ALA D 116 49.46 -12.51 -23.05
N ILE D 117 48.77 -13.55 -22.58
CA ILE D 117 48.20 -13.47 -21.23
C ILE D 117 49.36 -13.59 -20.26
N PRO D 118 49.59 -12.60 -19.40
CA PRO D 118 50.89 -12.51 -18.71
C PRO D 118 51.00 -13.45 -17.52
N ASP D 119 52.21 -13.97 -17.33
CA ASP D 119 52.49 -14.92 -16.25
C ASP D 119 52.36 -14.28 -14.87
N PHE D 120 52.51 -12.95 -14.79
CA PHE D 120 52.51 -12.29 -13.48
C PHE D 120 51.17 -12.40 -12.76
N LEU D 121 50.10 -12.75 -13.47
CA LEU D 121 48.84 -12.98 -12.79
C LEU D 121 48.95 -14.10 -11.75
N SER D 122 49.90 -15.03 -11.89
CA SER D 122 50.08 -16.05 -10.87
C SER D 122 50.45 -15.45 -9.52
N GLN D 123 50.93 -14.21 -9.49
CA GLN D 123 51.30 -13.56 -8.24
C GLN D 123 50.12 -12.97 -7.49
N ILE D 124 48.96 -12.81 -8.14
CA ILE D 124 47.79 -12.17 -7.48
C ILE D 124 46.98 -13.28 -6.83
N LYS D 125 47.40 -13.67 -5.62
CA LYS D 125 46.86 -14.87 -5.01
C LYS D 125 45.38 -14.76 -4.67
N THR D 126 44.81 -13.55 -4.66
CA THR D 126 43.41 -13.40 -4.31
C THR D 126 42.45 -13.64 -5.47
N LEU D 127 42.95 -13.83 -6.70
CA LEU D 127 42.07 -13.94 -7.86
C LEU D 127 41.08 -15.08 -7.73
N VAL D 128 39.81 -14.76 -7.97
CA VAL D 128 38.74 -15.75 -8.04
C VAL D 128 38.35 -16.06 -9.49
N THR D 129 38.22 -15.03 -10.33
CA THR D 129 37.94 -15.31 -11.75
C THR D 129 38.73 -14.39 -12.63
N LEU D 130 39.07 -14.94 -13.80
CA LEU D 130 39.71 -14.17 -14.85
C LEU D 130 38.86 -14.27 -16.12
N ASP D 131 38.52 -13.12 -16.71
CA ASP D 131 37.77 -13.10 -17.98
C ASP D 131 38.50 -12.17 -18.93
N PHE D 132 39.13 -12.77 -19.94
CA PHE D 132 39.85 -12.06 -20.99
C PHE D 132 39.33 -12.42 -22.37
N SER D 133 38.01 -12.59 -22.50
CA SER D 133 37.40 -13.08 -23.70
C SER D 133 37.21 -11.97 -24.73
N TYR D 134 37.29 -12.36 -26.00
CA TYR D 134 36.99 -11.48 -27.15
C TYR D 134 37.86 -10.24 -27.16
N ASN D 135 39.17 -10.47 -27.03
CA ASN D 135 40.10 -9.39 -27.31
C ASN D 135 40.94 -9.74 -28.53
N ALA D 136 42.22 -9.42 -28.52
CA ALA D 136 43.11 -9.83 -29.57
C ALA D 136 44.36 -10.44 -28.96
N LEU D 137 44.20 -11.17 -27.85
CA LEU D 137 45.31 -11.80 -27.17
C LEU D 137 45.89 -12.96 -28.01
N SER D 138 47.19 -13.15 -27.90
CA SER D 138 47.88 -14.18 -28.69
C SER D 138 48.83 -14.90 -27.74
N GLY D 139 49.83 -15.60 -28.31
CA GLY D 139 50.72 -16.42 -27.50
C GLY D 139 50.07 -17.71 -27.00
N THR D 140 50.74 -18.35 -26.05
CA THR D 140 50.22 -19.58 -25.49
C THR D 140 49.64 -19.33 -24.10
N LEU D 141 48.95 -20.31 -23.59
CA LEU D 141 48.33 -20.19 -22.26
C LEU D 141 49.41 -20.14 -21.19
N PRO D 142 49.34 -19.20 -20.25
CA PRO D 142 50.35 -19.12 -19.17
C PRO D 142 50.20 -20.29 -18.20
N PRO D 143 51.21 -21.14 -18.05
CA PRO D 143 51.04 -22.33 -17.20
C PRO D 143 50.97 -21.99 -15.72
N SER D 144 51.60 -20.88 -15.32
CA SER D 144 51.72 -20.54 -13.90
C SER D 144 50.38 -20.31 -13.23
N ILE D 145 49.34 -19.91 -13.98
CA ILE D 145 48.09 -19.58 -13.29
C ILE D 145 47.42 -20.80 -12.68
N SER D 146 47.88 -22.01 -13.00
CA SER D 146 47.30 -23.18 -12.33
C SER D 146 47.57 -23.16 -10.84
N SER D 147 48.52 -22.35 -10.37
CA SER D 147 48.84 -22.35 -8.95
C SER D 147 47.93 -21.45 -8.11
N LEU D 148 47.09 -20.64 -8.74
CA LEU D 148 46.24 -19.69 -8.03
C LEU D 148 45.25 -20.42 -7.12
N PRO D 149 45.32 -20.23 -5.79
CA PRO D 149 44.55 -21.10 -4.88
C PRO D 149 43.07 -20.75 -4.75
N ASN D 150 42.63 -19.54 -5.14
CA ASN D 150 41.24 -19.17 -5.02
C ASN D 150 40.50 -19.21 -6.36
N LEU D 151 41.19 -19.54 -7.43
CA LEU D 151 40.66 -19.32 -8.77
C LEU D 151 39.56 -20.33 -9.06
N VAL D 152 38.35 -19.85 -9.38
CA VAL D 152 37.28 -20.76 -9.72
C VAL D 152 37.09 -20.91 -11.24
N GLY D 153 37.53 -19.94 -12.03
CA GLY D 153 37.28 -20.04 -13.45
C GLY D 153 38.14 -19.11 -14.28
N ILE D 154 38.36 -19.54 -15.52
CA ILE D 154 38.98 -18.71 -16.55
C ILE D 154 38.07 -18.68 -17.77
N THR D 155 37.99 -17.49 -18.40
CA THR D 155 37.14 -17.24 -19.58
C THR D 155 38.07 -16.54 -20.58
N PHE D 156 38.68 -17.32 -21.49
CA PHE D 156 39.64 -16.79 -22.46
C PHE D 156 39.14 -16.94 -23.90
N ASP D 157 37.82 -17.06 -24.12
CA ASP D 157 37.30 -17.35 -25.46
C ASP D 157 37.53 -16.19 -26.42
N GLY D 158 37.65 -16.52 -27.69
CA GLY D 158 37.57 -15.50 -28.71
C GLY D 158 38.83 -14.69 -28.87
N ASN D 159 40.00 -15.33 -28.73
CA ASN D 159 41.27 -14.64 -28.96
C ASN D 159 42.05 -15.38 -30.04
N ARG D 160 43.36 -15.31 -30.04
CA ARG D 160 44.22 -15.98 -31.01
C ARG D 160 45.27 -16.80 -30.30
N ILE D 161 44.90 -17.37 -29.15
CA ILE D 161 45.83 -18.14 -28.34
C ILE D 161 46.13 -19.47 -29.02
N SER D 162 47.41 -19.85 -29.03
CA SER D 162 47.90 -20.99 -29.79
C SER D 162 48.56 -22.00 -28.86
N GLY D 163 49.18 -23.02 -29.45
CA GLY D 163 49.90 -23.99 -28.65
C GLY D 163 48.98 -24.96 -27.98
N ALA D 164 49.58 -25.82 -27.17
CA ALA D 164 48.86 -26.87 -26.47
C ALA D 164 48.38 -26.36 -25.12
N ILE D 165 47.34 -26.99 -24.63
CA ILE D 165 46.93 -26.73 -23.25
C ILE D 165 48.01 -27.25 -22.31
N PRO D 166 48.51 -26.44 -21.38
CA PRO D 166 49.56 -26.91 -20.46
C PRO D 166 49.10 -28.10 -19.61
N ASP D 167 50.01 -29.06 -19.40
CA ASP D 167 49.72 -30.13 -18.44
C ASP D 167 49.43 -29.59 -17.05
N SER D 168 50.07 -28.47 -16.69
CA SER D 168 49.82 -27.86 -15.40
C SER D 168 48.35 -27.46 -15.24
N TYR D 169 47.57 -27.40 -16.31
CA TYR D 169 46.18 -26.99 -16.12
C TYR D 169 45.31 -28.10 -15.53
N GLY D 170 45.89 -29.29 -15.31
CA GLY D 170 45.18 -30.22 -14.46
C GLY D 170 45.33 -29.99 -12.97
N SER D 171 46.12 -28.99 -12.54
CA SER D 171 46.49 -28.78 -11.13
C SER D 171 45.70 -27.67 -10.44
N PHE D 172 44.69 -27.12 -11.08
CA PHE D 172 43.87 -26.11 -10.41
C PHE D 172 43.24 -26.69 -9.14
N SER D 173 42.84 -25.79 -8.25
CA SER D 173 42.30 -26.20 -6.97
C SER D 173 40.95 -26.86 -7.15
N LYS D 174 40.47 -27.46 -6.06
CA LYS D 174 39.12 -28.01 -6.01
C LYS D 174 38.06 -26.93 -6.11
N LEU D 175 38.41 -25.67 -5.91
CA LEU D 175 37.43 -24.59 -6.14
C LEU D 175 37.23 -24.28 -7.63
N PHE D 176 38.15 -24.75 -8.48
CA PHE D 176 38.13 -24.44 -9.90
C PHE D 176 37.05 -25.25 -10.58
N THR D 177 36.01 -24.57 -11.09
CA THR D 177 34.89 -25.26 -11.70
C THR D 177 34.56 -24.86 -13.15
N SER D 178 35.23 -23.87 -13.74
CA SER D 178 34.77 -23.41 -15.06
C SER D 178 35.96 -23.02 -15.93
N MET D 179 36.08 -23.64 -17.10
CA MET D 179 37.18 -23.29 -18.00
C MET D 179 36.61 -23.15 -19.41
N THR D 180 36.65 -21.94 -19.96
CA THR D 180 36.23 -21.77 -21.34
C THR D 180 37.34 -21.09 -22.10
N ILE D 181 37.78 -21.72 -23.19
CA ILE D 181 38.84 -21.21 -24.06
C ILE D 181 38.46 -21.47 -25.51
N SER D 182 37.18 -21.37 -25.82
CA SER D 182 36.69 -21.64 -27.15
C SER D 182 37.17 -20.55 -28.12
N ARG D 183 37.13 -20.89 -29.40
CA ARG D 183 37.34 -19.93 -30.48
C ARG D 183 38.73 -19.30 -30.38
N ASN D 184 39.72 -20.15 -30.28
CA ASN D 184 41.10 -19.74 -30.27
C ASN D 184 41.77 -20.67 -31.30
N ARG D 185 43.05 -20.93 -31.18
CA ARG D 185 43.77 -21.82 -32.08
C ARG D 185 44.53 -22.95 -31.32
N LEU D 186 43.94 -23.42 -30.24
CA LEU D 186 44.56 -24.46 -29.49
C LEU D 186 44.74 -25.75 -30.28
N THR D 187 45.90 -26.34 -30.16
CA THR D 187 46.23 -27.54 -30.85
C THR D 187 46.55 -28.64 -29.86
N GLY D 188 46.81 -29.84 -30.35
CA GLY D 188 47.16 -30.93 -29.49
C GLY D 188 46.04 -31.57 -28.75
N LYS D 189 46.36 -32.14 -27.63
CA LYS D 189 45.37 -32.87 -26.91
C LYS D 189 45.06 -32.44 -25.51
N ILE D 190 43.88 -32.80 -25.05
CA ILE D 190 43.44 -32.50 -23.73
C ILE D 190 44.37 -33.29 -22.75
N PRO D 191 45.12 -32.59 -21.86
CA PRO D 191 46.08 -33.31 -21.01
C PRO D 191 45.38 -34.35 -20.16
N PRO D 192 45.99 -35.53 -19.98
CA PRO D 192 45.42 -36.53 -19.07
C PRO D 192 45.35 -36.03 -17.64
N THR D 193 46.20 -35.06 -17.27
CA THR D 193 46.09 -34.50 -15.93
C THR D 193 44.73 -33.86 -15.66
N PHE D 194 43.93 -33.62 -16.69
CA PHE D 194 42.59 -33.09 -16.45
C PHE D 194 41.72 -34.05 -15.66
N ALA D 195 42.20 -35.28 -15.48
CA ALA D 195 41.49 -36.23 -14.61
C ALA D 195 41.37 -35.67 -13.21
N ASN D 196 42.27 -34.78 -12.82
CA ASN D 196 42.21 -34.22 -11.48
C ASN D 196 41.27 -33.04 -11.34
N LEU D 197 40.60 -32.61 -12.42
CA LEU D 197 39.65 -31.52 -12.35
C LEU D 197 38.25 -32.05 -12.22
N ASN D 198 37.36 -31.19 -11.73
CA ASN D 198 35.94 -31.52 -11.59
C ASN D 198 35.16 -30.30 -12.06
N LEU D 199 35.08 -30.13 -13.39
CA LEU D 199 34.55 -28.90 -13.97
C LEU D 199 33.04 -28.95 -14.04
N ALA D 200 32.38 -27.89 -13.54
CA ALA D 200 30.96 -27.69 -13.82
C ALA D 200 30.72 -27.34 -15.29
N PHE D 201 31.59 -26.52 -15.89
CA PHE D 201 31.43 -26.05 -17.26
C PHE D 201 32.77 -26.16 -17.97
N VAL D 202 32.74 -26.75 -19.16
CA VAL D 202 33.94 -26.78 -19.98
C VAL D 202 33.54 -26.43 -21.40
N ASP D 203 34.28 -25.49 -21.99
CA ASP D 203 34.04 -25.09 -23.38
C ASP D 203 35.39 -24.92 -24.06
N LEU D 204 35.76 -25.90 -24.89
CA LEU D 204 36.97 -25.83 -25.69
C LEU D 204 36.65 -25.90 -27.18
N SER D 205 35.41 -25.58 -27.54
CA SER D 205 34.90 -25.66 -28.88
C SER D 205 35.67 -24.72 -29.80
N ARG D 206 35.66 -25.04 -31.10
CA ARG D 206 36.20 -24.17 -32.15
C ARG D 206 37.70 -23.93 -31.97
N ASN D 207 38.44 -25.01 -31.75
CA ASN D 207 39.90 -24.96 -31.68
C ASN D 207 40.37 -26.01 -32.70
N MET D 208 41.59 -26.45 -32.55
CA MET D 208 42.08 -27.57 -33.35
C MET D 208 42.54 -28.74 -32.48
N LEU D 209 41.79 -29.04 -31.43
CA LEU D 209 42.20 -30.10 -30.55
C LEU D 209 41.96 -31.45 -31.21
N GLU D 210 42.83 -32.43 -30.90
CA GLU D 210 42.74 -33.76 -31.48
C GLU D 210 42.62 -34.81 -30.37
N GLY D 211 42.27 -36.02 -30.75
CA GLY D 211 42.41 -37.14 -29.85
C GLY D 211 41.26 -37.25 -28.87
N ASP D 212 41.57 -37.89 -27.74
CA ASP D 212 40.57 -38.30 -26.74
C ASP D 212 40.14 -37.14 -25.85
N ALA D 213 38.84 -37.09 -25.52
CA ALA D 213 38.33 -36.13 -24.56
C ALA D 213 37.66 -36.81 -23.37
N SER D 214 37.80 -38.14 -23.22
CA SER D 214 37.14 -38.89 -22.15
C SER D 214 37.50 -38.36 -20.76
N VAL D 215 38.70 -37.78 -20.62
CA VAL D 215 39.11 -37.27 -19.32
C VAL D 215 38.18 -36.19 -18.76
N LEU D 216 37.39 -35.53 -19.61
CA LEU D 216 36.42 -34.55 -19.21
C LEU D 216 35.09 -35.15 -18.78
N PHE D 217 34.91 -36.45 -18.97
CA PHE D 217 33.66 -37.10 -18.62
C PHE D 217 33.90 -37.94 -17.35
N GLY D 218 32.80 -38.29 -16.71
CA GLY D 218 32.88 -39.18 -15.57
C GLY D 218 31.61 -39.16 -14.76
N SER D 219 31.06 -40.34 -14.40
CA SER D 219 29.84 -40.32 -13.58
C SER D 219 30.09 -39.78 -12.17
N ASP D 220 31.33 -39.72 -11.73
CA ASP D 220 31.66 -39.16 -10.43
C ASP D 220 31.83 -37.64 -10.45
N LYS D 221 31.86 -37.03 -11.62
CA LYS D 221 32.05 -35.59 -11.71
C LYS D 221 30.75 -34.85 -11.44
N ASN D 222 30.88 -33.56 -11.10
CA ASN D 222 29.74 -32.66 -10.97
C ASN D 222 29.77 -31.67 -12.13
N THR D 223 29.27 -32.12 -13.29
CA THR D 223 29.40 -31.37 -14.53
C THR D 223 28.03 -31.03 -15.09
N GLN D 224 27.83 -29.77 -15.43
CA GLN D 224 26.59 -29.35 -16.08
C GLN D 224 26.72 -29.25 -17.61
N LYS D 225 27.84 -28.76 -18.14
CA LYS D 225 27.91 -28.57 -19.59
C LYS D 225 29.27 -28.95 -20.13
N ILE D 226 29.27 -29.75 -21.20
CA ILE D 226 30.49 -30.09 -21.92
C ILE D 226 30.31 -29.63 -23.37
N HIS D 227 31.15 -28.69 -23.80
CA HIS D 227 31.08 -28.04 -25.11
C HIS D 227 32.43 -28.23 -25.81
N LEU D 228 32.45 -29.10 -26.82
CA LEU D 228 33.68 -29.43 -27.53
C LEU D 228 33.50 -29.38 -29.04
N ALA D 229 32.44 -28.74 -29.51
CA ALA D 229 32.10 -28.74 -30.93
C ALA D 229 33.24 -28.17 -31.76
N LYS D 230 33.35 -28.65 -33.01
CA LYS D 230 34.25 -28.07 -34.02
C LYS D 230 35.74 -28.16 -33.63
N ASN D 231 36.16 -29.39 -33.35
CA ASN D 231 37.56 -29.72 -33.16
C ASN D 231 37.80 -30.94 -34.07
N SER D 232 38.89 -31.67 -33.83
CA SER D 232 39.03 -32.96 -34.50
C SER D 232 39.22 -34.06 -33.44
N LEU D 233 38.34 -34.07 -32.44
CA LEU D 233 38.44 -35.10 -31.38
C LEU D 233 37.98 -36.47 -31.86
N ALA D 234 38.62 -37.53 -31.38
CA ALA D 234 38.30 -38.89 -31.78
C ALA D 234 38.54 -39.82 -30.60
N PHE D 235 37.47 -40.48 -30.16
CA PHE D 235 37.48 -41.48 -29.10
C PHE D 235 36.14 -42.21 -29.14
N ASP D 236 36.03 -43.28 -28.35
CA ASP D 236 34.82 -44.10 -28.30
C ASP D 236 33.84 -43.48 -27.29
N LEU D 237 32.77 -42.85 -27.80
CA LEU D 237 31.82 -42.16 -26.95
C LEU D 237 31.04 -43.14 -26.06
N GLY D 238 30.89 -44.40 -26.48
CA GLY D 238 30.14 -45.33 -25.68
C GLY D 238 30.79 -45.73 -24.36
N LYS D 239 32.08 -45.43 -24.16
CA LYS D 239 32.78 -45.78 -22.93
C LYS D 239 32.71 -44.71 -21.85
N VAL D 240 32.17 -43.53 -22.13
CA VAL D 240 32.27 -42.47 -21.13
C VAL D 240 31.21 -42.65 -20.04
N GLY D 241 31.57 -42.26 -18.83
CA GLY D 241 30.57 -42.07 -17.80
C GLY D 241 30.03 -40.65 -17.83
N LEU D 242 28.83 -40.46 -17.31
CA LEU D 242 28.17 -39.16 -17.40
C LEU D 242 27.79 -38.63 -16.03
N SER D 243 28.05 -37.35 -15.80
CA SER D 243 27.64 -36.75 -14.54
C SER D 243 26.13 -36.65 -14.49
N LYS D 244 25.56 -36.96 -13.32
CA LYS D 244 24.12 -36.82 -13.10
C LYS D 244 23.62 -35.39 -13.32
N ASN D 245 24.49 -34.38 -13.21
CA ASN D 245 24.09 -32.99 -13.38
C ASN D 245 24.15 -32.48 -14.82
N LEU D 246 24.57 -33.33 -15.76
CA LEU D 246 24.80 -32.87 -17.13
C LEU D 246 23.50 -32.40 -17.75
N ASN D 247 23.46 -31.14 -18.21
CA ASN D 247 22.28 -30.65 -18.89
C ASN D 247 22.54 -30.24 -20.32
N GLY D 248 23.79 -30.19 -20.74
CA GLY D 248 24.12 -29.79 -22.08
C GLY D 248 25.37 -30.46 -22.57
N LEU D 249 25.24 -31.12 -23.72
CA LEU D 249 26.34 -31.83 -24.33
C LEU D 249 26.39 -31.46 -25.80
N ASP D 250 27.50 -30.85 -26.21
CA ASP D 250 27.67 -30.36 -27.58
C ASP D 250 29.00 -30.88 -28.14
N LEU D 251 28.91 -31.89 -29.02
CA LEU D 251 30.09 -32.52 -29.59
C LEU D 251 30.14 -32.39 -31.10
N ARG D 252 29.26 -31.55 -31.67
CA ARG D 252 29.07 -31.42 -33.12
C ARG D 252 30.38 -31.17 -33.85
N ASN D 253 30.53 -31.80 -35.03
CA ASN D 253 31.68 -31.57 -35.92
C ASN D 253 32.99 -31.99 -35.27
N ASN D 254 33.10 -33.26 -34.93
CA ASN D 254 34.35 -33.87 -34.53
C ASN D 254 34.49 -35.17 -35.33
N ARG D 255 35.30 -36.10 -34.82
CA ARG D 255 35.46 -37.44 -35.41
C ARG D 255 35.18 -38.51 -34.36
N ILE D 256 34.22 -38.24 -33.50
CA ILE D 256 33.91 -39.13 -32.39
C ILE D 256 33.17 -40.36 -32.92
N TYR D 257 33.51 -41.54 -32.41
CA TYR D 257 32.98 -42.79 -32.96
C TYR D 257 32.37 -43.65 -31.85
N GLY D 258 31.89 -44.82 -32.24
CA GLY D 258 31.26 -45.73 -31.31
C GLY D 258 29.76 -45.51 -31.19
N THR D 259 29.18 -46.20 -30.22
CA THR D 259 27.76 -46.04 -29.97
C THR D 259 27.56 -45.00 -28.89
N LEU D 260 26.37 -44.39 -28.89
CA LEU D 260 26.05 -43.46 -27.83
C LEU D 260 25.89 -44.25 -26.53
N PRO D 261 26.42 -43.74 -25.41
CA PRO D 261 26.33 -44.50 -24.16
C PRO D 261 24.90 -44.59 -23.63
N GLN D 262 24.58 -45.78 -23.13
CA GLN D 262 23.25 -46.04 -22.61
C GLN D 262 22.92 -45.15 -21.39
N GLY D 263 23.94 -44.80 -20.60
CA GLY D 263 23.79 -43.90 -19.47
C GLY D 263 23.13 -42.56 -19.80
N LEU D 264 23.12 -42.21 -21.09
CA LEU D 264 22.44 -40.99 -21.50
C LEU D 264 20.97 -41.01 -21.11
N THR D 265 20.35 -42.19 -21.09
CA THR D 265 18.94 -42.23 -20.71
C THR D 265 18.73 -41.94 -19.24
N GLN D 266 19.76 -41.99 -18.42
CA GLN D 266 19.58 -41.71 -17.01
C GLN D 266 19.66 -40.22 -16.65
N LEU D 267 20.00 -39.34 -17.59
CA LEU D 267 20.22 -37.93 -17.27
C LEU D 267 18.89 -37.19 -17.24
N LYS D 268 18.44 -36.81 -16.04
CA LYS D 268 17.12 -36.20 -15.89
C LYS D 268 17.09 -34.80 -16.41
N PHE D 269 18.25 -34.12 -16.46
CA PHE D 269 18.29 -32.70 -16.83
C PHE D 269 18.94 -32.43 -18.17
N LEU D 270 19.11 -33.43 -19.03
CA LEU D 270 19.66 -33.17 -20.37
C LEU D 270 18.64 -32.41 -21.22
N HIS D 271 18.94 -31.16 -21.56
CA HIS D 271 18.04 -30.33 -22.36
C HIS D 271 18.65 -29.85 -23.65
N SER D 272 19.97 -29.97 -23.81
CA SER D 272 20.66 -29.59 -25.03
C SER D 272 21.61 -30.72 -25.36
N LEU D 273 21.49 -31.25 -26.58
CA LEU D 273 22.34 -32.31 -27.07
C LEU D 273 22.57 -32.08 -28.56
N ASP D 274 23.83 -32.16 -28.98
CA ASP D 274 24.16 -32.11 -30.41
C ASP D 274 25.38 -32.99 -30.61
N VAL D 275 25.20 -34.11 -31.33
CA VAL D 275 26.30 -34.98 -31.71
C VAL D 275 26.42 -35.09 -33.23
N SER D 276 25.84 -34.14 -33.95
CA SER D 276 25.83 -34.21 -35.42
C SER D 276 27.24 -34.04 -35.99
N PHE D 277 27.45 -34.58 -37.19
CA PHE D 277 28.74 -34.49 -37.87
C PHE D 277 29.85 -35.15 -37.04
N ASN D 278 29.61 -36.41 -36.68
CA ASN D 278 30.63 -37.27 -36.10
C ASN D 278 30.56 -38.59 -36.87
N ASN D 279 31.09 -39.64 -36.26
CA ASN D 279 31.19 -40.97 -36.88
C ASN D 279 30.49 -42.01 -36.02
N LEU D 280 29.39 -41.62 -35.38
CA LEU D 280 28.73 -42.44 -34.39
C LEU D 280 27.90 -43.48 -35.10
N CYS D 281 27.58 -44.56 -34.40
CA CYS D 281 26.86 -45.64 -35.04
C CYS D 281 26.02 -46.43 -34.05
N GLY D 282 25.06 -47.17 -34.59
CA GLY D 282 24.19 -47.97 -33.75
C GLY D 282 22.91 -47.27 -33.34
N GLU D 283 22.15 -47.97 -32.49
CA GLU D 283 20.85 -47.49 -32.06
C GLU D 283 21.00 -46.38 -31.02
N ILE D 284 20.26 -45.30 -31.22
CA ILE D 284 20.19 -44.21 -30.23
C ILE D 284 19.49 -44.74 -28.99
N PRO D 285 20.08 -44.61 -27.80
CA PRO D 285 19.43 -45.12 -26.59
C PRO D 285 18.01 -44.57 -26.47
N GLN D 286 17.07 -45.45 -26.16
CA GLN D 286 15.66 -45.10 -26.12
C GLN D 286 15.24 -44.95 -24.66
N GLY D 287 14.90 -43.74 -24.25
CA GLY D 287 14.63 -43.44 -22.85
C GLY D 287 15.13 -42.07 -22.44
N GLY D 288 14.83 -41.65 -21.25
CA GLY D 288 15.24 -40.35 -20.80
C GLY D 288 14.72 -39.23 -21.67
N ASN D 289 15.57 -38.30 -21.99
CA ASN D 289 15.18 -37.17 -22.83
C ASN D 289 15.70 -37.26 -24.26
N LEU D 290 16.20 -38.42 -24.65
CA LEU D 290 16.83 -38.56 -25.97
C LEU D 290 15.89 -38.34 -27.14
N GLN D 291 14.63 -38.64 -26.93
CA GLN D 291 13.67 -38.54 -28.02
C GLN D 291 13.01 -37.19 -28.08
N ARG D 292 13.36 -36.32 -27.14
CA ARG D 292 12.89 -34.93 -27.18
C ARG D 292 13.59 -34.17 -28.29
N PHE D 293 14.78 -34.61 -28.68
CA PHE D 293 15.56 -33.88 -29.63
C PHE D 293 15.24 -34.09 -31.10
N ASP D 294 15.53 -33.09 -31.91
CA ASP D 294 15.27 -33.14 -33.33
C ASP D 294 16.24 -34.10 -34.05
N VAL D 295 15.89 -34.52 -35.27
CA VAL D 295 16.81 -35.37 -36.02
C VAL D 295 18.13 -34.64 -36.24
N SER D 296 18.10 -33.31 -36.35
CA SER D 296 19.31 -32.52 -36.56
C SER D 296 20.32 -32.67 -35.44
N ALA D 297 19.89 -33.08 -34.23
CA ALA D 297 20.82 -33.35 -33.13
C ALA D 297 21.69 -34.56 -33.38
N TYR D 298 21.24 -35.47 -34.23
CA TYR D 298 21.90 -36.73 -34.51
C TYR D 298 22.38 -36.88 -35.96
N ALA D 299 22.17 -35.87 -36.80
CA ALA D 299 22.37 -36.00 -38.24
C ALA D 299 23.85 -36.12 -38.61
N ASN D 300 24.08 -36.64 -39.82
CA ASN D 300 25.41 -36.71 -40.41
C ASN D 300 26.39 -37.47 -39.52
N ASN D 301 25.95 -38.61 -39.01
CA ASN D 301 26.82 -39.57 -38.36
C ASN D 301 27.04 -40.79 -39.29
N LYS D 302 27.58 -41.87 -38.74
CA LYS D 302 27.97 -42.98 -39.63
C LYS D 302 26.79 -43.92 -39.89
N CYS D 303 26.24 -44.53 -38.83
CA CYS D 303 25.19 -45.57 -38.92
C CYS D 303 24.22 -45.46 -37.73
N LEU D 304 23.89 -44.24 -37.33
CA LEU D 304 22.97 -44.05 -36.20
C LEU D 304 21.54 -44.34 -36.65
N CYS D 305 20.75 -44.90 -35.75
CA CYS D 305 19.36 -45.20 -36.07
C CYS D 305 18.57 -45.22 -34.76
N GLY D 306 17.26 -45.25 -34.89
CA GLY D 306 16.40 -45.27 -33.72
C GLY D 306 15.79 -43.91 -33.47
N SER D 307 14.61 -43.92 -32.89
CA SER D 307 13.85 -42.69 -32.72
C SER D 307 14.73 -41.62 -32.05
N PRO D 308 14.70 -40.38 -32.54
CA PRO D 308 13.83 -39.84 -33.60
C PRO D 308 14.29 -40.13 -35.03
N LEU D 309 15.38 -40.80 -35.20
CA LEU D 309 15.77 -41.18 -36.55
C LEU D 309 14.87 -42.36 -36.96
N PRO D 310 14.97 -42.76 -38.23
CA PRO D 310 14.21 -43.95 -38.56
C PRO D 310 14.66 -45.15 -37.76
N ALA D 311 13.74 -46.04 -37.47
CA ALA D 311 14.03 -47.20 -36.65
C ALA D 311 15.05 -48.13 -37.15
N CYS D 312 15.70 -48.76 -36.22
CA CYS D 312 16.71 -49.70 -36.57
C CYS D 312 16.08 -50.91 -37.27
N THR D 313 16.69 -51.35 -38.34
CA THR D 313 16.17 -52.48 -39.10
C THR D 313 16.79 -53.75 -38.58
N GLU E 1 32.73 -3.53 66.15
CA GLU E 1 32.23 -4.58 65.25
C GLU E 1 32.58 -5.97 65.76
N LEU E 2 31.75 -6.95 65.44
CA LEU E 2 32.11 -8.34 65.74
C LEU E 2 33.27 -8.80 64.86
N CYS E 3 33.35 -8.29 63.64
CA CYS E 3 34.37 -8.70 62.68
C CYS E 3 35.77 -8.48 63.24
N ASN E 4 36.64 -9.49 63.11
CA ASN E 4 38.03 -9.34 63.53
C ASN E 4 38.81 -8.46 62.55
N PRO E 5 39.61 -7.52 63.05
CA PRO E 5 40.28 -6.57 62.13
C PRO E 5 41.19 -7.20 61.09
N GLN E 6 41.92 -8.27 61.44
CA GLN E 6 42.77 -8.93 60.46
C GLN E 6 41.94 -9.66 59.42
N ASP E 7 40.87 -10.34 59.85
CA ASP E 7 39.96 -10.95 58.89
C ASP E 7 39.41 -9.90 57.92
N LYS E 8 39.05 -8.73 58.43
CA LYS E 8 38.48 -7.71 57.54
C LYS E 8 39.54 -7.24 56.52
N GLN E 9 40.76 -6.96 57.01
CA GLN E 9 41.83 -6.61 56.09
C GLN E 9 42.03 -7.69 55.04
N ALA E 10 42.00 -8.95 55.48
CA ALA E 10 42.24 -10.07 54.59
C ALA E 10 41.18 -10.14 53.50
N LEU E 11 39.92 -10.01 53.89
CA LEU E 11 38.82 -10.07 52.91
C LEU E 11 38.91 -8.96 51.90
N LEU E 12 39.16 -7.71 52.38
CA LEU E 12 39.27 -6.60 51.44
C LEU E 12 40.48 -6.74 50.52
N GLN E 13 41.58 -7.33 51.02
CA GLN E 13 42.73 -7.55 50.17
C GLN E 13 42.46 -8.66 49.16
N ILE E 14 41.71 -9.70 49.57
CA ILE E 14 41.30 -10.74 48.64
C ILE E 14 40.47 -10.14 47.50
N LYS E 15 39.52 -9.29 47.87
CA LYS E 15 38.68 -8.61 46.87
C LYS E 15 39.54 -7.79 45.93
N LYS E 16 40.51 -7.07 46.49
CA LYS E 16 41.43 -6.28 45.68
C LYS E 16 42.22 -7.17 44.71
N ASP E 17 42.75 -8.28 45.21
CA ASP E 17 43.55 -9.20 44.41
C ASP E 17 42.72 -9.92 43.36
N LEU E 18 41.40 -9.84 43.46
CA LEU E 18 40.52 -10.33 42.42
C LEU E 18 40.01 -9.21 41.52
N GLY E 19 40.68 -8.06 41.50
CA GLY E 19 40.30 -6.98 40.61
C GLY E 19 39.12 -6.18 41.08
N ASN E 20 38.78 -6.25 42.36
CA ASN E 20 37.65 -5.55 42.94
C ASN E 20 36.36 -5.82 42.14
N PRO E 21 35.96 -7.09 42.02
CA PRO E 21 34.79 -7.41 41.20
C PRO E 21 33.49 -6.86 41.74
N THR E 22 32.64 -6.43 40.81
CA THR E 22 31.35 -5.83 41.17
C THR E 22 30.49 -6.82 41.95
N THR E 23 30.71 -8.11 41.77
CA THR E 23 29.93 -9.09 42.51
C THR E 23 30.19 -9.03 44.03
N LEU E 24 31.31 -8.47 44.47
CA LEU E 24 31.58 -8.31 45.89
C LEU E 24 31.29 -6.88 46.36
N SER E 25 30.39 -6.18 45.67
CA SER E 25 29.97 -4.84 46.07
C SER E 25 29.58 -4.75 47.54
N SER E 26 29.02 -5.83 48.10
CA SER E 26 28.60 -5.85 49.50
C SER E 26 29.75 -5.79 50.51
N TRP E 27 30.97 -5.99 50.10
CA TRP E 27 32.09 -5.98 50.99
C TRP E 27 32.47 -4.57 51.31
N LEU E 28 31.65 -3.91 52.09
CA LEU E 28 31.86 -2.52 52.41
C LEU E 28 32.66 -2.35 53.67
N PRO E 29 33.72 -1.54 53.60
CA PRO E 29 34.59 -1.30 54.75
C PRO E 29 33.83 -0.57 55.84
N THR E 30 32.67 -0.02 55.53
CA THR E 30 31.86 0.70 56.47
C THR E 30 30.92 -0.18 57.24
N THR E 31 30.95 -1.47 56.97
CA THR E 31 30.06 -2.37 57.67
C THR E 31 30.73 -3.58 58.27
N ASP E 32 30.07 -4.23 59.22
CA ASP E 32 30.60 -5.38 59.93
C ASP E 32 30.53 -6.65 59.10
N CYS E 33 31.68 -7.15 58.74
CA CYS E 33 31.72 -8.35 57.91
C CYS E 33 31.03 -9.55 58.56
N CYS E 34 30.64 -9.48 59.84
CA CYS E 34 30.00 -10.60 60.51
C CYS E 34 28.47 -10.54 60.61
N ASN E 35 27.81 -9.58 59.96
CA ASN E 35 26.35 -9.52 60.09
C ASN E 35 25.60 -9.94 58.82
N ARG E 36 26.21 -10.80 58.00
CA ARG E 36 25.57 -11.36 56.80
C ARG E 36 25.23 -10.31 55.74
N THR E 37 25.88 -9.15 55.80
CA THR E 37 25.76 -8.19 54.72
C THR E 37 26.77 -8.50 53.62
N TRP E 38 27.91 -9.07 53.99
CA TRP E 38 28.96 -9.41 53.05
C TRP E 38 28.64 -10.73 52.37
N LEU E 39 28.43 -10.70 51.06
CA LEU E 39 28.03 -11.88 50.34
C LEU E 39 29.09 -12.97 50.50
N GLY E 40 28.66 -14.16 50.93
CA GLY E 40 29.57 -15.30 51.00
C GLY E 40 30.41 -15.42 52.26
N VAL E 41 30.20 -14.57 53.26
CA VAL E 41 31.06 -14.53 54.44
C VAL E 41 30.24 -14.93 55.65
N LEU E 42 30.77 -15.88 56.44
CA LEU E 42 30.17 -16.25 57.73
C LEU E 42 31.25 -16.33 58.81
N CYS E 43 30.88 -15.89 60.01
CA CYS E 43 31.79 -15.89 61.15
C CYS E 43 31.41 -17.00 62.13
N ASP E 44 32.35 -17.39 62.98
CA ASP E 44 32.16 -18.54 63.88
C ASP E 44 31.25 -18.15 65.03
N THR E 45 29.96 -18.49 64.92
CA THR E 45 29.03 -18.25 66.01
C THR E 45 28.92 -19.44 66.96
N ASP E 46 29.56 -20.57 66.63
CA ASP E 46 29.53 -21.73 67.51
C ASP E 46 30.53 -21.57 68.65
N THR E 47 31.80 -21.35 68.33
CA THR E 47 32.80 -21.03 69.35
C THR E 47 32.69 -19.59 69.84
N GLN E 48 31.90 -18.76 69.17
CA GLN E 48 31.76 -17.34 69.48
C GLN E 48 33.10 -16.60 69.48
N THR E 49 34.07 -17.07 68.68
CA THR E 49 35.19 -16.19 68.34
C THR E 49 34.79 -15.14 67.33
N TYR E 50 33.74 -15.41 66.56
CA TYR E 50 33.31 -14.57 65.44
C TYR E 50 34.42 -14.36 64.42
N ARG E 51 35.41 -15.27 64.38
CA ARG E 51 36.39 -15.24 63.30
C ARG E 51 35.74 -15.74 62.00
N VAL E 52 36.21 -15.22 60.87
CA VAL E 52 35.67 -15.67 59.59
C VAL E 52 36.08 -17.11 59.37
N ASN E 53 35.08 -17.99 59.27
CA ASN E 53 35.39 -19.40 59.15
C ASN E 53 34.70 -20.06 57.98
N ASN E 54 33.91 -19.32 57.23
CA ASN E 54 33.14 -19.87 56.13
C ASN E 54 33.16 -18.83 55.01
N LEU E 55 33.84 -19.14 53.89
CA LEU E 55 33.97 -18.21 52.79
C LEU E 55 33.57 -18.89 51.49
N ASP E 56 32.63 -18.28 50.78
CA ASP E 56 32.06 -18.84 49.57
C ASP E 56 32.15 -17.79 48.47
N LEU E 57 33.03 -18.03 47.49
CA LEU E 57 33.27 -17.16 46.35
C LEU E 57 32.75 -17.93 45.13
N SER E 58 31.61 -17.49 44.63
CA SER E 58 30.90 -18.25 43.62
C SER E 58 30.49 -17.31 42.49
N GLY E 59 30.74 -17.72 41.24
CA GLY E 59 30.31 -16.95 40.07
C GLY E 59 30.75 -15.50 40.03
N LEU E 60 32.02 -15.21 40.29
CA LEU E 60 32.46 -13.84 40.49
C LEU E 60 32.59 -13.01 39.21
N ASN E 61 32.66 -13.62 38.03
CA ASN E 61 32.75 -12.87 36.77
C ASN E 61 33.87 -11.82 36.79
N LEU E 62 35.10 -12.29 36.94
CA LEU E 62 36.26 -11.40 37.01
C LEU E 62 36.51 -10.71 35.65
N PRO E 63 36.92 -9.44 35.65
CA PRO E 63 37.12 -8.74 34.36
C PRO E 63 38.38 -9.14 33.61
N LYS E 64 39.40 -9.65 34.30
CA LYS E 64 40.65 -10.15 33.75
C LYS E 64 40.95 -11.47 34.46
N PRO E 65 41.88 -12.27 33.97
CA PRO E 65 42.28 -13.47 34.71
C PRO E 65 43.11 -13.12 35.94
N TYR E 66 42.86 -13.86 37.02
CA TYR E 66 43.55 -13.72 38.31
C TYR E 66 43.84 -15.10 38.86
N PRO E 67 44.94 -15.25 39.56
CA PRO E 67 45.17 -16.49 40.32
C PRO E 67 44.42 -16.49 41.65
N ILE E 68 44.42 -17.65 42.30
CA ILE E 68 43.90 -17.76 43.66
C ILE E 68 44.72 -16.83 44.55
N PRO E 69 44.09 -15.86 45.25
CA PRO E 69 44.88 -14.91 46.07
C PRO E 69 45.53 -15.56 47.29
N SER E 70 46.83 -15.34 47.42
CA SER E 70 47.59 -15.83 48.57
C SER E 70 47.11 -15.17 49.86
N SER E 71 46.40 -14.04 49.76
CA SER E 71 45.79 -13.42 50.92
C SER E 71 44.78 -14.31 51.63
N LEU E 72 44.33 -15.40 50.98
CA LEU E 72 43.52 -16.38 51.68
C LEU E 72 44.21 -16.90 52.94
N ALA E 73 45.55 -16.92 52.95
CA ALA E 73 46.28 -17.42 54.10
C ALA E 73 46.05 -16.56 55.34
N ASN E 74 45.60 -15.32 55.16
CA ASN E 74 45.34 -14.43 56.28
C ASN E 74 43.94 -14.59 56.86
N LEU E 75 43.20 -15.62 56.45
CA LEU E 75 41.99 -16.02 57.20
C LEU E 75 42.23 -17.36 57.88
N PRO E 76 43.02 -17.38 58.95
CA PRO E 76 43.49 -18.66 59.50
C PRO E 76 42.42 -19.52 60.12
N TYR E 77 41.22 -19.01 60.37
CA TYR E 77 40.18 -19.83 60.96
C TYR E 77 39.23 -20.40 59.93
N LEU E 78 39.53 -20.29 58.63
CA LEU E 78 38.65 -20.87 57.63
C LEU E 78 38.47 -22.35 57.93
N ASN E 79 37.22 -22.74 58.11
CA ASN E 79 36.73 -24.10 58.17
C ASN E 79 36.19 -24.55 56.83
N PHE E 80 35.62 -23.62 56.06
CA PHE E 80 34.97 -23.93 54.80
C PHE E 80 35.39 -22.90 53.75
N LEU E 81 35.90 -23.36 52.61
CA LEU E 81 36.32 -22.47 51.54
C LEU E 81 35.79 -23.03 50.22
N TYR E 82 34.88 -22.31 49.59
CA TYR E 82 34.35 -22.68 48.28
C TYR E 82 34.73 -21.60 47.28
N ILE E 83 35.41 -22.00 46.22
CA ILE E 83 35.75 -21.13 45.11
C ILE E 83 35.30 -21.85 43.88
N GLY E 84 34.26 -21.36 43.22
CA GLY E 84 33.69 -22.10 42.11
C GLY E 84 33.02 -21.24 41.07
N GLY E 85 33.04 -21.72 39.82
CA GLY E 85 32.26 -21.14 38.75
C GLY E 85 32.82 -19.81 38.33
N ILE E 86 34.14 -19.75 38.14
CA ILE E 86 34.86 -18.54 37.80
C ILE E 86 35.77 -18.87 36.62
N ASN E 87 35.32 -18.52 35.40
CA ASN E 87 36.08 -18.86 34.21
C ASN E 87 37.44 -18.17 34.20
N ASN E 88 37.54 -16.98 34.79
CA ASN E 88 38.78 -16.22 34.77
C ASN E 88 39.66 -16.45 35.99
N LEU E 89 39.40 -17.49 36.80
CA LEU E 89 40.32 -17.90 37.85
C LEU E 89 41.26 -18.95 37.29
N VAL E 90 42.56 -18.70 37.38
CA VAL E 90 43.56 -19.47 36.64
C VAL E 90 44.75 -19.77 37.54
N GLY E 91 45.68 -20.57 37.02
CA GLY E 91 46.91 -20.81 37.75
C GLY E 91 46.78 -21.92 38.76
N PRO E 92 47.88 -22.25 39.41
CA PRO E 92 47.90 -23.43 40.29
C PRO E 92 47.25 -23.22 41.66
N ILE E 93 47.03 -24.32 42.35
CA ILE E 93 46.58 -24.24 43.75
C ILE E 93 47.78 -23.81 44.57
N PRO E 94 47.77 -22.63 45.20
CA PRO E 94 49.01 -22.05 45.76
C PRO E 94 49.29 -22.57 47.16
N PRO E 95 50.56 -22.64 47.55
CA PRO E 95 50.90 -23.18 48.87
C PRO E 95 50.32 -22.40 50.05
N ALA E 96 49.81 -21.18 49.84
CA ALA E 96 49.13 -20.45 50.90
C ALA E 96 47.96 -21.26 51.48
N ILE E 97 47.32 -22.09 50.65
CA ILE E 97 46.23 -22.91 51.14
C ILE E 97 46.71 -23.79 52.29
N ALA E 98 48.00 -24.15 52.29
CA ALA E 98 48.60 -24.97 53.34
C ALA E 98 48.61 -24.26 54.71
N LYS E 99 48.46 -22.95 54.73
CA LYS E 99 48.38 -22.19 55.95
C LYS E 99 47.00 -22.24 56.59
N LEU E 100 46.00 -22.80 55.89
CA LEU E 100 44.66 -22.88 56.47
C LEU E 100 44.56 -24.18 57.30
N THR E 101 45.18 -24.15 58.46
CA THR E 101 45.34 -25.37 59.23
C THR E 101 44.07 -25.84 59.93
N GLN E 102 42.96 -25.11 59.81
CA GLN E 102 41.70 -25.57 60.34
C GLN E 102 40.69 -25.92 59.25
N LEU E 103 41.13 -26.02 58.00
CA LEU E 103 40.21 -26.25 56.89
C LEU E 103 39.61 -27.64 56.97
N HIS E 104 38.27 -27.74 56.92
CA HIS E 104 37.57 -29.01 56.82
C HIS E 104 37.03 -29.29 55.41
N TYR E 105 36.46 -28.30 54.76
CA TYR E 105 35.81 -28.46 53.46
C TYR E 105 36.46 -27.51 52.47
N LEU E 106 37.04 -28.08 51.39
CA LEU E 106 37.73 -27.25 50.41
C LEU E 106 37.21 -27.60 49.04
N TYR E 107 36.74 -26.58 48.31
CA TYR E 107 36.22 -26.72 46.94
C TYR E 107 36.87 -25.65 46.08
N ILE E 108 37.50 -26.08 44.99
CA ILE E 108 37.95 -25.19 43.93
C ILE E 108 37.49 -25.89 42.66
N THR E 109 36.37 -25.41 42.09
CA THR E 109 35.63 -26.22 41.14
C THR E 109 35.05 -25.36 40.01
N HIS E 110 34.99 -25.93 38.82
CA HIS E 110 34.48 -25.21 37.65
C HIS E 110 35.22 -23.89 37.45
N THR E 111 36.54 -23.98 37.48
CA THR E 111 37.37 -22.82 37.18
C THR E 111 38.38 -23.18 36.09
N ASN E 112 39.33 -22.30 35.84
CA ASN E 112 40.43 -22.66 34.98
C ASN E 112 41.72 -22.87 35.76
N VAL E 113 41.61 -23.24 37.04
CA VAL E 113 42.79 -23.59 37.82
C VAL E 113 43.49 -24.80 37.20
N SER E 114 44.81 -24.77 37.21
CA SER E 114 45.61 -25.70 36.43
C SER E 114 46.74 -26.24 37.29
N GLY E 115 47.59 -27.05 36.69
CA GLY E 115 48.70 -27.65 37.41
C GLY E 115 48.29 -28.93 38.14
N ALA E 116 49.19 -29.40 38.98
CA ALA E 116 48.94 -30.65 39.68
C ALA E 116 48.18 -30.41 40.98
N ILE E 117 47.47 -31.45 41.44
CA ILE E 117 46.90 -31.42 42.79
C ILE E 117 48.07 -31.57 43.74
N PRO E 118 48.30 -30.60 44.63
CA PRO E 118 49.56 -30.55 45.36
C PRO E 118 49.59 -31.48 46.56
N ASP E 119 50.75 -32.08 46.77
CA ASP E 119 50.90 -32.99 47.89
C ASP E 119 50.88 -32.28 49.23
N PHE E 120 51.10 -30.96 49.27
CA PHE E 120 51.08 -30.26 50.55
C PHE E 120 49.71 -30.35 51.21
N LEU E 121 48.68 -30.70 50.46
CA LEU E 121 47.35 -30.91 51.04
C LEU E 121 47.37 -31.98 52.14
N SER E 122 48.33 -32.92 52.10
CA SER E 122 48.43 -33.94 53.14
C SER E 122 48.71 -33.36 54.52
N GLN E 123 49.13 -32.11 54.58
CA GLN E 123 49.48 -31.47 55.84
C GLN E 123 48.27 -30.88 56.56
N ILE E 124 47.12 -30.76 55.89
CA ILE E 124 45.93 -30.14 56.52
C ILE E 124 45.13 -31.29 57.12
N LYS E 125 45.52 -31.69 58.34
CA LYS E 125 44.98 -32.92 58.88
C LYS E 125 43.50 -32.83 59.17
N THR E 126 42.94 -31.63 59.24
CA THR E 126 41.52 -31.50 59.55
C THR E 126 40.61 -31.72 58.35
N LEU E 127 41.18 -31.95 57.15
CA LEU E 127 40.36 -32.02 55.94
C LEU E 127 39.33 -33.14 55.99
N VAL E 128 38.09 -32.78 55.73
CA VAL E 128 36.98 -33.73 55.62
C VAL E 128 36.66 -34.05 54.16
N THR E 129 36.56 -33.03 53.31
CA THR E 129 36.32 -33.28 51.89
C THR E 129 37.19 -32.37 51.03
N LEU E 130 37.58 -32.93 49.88
CA LEU E 130 38.25 -32.16 48.84
C LEU E 130 37.46 -32.26 47.54
N ASP E 131 37.16 -31.10 46.92
CA ASP E 131 36.46 -31.07 45.63
C ASP E 131 37.22 -30.16 44.69
N PHE E 132 37.85 -30.77 43.69
CA PHE E 132 38.60 -30.05 42.68
C PHE E 132 38.11 -30.40 41.28
N SER E 133 36.80 -30.54 41.10
CA SER E 133 36.25 -31.08 39.88
C SER E 133 36.09 -30.01 38.81
N TYR E 134 36.20 -30.43 37.55
CA TYR E 134 35.92 -29.55 36.40
C TYR E 134 36.80 -28.32 36.42
N ASN E 135 38.10 -28.52 36.57
CA ASN E 135 39.06 -27.46 36.32
C ASN E 135 39.91 -27.88 35.12
N ALA E 136 41.20 -27.59 35.16
CA ALA E 136 42.16 -28.04 34.15
C ALA E 136 43.40 -28.62 34.81
N LEU E 137 43.22 -29.31 35.94
CA LEU E 137 44.35 -29.90 36.65
C LEU E 137 44.91 -31.08 35.86
N SER E 138 46.23 -31.27 35.96
CA SER E 138 46.93 -32.31 35.22
C SER E 138 47.87 -33.04 36.18
N GLY E 139 48.84 -33.77 35.62
CA GLY E 139 49.71 -34.58 36.45
C GLY E 139 49.01 -35.83 36.95
N THR E 140 49.61 -36.45 37.96
CA THR E 140 49.10 -37.68 38.53
C THR E 140 48.48 -37.40 39.90
N LEU E 141 47.76 -38.41 40.40
CA LEU E 141 47.07 -38.28 41.69
C LEU E 141 48.10 -38.24 42.82
N PRO E 142 47.99 -37.28 43.75
CA PRO E 142 48.96 -37.20 44.86
C PRO E 142 48.78 -38.36 45.82
N PRO E 143 49.82 -39.18 46.00
CA PRO E 143 49.64 -40.37 46.86
C PRO E 143 49.50 -40.02 48.33
N SER E 144 50.11 -38.91 48.79
CA SER E 144 50.16 -38.60 50.22
C SER E 144 48.78 -38.33 50.83
N ILE E 145 47.79 -37.91 50.03
CA ILE E 145 46.53 -37.57 50.67
C ILE E 145 45.86 -38.79 51.28
N SER E 146 46.33 -40.01 50.94
CA SER E 146 45.74 -41.18 51.58
C SER E 146 45.96 -41.20 53.08
N SER E 147 46.91 -40.42 53.59
CA SER E 147 47.15 -40.39 55.02
C SER E 147 46.23 -39.43 55.78
N LEU E 148 45.36 -38.65 55.11
CA LEU E 148 44.49 -37.69 55.81
C LEU E 148 43.49 -38.39 56.71
N PRO E 149 43.53 -38.20 58.03
CA PRO E 149 42.73 -39.07 58.92
C PRO E 149 41.24 -38.73 59.03
N ASN E 150 40.81 -37.52 58.66
CA ASN E 150 39.39 -37.16 58.76
C ASN E 150 38.66 -37.18 57.41
N LEU E 151 39.38 -37.49 56.35
CA LEU E 151 38.86 -37.33 54.99
C LEU E 151 37.75 -38.33 54.67
N VAL E 152 36.59 -37.83 54.30
CA VAL E 152 35.47 -38.67 53.92
C VAL E 152 35.34 -38.79 52.40
N GLY E 153 35.87 -37.84 51.64
CA GLY E 153 35.71 -37.94 50.20
C GLY E 153 36.61 -37.07 49.35
N ILE E 154 36.83 -37.54 48.10
CA ILE E 154 37.48 -36.72 47.08
C ILE E 154 36.61 -36.67 45.84
N THR E 155 36.57 -35.50 45.20
CA THR E 155 35.78 -35.25 44.00
C THR E 155 36.72 -34.54 43.04
N PHE E 156 37.34 -35.33 42.14
CA PHE E 156 38.36 -34.86 41.22
C PHE E 156 37.95 -34.99 39.76
N ASP E 157 36.64 -35.10 39.47
CA ASP E 157 36.16 -35.40 38.13
C ASP E 157 36.45 -34.25 37.17
N GLY E 158 36.59 -34.59 35.89
CA GLY E 158 36.60 -33.54 34.90
C GLY E 158 37.89 -32.77 34.78
N ASN E 159 39.04 -33.42 34.95
CA ASN E 159 40.31 -32.74 34.76
C ASN E 159 41.15 -33.49 33.73
N ARG E 160 42.46 -33.39 33.80
CA ARG E 160 43.36 -34.05 32.87
C ARG E 160 44.37 -34.89 33.60
N ILE E 161 43.95 -35.45 34.74
CA ILE E 161 44.85 -36.23 35.57
C ILE E 161 45.15 -37.57 34.89
N SER E 162 46.42 -37.95 34.88
CA SER E 162 46.91 -39.09 34.13
C SER E 162 47.57 -40.07 35.10
N GLY E 163 48.19 -41.10 34.57
CA GLY E 163 48.89 -42.06 35.40
C GLY E 163 47.94 -43.02 36.06
N ALA E 164 48.52 -43.87 36.93
CA ALA E 164 47.76 -44.89 37.62
C ALA E 164 47.22 -44.37 38.93
N ILE E 165 46.14 -44.98 39.41
CA ILE E 165 45.67 -44.71 40.77
C ILE E 165 46.72 -45.23 41.75
N PRO E 166 47.18 -44.44 42.71
CA PRO E 166 48.22 -44.94 43.63
C PRO E 166 47.70 -46.10 44.47
N ASP E 167 48.59 -47.07 44.73
CA ASP E 167 48.26 -48.14 45.68
C ASP E 167 47.89 -47.58 47.05
N SER E 168 48.51 -46.46 47.44
CA SER E 168 48.16 -45.84 48.72
C SER E 168 46.69 -45.45 48.80
N TYR E 169 46.00 -45.34 47.68
CA TYR E 169 44.61 -44.94 47.87
C TYR E 169 43.73 -46.03 48.43
N GLY E 170 44.28 -47.22 48.69
CA GLY E 170 43.51 -48.14 49.50
C GLY E 170 43.58 -47.90 51.00
N SER E 171 44.42 -46.97 51.43
CA SER E 171 44.69 -46.69 52.86
C SER E 171 43.86 -45.59 53.52
N PHE E 172 42.84 -45.13 52.84
CA PHE E 172 41.98 -44.13 53.42
C PHE E 172 41.28 -44.70 54.64
N SER E 173 40.91 -43.83 55.56
CA SER E 173 40.30 -44.28 56.79
C SER E 173 38.91 -44.90 56.58
N LYS E 174 38.36 -45.49 57.60
CA LYS E 174 37.03 -46.03 57.53
C LYS E 174 35.97 -44.91 57.43
N LEU E 175 36.34 -43.68 57.67
CA LEU E 175 35.41 -42.58 57.48
C LEU E 175 35.29 -42.22 55.98
N PHE E 176 36.21 -42.69 55.17
CA PHE E 176 36.26 -42.35 53.75
C PHE E 176 35.18 -43.11 52.98
N THR E 177 34.21 -42.40 52.44
CA THR E 177 33.07 -43.06 51.83
C THR E 177 32.80 -42.72 50.37
N SER E 178 33.53 -41.75 49.78
CA SER E 178 33.18 -41.27 48.43
C SER E 178 34.42 -40.95 47.63
N MET E 179 34.56 -41.58 46.45
CA MET E 179 35.73 -41.30 45.62
C MET E 179 35.24 -41.16 44.18
N THR E 180 35.33 -39.95 43.63
CA THR E 180 34.99 -39.76 42.22
C THR E 180 36.16 -39.09 41.50
N ILE E 181 36.59 -39.72 40.39
CA ILE E 181 37.70 -39.24 39.57
C ILE E 181 37.35 -39.53 38.10
N SER E 182 36.08 -39.39 37.78
CA SER E 182 35.59 -39.66 36.46
C SER E 182 36.11 -38.60 35.49
N ARG E 183 36.11 -38.96 34.21
CA ARG E 183 36.42 -38.01 33.15
C ARG E 183 37.83 -37.43 33.30
N ASN E 184 38.81 -38.30 33.43
CA ASN E 184 40.21 -37.92 33.48
C ASN E 184 40.88 -38.81 32.44
N ARG E 185 42.19 -39.04 32.58
CA ARG E 185 42.92 -39.97 31.73
C ARG E 185 43.67 -41.02 32.55
N LEU E 186 43.04 -41.55 33.60
CA LEU E 186 43.70 -42.55 34.42
C LEU E 186 43.89 -43.85 33.64
N THR E 187 45.07 -44.45 33.80
CA THR E 187 45.42 -45.69 33.12
C THR E 187 45.73 -46.77 34.16
N GLY E 188 45.98 -47.98 33.69
CA GLY E 188 46.35 -49.03 34.62
C GLY E 188 45.15 -49.69 35.28
N LYS E 189 45.42 -50.34 36.41
CA LYS E 189 44.46 -51.18 37.08
C LYS E 189 44.01 -50.52 38.38
N ILE E 190 42.81 -50.86 38.80
CA ILE E 190 42.37 -50.45 40.14
C ILE E 190 43.19 -51.23 41.15
N PRO E 191 43.86 -50.57 42.09
CA PRO E 191 44.78 -51.29 43.00
C PRO E 191 44.03 -52.32 43.83
N PRO E 192 44.66 -53.47 44.11
CA PRO E 192 44.03 -54.47 45.00
C PRO E 192 43.84 -53.98 46.43
N THR E 193 44.65 -53.02 46.88
CA THR E 193 44.48 -52.43 48.20
C THR E 193 43.11 -51.78 48.37
N PHE E 194 42.36 -51.58 47.28
CA PHE E 194 41.01 -51.03 47.39
C PHE E 194 40.08 -51.96 48.13
N ALA E 195 40.53 -53.20 48.39
CA ALA E 195 39.77 -54.12 49.26
C ALA E 195 39.60 -53.55 50.65
N ASN E 196 40.49 -52.66 51.06
CA ASN E 196 40.40 -52.10 52.41
C ASN E 196 39.46 -50.92 52.49
N LEU E 197 38.86 -50.50 51.38
CA LEU E 197 37.90 -49.39 51.39
C LEU E 197 36.48 -49.91 51.52
N ASN E 198 35.60 -49.04 51.97
CA ASN E 198 34.19 -49.37 52.05
C ASN E 198 33.42 -48.15 51.54
N LEU E 199 33.36 -47.99 50.21
CA LEU E 199 32.82 -46.78 49.62
C LEU E 199 31.29 -46.82 49.49
N ALA E 200 30.64 -45.76 49.96
CA ALA E 200 29.24 -45.57 49.57
C ALA E 200 29.09 -45.23 48.08
N PHE E 201 30.01 -44.42 47.55
CA PHE E 201 29.96 -43.95 46.16
C PHE E 201 31.34 -44.06 45.53
N VAL E 202 31.38 -44.64 44.34
CA VAL E 202 32.62 -44.65 43.58
C VAL E 202 32.29 -44.38 42.12
N ASP E 203 33.03 -43.45 41.52
CA ASP E 203 32.84 -43.10 40.10
C ASP E 203 34.22 -42.93 39.47
N LEU E 204 34.61 -43.90 38.66
CA LEU E 204 35.85 -43.85 37.91
C LEU E 204 35.59 -43.97 36.43
N SER E 205 34.36 -43.67 36.02
CA SER E 205 33.94 -43.76 34.63
C SER E 205 34.72 -42.79 33.74
N ARG E 206 34.75 -43.11 32.44
CA ARG E 206 35.33 -42.24 31.41
C ARG E 206 36.82 -42.01 31.66
N ASN E 207 37.55 -43.10 31.90
CA ASN E 207 39.00 -43.05 32.01
C ASN E 207 39.53 -44.10 31.05
N MET E 208 40.75 -44.55 31.28
CA MET E 208 41.30 -45.67 30.50
C MET E 208 41.70 -46.83 31.42
N LEU E 209 40.89 -47.12 32.42
CA LEU E 209 41.26 -48.19 33.33
C LEU E 209 41.08 -49.55 32.68
N GLU E 210 41.97 -50.50 32.99
CA GLU E 210 41.92 -51.84 32.42
C GLU E 210 41.75 -52.87 33.53
N GLY E 211 41.38 -54.08 33.16
CA GLY E 211 41.49 -55.20 34.10
C GLY E 211 40.35 -55.31 35.10
N ASP E 212 40.65 -55.94 36.22
CA ASP E 212 39.64 -56.35 37.19
C ASP E 212 39.19 -55.18 38.07
N ALA E 213 37.87 -55.11 38.30
CA ALA E 213 37.29 -54.14 39.25
C ALA E 213 36.53 -54.84 40.39
N SER E 214 36.76 -56.15 40.57
CA SER E 214 36.03 -56.92 41.55
C SER E 214 36.19 -56.39 42.97
N VAL E 215 37.35 -55.79 43.25
CA VAL E 215 37.69 -55.25 44.56
C VAL E 215 36.73 -54.14 45.01
N LEU E 216 35.99 -53.51 44.08
CA LEU E 216 35.00 -52.50 44.45
C LEU E 216 33.65 -53.08 44.84
N PHE E 217 33.45 -54.38 44.69
CA PHE E 217 32.22 -55.09 45.00
C PHE E 217 32.40 -55.90 46.28
N GLY E 218 31.29 -56.30 46.89
CA GLY E 218 31.35 -57.16 48.07
C GLY E 218 30.05 -57.13 48.82
N SER E 219 29.52 -58.29 49.21
CA SER E 219 28.27 -58.32 49.94
C SER E 219 28.39 -57.72 51.33
N ASP E 220 29.61 -57.56 51.84
CA ASP E 220 29.91 -56.96 53.14
C ASP E 220 30.04 -55.44 53.10
N LYS E 221 30.04 -54.85 51.92
CA LYS E 221 30.23 -53.42 51.76
C LYS E 221 28.93 -52.65 52.01
N ASN E 222 29.08 -51.37 52.31
CA ASN E 222 27.94 -50.46 52.40
C ASN E 222 28.02 -49.51 51.22
N THR E 223 27.56 -49.98 50.05
CA THR E 223 27.77 -49.24 48.81
C THR E 223 26.42 -48.88 48.20
N GLN E 224 26.29 -47.61 47.84
CA GLN E 224 25.10 -47.13 47.18
C GLN E 224 25.22 -47.06 45.66
N LYS E 225 26.37 -46.59 45.13
CA LYS E 225 26.53 -46.40 43.70
C LYS E 225 27.92 -46.82 43.26
N ILE E 226 27.97 -47.61 42.18
CA ILE E 226 29.21 -48.00 41.51
C ILE E 226 29.12 -47.58 40.05
N HIS E 227 29.98 -46.66 39.64
CA HIS E 227 29.96 -46.05 38.31
C HIS E 227 31.34 -46.23 37.69
N LEU E 228 31.45 -47.12 36.69
CA LEU E 228 32.71 -47.49 36.05
C LEU E 228 32.65 -47.50 34.49
N ALA E 229 31.65 -46.86 33.96
CA ALA E 229 31.43 -46.84 32.54
C ALA E 229 32.55 -46.27 31.71
N LYS E 230 32.63 -46.70 30.46
CA LYS E 230 33.61 -46.14 29.56
C LYS E 230 35.05 -46.27 29.95
N ASN E 231 35.43 -47.50 30.24
CA ASN E 231 36.79 -47.82 30.53
C ASN E 231 37.12 -49.11 29.69
N SER E 232 38.15 -49.83 30.05
CA SER E 232 38.51 -51.07 29.38
C SER E 232 38.55 -52.20 30.43
N LEU E 233 37.62 -52.18 31.38
CA LEU E 233 37.62 -53.17 32.45
C LEU E 233 37.16 -54.53 31.92
N ALA E 234 37.74 -55.59 32.49
CA ALA E 234 37.44 -56.96 32.07
C ALA E 234 37.61 -57.87 33.26
N PHE E 235 36.52 -58.52 33.65
CA PHE E 235 36.51 -59.50 34.72
C PHE E 235 35.19 -60.25 34.61
N ASP E 236 35.09 -61.32 35.39
CA ASP E 236 33.90 -62.16 35.46
C ASP E 236 32.93 -61.57 36.46
N LEU E 237 31.89 -60.91 35.95
CA LEU E 237 30.92 -60.20 36.80
C LEU E 237 30.10 -61.17 37.65
N GLY E 238 29.93 -62.41 37.20
CA GLY E 238 29.11 -63.32 37.95
C GLY E 238 29.67 -63.75 39.28
N LYS E 239 30.94 -63.49 39.54
CA LYS E 239 31.57 -63.89 40.78
C LYS E 239 31.52 -62.81 41.87
N VAL E 240 31.03 -61.59 41.56
CA VAL E 240 31.07 -60.52 42.55
C VAL E 240 29.92 -60.66 43.54
N GLY E 241 30.17 -60.23 44.77
CA GLY E 241 29.10 -60.01 45.72
C GLY E 241 28.60 -58.56 45.65
N LEU E 242 27.36 -58.33 46.10
CA LEU E 242 26.69 -57.05 45.97
C LEU E 242 26.21 -56.53 47.32
N SER E 243 26.42 -55.24 47.56
CA SER E 243 25.97 -54.64 48.81
C SER E 243 24.45 -54.51 48.85
N LYS E 244 23.87 -54.74 50.04
CA LYS E 244 22.43 -54.58 50.26
C LYS E 244 21.96 -53.18 49.91
N ASN E 245 22.84 -52.19 50.01
CA ASN E 245 22.43 -50.80 49.83
C ASN E 245 22.52 -50.31 48.39
N LEU E 246 22.99 -51.15 47.48
CA LEU E 246 23.29 -50.72 46.11
C LEU E 246 22.04 -50.25 45.37
N ASN E 247 22.04 -48.99 44.88
CA ASN E 247 20.91 -48.51 44.08
C ASN E 247 21.26 -48.16 42.63
N GLY E 248 22.52 -48.13 42.27
CA GLY E 248 22.91 -47.76 40.93
C GLY E 248 24.20 -48.44 40.56
N LEU E 249 24.17 -49.17 39.45
CA LEU E 249 25.32 -49.92 38.97
C LEU E 249 25.43 -49.60 37.49
N ASP E 250 26.53 -48.92 37.09
CA ASP E 250 26.74 -48.45 35.71
C ASP E 250 28.11 -48.97 35.28
N LEU E 251 28.08 -50.01 34.44
CA LEU E 251 29.26 -50.71 33.94
C LEU E 251 29.39 -50.56 32.43
N ARG E 252 28.60 -49.69 31.85
CA ARG E 252 28.41 -49.57 30.40
C ARG E 252 29.72 -49.37 29.64
N ASN E 253 29.85 -50.01 28.48
CA ASN E 253 31.00 -49.81 27.60
C ASN E 253 32.32 -50.18 28.29
N ASN E 254 32.42 -51.46 28.63
CA ASN E 254 33.66 -52.06 29.11
C ASN E 254 33.80 -53.35 28.31
N ARG E 255 34.59 -54.30 28.85
CA ARG E 255 34.78 -55.63 28.30
C ARG E 255 34.51 -56.67 29.39
N ILE E 256 33.52 -56.40 30.22
CA ILE E 256 33.18 -57.29 31.34
C ILE E 256 32.44 -58.49 30.75
N TYR E 257 32.74 -59.69 31.27
CA TYR E 257 32.24 -60.95 30.74
C TYR E 257 31.64 -61.79 31.87
N GLY E 258 31.21 -62.98 31.51
CA GLY E 258 30.54 -63.85 32.45
C GLY E 258 29.03 -63.63 32.44
N THR E 259 28.38 -64.30 33.40
CA THR E 259 26.94 -64.15 33.59
C THR E 259 26.68 -63.08 34.65
N LEU E 260 25.49 -62.51 34.62
CA LEU E 260 25.10 -61.58 35.65
C LEU E 260 24.90 -62.34 36.97
N PRO E 261 25.39 -61.79 38.08
CA PRO E 261 25.26 -62.51 39.36
C PRO E 261 23.82 -62.59 39.83
N GLN E 262 23.42 -63.76 40.32
CA GLN E 262 22.04 -63.98 40.77
C GLN E 262 21.68 -63.07 41.95
N GLY E 263 22.66 -62.72 42.77
CA GLY E 263 22.44 -61.80 43.88
C GLY E 263 21.80 -60.48 43.49
N LEU E 264 21.83 -60.12 42.19
CA LEU E 264 21.16 -58.89 41.76
C LEU E 264 19.67 -58.92 42.08
N THR E 265 19.08 -60.09 42.10
CA THR E 265 17.67 -60.25 42.40
C THR E 265 17.34 -59.92 43.86
N GLN E 266 18.34 -59.95 44.71
CA GLN E 266 18.14 -59.70 46.13
C GLN E 266 18.29 -58.22 46.53
N LEU E 267 18.54 -57.36 45.56
CA LEU E 267 18.74 -55.97 45.85
C LEU E 267 17.45 -55.18 45.76
N LYS E 268 16.92 -54.82 46.90
CA LYS E 268 15.65 -54.11 46.96
C LYS E 268 15.65 -52.72 46.41
N PHE E 269 16.76 -52.04 46.55
CA PHE E 269 16.83 -50.67 46.14
C PHE E 269 17.49 -50.38 44.79
N LEU E 270 17.68 -51.39 43.96
CA LEU E 270 18.40 -51.15 42.70
C LEU E 270 17.48 -50.44 41.75
N HIS E 271 17.76 -49.18 41.53
CA HIS E 271 16.93 -48.38 40.69
C HIS E 271 17.49 -48.02 39.38
N SER E 272 18.80 -48.16 39.23
CA SER E 272 19.47 -47.89 37.99
C SER E 272 20.50 -48.95 37.69
N LEU E 273 20.45 -49.47 36.49
CA LEU E 273 21.35 -50.52 36.10
C LEU E 273 21.67 -50.34 34.64
N ASP E 274 22.94 -50.37 34.28
CA ASP E 274 23.31 -50.33 32.86
C ASP E 274 24.54 -51.20 32.67
N VAL E 275 24.37 -52.33 31.96
CA VAL E 275 25.49 -53.21 31.68
C VAL E 275 25.69 -53.36 30.15
N SER E 276 25.15 -52.42 29.38
CA SER E 276 25.20 -52.47 27.92
C SER E 276 26.62 -52.26 27.39
N PHE E 277 26.89 -52.83 26.22
CA PHE E 277 28.19 -52.72 25.58
C PHE E 277 29.27 -53.35 26.45
N ASN E 278 29.03 -54.61 26.79
CA ASN E 278 30.03 -55.44 27.44
C ASN E 278 30.02 -56.79 26.71
N ASN E 279 30.58 -57.79 27.35
CA ASN E 279 30.66 -59.14 26.79
C ASN E 279 29.93 -60.16 27.65
N LEU E 280 28.83 -59.76 28.23
CA LEU E 280 28.09 -60.63 29.10
C LEU E 280 27.33 -61.73 28.40
N CYS E 281 27.15 -62.82 29.12
CA CYS E 281 26.54 -64.00 28.57
C CYS E 281 25.47 -64.65 29.44
N GLY E 282 24.51 -65.30 28.84
CA GLY E 282 23.52 -66.02 29.61
C GLY E 282 22.24 -65.40 30.08
N GLU E 283 21.49 -66.16 30.84
CA GLU E 283 20.21 -65.67 31.28
C GLU E 283 20.28 -64.58 32.31
N ILE E 284 19.60 -63.49 32.01
CA ILE E 284 19.47 -62.42 33.00
C ILE E 284 18.72 -62.98 34.20
N PRO E 285 19.23 -62.83 35.42
CA PRO E 285 18.50 -63.34 36.59
C PRO E 285 17.08 -62.76 36.62
N GLN E 286 16.12 -63.63 36.92
CA GLN E 286 14.70 -63.26 36.93
C GLN E 286 14.26 -63.07 38.38
N GLY E 287 13.89 -61.84 38.71
CA GLY E 287 13.59 -61.50 40.10
C GLY E 287 14.05 -60.10 40.47
N GLY E 288 13.69 -59.63 41.65
CA GLY E 288 14.01 -58.27 42.00
C GLY E 288 13.50 -57.23 41.06
N ASN E 289 14.33 -56.24 40.78
CA ASN E 289 13.96 -55.15 39.92
C ASN E 289 14.49 -55.29 38.48
N LEU E 290 15.06 -56.43 38.17
CA LEU E 290 15.73 -56.61 36.90
C LEU E 290 14.87 -56.50 35.64
N GLN E 291 13.63 -56.93 35.74
CA GLN E 291 12.76 -56.92 34.57
C GLN E 291 12.12 -55.56 34.31
N ARG E 292 12.28 -54.63 35.23
CA ARG E 292 11.80 -53.26 35.05
C ARG E 292 12.58 -52.50 34.05
N PHE E 293 13.87 -52.79 33.99
CA PHE E 293 14.74 -52.04 33.12
C PHE E 293 14.47 -52.11 31.61
N ASP E 294 14.69 -50.99 30.88
CA ASP E 294 14.56 -51.07 29.44
C ASP E 294 15.53 -52.12 28.91
N VAL E 295 15.23 -52.66 27.73
CA VAL E 295 16.15 -53.60 27.11
C VAL E 295 17.51 -52.94 26.88
N SER E 296 17.53 -51.62 26.68
CA SER E 296 18.76 -50.88 26.45
C SER E 296 19.74 -51.00 27.61
N ALA E 297 19.24 -51.31 28.82
CA ALA E 297 20.10 -51.57 29.97
C ALA E 297 20.99 -52.79 29.78
N TYR E 298 20.59 -53.71 28.89
CA TYR E 298 21.30 -54.96 28.66
C TYR E 298 21.84 -55.10 27.25
N ALA E 299 21.65 -54.11 26.39
CA ALA E 299 21.88 -54.26 24.95
C ALA E 299 23.36 -54.42 24.64
N ASN E 300 23.62 -54.95 23.47
CA ASN E 300 24.98 -55.05 23.01
C ASN E 300 25.94 -55.84 23.85
N ASN E 301 25.46 -56.93 24.41
CA ASN E 301 26.35 -57.85 25.07
C ASN E 301 26.65 -59.05 24.13
N LYS E 302 27.27 -60.08 24.67
CA LYS E 302 27.59 -61.22 23.86
C LYS E 302 26.45 -62.17 23.65
N CYS E 303 25.89 -62.70 24.72
CA CYS E 303 24.82 -63.70 24.62
C CYS E 303 23.80 -63.66 25.76
N LEU E 304 23.44 -62.48 26.19
CA LEU E 304 22.45 -62.32 27.22
C LEU E 304 21.09 -62.64 26.66
N CYS E 305 20.24 -63.23 27.46
CA CYS E 305 18.91 -63.53 27.05
C CYS E 305 18.02 -63.50 28.31
N GLY E 306 16.72 -63.54 28.15
CA GLY E 306 15.81 -63.53 29.29
C GLY E 306 15.18 -62.18 29.48
N SER E 307 13.96 -62.17 30.03
CA SER E 307 13.18 -60.95 30.13
C SER E 307 14.01 -59.85 30.80
N PRO E 308 13.96 -58.60 30.29
CA PRO E 308 13.11 -58.12 29.18
C PRO E 308 13.65 -58.45 27.80
N LEU E 309 14.77 -59.15 27.69
CA LEU E 309 15.26 -59.59 26.38
C LEU E 309 14.45 -60.82 25.95
N PRO E 310 14.52 -61.20 24.66
CA PRO E 310 13.82 -62.41 24.24
C PRO E 310 14.24 -63.62 25.05
N ALA E 311 13.33 -64.57 25.17
CA ALA E 311 13.56 -65.70 26.05
C ALA E 311 14.75 -66.54 25.60
N CYS E 312 15.39 -67.18 26.58
CA CYS E 312 16.53 -68.05 26.27
C CYS E 312 16.02 -69.31 25.62
N THR E 313 16.86 -69.91 24.78
CA THR E 313 16.52 -71.14 24.08
C THR E 313 17.05 -72.38 24.80
N ASP F 1 2.36 -5.02 49.68
CA ASP F 1 1.77 -3.72 49.36
C ASP F 1 0.56 -3.88 48.44
N PRO F 2 -0.65 -3.64 48.98
CA PRO F 2 -1.84 -3.72 48.12
C PRO F 2 -1.91 -2.61 47.09
N CYS F 3 -1.21 -1.50 47.27
CA CYS F 3 -1.25 -0.39 46.33
C CYS F 3 -0.32 -0.58 45.14
N SER F 4 0.61 -1.53 45.19
CA SER F 4 1.48 -1.80 44.04
C SER F 4 0.93 -2.96 43.33
N VAL F 5 0.46 -2.78 42.12
CA VAL F 5 -0.20 -3.86 41.44
C VAL F 5 0.64 -4.53 40.41
N THR F 6 0.98 -5.77 40.66
CA THR F 6 1.87 -6.50 39.78
C THR F 6 1.14 -7.40 38.85
N GLU F 7 -0.11 -7.63 39.15
CA GLU F 7 -0.92 -8.45 38.28
C GLU F 7 -2.37 -8.06 38.39
N TYR F 8 -3.15 -8.41 37.40
CA TYR F 8 -4.55 -8.05 37.38
C TYR F 8 -5.32 -8.45 38.63
N SER F 9 -5.00 -9.56 39.24
CA SER F 9 -5.76 -10.02 40.38
C SER F 9 -5.74 -9.08 41.56
N GLY F 10 -4.80 -8.18 41.65
CA GLY F 10 -4.77 -7.23 42.73
C GLY F 10 -5.35 -5.86 42.46
N LEU F 11 -5.79 -5.60 41.24
CA LEU F 11 -6.25 -4.27 40.90
C LEU F 11 -7.46 -3.82 41.68
N ALA F 12 -8.43 -4.69 41.81
CA ALA F 12 -9.65 -4.35 42.51
C ALA F 12 -9.37 -4.02 43.95
N THR F 13 -8.54 -4.80 44.60
CA THR F 13 -8.21 -4.55 45.98
C THR F 13 -7.50 -3.21 46.12
N ALA F 14 -6.56 -2.89 45.27
CA ALA F 14 -5.93 -1.58 45.33
C ALA F 14 -6.90 -0.42 45.09
N VAL F 15 -7.80 -0.58 44.15
CA VAL F 15 -8.79 0.46 43.83
C VAL F 15 -9.90 0.52 44.90
N SER F 16 -9.89 -0.37 45.88
CA SER F 16 -10.84 -0.25 46.97
C SER F 16 -10.11 0.16 48.21
N SER F 17 -8.79 0.03 48.23
CA SER F 17 -8.08 0.25 49.47
C SER F 17 -7.02 1.31 49.44
N CYS F 18 -6.80 1.93 48.27
CA CYS F 18 -5.69 2.86 48.13
C CYS F 18 -5.89 4.18 47.36
N LYS F 19 -5.29 5.25 47.83
CA LYS F 19 -5.37 6.51 47.10
C LYS F 19 -4.18 6.77 46.22
N ASN F 20 -3.14 5.99 46.38
CA ASN F 20 -2.04 6.12 45.47
C ASN F 20 -1.73 4.74 44.96
N ILE F 21 -1.91 4.50 43.67
CA ILE F 21 -1.74 3.17 43.08
C ILE F 21 -0.66 3.16 42.05
N VAL F 22 0.11 2.08 42.00
CA VAL F 22 1.10 1.91 41.00
C VAL F 22 0.81 0.63 40.20
N LEU F 23 0.64 0.72 38.89
CA LEU F 23 0.47 -0.43 38.00
C LEU F 23 1.82 -0.71 37.38
N ASN F 24 2.37 -1.89 37.64
CA ASN F 24 3.77 -2.17 37.32
C ASN F 24 3.98 -2.76 35.93
N GLY F 25 2.92 -2.90 35.13
CA GLY F 25 3.13 -3.41 33.79
C GLY F 25 2.88 -4.89 33.67
N PHE F 26 1.62 -5.27 33.50
CA PHE F 26 1.21 -6.66 33.38
C PHE F 26 0.22 -6.78 32.21
N GLN F 27 -0.09 -8.02 31.86
CA GLN F 27 -1.08 -8.30 30.83
C GLN F 27 -2.46 -8.46 31.47
N VAL F 28 -3.43 -7.70 30.95
CA VAL F 28 -4.81 -7.86 31.40
C VAL F 28 -5.43 -9.04 30.66
N PRO F 29 -6.01 -10.02 31.36
CA PRO F 29 -6.50 -11.22 30.69
C PRO F 29 -7.72 -10.92 29.82
N THR F 30 -8.03 -11.89 28.95
CA THR F 30 -9.07 -11.69 27.94
C THR F 30 -10.42 -11.44 28.58
N GLY F 31 -11.18 -10.52 27.99
CA GLY F 31 -12.49 -10.20 28.50
C GLY F 31 -12.52 -9.48 29.83
N LYS F 32 -11.37 -9.15 30.40
CA LYS F 32 -11.28 -8.50 31.69
C LYS F 32 -10.89 -7.04 31.51
N GLN F 33 -11.53 -6.17 32.27
CA GLN F 33 -11.45 -4.74 32.07
C GLN F 33 -10.45 -4.16 33.05
N LEU F 34 -9.54 -3.31 32.55
CA LEU F 34 -8.75 -2.51 33.48
C LEU F 34 -9.66 -1.42 34.05
N ASP F 35 -10.28 -1.75 35.19
CA ASP F 35 -11.42 -1.01 35.72
C ASP F 35 -10.93 0.01 36.75
N LEU F 36 -10.78 1.27 36.33
CA LEU F 36 -10.50 2.39 37.23
C LEU F 36 -11.70 3.29 37.40
N SER F 37 -12.91 2.72 37.27
CA SER F 37 -14.16 3.47 37.37
C SER F 37 -14.58 3.75 38.81
N SER F 38 -13.98 3.09 39.81
CA SER F 38 -14.36 3.29 41.20
C SER F 38 -13.26 3.94 42.01
N LEU F 39 -12.33 4.65 41.36
CA LEU F 39 -11.27 5.33 42.08
C LEU F 39 -11.85 6.27 43.14
N GLN F 40 -11.24 6.27 44.32
CA GLN F 40 -11.66 7.20 45.36
C GLN F 40 -11.27 8.63 44.99
N ASN F 41 -11.91 9.59 45.66
CA ASN F 41 -11.51 10.99 45.51
C ASN F 41 -10.02 11.16 45.75
N ASP F 42 -9.42 12.08 45.01
CA ASP F 42 -8.04 12.50 45.23
C ASP F 42 -7.05 11.38 44.98
N SER F 43 -7.45 10.35 44.24
CA SER F 43 -6.57 9.22 43.95
C SER F 43 -5.63 9.53 42.81
N THR F 44 -4.51 8.82 42.80
CA THR F 44 -3.52 8.86 41.73
C THR F 44 -3.17 7.44 41.33
N VAL F 45 -3.15 7.19 40.02
CA VAL F 45 -2.69 5.95 39.43
C VAL F 45 -1.50 6.25 38.55
N THR F 46 -0.40 5.52 38.76
CA THR F 46 0.82 5.68 37.98
C THR F 46 1.10 4.42 37.18
N PHE F 47 1.26 4.56 35.85
CA PHE F 47 1.63 3.43 35.00
C PHE F 47 3.15 3.26 35.01
N LYS F 48 3.59 2.01 35.19
CA LYS F 48 4.99 1.65 35.09
C LYS F 48 5.13 0.44 34.16
N GLY F 49 6.32 0.27 33.62
CA GLY F 49 6.54 -0.93 32.81
C GLY F 49 5.68 -0.94 31.56
N THR F 50 5.39 -2.15 31.08
CA THR F 50 4.59 -2.34 29.88
C THR F 50 3.29 -3.04 30.24
N THR F 51 2.18 -2.34 30.04
CA THR F 51 0.85 -2.91 30.19
C THR F 51 0.38 -3.42 28.83
N THR F 52 -0.09 -4.66 28.80
CA THR F 52 -0.57 -5.28 27.59
C THR F 52 -1.95 -5.86 27.85
N PHE F 53 -2.60 -6.34 26.79
CA PHE F 53 -3.95 -6.86 26.86
C PHE F 53 -4.04 -8.13 26.04
N ALA F 54 -4.61 -9.19 26.61
CA ALA F 54 -4.93 -10.37 25.82
C ALA F 54 -6.03 -10.04 24.82
N THR F 55 -6.14 -10.86 23.78
CA THR F 55 -7.10 -10.59 22.72
C THR F 55 -8.52 -10.82 23.22
N THR F 56 -9.38 -9.84 22.98
CA THR F 56 -10.81 -9.90 23.29
C THR F 56 -11.54 -9.40 22.05
N ALA F 57 -11.97 -10.32 21.17
CA ALA F 57 -12.59 -9.94 19.91
C ALA F 57 -14.08 -9.68 20.14
N ASP F 58 -14.37 -8.46 20.58
CA ASP F 58 -15.71 -8.07 20.99
C ASP F 58 -15.85 -6.57 20.71
N ASN F 59 -16.80 -6.20 19.85
CA ASN F 59 -17.02 -4.80 19.52
C ASN F 59 -17.37 -3.99 20.76
N ASP F 60 -18.15 -4.57 21.67
CA ASP F 60 -18.64 -3.87 22.84
C ASP F 60 -17.64 -3.82 23.97
N PHE F 61 -16.49 -4.47 23.84
CA PHE F 61 -15.55 -4.55 24.95
C PHE F 61 -14.75 -3.24 25.08
N ASN F 62 -14.58 -2.79 26.31
CA ASN F 62 -13.84 -1.57 26.63
C ASN F 62 -12.69 -1.89 27.56
N PRO F 63 -11.45 -1.95 27.06
CA PRO F 63 -10.33 -2.40 27.91
C PRO F 63 -10.03 -1.53 29.12
N ILE F 64 -10.06 -0.22 28.98
CA ILE F 64 -9.70 0.65 30.10
C ILE F 64 -10.84 1.60 30.33
N VAL F 65 -11.32 1.68 31.59
CA VAL F 65 -12.35 2.65 31.93
C VAL F 65 -11.90 3.43 33.15
N ILE F 66 -12.16 4.75 33.14
CA ILE F 66 -11.68 5.70 34.14
C ILE F 66 -12.82 6.61 34.58
N SER F 67 -13.02 6.74 35.90
CA SER F 67 -14.03 7.63 36.44
C SER F 67 -13.68 8.02 37.87
N GLY F 68 -14.08 9.21 38.25
CA GLY F 68 -13.83 9.66 39.60
C GLY F 68 -13.76 11.17 39.69
N SER F 69 -13.49 11.65 40.90
CA SER F 69 -13.44 13.07 41.22
C SER F 69 -12.05 13.44 41.74
N ASN F 70 -11.46 14.46 41.13
CA ASN F 70 -10.11 14.91 41.47
C ASN F 70 -9.11 13.75 41.42
N ILE F 71 -9.16 12.96 40.34
CA ILE F 71 -8.23 11.85 40.15
C ILE F 71 -7.11 12.24 39.18
N THR F 72 -6.01 11.51 39.26
CA THR F 72 -4.86 11.71 38.39
C THR F 72 -4.40 10.37 37.83
N ILE F 73 -4.29 10.30 36.50
CA ILE F 73 -3.75 9.13 35.80
C ILE F 73 -2.48 9.59 35.11
N THR F 74 -1.36 8.94 35.43
CA THR F 74 -0.09 9.39 34.87
C THR F 74 0.84 8.21 34.66
N GLY F 75 1.97 8.49 34.04
CA GLY F 75 2.93 7.45 33.70
C GLY F 75 4.32 7.88 34.10
N ALA F 76 5.12 6.88 34.48
CA ALA F 76 6.52 7.10 34.80
C ALA F 76 7.37 6.88 33.56
N SER F 77 8.59 7.42 33.59
CA SER F 77 9.50 7.32 32.45
C SER F 77 9.68 5.87 32.00
N GLY F 78 9.60 5.66 30.69
CA GLY F 78 9.77 4.36 30.09
C GLY F 78 8.53 3.50 29.99
N HIS F 79 7.44 3.89 30.66
CA HIS F 79 6.25 3.06 30.67
C HIS F 79 5.63 3.00 29.27
N VAL F 80 4.89 1.93 29.01
CA VAL F 80 4.21 1.74 27.74
C VAL F 80 2.84 1.14 28.03
N ILE F 81 1.82 1.64 27.33
CA ILE F 81 0.49 1.04 27.30
C ILE F 81 0.26 0.58 25.88
N ASP F 82 0.25 -0.74 25.66
CA ASP F 82 0.04 -1.31 24.33
C ASP F 82 -1.36 -1.90 24.30
N GLY F 83 -2.14 -1.51 23.28
CA GLY F 83 -3.53 -1.88 23.14
C GLY F 83 -3.81 -3.12 22.31
N ASN F 84 -2.77 -3.87 21.89
CA ASN F 84 -2.92 -5.15 21.19
C ASN F 84 -3.58 -4.98 19.83
N GLY F 85 -3.39 -3.80 19.23
CA GLY F 85 -4.10 -3.48 18.00
C GLY F 85 -3.84 -4.44 16.86
N GLN F 86 -2.59 -4.93 16.75
CA GLN F 86 -2.25 -5.83 15.64
C GLN F 86 -3.14 -7.07 15.59
N ALA F 87 -3.69 -7.51 16.73
CA ALA F 87 -4.52 -8.71 16.74
C ALA F 87 -5.90 -8.46 16.16
N TYR F 88 -6.30 -7.20 16.01
CA TYR F 88 -7.64 -6.82 15.62
C TYR F 88 -7.71 -6.21 14.24
N TRP F 89 -6.76 -5.38 13.90
CA TRP F 89 -6.81 -4.63 12.66
C TRP F 89 -7.07 -5.39 11.40
N ASP F 90 -8.10 -5.00 10.68
CA ASP F 90 -8.40 -5.63 9.39
C ASP F 90 -8.64 -4.69 8.21
N GLY F 91 -8.41 -3.41 8.42
CA GLY F 91 -8.67 -2.43 7.39
C GLY F 91 -10.07 -1.83 7.38
N LYS F 92 -10.94 -2.39 8.17
CA LYS F 92 -12.34 -2.03 8.14
C LYS F 92 -12.75 -1.26 9.40
N GLY F 93 -11.93 -1.34 10.42
CA GLY F 93 -12.21 -0.60 11.63
C GLY F 93 -13.54 -0.88 12.25
N SER F 94 -14.31 0.15 12.49
CA SER F 94 -15.60 0.02 13.15
C SER F 94 -16.68 -0.70 12.39
N ASN F 95 -16.63 -0.66 11.07
CA ASN F 95 -17.59 -1.39 10.28
C ASN F 95 -17.46 -2.86 10.54
N ASN F 99 -15.00 -9.16 11.63
CA ASN F 99 -14.03 -9.24 12.72
C ASN F 99 -14.33 -8.21 13.80
N GLN F 100 -14.52 -8.69 15.02
CA GLN F 100 -14.85 -7.84 16.15
C GLN F 100 -13.59 -7.25 16.78
N LYS F 101 -13.68 -5.97 17.15
CA LYS F 101 -12.56 -5.22 17.74
C LYS F 101 -13.13 -4.32 18.82
N PRO F 102 -12.51 -4.26 19.99
CA PRO F 102 -13.00 -3.33 21.02
C PRO F 102 -13.11 -1.90 20.50
N ASP F 103 -14.31 -1.31 20.52
CA ASP F 103 -14.49 -0.04 19.81
C ASP F 103 -13.84 1.12 20.56
N HIS F 104 -13.84 1.11 21.89
CA HIS F 104 -13.26 2.19 22.69
C HIS F 104 -12.15 1.64 23.57
N PHE F 105 -10.94 2.15 23.38
CA PHE F 105 -9.81 1.62 24.16
C PHE F 105 -9.83 2.14 25.59
N ILE F 106 -9.97 3.44 25.75
CA ILE F 106 -9.97 4.12 27.05
C ILE F 106 -11.24 4.95 27.12
N VAL F 107 -12.11 4.63 28.07
CA VAL F 107 -13.34 5.38 28.29
C VAL F 107 -13.14 6.23 29.54
N VAL F 108 -13.26 7.55 29.37
CA VAL F 108 -13.19 8.52 30.47
C VAL F 108 -14.61 9.02 30.67
N GLN F 109 -15.27 8.57 31.74
CA GLN F 109 -16.69 8.90 31.92
C GLN F 109 -16.93 9.37 33.34
N LYS F 110 -17.82 10.35 33.51
CA LYS F 110 -18.17 10.85 34.84
C LYS F 110 -16.92 11.21 35.65
N THR F 111 -15.94 11.81 34.98
CA THR F 111 -14.73 12.29 35.62
C THR F 111 -14.82 13.80 35.83
N THR F 112 -14.70 14.25 37.07
CA THR F 112 -15.02 15.62 37.42
C THR F 112 -13.95 16.17 38.35
N GLY F 113 -14.11 17.44 38.71
CA GLY F 113 -13.39 18.01 39.84
C GLY F 113 -11.92 18.24 39.61
N ASN F 114 -11.55 18.75 38.45
CA ASN F 114 -10.16 19.10 38.11
C ASN F 114 -9.27 17.85 38.03
N SER F 115 -9.78 16.80 37.42
CA SER F 115 -8.98 15.61 37.16
C SER F 115 -8.01 15.83 36.00
N LYS F 116 -6.98 14.97 35.96
CA LYS F 116 -6.03 15.10 34.87
C LYS F 116 -5.50 13.72 34.50
N ILE F 117 -5.19 13.60 33.21
CA ILE F 117 -4.60 12.41 32.67
C ILE F 117 -3.37 12.94 32.00
N THR F 118 -2.20 12.55 32.47
CA THR F 118 -0.97 13.11 31.97
C THR F 118 0.16 12.17 31.61
N ASN F 119 0.98 12.59 30.67
CA ASN F 119 2.20 11.85 30.38
C ASN F 119 2.07 10.38 30.11
N LEU F 120 1.06 9.99 29.37
CA LEU F 120 0.93 8.62 28.99
C LEU F 120 1.51 8.28 27.65
N ASN F 121 2.07 7.10 27.53
CA ASN F 121 2.66 6.63 26.29
C ASN F 121 1.82 5.46 25.79
N ILE F 122 1.03 5.69 24.74
CA ILE F 122 0.06 4.72 24.25
C ILE F 122 0.40 4.33 22.83
N GLN F 123 0.33 3.03 22.54
CA GLN F 123 0.62 2.53 21.21
C GLN F 123 -0.31 1.38 20.87
N ASN F 124 -0.57 1.20 19.56
CA ASN F 124 -1.23 0.01 19.01
C ASN F 124 -2.60 -0.25 19.63
N TRP F 125 -3.45 0.76 19.54
CA TRP F 125 -4.79 0.56 20.06
C TRP F 125 -5.73 0.12 18.95
N PRO F 126 -6.84 -0.58 19.25
CA PRO F 126 -7.61 -1.23 18.17
C PRO F 126 -8.39 -0.27 17.27
N VAL F 127 -9.29 0.54 17.83
CA VAL F 127 -10.09 1.44 16.99
C VAL F 127 -10.01 2.83 17.60
N HIS F 128 -11.10 3.31 18.21
CA HIS F 128 -11.03 4.62 18.85
C HIS F 128 -10.20 4.51 20.11
N CYS F 129 -9.39 5.53 20.34
CA CYS F 129 -8.57 5.53 21.54
C CYS F 129 -9.36 6.06 22.73
N PHE F 130 -9.42 7.39 22.88
CA PHE F 130 -10.10 8.03 24.01
C PHE F 130 -11.56 8.33 23.66
N ASP F 131 -12.47 7.90 24.51
CA ASP F 131 -13.87 8.33 24.50
C ASP F 131 -14.17 9.08 25.80
N ILE F 132 -14.26 10.40 25.70
CA ILE F 132 -14.49 11.26 26.86
C ILE F 132 -15.96 11.62 26.88
N THR F 133 -16.65 11.31 27.97
CA THR F 133 -18.10 11.50 27.98
C THR F 133 -18.57 11.87 29.38
N GLY F 134 -19.60 12.71 29.44
CA GLY F 134 -20.20 13.07 30.72
C GLY F 134 -19.23 13.58 31.77
N SER F 135 -18.20 14.30 31.34
CA SER F 135 -17.12 14.70 32.23
C SER F 135 -17.01 16.22 32.30
N SER F 136 -16.26 16.69 33.28
CA SER F 136 -16.22 18.11 33.56
C SER F 136 -14.90 18.47 34.24
N GLN F 137 -14.30 19.59 33.82
CA GLN F 137 -13.07 20.11 34.41
C GLN F 137 -11.96 19.06 34.39
N LEU F 138 -11.59 18.69 33.17
CA LEU F 138 -10.69 17.58 32.92
C LEU F 138 -9.56 18.05 32.02
N THR F 139 -8.33 17.68 32.37
CA THR F 139 -7.18 18.01 31.54
C THR F 139 -6.49 16.73 31.08
N ILE F 140 -6.16 16.66 29.80
CA ILE F 140 -5.37 15.56 29.24
C ILE F 140 -4.19 16.19 28.51
N SER F 141 -2.97 15.93 28.99
CA SER F 141 -1.83 16.65 28.49
C SER F 141 -0.59 15.76 28.51
N GLY F 142 0.28 15.97 27.52
CA GLY F 142 1.53 15.26 27.49
C GLY F 142 1.45 13.84 26.97
N LEU F 143 0.39 13.47 26.27
CA LEU F 143 0.27 12.10 25.80
C LEU F 143 0.91 11.89 24.43
N ILE F 144 1.33 10.65 24.18
CA ILE F 144 1.67 10.14 22.85
C ILE F 144 0.72 9.02 22.52
N LEU F 145 0.00 9.16 21.40
CA LEU F 145 -0.84 8.12 20.83
C LEU F 145 -0.18 7.73 19.52
N ASP F 146 0.46 6.57 19.48
CA ASP F 146 1.25 6.17 18.32
C ASP F 146 0.63 4.92 17.72
N ASN F 147 -0.12 5.10 16.64
CA ASN F 147 -0.66 3.99 15.87
C ASN F 147 0.01 3.87 14.50
N ARG F 148 1.27 4.30 14.39
CA ARG F 148 1.93 4.26 13.09
C ARG F 148 2.07 2.85 12.56
N ALA F 149 2.20 1.86 13.43
CA ALA F 149 2.29 0.49 12.93
C ALA F 149 1.04 0.06 12.17
N GLY F 150 -0.11 0.74 12.41
CA GLY F 150 -1.31 0.45 11.67
C GLY F 150 -1.41 1.08 10.29
N ASP F 151 -0.42 1.85 9.85
CA ASP F 151 -0.47 2.49 8.55
C ASP F 151 -0.26 1.58 7.38
N LYS F 152 0.43 0.48 7.62
CA LYS F 152 0.68 -0.48 6.59
C LYS F 152 -0.41 -1.49 6.42
N PRO F 153 -0.49 -2.08 5.23
CA PRO F 153 -1.43 -3.18 5.10
C PRO F 153 -1.00 -4.44 5.89
N ASN F 154 -1.93 -5.30 6.26
CA ASN F 154 -1.61 -6.52 7.01
C ASN F 154 -2.19 -7.75 6.32
N ALA F 155 -2.08 -8.92 6.93
CA ALA F 155 -2.54 -10.11 6.25
C ALA F 155 -4.04 -10.12 6.05
N LYS F 156 -4.78 -9.27 6.75
CA LYS F 156 -6.23 -9.28 6.60
C LYS F 156 -6.79 -8.07 5.85
N SER F 157 -6.02 -7.02 5.62
CA SER F 157 -6.57 -5.80 5.03
C SER F 157 -6.56 -5.58 3.53
N GLY F 158 -6.00 -6.50 2.78
CA GLY F 158 -5.85 -6.28 1.36
C GLY F 158 -5.02 -5.05 1.05
N SER F 159 -5.51 -4.21 0.17
CA SER F 159 -4.84 -2.97 -0.21
C SER F 159 -4.80 -1.93 0.87
N LEU F 160 -5.80 -1.92 1.71
CA LEU F 160 -5.93 -0.90 2.72
C LEU F 160 -5.01 -0.91 3.94
N PRO F 161 -4.82 0.26 4.53
CA PRO F 161 -4.05 0.28 5.77
C PRO F 161 -4.77 -0.53 6.83
N ALA F 162 -4.03 -1.29 7.61
CA ALA F 162 -4.66 -2.16 8.59
C ALA F 162 -5.53 -1.44 9.60
N ALA F 163 -5.02 -0.38 10.18
CA ALA F 163 -5.79 0.36 11.16
C ALA F 163 -6.73 1.36 10.48
N HIS F 164 -7.92 1.53 11.06
CA HIS F 164 -8.97 2.37 10.50
C HIS F 164 -9.89 2.82 11.62
N ASN F 165 -10.44 4.02 11.47
CA ASN F 165 -11.34 4.62 12.49
C ASN F 165 -10.64 4.77 13.83
N THR F 166 -9.35 5.07 13.80
CA THR F 166 -8.55 5.12 15.02
C THR F 166 -8.51 6.54 15.60
N ASP F 167 -9.69 7.08 15.92
CA ASP F 167 -9.77 8.42 16.49
C ASP F 167 -8.89 8.56 17.72
N GLY F 168 -8.22 9.70 17.83
CA GLY F 168 -7.46 9.98 19.03
C GLY F 168 -8.30 10.32 20.25
N PHE F 169 -9.06 11.41 20.19
CA PHE F 169 -9.88 11.85 21.30
C PHE F 169 -11.28 12.16 20.76
N ASP F 170 -12.29 11.41 21.21
CA ASP F 170 -13.68 11.73 20.93
C ASP F 170 -14.29 12.36 22.17
N ILE F 171 -14.96 13.51 22.02
CA ILE F 171 -15.48 14.24 23.16
C ILE F 171 -16.98 14.40 22.97
N SER F 172 -17.75 14.06 24.01
CA SER F 172 -19.18 14.31 23.96
C SER F 172 -19.69 14.62 25.38
N SER F 173 -20.77 15.40 25.43
CA SER F 173 -21.56 15.68 26.64
C SER F 173 -20.65 16.01 27.82
N SER F 174 -19.68 16.89 27.57
CA SER F 174 -18.70 17.26 28.56
C SER F 174 -18.50 18.76 28.51
N ASP F 175 -17.95 19.31 29.57
CA ASP F 175 -17.69 20.74 29.64
C ASP F 175 -16.34 20.95 30.30
N HIS F 176 -15.66 21.99 29.85
CA HIS F 176 -14.37 22.39 30.42
C HIS F 176 -13.37 21.23 30.34
N VAL F 177 -13.23 20.67 29.16
CA VAL F 177 -12.19 19.69 28.86
C VAL F 177 -11.09 20.40 28.10
N THR F 178 -9.86 20.22 28.54
CA THR F 178 -8.67 20.74 27.90
C THR F 178 -7.81 19.57 27.43
N LEU F 179 -7.49 19.56 26.15
CA LEU F 179 -6.54 18.65 25.53
C LEU F 179 -5.34 19.51 25.15
N ASP F 180 -4.21 19.32 25.80
CA ASP F 180 -3.08 20.21 25.58
C ASP F 180 -1.81 19.40 25.37
N ASN F 181 -1.06 19.72 24.33
CA ASN F 181 0.28 19.16 24.13
C ASN F 181 0.27 17.63 24.06
N ASN F 182 -0.47 17.12 23.09
CA ASN F 182 -0.50 15.70 22.79
C ASN F 182 -0.05 15.48 21.35
N HIS F 183 0.59 14.32 21.13
CA HIS F 183 0.98 13.85 19.82
C HIS F 183 0.08 12.69 19.44
N VAL F 184 -0.51 12.74 18.26
CA VAL F 184 -1.38 11.67 17.78
C VAL F 184 -0.95 11.29 16.39
N TYR F 185 -0.53 10.03 16.23
CA TYR F 185 -0.26 9.40 14.95
C TYR F 185 -1.32 8.32 14.76
N ASN F 186 -2.23 8.52 13.82
CA ASN F 186 -3.34 7.60 13.71
C ASN F 186 -3.85 7.59 12.27
N GLN F 187 -5.10 7.14 12.09
CA GLN F 187 -5.68 6.96 10.78
C GLN F 187 -7.08 7.55 10.70
N ASP F 188 -7.46 8.39 11.65
CA ASP F 188 -8.76 9.08 11.57
C ASP F 188 -8.64 10.40 12.33
N ASP F 189 -9.77 10.92 12.80
CA ASP F 189 -9.75 12.21 13.47
C ASP F 189 -8.75 12.21 14.61
N CYS F 190 -7.90 13.23 14.63
CA CYS F 190 -7.05 13.48 15.78
C CYS F 190 -7.89 13.78 17.02
N VAL F 191 -8.79 14.76 16.89
CA VAL F 191 -9.82 15.06 17.88
C VAL F 191 -11.14 15.21 17.13
N ALA F 192 -12.23 14.71 17.73
CA ALA F 192 -13.59 14.90 17.22
C ALA F 192 -14.51 15.26 18.39
N VAL F 193 -15.10 16.45 18.32
CA VAL F 193 -16.06 16.93 19.32
C VAL F 193 -17.45 16.82 18.70
N THR F 194 -18.29 15.92 19.21
CA THR F 194 -19.66 15.82 18.72
C THR F 194 -20.67 16.53 19.60
N SER F 195 -20.29 16.89 20.82
CA SER F 195 -21.09 17.70 21.71
C SER F 195 -20.20 18.11 22.87
N GLY F 196 -20.53 19.24 23.50
CA GLY F 196 -19.77 19.71 24.64
C GLY F 196 -19.64 21.22 24.67
N THR F 197 -19.17 21.77 25.78
CA THR F 197 -19.04 23.22 25.94
C THR F 197 -17.71 23.54 26.60
N ASN F 198 -17.11 24.66 26.20
CA ASN F 198 -15.86 25.16 26.79
C ASN F 198 -14.75 24.12 26.63
N ILE F 199 -14.56 23.67 25.38
CA ILE F 199 -13.51 22.70 25.07
C ILE F 199 -12.32 23.47 24.52
N VAL F 200 -11.14 23.10 24.98
CA VAL F 200 -9.88 23.70 24.54
C VAL F 200 -8.99 22.58 24.00
N VAL F 201 -8.47 22.76 22.79
CA VAL F 201 -7.59 21.79 22.16
C VAL F 201 -6.39 22.59 21.68
N SER F 202 -5.27 22.50 22.41
CA SER F 202 -4.12 23.36 22.20
C SER F 202 -2.85 22.52 22.06
N ASN F 203 -1.95 23.02 21.23
CA ASN F 203 -0.61 22.47 21.08
C ASN F 203 -0.65 21.00 20.72
N MET F 204 -1.52 20.64 19.78
CA MET F 204 -1.56 19.28 19.30
C MET F 204 -0.63 19.10 18.11
N TYR F 205 -0.11 17.89 17.99
CA TYR F 205 0.59 17.43 16.79
C TYR F 205 -0.18 16.24 16.25
N CYS F 206 -0.86 16.43 15.13
CA CYS F 206 -1.71 15.41 14.53
C CYS F 206 -1.09 14.98 13.22
N SER F 207 -0.85 13.67 13.08
CA SER F 207 -0.17 13.13 11.92
C SER F 207 -0.94 11.90 11.44
N GLY F 208 -1.15 11.83 10.14
CA GLY F 208 -1.64 10.63 9.48
C GLY F 208 -3.15 10.48 9.43
N GLY F 209 -3.91 11.27 10.19
CA GLY F 209 -5.33 11.01 10.37
C GLY F 209 -6.22 11.89 9.51
N HIS F 210 -7.36 12.31 10.08
CA HIS F 210 -8.35 13.08 9.33
C HIS F 210 -8.51 14.51 9.86
N GLY F 211 -7.64 14.95 10.76
CA GLY F 211 -7.61 16.34 11.18
C GLY F 211 -8.29 16.62 12.51
N LEU F 212 -8.59 17.90 12.73
CA LEU F 212 -9.20 18.40 13.97
C LEU F 212 -10.65 18.77 13.67
N SER F 213 -11.59 18.00 14.25
CA SER F 213 -12.96 17.96 13.76
C SER F 213 -14.00 18.28 14.82
N ILE F 214 -14.99 19.05 14.39
CA ILE F 214 -16.28 19.11 15.04
C ILE F 214 -17.18 18.16 14.28
N GLY F 215 -17.83 17.24 14.99
CA GLY F 215 -18.85 16.45 14.35
C GLY F 215 -18.41 15.03 14.04
N SER F 216 -19.24 14.33 13.27
CA SER F 216 -20.48 14.86 12.68
C SER F 216 -21.54 15.11 13.73
N VAL F 217 -22.12 16.30 13.70
CA VAL F 217 -23.09 16.71 14.71
C VAL F 217 -24.49 16.40 14.19
N GLY F 218 -25.36 15.94 15.08
CA GLY F 218 -26.76 15.73 14.74
C GLY F 218 -27.14 14.25 14.77
N GLY F 219 -28.38 13.98 15.21
CA GLY F 219 -28.86 12.62 15.30
C GLY F 219 -28.39 11.87 16.52
N LYS F 220 -27.57 12.49 17.38
CA LYS F 220 -27.02 11.84 18.55
C LYS F 220 -27.84 12.23 19.78
N SER F 221 -27.42 11.72 20.94
CA SER F 221 -28.17 12.03 22.17
C SER F 221 -27.97 13.48 22.58
N ASP F 222 -26.78 14.04 22.29
CA ASP F 222 -26.46 15.43 22.56
C ASP F 222 -25.94 16.02 21.26
N ASN F 223 -26.56 17.11 20.80
CA ASN F 223 -26.20 17.68 19.50
C ASN F 223 -25.91 19.17 19.63
N VAL F 224 -25.35 19.60 20.75
CA VAL F 224 -25.02 21.00 20.97
C VAL F 224 -23.53 21.11 21.22
N VAL F 225 -22.85 21.90 20.39
CA VAL F 225 -21.44 22.24 20.58
C VAL F 225 -21.38 23.74 20.81
N ASP F 226 -20.78 24.17 21.92
CA ASP F 226 -20.75 25.61 22.23
C ASP F 226 -19.43 25.99 22.88
N GLY F 227 -18.57 26.66 22.12
CA GLY F 227 -17.31 27.12 22.67
C GLY F 227 -16.22 26.07 22.61
N VAL F 228 -15.63 25.92 21.41
CA VAL F 228 -14.48 25.06 21.18
C VAL F 228 -13.35 25.91 20.60
N GLN F 229 -12.15 25.74 21.15
CA GLN F 229 -10.97 26.43 20.65
C GLN F 229 -9.93 25.41 20.21
N PHE F 230 -9.52 25.45 18.95
CA PHE F 230 -8.39 24.69 18.43
C PHE F 230 -7.23 25.66 18.24
N LEU F 231 -6.14 25.47 18.98
CA LEU F 231 -5.11 26.49 19.10
C LEU F 231 -3.72 25.90 18.88
N SER F 232 -2.88 26.71 18.24
CA SER F 232 -1.47 26.40 18.13
C SER F 232 -1.13 24.97 17.90
N SER F 233 -1.57 24.45 16.78
CA SER F 233 -1.39 23.06 16.53
C SER F 233 -0.93 22.75 15.12
N GLN F 234 -0.41 21.56 14.93
CA GLN F 234 0.05 21.15 13.63
C GLN F 234 -0.71 19.97 13.12
N VAL F 235 -1.12 20.04 11.86
CA VAL F 235 -1.78 18.91 11.22
C VAL F 235 -0.97 18.53 9.99
N VAL F 236 -0.47 17.31 9.98
CA VAL F 236 0.39 16.87 8.90
C VAL F 236 0.00 15.53 8.34
N ASN F 237 0.21 15.35 7.04
CA ASN F 237 -0.02 14.04 6.45
C ASN F 237 -1.43 13.53 6.72
N SER F 238 -2.40 14.42 6.61
CA SER F 238 -3.77 14.10 6.98
C SER F 238 -4.73 14.38 5.83
N GLN F 239 -5.93 13.81 5.95
CA GLN F 239 -6.95 13.98 4.92
C GLN F 239 -7.53 15.39 4.94
N ASN F 240 -7.73 15.96 6.14
CA ASN F 240 -8.21 17.32 6.30
C ASN F 240 -7.35 18.01 7.34
N GLY F 241 -7.33 19.35 7.28
CA GLY F 241 -6.73 20.12 8.35
C GLY F 241 -7.76 20.45 9.43
N CYS F 242 -8.64 21.42 9.15
CA CYS F 242 -9.73 21.83 10.04
C CYS F 242 -11.05 21.39 9.47
N ARG F 243 -11.92 20.83 10.30
CA ARG F 243 -13.16 20.27 9.75
C ARG F 243 -14.35 20.44 10.70
N ILE F 244 -15.48 20.81 10.12
CA ILE F 244 -16.76 20.87 10.79
C ILE F 244 -17.75 20.12 9.90
N LYS F 245 -18.38 19.09 10.45
CA LYS F 245 -19.37 18.32 9.71
C LYS F 245 -20.68 18.25 10.47
N SER F 246 -21.80 18.25 9.73
CA SER F 246 -23.08 17.96 10.37
C SER F 246 -23.85 16.99 9.50
N ASN F 247 -24.71 16.19 10.13
CA ASN F 247 -25.42 15.13 9.41
C ASN F 247 -26.68 15.64 8.71
N SER F 248 -26.83 15.22 7.45
CA SER F 248 -28.03 15.50 6.68
C SER F 248 -29.28 15.11 7.46
N GLY F 249 -30.27 15.99 7.44
CA GLY F 249 -31.54 15.74 8.06
C GLY F 249 -31.60 15.95 9.56
N ALA F 250 -30.47 16.29 10.19
CA ALA F 250 -30.42 16.38 11.65
C ALA F 250 -30.69 17.80 12.16
N THR F 251 -30.85 17.95 13.49
CA THR F 251 -30.98 19.26 14.13
C THR F 251 -29.92 19.40 15.20
N GLY F 252 -29.54 20.63 15.48
CA GLY F 252 -28.51 20.87 16.47
C GLY F 252 -27.91 22.26 16.32
N THR F 253 -26.85 22.49 17.10
CA THR F 253 -26.17 23.77 17.15
C THR F 253 -24.68 23.58 17.33
N ILE F 254 -23.88 24.20 16.46
CA ILE F 254 -22.45 24.35 16.63
C ILE F 254 -22.20 25.85 16.72
N ASN F 255 -21.73 26.32 17.87
CA ASN F 255 -21.59 27.75 18.09
C ASN F 255 -20.24 28.05 18.71
N ASN F 256 -19.58 29.10 18.23
CA ASN F 256 -18.36 29.63 18.85
C ASN F 256 -17.22 28.60 18.77
N VAL F 257 -16.79 28.33 17.55
CA VAL F 257 -15.66 27.44 17.28
C VAL F 257 -14.54 28.26 16.63
N THR F 258 -13.34 28.18 17.20
CA THR F 258 -12.19 28.91 16.71
C THR F 258 -11.08 27.94 16.32
N TYR F 259 -10.54 28.10 15.11
CA TYR F 259 -9.29 27.48 14.70
C TYR F 259 -8.28 28.62 14.55
N GLN F 260 -7.26 28.64 15.41
CA GLN F 260 -6.32 29.75 15.45
C GLN F 260 -4.91 29.21 15.55
N ASN F 261 -4.05 29.67 14.64
CA ASN F 261 -2.65 29.24 14.55
C ASN F 261 -2.56 27.73 14.31
N ILE F 262 -3.15 27.32 13.19
CA ILE F 262 -3.15 25.93 12.77
C ILE F 262 -2.25 25.82 11.54
N ALA F 263 -1.19 25.00 11.64
CA ALA F 263 -0.20 24.83 10.59
C ALA F 263 -0.42 23.50 9.88
N LEU F 264 -0.56 23.54 8.55
CA LEU F 264 -0.93 22.40 7.73
C LEU F 264 0.22 21.96 6.84
N THR F 265 0.42 20.66 6.72
CA THR F 265 1.42 20.13 5.80
C THR F 265 0.90 18.88 5.13
N ASN F 266 0.84 18.91 3.80
CA ASN F 266 0.57 17.71 3.00
C ASN F 266 -0.80 17.14 3.34
N ILE F 267 -1.80 18.02 3.33
CA ILE F 267 -3.20 17.62 3.52
C ILE F 267 -3.73 17.09 2.21
N SER F 268 -4.32 15.90 2.24
CA SER F 268 -4.65 15.22 1.00
C SER F 268 -5.95 15.70 0.36
N THR F 269 -6.96 16.09 1.14
CA THR F 269 -8.27 16.38 0.57
C THR F 269 -8.73 17.82 0.78
N TYR F 270 -8.91 18.25 2.03
CA TYR F 270 -9.45 19.59 2.32
C TYR F 270 -8.54 20.25 3.34
N GLY F 271 -8.01 21.42 3.00
CA GLY F 271 -7.35 22.21 4.02
C GLY F 271 -8.31 22.57 5.14
N VAL F 272 -9.39 23.28 4.78
CA VAL F 272 -10.50 23.59 5.67
C VAL F 272 -11.76 23.01 5.05
N ASP F 273 -12.58 22.36 5.87
CA ASP F 273 -13.77 21.64 5.41
C ASP F 273 -14.91 21.97 6.35
N VAL F 274 -15.97 22.55 5.81
CA VAL F 274 -17.20 22.81 6.54
C VAL F 274 -18.33 22.29 5.68
N GLN F 275 -19.04 21.26 6.14
CA GLN F 275 -20.13 20.77 5.30
C GLN F 275 -21.27 20.19 6.12
N GLN F 276 -22.47 20.27 5.53
CA GLN F 276 -23.72 19.93 6.21
C GLN F 276 -24.48 18.85 5.47
N ASP F 277 -23.77 18.03 4.71
CA ASP F 277 -24.40 17.05 3.83
C ASP F 277 -23.93 15.63 4.12
N TYR F 278 -23.63 15.31 5.38
CA TYR F 278 -23.09 13.99 5.70
C TYR F 278 -24.20 13.00 5.97
N LEU F 279 -24.11 11.85 5.31
CA LEU F 279 -25.09 10.77 5.44
C LEU F 279 -24.33 9.47 5.54
N ASN F 280 -24.35 8.85 6.70
CA ASN F 280 -23.71 7.55 6.90
C ASN F 280 -22.24 7.59 6.48
N GLY F 281 -21.52 8.57 7.04
CA GLY F 281 -20.10 8.73 6.78
C GLY F 281 -19.70 9.15 5.38
N GLY F 282 -20.62 9.61 4.54
CA GLY F 282 -20.30 10.13 3.22
C GLY F 282 -21.08 11.39 2.84
N PRO F 283 -20.46 12.26 1.96
CA PRO F 283 -21.23 13.42 1.50
C PRO F 283 -22.33 13.16 0.48
N THR F 284 -23.42 13.89 0.53
CA THR F 284 -24.51 13.77 -0.43
C THR F 284 -24.52 14.82 -1.51
N GLY F 285 -23.87 15.94 -1.25
CA GLY F 285 -23.92 17.08 -2.16
C GLY F 285 -25.12 17.94 -1.85
N LYS F 286 -25.94 17.52 -0.89
CA LYS F 286 -27.18 18.21 -0.60
C LYS F 286 -27.28 18.64 0.86
N PRO F 287 -26.71 19.80 1.16
CA PRO F 287 -26.76 20.23 2.53
C PRO F 287 -28.13 20.53 3.07
N THR F 288 -28.31 20.23 4.33
CA THR F 288 -29.55 20.52 5.03
C THR F 288 -29.32 21.67 6.02
N ASN F 289 -30.38 22.25 6.54
CA ASN F 289 -30.26 23.43 7.42
C ASN F 289 -30.79 23.30 8.89
N GLY F 290 -30.94 22.08 9.33
CA GLY F 290 -31.41 21.86 10.68
C GLY F 290 -30.35 22.05 11.73
N VAL F 291 -29.08 22.01 11.37
CA VAL F 291 -28.01 22.26 12.31
C VAL F 291 -27.48 23.67 12.08
N LYS F 292 -27.65 24.55 13.07
CA LYS F 292 -27.09 25.89 12.98
C LYS F 292 -25.58 25.84 13.22
N ILE F 293 -24.82 26.57 12.39
CA ILE F 293 -23.38 26.71 12.57
C ILE F 293 -23.09 28.22 12.64
N SER F 294 -22.63 28.70 13.79
CA SER F 294 -22.46 30.16 13.91
C SER F 294 -21.24 30.51 14.76
N ASN F 295 -20.71 31.71 14.49
CA ASN F 295 -19.52 32.23 15.15
C ASN F 295 -18.33 31.28 14.98
N ILE F 296 -17.95 31.04 13.73
CA ILE F 296 -16.80 30.22 13.37
C ILE F 296 -15.67 31.13 12.91
N LYS F 297 -14.50 31.00 13.54
CA LYS F 297 -13.34 31.83 13.19
C LYS F 297 -12.20 30.95 12.69
N PHE F 298 -11.61 31.37 11.57
CA PHE F 298 -10.41 30.78 11.01
C PHE F 298 -9.34 31.88 11.03
N ILE F 299 -8.38 31.73 11.92
CA ILE F 299 -7.38 32.77 12.18
C ILE F 299 -6.01 32.13 12.05
N LYS F 300 -5.25 32.58 11.04
CA LYS F 300 -3.89 32.07 10.85
C LYS F 300 -3.89 30.55 10.68
N VAL F 301 -4.79 30.04 9.85
CA VAL F 301 -4.67 28.68 9.33
C VAL F 301 -3.77 28.78 8.12
N THR F 302 -2.56 28.25 8.23
CA THR F 302 -1.58 28.46 7.16
C THR F 302 -0.89 27.14 6.84
N GLY F 303 -0.27 27.09 5.67
CA GLY F 303 0.55 25.94 5.34
C GLY F 303 0.26 25.46 3.95
N THR F 304 0.58 24.19 3.74
CA THR F 304 0.45 23.62 2.44
C THR F 304 -0.43 22.40 2.35
N VAL F 305 -1.14 22.28 1.26
CA VAL F 305 -1.92 21.11 1.04
C VAL F 305 -1.37 20.47 -0.22
N ALA F 306 -1.67 19.21 -0.40
CA ALA F 306 -1.23 18.52 -1.56
C ALA F 306 -1.89 18.98 -2.85
N SER F 307 -1.27 18.66 -3.97
CA SER F 307 -1.76 19.10 -5.28
C SER F 307 -3.14 18.61 -5.58
N SER F 308 -3.46 17.41 -5.09
CA SER F 308 -4.78 16.81 -5.27
C SER F 308 -5.88 17.45 -4.44
N ALA F 309 -5.50 18.23 -3.46
CA ALA F 309 -6.43 18.87 -2.57
C ALA F 309 -7.11 20.17 -2.95
N GLN F 310 -8.11 20.55 -2.16
CA GLN F 310 -8.74 21.83 -2.32
C GLN F 310 -8.33 22.55 -1.03
N ASP F 311 -7.96 23.82 -1.12
CA ASP F 311 -7.60 24.59 0.08
C ASP F 311 -8.82 24.74 1.00
N TRP F 312 -9.96 25.10 0.42
CA TRP F 312 -11.18 25.38 1.16
C TRP F 312 -12.35 24.66 0.52
N PHE F 313 -13.21 24.09 1.37
CA PHE F 313 -14.50 23.56 0.95
C PHE F 313 -15.52 23.96 2.02
N ILE F 314 -16.54 24.73 1.62
CA ILE F 314 -17.62 25.14 2.51
C ILE F 314 -18.92 24.89 1.78
N LEU F 315 -19.77 24.02 2.36
CA LEU F 315 -21.06 23.63 1.79
C LEU F 315 -22.09 23.72 2.93
N CYS F 316 -22.61 24.91 3.13
CA CYS F 316 -23.61 25.17 4.17
C CYS F 316 -25.02 24.95 3.63
N GLY F 317 -25.94 24.56 4.50
CA GLY F 317 -27.34 24.53 4.11
C GLY F 317 -27.89 25.96 4.01
N ASP F 318 -29.16 26.05 3.63
CA ASP F 318 -29.83 27.33 3.36
C ASP F 318 -30.07 28.09 4.67
N GLY F 319 -29.27 29.13 4.93
CA GLY F 319 -29.43 29.96 6.10
C GLY F 319 -28.95 29.36 7.42
N SER F 320 -28.28 28.21 7.39
CA SER F 320 -27.85 27.61 8.64
C SER F 320 -26.45 28.04 9.09
N CYS F 321 -25.72 28.81 8.29
CA CYS F 321 -24.40 29.29 8.71
C CYS F 321 -24.43 30.81 8.90
N SER F 322 -23.81 31.29 9.98
CA SER F 322 -23.79 32.72 10.28
C SER F 322 -22.47 33.06 10.94
N GLY F 323 -22.01 34.29 10.74
CA GLY F 323 -20.89 34.82 11.49
C GLY F 323 -19.59 34.04 11.35
N PHE F 324 -19.13 33.86 10.12
CA PHE F 324 -17.82 33.27 9.86
C PHE F 324 -16.81 34.41 9.74
N THR F 325 -15.66 34.26 10.42
CA THR F 325 -14.57 35.22 10.38
C THR F 325 -13.32 34.57 9.79
N PHE F 326 -12.65 35.30 8.90
CA PHE F 326 -11.41 34.83 8.30
C PHE F 326 -10.36 35.90 8.50
N SER F 327 -9.19 35.50 9.00
CA SER F 327 -8.15 36.49 9.24
C SER F 327 -6.80 35.80 9.18
N GLY F 328 -5.91 36.29 8.29
CA GLY F 328 -4.52 35.86 8.29
C GLY F 328 -4.27 34.45 7.81
N ASN F 329 -5.22 33.83 7.11
CA ASN F 329 -5.04 32.48 6.61
C ASN F 329 -4.16 32.49 5.37
N ALA F 330 -3.41 31.41 5.19
CA ALA F 330 -2.54 31.27 4.02
C ALA F 330 -2.39 29.79 3.67
N ILE F 331 -3.49 29.17 3.27
CA ILE F 331 -3.48 27.79 2.81
C ILE F 331 -3.19 27.81 1.30
N THR F 332 -2.12 27.14 0.91
CA THR F 332 -1.67 27.10 -0.47
C THR F 332 -1.38 25.69 -0.96
N GLY F 333 -1.30 25.49 -2.25
CA GLY F 333 -0.97 24.21 -2.82
C GLY F 333 -2.00 23.30 -3.42
N GLY F 334 -3.26 23.58 -3.19
CA GLY F 334 -4.24 22.77 -3.82
C GLY F 334 -4.43 23.10 -5.28
N GLY F 335 -4.28 22.09 -6.13
CA GLY F 335 -4.55 22.24 -7.54
C GLY F 335 -6.02 22.33 -7.84
N LYS F 336 -6.81 21.64 -7.04
CA LYS F 336 -8.21 21.60 -7.29
C LYS F 336 -8.91 22.81 -6.76
N THR F 337 -9.74 23.42 -7.59
CA THR F 337 -10.37 24.65 -7.22
C THR F 337 -11.22 24.54 -5.96
N SER F 338 -11.04 25.51 -5.07
CA SER F 338 -11.77 25.52 -3.85
C SER F 338 -13.24 25.83 -4.13
N SER F 339 -14.11 25.48 -3.20
CA SER F 339 -15.56 25.66 -3.38
C SER F 339 -16.16 26.11 -2.07
N CYS F 340 -16.78 27.30 -2.04
CA CYS F 340 -17.47 27.78 -0.85
C CYS F 340 -18.79 28.41 -1.27
N ASN F 341 -19.85 28.18 -0.49
CA ASN F 341 -21.14 28.84 -0.69
C ASN F 341 -21.51 29.72 0.50
N TYR F 342 -20.59 29.93 1.46
CA TYR F 342 -20.84 30.83 2.57
C TYR F 342 -19.48 31.32 3.07
N PRO F 343 -19.35 32.60 3.46
CA PRO F 343 -20.36 33.68 3.48
C PRO F 343 -20.74 34.15 2.08
N THR F 344 -19.85 33.98 1.11
CA THR F 344 -20.06 34.33 -0.29
C THR F 344 -19.81 33.09 -1.14
N ASN F 345 -19.87 33.26 -2.46
CA ASN F 345 -19.56 32.18 -3.40
C ASN F 345 -18.07 32.02 -3.70
N THR F 346 -17.20 32.82 -3.11
CA THR F 346 -15.76 32.74 -3.33
C THR F 346 -15.05 32.46 -2.02
N CYS F 347 -13.97 31.68 -2.10
CA CYS F 347 -13.20 31.25 -0.93
C CYS F 347 -12.06 32.21 -0.67
N PRO F 348 -11.39 32.09 0.48
CA PRO F 348 -10.15 32.88 0.69
C PRO F 348 -8.99 32.46 -0.19
N SER F 349 -8.97 31.23 -0.69
CA SER F 349 -7.92 30.74 -1.61
C SER F 349 -8.38 29.42 -2.21
N ASP G 1 -3.48 -5.45 -53.18
CA ASP G 1 -2.49 -5.02 -52.25
C ASP G 1 -1.71 -6.18 -51.75
N PRO G 2 -0.51 -6.37 -52.26
CA PRO G 2 0.36 -7.42 -51.74
C PRO G 2 0.68 -7.08 -50.28
N CYS G 3 0.61 -5.82 -49.89
CA CYS G 3 0.83 -5.38 -48.53
C CYS G 3 -0.19 -5.85 -47.49
N SER G 4 -1.41 -6.15 -47.92
CA SER G 4 -2.41 -6.65 -47.01
C SER G 4 -2.37 -8.17 -47.11
N VAL G 5 -1.89 -8.84 -46.09
CA VAL G 5 -1.79 -10.29 -46.12
C VAL G 5 -3.04 -10.94 -45.55
N THR G 6 -3.68 -11.78 -46.34
CA THR G 6 -4.91 -12.40 -45.95
C THR G 6 -4.73 -13.87 -45.64
N GLU G 7 -3.65 -14.47 -46.10
CA GLU G 7 -3.33 -15.87 -45.85
C GLU G 7 -1.82 -15.97 -45.75
N TYR G 8 -1.37 -17.05 -45.11
CA TYR G 8 0.07 -17.25 -44.90
C TYR G 8 0.84 -17.22 -46.23
N SER G 9 0.24 -17.75 -47.30
CA SER G 9 0.94 -17.83 -48.58
C SER G 9 1.37 -16.46 -49.11
N GLY G 10 0.71 -15.39 -48.70
CA GLY G 10 1.13 -14.09 -49.18
C GLY G 10 2.13 -13.36 -48.34
N LEU G 11 2.59 -13.95 -47.22
CA LEU G 11 3.40 -13.18 -46.28
C LEU G 11 4.77 -12.86 -46.87
N ALA G 12 5.45 -13.88 -47.42
CA ALA G 12 6.79 -13.67 -47.96
C ALA G 12 6.79 -12.52 -48.96
N THR G 13 5.93 -12.60 -49.98
CA THR G 13 5.83 -11.53 -50.95
C THR G 13 5.68 -10.17 -50.25
N ALA G 14 4.77 -10.07 -49.28
CA ALA G 14 4.57 -8.79 -48.60
C ALA G 14 5.87 -8.27 -47.99
N VAL G 15 6.59 -9.10 -47.26
CA VAL G 15 7.85 -8.68 -46.62
C VAL G 15 8.83 -8.25 -47.69
N SER G 16 8.82 -8.94 -48.80
CA SER G 16 9.67 -8.54 -49.92
C SER G 16 9.29 -7.24 -50.57
N SER G 17 8.03 -6.96 -50.71
CA SER G 17 7.70 -5.80 -51.47
C SER G 17 7.15 -4.61 -50.75
N CYS G 18 7.04 -4.63 -49.41
CA CYS G 18 6.32 -3.59 -48.67
C CYS G 18 7.06 -3.10 -47.42
N LYS G 19 6.87 -1.81 -47.11
CA LYS G 19 7.25 -1.22 -45.83
C LYS G 19 6.07 -1.02 -44.88
N ASN G 20 4.83 -1.18 -45.35
CA ASN G 20 3.65 -1.15 -44.47
C ASN G 20 2.83 -2.39 -44.77
N ILE G 21 2.86 -3.34 -43.85
CA ILE G 21 2.22 -4.64 -43.99
C ILE G 21 1.06 -4.72 -43.00
N VAL G 22 -0.06 -5.29 -43.42
CA VAL G 22 -1.17 -5.60 -42.52
C VAL G 22 -1.37 -7.11 -42.56
N LEU G 23 -1.43 -7.73 -41.37
CA LEU G 23 -1.74 -9.14 -41.24
C LEU G 23 -3.20 -9.24 -40.80
N ASN G 24 -4.06 -9.80 -41.65
CA ASN G 24 -5.50 -9.62 -41.46
C ASN G 24 -6.17 -10.67 -40.58
N GLY G 25 -5.41 -11.60 -40.01
CA GLY G 25 -5.93 -12.60 -39.10
C GLY G 25 -6.21 -13.93 -39.77
N PHE G 26 -5.17 -14.73 -40.00
CA PHE G 26 -5.26 -16.02 -40.65
C PHE G 26 -4.57 -17.05 -39.77
N GLN G 27 -4.77 -18.31 -40.12
CA GLN G 27 -4.10 -19.39 -39.42
C GLN G 27 -2.80 -19.74 -40.13
N VAL G 28 -1.70 -19.77 -39.38
CA VAL G 28 -0.42 -20.19 -39.95
C VAL G 28 -0.38 -21.71 -39.97
N PRO G 29 -0.12 -22.35 -41.12
CA PRO G 29 -0.20 -23.81 -41.21
C PRO G 29 0.94 -24.49 -40.46
N THR G 30 0.80 -25.80 -40.29
CA THR G 30 1.72 -26.57 -39.44
C THR G 30 3.14 -26.51 -40.00
N GLY G 31 4.11 -26.37 -39.09
CA GLY G 31 5.51 -26.34 -39.47
C GLY G 31 5.96 -25.11 -40.22
N LYS G 32 5.09 -24.14 -40.43
CA LYS G 32 5.45 -22.92 -41.15
C LYS G 32 5.57 -21.78 -40.16
N GLN G 33 6.58 -20.97 -40.34
CA GLN G 33 6.94 -19.93 -39.38
C GLN G 33 6.36 -18.59 -39.82
N LEU G 34 5.78 -17.84 -38.87
CA LEU G 34 5.42 -16.45 -39.17
C LEU G 34 6.71 -15.63 -39.20
N ASP G 35 7.30 -15.58 -40.39
CA ASP G 35 8.70 -15.18 -40.56
C ASP G 35 8.73 -13.70 -40.91
N LEU G 36 8.97 -12.86 -39.89
CA LEU G 36 9.21 -11.44 -40.04
C LEU G 36 10.68 -11.09 -39.82
N SER G 37 11.58 -12.03 -40.14
CA SER G 37 13.01 -11.85 -39.96
C SER G 37 13.69 -11.07 -41.09
N SER G 38 13.00 -10.84 -42.22
CA SER G 38 13.57 -10.12 -43.36
C SER G 38 12.92 -8.77 -43.58
N LEU G 39 12.26 -8.22 -42.58
CA LEU G 39 11.61 -6.92 -42.72
C LEU G 39 12.60 -5.85 -43.18
N GLN G 40 12.19 -5.03 -44.14
CA GLN G 40 13.04 -3.94 -44.60
C GLN G 40 13.14 -2.85 -43.53
N ASN G 41 14.17 -2.01 -43.67
CA ASN G 41 14.28 -0.85 -42.79
C ASN G 41 12.99 -0.05 -42.79
N ASP G 42 12.62 0.48 -41.63
CA ASP G 42 11.49 1.40 -41.49
C ASP G 42 10.15 0.75 -41.79
N SER G 43 10.06 -0.56 -41.70
CA SER G 43 8.83 -1.25 -41.95
C SER G 43 7.91 -1.19 -40.73
N THR G 44 6.61 -1.30 -40.99
CA THR G 44 5.60 -1.41 -39.93
C THR G 44 4.71 -2.60 -40.28
N VAL G 45 4.50 -3.48 -39.29
CA VAL G 45 3.61 -4.63 -39.42
C VAL G 45 2.47 -4.43 -38.44
N THR G 46 1.23 -4.47 -38.93
CA THR G 46 0.06 -4.30 -38.08
C THR G 46 -0.73 -5.60 -38.06
N PHE G 47 -0.96 -6.13 -36.85
CA PHE G 47 -1.81 -7.31 -36.67
C PHE G 47 -3.27 -6.87 -36.60
N LYS G 48 -4.13 -7.59 -37.33
CA LYS G 48 -5.58 -7.38 -37.28
C LYS G 48 -6.22 -8.75 -37.13
N GLY G 49 -7.46 -8.75 -36.64
CA GLY G 49 -8.20 -10.00 -36.54
C GLY G 49 -7.59 -11.00 -35.58
N THR G 50 -7.82 -12.28 -35.87
CA THR G 50 -7.35 -13.38 -35.02
C THR G 50 -6.28 -14.15 -35.79
N THR G 51 -5.05 -14.10 -35.29
CA THR G 51 -3.99 -14.94 -35.81
C THR G 51 -3.91 -16.21 -34.99
N THR G 52 -3.93 -17.36 -35.65
CA THR G 52 -3.85 -18.64 -34.98
C THR G 52 -2.74 -19.47 -35.62
N PHE G 53 -2.43 -20.60 -34.97
CA PHE G 53 -1.38 -21.48 -35.44
C PHE G 53 -1.90 -22.90 -35.42
N ALA G 54 -1.75 -23.61 -36.54
CA ALA G 54 -1.99 -25.03 -36.51
C ALA G 54 -0.91 -25.70 -35.67
N THR G 55 -1.21 -26.90 -35.18
CA THR G 55 -0.32 -27.57 -34.23
C THR G 55 0.98 -28.01 -34.90
N THR G 56 2.10 -27.76 -34.23
CA THR G 56 3.44 -28.19 -34.66
C THR G 56 4.15 -28.75 -33.42
N ALA G 57 4.07 -30.06 -33.24
CA ALA G 57 4.61 -30.65 -32.01
C ALA G 57 6.11 -30.86 -32.19
N ASP G 58 6.86 -29.78 -31.99
CA ASP G 58 8.30 -29.77 -32.25
C ASP G 58 8.95 -28.81 -31.25
N ASN G 59 9.84 -29.33 -30.40
CA ASN G 59 10.45 -28.49 -29.37
C ASN G 59 11.22 -27.34 -29.99
N ASP G 60 11.90 -27.58 -31.11
CA ASP G 60 12.76 -26.62 -31.78
C ASP G 60 12.01 -25.65 -32.67
N PHE G 61 10.69 -25.80 -32.81
CA PHE G 61 9.96 -24.94 -33.72
C PHE G 61 9.71 -23.58 -33.07
N ASN G 62 9.86 -22.52 -33.87
CA ASN G 62 9.66 -21.15 -33.40
C ASN G 62 8.59 -20.50 -34.27
N PRO G 63 7.37 -20.34 -33.74
CA PRO G 63 6.26 -19.84 -34.58
C PRO G 63 6.46 -18.46 -35.16
N ILE G 64 6.97 -17.50 -34.39
CA ILE G 64 7.07 -16.12 -34.84
C ILE G 64 8.53 -15.68 -34.69
N VAL G 65 9.12 -15.15 -35.77
CA VAL G 65 10.46 -14.59 -35.67
C VAL G 65 10.44 -13.17 -36.22
N ILE G 66 11.13 -12.25 -35.54
CA ILE G 66 11.11 -10.82 -35.82
C ILE G 66 12.55 -10.31 -35.83
N SER G 67 12.92 -9.59 -36.89
CA SER G 67 14.25 -9.01 -36.98
C SER G 67 14.24 -7.81 -37.94
N GLY G 68 15.09 -6.83 -37.66
CA GLY G 68 15.20 -5.69 -38.56
C GLY G 68 15.70 -4.45 -37.85
N SER G 69 15.76 -3.36 -38.62
CA SER G 69 16.27 -2.08 -38.15
C SER G 69 15.19 -1.01 -38.30
N ASN G 70 14.95 -0.26 -37.22
CA ASN G 70 13.88 0.74 -37.19
C ASN G 70 12.53 0.16 -37.61
N ILE G 71 12.21 -1.04 -37.10
CA ILE G 71 10.94 -1.68 -37.45
C ILE G 71 9.91 -1.43 -36.34
N THR G 72 8.64 -1.58 -36.71
CA THR G 72 7.52 -1.43 -35.79
C THR G 72 6.58 -2.61 -35.99
N ILE G 73 6.27 -3.31 -34.89
CA ILE G 73 5.27 -4.37 -34.88
C ILE G 73 4.16 -3.91 -33.93
N THR G 74 2.93 -3.81 -34.43
CA THR G 74 1.85 -3.29 -33.60
C THR G 74 0.56 -4.02 -33.91
N GLY G 75 -0.47 -3.72 -33.13
CA GLY G 75 -1.75 -4.35 -33.29
C GLY G 75 -2.85 -3.31 -33.33
N ALA G 76 -3.89 -3.62 -34.09
CA ALA G 76 -5.07 -2.78 -34.21
C ALA G 76 -6.16 -3.22 -33.23
N SER G 77 -7.14 -2.35 -33.02
CA SER G 77 -8.24 -2.61 -32.09
C SER G 77 -8.87 -3.96 -32.36
N GLY G 78 -9.07 -4.75 -31.29
CA GLY G 78 -9.73 -6.03 -31.43
C GLY G 78 -8.87 -7.20 -31.85
N HIS G 79 -7.61 -6.99 -32.24
CA HIS G 79 -6.77 -8.08 -32.74
C HIS G 79 -6.41 -9.04 -31.60
N VAL G 80 -6.09 -10.29 -31.97
CA VAL G 80 -5.60 -11.27 -31.01
C VAL G 80 -4.56 -12.14 -31.68
N ILE G 81 -3.51 -12.49 -30.94
CA ILE G 81 -2.53 -13.48 -31.37
C ILE G 81 -2.67 -14.68 -30.43
N ASP G 82 -3.12 -15.81 -30.97
CA ASP G 82 -3.30 -17.04 -30.18
C ASP G 82 -2.17 -17.99 -30.53
N GLY G 83 -1.51 -18.50 -29.51
CA GLY G 83 -0.37 -19.37 -29.64
C GLY G 83 -0.66 -20.86 -29.59
N ASN G 84 -1.94 -21.27 -29.60
CA ASN G 84 -2.31 -22.70 -29.70
C ASN G 84 -1.78 -23.53 -28.53
N GLY G 85 -1.61 -22.87 -27.39
CA GLY G 85 -0.99 -23.52 -26.24
C GLY G 85 -1.75 -24.73 -25.73
N GLN G 86 -3.09 -24.67 -25.79
CA GLN G 86 -3.91 -25.78 -25.34
C GLN G 86 -3.56 -27.08 -26.05
N ALA G 87 -3.01 -27.02 -27.28
CA ALA G 87 -2.63 -28.24 -27.98
C ALA G 87 -1.38 -28.87 -27.40
N TYR G 88 -0.63 -28.14 -26.57
CA TYR G 88 0.65 -28.62 -26.10
C TYR G 88 0.71 -28.85 -24.60
N TRP G 89 0.04 -28.03 -23.80
CA TRP G 89 0.21 -28.04 -22.36
C TRP G 89 -0.04 -29.42 -21.78
N ASP G 90 0.88 -29.87 -20.91
CA ASP G 90 0.73 -31.19 -20.29
C ASP G 90 1.21 -31.23 -18.83
N GLY G 91 1.32 -30.08 -18.15
CA GLY G 91 1.81 -30.11 -16.80
C GLY G 91 3.32 -29.94 -16.65
N LYS G 92 4.09 -30.17 -17.71
CA LYS G 92 5.55 -30.31 -17.58
C LYS G 92 6.38 -29.25 -18.29
N GLY G 93 5.79 -28.49 -19.20
CA GLY G 93 6.48 -27.37 -19.82
C GLY G 93 7.61 -27.83 -20.71
N SER G 94 8.75 -27.15 -20.60
CA SER G 94 9.86 -27.42 -21.50
C SER G 94 10.77 -28.52 -21.01
N ASN G 95 10.42 -29.26 -19.96
CA ASN G 95 11.03 -30.57 -19.70
C ASN G 95 10.81 -31.53 -20.88
N ASN G 99 6.17 -34.93 -24.39
CA ASN G 99 5.33 -34.16 -25.31
C ASN G 99 6.05 -32.92 -25.87
N GLN G 100 6.14 -32.83 -27.20
CA GLN G 100 6.88 -31.75 -27.83
C GLN G 100 6.04 -30.47 -27.90
N LYS G 101 6.65 -29.34 -27.55
CA LYS G 101 5.96 -28.04 -27.57
C LYS G 101 6.97 -26.99 -28.02
N PRO G 102 6.61 -26.10 -28.98
CA PRO G 102 7.51 -25.02 -29.40
C PRO G 102 8.07 -24.24 -28.22
N ASP G 103 9.41 -24.19 -28.09
CA ASP G 103 9.99 -23.67 -26.87
C ASP G 103 9.91 -22.15 -26.77
N HIS G 104 10.06 -21.44 -27.89
CA HIS G 104 9.99 -19.99 -27.95
C HIS G 104 8.87 -19.59 -28.89
N PHE G 105 7.90 -18.85 -28.40
CA PHE G 105 6.78 -18.45 -29.24
C PHE G 105 7.18 -17.33 -30.19
N ILE G 106 7.76 -16.26 -29.65
CA ILE G 106 8.18 -15.09 -30.43
C ILE G 106 9.65 -14.88 -30.16
N VAL G 107 10.46 -14.96 -31.21
CA VAL G 107 11.88 -14.66 -31.12
C VAL G 107 12.12 -13.29 -31.74
N VAL G 108 12.68 -12.38 -30.95
CA VAL G 108 13.07 -11.05 -31.41
C VAL G 108 14.58 -11.07 -31.44
N GLN G 109 15.17 -11.11 -32.63
CA GLN G 109 16.61 -11.28 -32.75
C GLN G 109 17.18 -10.28 -33.75
N LYS G 110 18.35 -9.74 -33.45
CA LYS G 110 19.00 -8.81 -34.37
C LYS G 110 18.07 -7.64 -34.71
N THR G 111 17.31 -7.17 -33.71
CA THR G 111 16.40 -6.05 -33.90
C THR G 111 17.06 -4.80 -33.31
N THR G 112 17.29 -3.79 -34.16
CA THR G 112 18.10 -2.64 -33.79
C THR G 112 17.40 -1.36 -34.23
N GLY G 113 18.05 -0.23 -33.92
CA GLY G 113 17.75 1.04 -34.55
C GLY G 113 16.46 1.67 -34.09
N ASN G 114 16.18 1.60 -32.79
CA ASN G 114 14.98 2.21 -32.21
C ASN G 114 13.70 1.55 -32.72
N SER G 115 13.72 0.23 -32.84
CA SER G 115 12.50 -0.49 -33.13
C SER G 115 11.60 -0.60 -31.90
N LYS G 116 10.34 -0.90 -32.16
CA LYS G 116 9.37 -1.02 -31.08
C LYS G 116 8.35 -2.08 -31.44
N ILE G 117 7.89 -2.77 -30.41
CA ILE G 117 6.78 -3.71 -30.49
C ILE G 117 5.76 -3.18 -29.49
N THR G 118 4.58 -2.85 -29.98
CA THR G 118 3.60 -2.14 -29.17
C THR G 118 2.20 -2.72 -29.32
N ASN G 119 1.47 -2.77 -28.20
CA ASN G 119 0.01 -2.94 -28.15
C ASN G 119 -0.46 -4.25 -28.77
N LEU G 120 0.28 -5.31 -28.50
CA LEU G 120 -0.11 -6.65 -28.95
C LEU G 120 -0.88 -7.37 -27.85
N ASN G 121 -1.85 -8.16 -28.27
CA ASN G 121 -2.70 -8.95 -27.39
C ASN G 121 -2.36 -10.40 -27.69
N ILE G 122 -1.65 -11.04 -26.79
CA ILE G 122 -1.16 -12.40 -26.99
C ILE G 122 -1.76 -13.28 -25.90
N GLN G 123 -2.23 -14.45 -26.32
CA GLN G 123 -2.83 -15.39 -25.40
C GLN G 123 -2.47 -16.81 -25.82
N ASN G 124 -2.44 -17.70 -24.82
CA ASN G 124 -2.36 -19.15 -25.00
C ASN G 124 -1.11 -19.58 -25.76
N TRP G 125 0.12 -19.16 -25.21
CA TRP G 125 1.35 -19.56 -25.91
C TRP G 125 1.93 -20.81 -25.26
N PRO G 126 2.70 -21.62 -25.97
CA PRO G 126 3.04 -22.97 -25.44
C PRO G 126 4.00 -22.97 -24.25
N VAL G 127 5.19 -22.39 -24.39
CA VAL G 127 6.17 -22.41 -23.31
C VAL G 127 6.64 -20.97 -23.11
N HIS G 128 7.88 -20.66 -23.50
CA HIS G 128 8.36 -19.29 -23.39
C HIS G 128 7.69 -18.43 -24.46
N CYS G 129 7.36 -17.19 -24.08
CA CYS G 129 6.73 -16.26 -25.00
C CYS G 129 7.76 -15.45 -25.78
N PHE G 130 8.30 -14.37 -25.19
CA PHE G 130 9.29 -13.52 -25.85
C PHE G 130 10.71 -13.99 -25.54
N ASP G 131 11.49 -14.22 -26.59
CA ASP G 131 12.93 -14.46 -26.47
C ASP G 131 13.65 -13.33 -27.21
N ILE G 132 14.18 -12.38 -26.44
CA ILE G 132 14.82 -11.20 -26.99
C ILE G 132 16.32 -11.44 -26.92
N THR G 133 16.98 -11.39 -28.07
CA THR G 133 18.40 -11.74 -28.12
C THR G 133 19.12 -10.92 -29.18
N GLY G 134 20.38 -10.61 -28.89
CA GLY G 134 21.19 -9.90 -29.86
C GLY G 134 20.58 -8.61 -30.36
N SER G 135 19.86 -7.89 -29.51
CA SER G 135 19.09 -6.72 -29.95
C SER G 135 19.58 -5.46 -29.24
N SER G 136 19.16 -4.32 -29.78
CA SER G 136 19.71 -3.06 -29.33
C SER G 136 18.68 -1.96 -29.57
N GLN G 137 18.48 -1.09 -28.58
CA GLN G 137 17.61 0.09 -28.73
C GLN G 137 16.21 -0.32 -29.15
N LEU G 138 15.55 -1.11 -28.30
CA LEU G 138 14.27 -1.73 -28.61
C LEU G 138 13.30 -1.41 -27.49
N THR G 139 12.08 -1.02 -27.85
CA THR G 139 11.03 -0.74 -26.86
C THR G 139 9.89 -1.73 -27.08
N ILE G 140 9.40 -2.34 -26.00
CA ILE G 140 8.25 -3.24 -26.04
C ILE G 140 7.24 -2.74 -25.00
N SER G 141 6.09 -2.29 -25.48
CA SER G 141 5.19 -1.55 -24.59
C SER G 141 3.75 -1.81 -24.96
N GLY G 142 2.90 -1.79 -23.94
CA GLY G 142 1.47 -1.91 -24.12
C GLY G 142 0.98 -3.32 -24.35
N LEU G 143 1.77 -4.34 -24.06
CA LEU G 143 1.33 -5.70 -24.36
C LEU G 143 0.50 -6.30 -23.22
N ILE G 144 -0.40 -7.21 -23.60
CA ILE G 144 -1.08 -8.13 -22.69
C ILE G 144 -0.66 -9.52 -23.10
N LEU G 145 -0.05 -10.26 -22.17
CA LEU G 145 0.29 -11.66 -22.34
C LEU G 145 -0.62 -12.41 -21.39
N ASP G 146 -1.62 -13.11 -21.92
CA ASP G 146 -2.65 -13.72 -21.08
C ASP G 146 -2.58 -15.24 -21.25
N ASN G 147 -1.96 -15.91 -20.29
CA ASN G 147 -1.91 -17.35 -20.28
C ASN G 147 -2.72 -17.93 -19.12
N ARG G 148 -3.78 -17.22 -18.68
CA ARG G 148 -4.53 -17.68 -17.52
C ARG G 148 -5.21 -19.02 -17.79
N ALA G 149 -5.54 -19.29 -19.06
CA ALA G 149 -6.13 -20.58 -19.38
C ALA G 149 -5.20 -21.74 -19.03
N GLY G 150 -3.88 -21.48 -18.95
CA GLY G 150 -2.93 -22.50 -18.54
C GLY G 150 -2.82 -22.72 -17.04
N ASP G 151 -3.50 -21.91 -16.24
CA ASP G 151 -3.47 -22.10 -14.79
C ASP G 151 -4.31 -23.28 -14.34
N LYS G 152 -5.16 -23.80 -15.23
CA LYS G 152 -6.08 -24.87 -14.84
C LYS G 152 -5.38 -26.23 -14.86
N PRO G 153 -5.64 -27.08 -13.87
CA PRO G 153 -5.24 -28.49 -13.93
C PRO G 153 -6.05 -29.30 -14.95
N ASN G 154 -5.52 -30.46 -15.33
CA ASN G 154 -6.31 -31.39 -16.13
C ASN G 154 -6.12 -32.81 -15.59
N ALA G 155 -6.76 -33.78 -16.24
CA ALA G 155 -6.80 -35.13 -15.68
C ALA G 155 -5.44 -35.82 -15.67
N LYS G 156 -4.47 -35.35 -16.45
CA LYS G 156 -3.13 -35.91 -16.52
C LYS G 156 -2.05 -34.98 -15.95
N SER G 157 -2.44 -33.88 -15.32
CA SER G 157 -1.45 -32.89 -14.90
C SER G 157 -1.01 -33.06 -13.45
N GLY G 158 -1.53 -34.07 -12.75
CA GLY G 158 -1.15 -34.37 -11.39
C GLY G 158 -1.33 -33.25 -10.40
N SER G 159 -2.51 -32.62 -10.39
CA SER G 159 -2.87 -31.48 -9.57
C SER G 159 -2.24 -30.19 -10.09
N LEU G 160 -1.20 -30.25 -11.04
CA LEU G 160 -0.47 -29.05 -11.41
C LEU G 160 -1.17 -28.30 -12.54
N PRO G 161 -1.00 -26.98 -12.59
CA PRO G 161 -1.44 -26.22 -13.77
C PRO G 161 -0.91 -26.85 -15.06
N ALA G 162 -1.75 -26.85 -16.09
CA ALA G 162 -1.34 -27.47 -17.34
C ALA G 162 -0.12 -26.76 -17.93
N ALA G 163 -0.10 -25.43 -17.88
CA ALA G 163 1.00 -24.66 -18.47
C ALA G 163 2.17 -24.51 -17.49
N HIS G 164 3.39 -24.52 -18.02
CA HIS G 164 4.58 -24.50 -17.18
C HIS G 164 5.76 -23.93 -17.97
N ASN G 165 6.66 -23.22 -17.28
CA ASN G 165 7.83 -22.58 -17.91
C ASN G 165 7.41 -21.52 -18.94
N THR G 166 6.30 -20.85 -18.67
CA THR G 166 5.73 -19.90 -19.61
C THR G 166 6.25 -18.49 -19.36
N ASP G 167 7.58 -18.35 -19.40
CA ASP G 167 8.19 -17.03 -19.20
C ASP G 167 7.55 -16.01 -20.12
N GLY G 168 7.32 -14.81 -19.60
CA GLY G 168 6.85 -13.73 -20.44
C GLY G 168 7.92 -13.15 -21.35
N PHE G 169 8.97 -12.56 -20.79
CA PHE G 169 10.05 -11.93 -21.55
C PHE G 169 11.38 -12.43 -21.02
N ASP G 170 12.14 -13.12 -21.87
CA ASP G 170 13.51 -13.50 -21.58
C ASP G 170 14.43 -12.59 -22.38
N ILE G 171 15.43 -12.01 -21.73
CA ILE G 171 16.33 -11.08 -22.37
C ILE G 171 17.74 -11.61 -22.24
N SER G 172 18.46 -11.66 -23.35
CA SER G 172 19.88 -12.02 -23.37
C SER G 172 20.58 -11.22 -24.46
N SER G 173 21.87 -10.95 -24.24
CA SER G 173 22.77 -10.40 -25.25
C SER G 173 22.22 -9.16 -25.93
N SER G 174 21.66 -8.24 -25.14
CA SER G 174 21.02 -7.09 -25.75
C SER G 174 21.39 -5.85 -24.96
N ASP G 175 21.19 -4.71 -25.59
CA ASP G 175 21.56 -3.46 -24.95
C ASP G 175 20.43 -2.48 -25.19
N HIS G 176 20.11 -1.69 -24.17
CA HIS G 176 19.15 -0.59 -24.30
C HIS G 176 17.78 -1.08 -24.73
N VAL G 177 17.28 -2.06 -23.99
CA VAL G 177 15.95 -2.61 -24.16
C VAL G 177 15.07 -2.05 -23.05
N THR G 178 13.92 -1.51 -23.43
CA THR G 178 12.94 -0.98 -22.49
C THR G 178 11.66 -1.77 -22.65
N LEU G 179 11.19 -2.33 -21.55
CA LEU G 179 9.90 -3.00 -21.45
C LEU G 179 9.01 -2.12 -20.59
N ASP G 180 7.94 -1.56 -21.15
CA ASP G 180 7.11 -0.64 -20.39
C ASP G 180 5.62 -0.97 -20.49
N ASN G 181 4.90 -0.91 -19.35
CA ASN G 181 3.44 -0.98 -19.36
C ASN G 181 2.95 -2.26 -20.05
N ASN G 182 3.42 -3.38 -19.52
CA ASN G 182 3.02 -4.68 -20.02
C ASN G 182 2.34 -5.45 -18.89
N HIS G 183 1.32 -6.22 -19.23
CA HIS G 183 0.63 -7.11 -18.31
C HIS G 183 0.99 -8.53 -18.72
N VAL G 184 1.36 -9.36 -17.75
CA VAL G 184 1.73 -10.76 -17.97
C VAL G 184 0.99 -11.61 -16.96
N TYR G 185 0.15 -12.52 -17.45
CA TYR G 185 -0.50 -13.53 -16.60
C TYR G 185 0.04 -14.88 -17.06
N ASN G 186 0.83 -15.53 -16.22
CA ASN G 186 1.52 -16.72 -16.71
C ASN G 186 1.84 -17.62 -15.53
N GLN G 187 2.83 -18.49 -15.72
CA GLN G 187 3.19 -19.51 -14.76
C GLN G 187 4.70 -19.59 -14.54
N ASP G 188 5.46 -18.61 -14.98
CA ASP G 188 6.90 -18.61 -14.68
C ASP G 188 7.35 -17.16 -14.61
N ASP G 189 8.64 -16.91 -14.83
CA ASP G 189 9.16 -15.54 -14.72
C ASP G 189 8.35 -14.58 -15.59
N CYS G 190 7.91 -13.48 -14.98
CA CYS G 190 7.36 -12.36 -15.72
C CYS G 190 8.40 -11.77 -16.65
N VAL G 191 9.56 -11.45 -16.10
CA VAL G 191 10.74 -11.05 -16.88
C VAL G 191 11.94 -11.81 -16.33
N ALA G 192 12.83 -12.25 -17.21
CA ALA G 192 14.08 -12.88 -16.80
C ALA G 192 15.21 -12.34 -17.68
N VAL G 193 16.19 -11.68 -17.07
CA VAL G 193 17.36 -11.18 -17.77
C VAL G 193 18.53 -12.12 -17.47
N THR G 194 19.05 -12.82 -18.49
CA THR G 194 20.23 -13.65 -18.23
C THR G 194 21.53 -12.99 -18.64
N SER G 195 21.46 -11.96 -19.47
CA SER G 195 22.58 -11.13 -19.86
C SER G 195 22.01 -9.92 -20.58
N GLY G 196 22.78 -8.83 -20.55
CA GLY G 196 22.36 -7.61 -21.23
C GLY G 196 22.80 -6.39 -20.44
N THR G 197 22.69 -5.22 -21.05
CA THR G 197 23.10 -3.97 -20.44
C THR G 197 22.07 -2.89 -20.72
N ASN G 198 21.89 -1.98 -19.75
CA ASN G 198 20.99 -0.84 -19.89
C ASN G 198 19.57 -1.31 -20.19
N ILE G 199 19.03 -2.20 -19.34
CA ILE G 199 17.68 -2.71 -19.47
C ILE G 199 16.78 -1.96 -18.50
N VAL G 200 15.63 -1.52 -18.99
CA VAL G 200 14.64 -0.85 -18.16
C VAL G 200 13.34 -1.65 -18.23
N VAL G 201 12.78 -2.00 -17.09
CA VAL G 201 11.54 -2.75 -16.98
C VAL G 201 10.65 -1.91 -16.07
N SER G 202 9.64 -1.27 -16.64
CA SER G 202 8.87 -0.28 -15.89
C SER G 202 7.36 -0.51 -16.06
N ASN G 203 6.60 -0.20 -15.02
CA ASN G 203 5.14 -0.19 -15.10
C ASN G 203 4.60 -1.53 -15.60
N MET G 204 5.18 -2.61 -15.08
CA MET G 204 4.74 -3.95 -15.37
C MET G 204 3.71 -4.40 -14.35
N TYR G 205 2.76 -5.20 -14.81
CA TYR G 205 1.81 -5.93 -13.93
C TYR G 205 2.02 -7.41 -14.20
N CYS G 206 2.59 -8.11 -13.24
CA CYS G 206 2.96 -9.53 -13.33
C CYS G 206 2.10 -10.34 -12.38
N SER G 207 1.38 -11.33 -12.91
CA SER G 207 0.45 -12.11 -12.08
C SER G 207 0.62 -13.60 -12.34
N GLY G 208 0.66 -14.39 -11.27
CA GLY G 208 0.61 -15.83 -11.38
C GLY G 208 1.94 -16.53 -11.57
N GLY G 209 3.01 -15.80 -11.85
CA GLY G 209 4.30 -16.38 -12.30
C GLY G 209 5.35 -16.49 -11.21
N HIS G 210 6.61 -16.23 -11.57
CA HIS G 210 7.68 -16.40 -10.59
C HIS G 210 8.38 -15.07 -10.26
N GLY G 211 7.86 -13.95 -10.76
CA GLY G 211 8.36 -12.63 -10.40
C GLY G 211 9.27 -11.98 -11.45
N LEU G 212 10.02 -10.99 -10.98
CA LEU G 212 10.94 -10.20 -11.79
C LEU G 212 12.36 -10.64 -11.49
N SER G 213 13.04 -11.24 -12.49
CA SER G 213 14.20 -12.08 -12.26
C SER G 213 15.41 -11.65 -13.06
N ILE G 214 16.56 -11.67 -12.38
CA ILE G 214 17.87 -11.71 -13.00
C ILE G 214 18.31 -13.16 -12.98
N GLY G 215 18.59 -13.72 -14.13
CA GLY G 215 19.19 -15.05 -14.12
C GLY G 215 18.22 -16.15 -14.52
N SER G 216 18.67 -17.38 -14.30
CA SER G 216 19.93 -17.72 -13.68
C SER G 216 21.13 -17.36 -14.54
N VAL G 217 22.10 -16.71 -13.93
CA VAL G 217 23.27 -16.22 -14.63
C VAL G 217 24.38 -17.24 -14.48
N GLY G 218 25.13 -17.46 -15.57
CA GLY G 218 26.29 -18.32 -15.52
C GLY G 218 26.13 -19.57 -16.36
N GLY G 219 27.20 -20.02 -16.99
CA GLY G 219 27.13 -21.22 -17.81
C GLY G 219 26.55 -21.04 -19.19
N LYS G 220 26.13 -19.82 -19.55
CA LYS G 220 25.58 -19.55 -20.87
C LYS G 220 26.63 -18.89 -21.75
N SER G 221 26.26 -18.54 -22.99
CA SER G 221 27.26 -17.94 -23.87
C SER G 221 27.59 -16.51 -23.43
N ASP G 222 26.64 -15.81 -22.81
CA ASP G 222 26.86 -14.46 -22.27
C ASP G 222 26.42 -14.48 -20.81
N ASN G 223 27.32 -14.09 -19.90
CA ASN G 223 27.04 -14.14 -18.47
C ASN G 223 27.31 -12.80 -17.80
N VAL G 224 27.10 -11.70 -18.51
CA VAL G 224 27.30 -10.36 -17.96
C VAL G 224 25.97 -9.63 -17.98
N VAL G 225 25.54 -9.16 -16.81
CA VAL G 225 24.38 -8.29 -16.64
C VAL G 225 24.89 -6.98 -16.07
N ASP G 226 24.60 -5.86 -16.73
CA ASP G 226 25.12 -4.59 -16.23
C ASP G 226 24.13 -3.46 -16.49
N GLY G 227 23.51 -2.96 -15.43
CA GLY G 227 22.58 -1.86 -15.58
C GLY G 227 21.18 -2.31 -15.90
N VAL G 228 20.45 -2.78 -14.90
CA VAL G 228 19.05 -3.20 -15.03
C VAL G 228 18.21 -2.44 -14.01
N GLN G 229 17.11 -1.86 -14.46
CA GLN G 229 16.17 -1.19 -13.55
C GLN G 229 14.79 -1.81 -13.65
N PHE G 230 14.26 -2.31 -12.53
CA PHE G 230 12.87 -2.74 -12.39
C PHE G 230 12.16 -1.66 -11.58
N LEU G 231 11.21 -0.97 -12.19
CA LEU G 231 10.64 0.26 -11.65
C LEU G 231 9.11 0.20 -11.65
N SER G 232 8.50 0.67 -10.55
CA SER G 232 7.08 1.00 -10.50
C SER G 232 6.21 -0.09 -11.12
N SER G 233 6.30 -1.27 -10.53
CA SER G 233 5.62 -2.46 -11.03
C SER G 233 4.94 -3.18 -9.89
N GLN G 234 3.96 -4.04 -10.25
CA GLN G 234 3.27 -4.91 -9.30
C GLN G 234 3.52 -6.38 -9.63
N VAL G 235 3.76 -7.16 -8.58
CA VAL G 235 3.89 -8.61 -8.67
C VAL G 235 2.86 -9.22 -7.74
N VAL G 236 1.94 -9.99 -8.30
CA VAL G 236 0.79 -10.49 -7.56
C VAL G 236 0.67 -11.98 -7.79
N ASN G 237 0.32 -12.71 -6.73
CA ASN G 237 0.05 -14.14 -6.81
C ASN G 237 1.19 -14.88 -7.48
N SER G 238 2.42 -14.51 -7.13
CA SER G 238 3.59 -15.08 -7.78
C SER G 238 4.41 -15.84 -6.75
N GLN G 239 5.31 -16.68 -7.27
CA GLN G 239 6.18 -17.45 -6.38
C GLN G 239 7.18 -16.55 -5.66
N ASN G 240 7.74 -15.56 -6.36
CA ASN G 240 8.70 -14.60 -5.82
C ASN G 240 8.33 -13.19 -6.25
N GLY G 241 8.80 -12.21 -5.48
CA GLY G 241 8.68 -10.83 -5.91
C GLY G 241 9.87 -10.40 -6.75
N CYS G 242 10.98 -10.11 -6.10
CA CYS G 242 12.23 -9.77 -6.77
C CYS G 242 13.22 -10.91 -6.59
N ARG G 243 13.91 -11.28 -7.66
CA ARG G 243 14.77 -12.44 -7.58
C ARG G 243 16.03 -12.27 -8.43
N ILE G 244 17.16 -12.68 -7.86
CA ILE G 244 18.45 -12.73 -8.54
C ILE G 244 19.04 -14.11 -8.27
N LYS G 245 19.32 -14.87 -9.34
CA LYS G 245 19.87 -16.21 -9.22
C LYS G 245 21.12 -16.32 -10.05
N SER G 246 22.08 -17.09 -9.54
CA SER G 246 23.22 -17.46 -10.35
C SER G 246 23.45 -18.95 -10.17
N ASN G 247 24.02 -19.58 -11.20
CA ASN G 247 24.19 -21.02 -11.21
C ASN G 247 25.43 -21.46 -10.45
N SER G 248 25.27 -22.50 -9.63
CA SER G 248 26.39 -23.11 -8.92
C SER G 248 27.50 -23.49 -9.88
N GLY G 249 28.74 -23.18 -9.51
CA GLY G 249 29.88 -23.55 -10.30
C GLY G 249 30.20 -22.64 -11.46
N ALA G 250 29.37 -21.62 -11.74
CA ALA G 250 29.52 -20.79 -12.92
C ALA G 250 30.32 -19.52 -12.64
N THR G 251 30.67 -18.81 -13.72
CA THR G 251 31.32 -17.51 -13.61
C THR G 251 30.49 -16.46 -14.34
N GLY G 252 30.62 -15.21 -13.92
CA GLY G 252 29.86 -14.13 -14.53
C GLY G 252 29.83 -12.93 -13.60
N THR G 253 29.02 -11.96 -14.04
CA THR G 253 28.88 -10.70 -13.33
C THR G 253 27.51 -10.05 -13.41
N ILE G 254 26.89 -9.79 -12.28
CA ILE G 254 25.64 -9.07 -12.21
C ILE G 254 25.93 -7.74 -11.50
N ASN G 255 25.74 -6.65 -12.19
CA ASN G 255 26.09 -5.37 -11.64
C ASN G 255 25.06 -4.30 -11.90
N ASN G 256 24.86 -3.44 -10.93
CA ASN G 256 23.96 -2.35 -11.11
C ASN G 256 22.49 -2.71 -11.40
N VAL G 257 21.91 -3.45 -10.47
CA VAL G 257 20.53 -3.82 -10.62
C VAL G 257 19.69 -3.12 -9.55
N THR G 258 18.66 -2.44 -9.99
CA THR G 258 17.80 -1.75 -9.07
C THR G 258 16.35 -2.20 -9.09
N TYR G 259 15.79 -2.55 -7.94
CA TYR G 259 14.35 -2.80 -7.82
C TYR G 259 13.79 -1.61 -7.04
N GLN G 260 12.96 -0.79 -7.69
CA GLN G 260 12.48 0.45 -7.11
C GLN G 260 10.97 0.53 -7.28
N ASN G 261 10.25 0.72 -6.16
CA ASN G 261 8.79 0.85 -6.15
C ASN G 261 8.12 -0.40 -6.74
N ILE G 262 8.37 -1.52 -6.09
CA ILE G 262 7.76 -2.79 -6.47
C ILE G 262 6.74 -3.16 -5.41
N ALA G 263 5.49 -3.33 -5.82
CA ALA G 263 4.41 -3.65 -4.90
C ALA G 263 4.07 -5.13 -5.04
N LEU G 264 4.13 -5.85 -3.92
CA LEU G 264 3.96 -7.30 -3.87
C LEU G 264 2.62 -7.63 -3.24
N THR G 265 1.93 -8.63 -3.80
CA THR G 265 0.69 -9.12 -3.21
C THR G 265 0.66 -10.63 -3.27
N ASN G 266 0.55 -11.27 -2.10
CA ASN G 266 0.29 -12.70 -2.00
C ASN G 266 1.40 -13.51 -2.67
N ILE G 267 2.65 -13.22 -2.30
CA ILE G 267 3.80 -13.97 -2.82
C ILE G 267 3.98 -15.26 -2.03
N SER G 268 4.13 -16.38 -2.74
CA SER G 268 4.03 -17.68 -2.05
C SER G 268 5.33 -18.13 -1.37
N THR G 269 6.50 -17.78 -1.92
CA THR G 269 7.77 -18.34 -1.44
C THR G 269 8.76 -17.31 -0.94
N TYR G 270 9.19 -16.35 -1.78
CA TYR G 270 10.22 -15.37 -1.38
C TYR G 270 9.74 -13.99 -1.81
N GLY G 271 9.64 -13.05 -0.86
CA GLY G 271 9.44 -11.66 -1.20
C GLY G 271 10.59 -11.14 -2.05
N VAL G 272 11.80 -11.21 -1.52
CA VAL G 272 13.04 -10.96 -2.25
C VAL G 272 13.92 -12.20 -2.07
N ASP G 273 14.54 -12.62 -3.16
CA ASP G 273 15.31 -13.85 -3.27
C ASP G 273 16.61 -13.51 -3.99
N VAL G 274 17.74 -13.70 -3.32
CA VAL G 274 19.06 -13.54 -3.94
C VAL G 274 19.84 -14.80 -3.60
N GLN G 275 20.17 -15.63 -4.59
CA GLN G 275 20.90 -16.83 -4.23
C GLN G 275 21.83 -17.29 -5.36
N GLN G 276 22.91 -17.92 -4.94
CA GLN G 276 24.02 -18.29 -5.82
C GLN G 276 24.28 -19.79 -5.77
N ASP G 277 23.24 -20.58 -5.47
CA ASP G 277 23.39 -22.02 -5.29
C ASP G 277 22.49 -22.79 -6.24
N TYR G 278 22.21 -22.27 -7.43
CA TYR G 278 21.27 -22.95 -8.31
C TYR G 278 21.98 -23.99 -9.16
N LEU G 279 21.43 -25.20 -9.15
CA LEU G 279 21.97 -26.33 -9.91
C LEU G 279 20.78 -27.01 -10.57
N ASN G 280 20.71 -26.91 -11.90
CA ASN G 280 19.64 -27.53 -12.67
C ASN G 280 18.27 -27.10 -12.15
N GLY G 281 18.08 -25.79 -11.99
CA GLY G 281 16.80 -25.28 -11.58
C GLY G 281 16.38 -25.60 -10.16
N GLY G 282 17.30 -26.03 -9.31
CA GLY G 282 16.98 -26.25 -7.91
C GLY G 282 18.12 -25.80 -7.02
N PRO G 283 17.80 -25.35 -5.80
CA PRO G 283 18.86 -24.90 -4.89
C PRO G 283 19.62 -26.08 -4.30
N THR G 284 20.92 -25.88 -4.11
CA THR G 284 21.76 -26.86 -3.41
C THR G 284 22.03 -26.52 -1.96
N GLY G 285 21.87 -25.25 -1.58
CA GLY G 285 22.30 -24.81 -0.27
C GLY G 285 23.77 -24.47 -0.18
N LYS G 286 24.56 -24.70 -1.24
CA LYS G 286 25.99 -24.42 -1.20
C LYS G 286 26.28 -23.35 -2.25
N PRO G 287 26.21 -22.08 -1.89
CA PRO G 287 26.49 -21.03 -2.86
C PRO G 287 27.98 -20.99 -3.21
N THR G 288 28.26 -20.77 -4.50
CA THR G 288 29.63 -20.60 -4.99
C THR G 288 29.90 -19.12 -5.29
N ASN G 289 31.16 -18.77 -5.56
CA ASN G 289 31.52 -17.36 -5.61
C ASN G 289 32.11 -16.92 -6.95
N GLY G 290 31.88 -17.68 -8.03
CA GLY G 290 32.38 -17.26 -9.35
C GLY G 290 31.60 -16.17 -10.05
N VAL G 291 30.34 -15.97 -9.70
CA VAL G 291 29.51 -14.93 -10.29
C VAL G 291 29.48 -13.78 -9.27
N LYS G 292 30.05 -12.65 -9.65
CA LYS G 292 30.01 -11.47 -8.77
C LYS G 292 28.65 -10.78 -8.88
N ILE G 293 28.11 -10.35 -7.74
CA ILE G 293 26.86 -9.60 -7.69
C ILE G 293 27.15 -8.29 -6.94
N SER G 294 27.00 -7.17 -7.62
CA SER G 294 27.40 -5.92 -6.96
C SER G 294 26.48 -4.80 -7.39
N ASN G 295 26.35 -3.83 -6.49
CA ASN G 295 25.53 -2.63 -6.68
C ASN G 295 24.09 -3.03 -6.98
N ILE G 296 23.49 -3.68 -6.00
CA ILE G 296 22.10 -4.10 -6.02
C ILE G 296 21.35 -3.22 -5.03
N LYS G 297 20.27 -2.58 -5.50
CA LYS G 297 19.47 -1.68 -4.68
C LYS G 297 18.05 -2.21 -4.59
N PHE G 298 17.52 -2.29 -3.37
CA PHE G 298 16.10 -2.56 -3.12
C PHE G 298 15.54 -1.33 -2.43
N ILE G 299 14.70 -0.58 -3.15
CA ILE G 299 14.21 0.73 -2.78
C ILE G 299 12.69 0.63 -2.86
N LYS G 300 12.02 0.69 -1.72
CA LYS G 300 10.56 0.69 -1.69
C LYS G 300 9.97 -0.56 -2.39
N VAL G 301 10.52 -1.71 -2.04
CA VAL G 301 9.85 -2.99 -2.28
C VAL G 301 8.92 -3.22 -1.10
N THR G 302 7.61 -3.13 -1.33
CA THR G 302 6.68 -3.22 -0.21
C THR G 302 5.56 -4.19 -0.55
N GLY G 303 4.84 -4.64 0.46
CA GLY G 303 3.66 -5.42 0.17
C GLY G 303 3.60 -6.65 1.05
N THR G 304 2.82 -7.63 0.60
CA THR G 304 2.50 -8.79 1.43
C THR G 304 2.92 -10.09 0.78
N VAL G 305 3.47 -10.98 1.59
CA VAL G 305 3.75 -12.34 1.18
C VAL G 305 2.83 -13.28 1.96
N ALA G 306 2.70 -14.49 1.46
CA ALA G 306 1.82 -15.46 2.10
C ALA G 306 2.43 -15.98 3.39
N SER G 307 1.58 -16.55 4.25
CA SER G 307 2.06 -17.07 5.52
C SER G 307 3.17 -18.11 5.34
N SER G 308 3.10 -18.86 4.22
CA SER G 308 4.08 -19.90 3.88
C SER G 308 5.46 -19.35 3.56
N ALA G 309 5.55 -18.07 3.22
CA ALA G 309 6.70 -17.49 2.56
C ALA G 309 7.70 -16.96 3.58
N GLN G 310 8.89 -16.68 3.07
CA GLN G 310 9.89 -15.85 3.76
C GLN G 310 9.88 -14.47 3.11
N ASP G 311 9.94 -13.41 3.93
CA ASP G 311 10.01 -12.06 3.38
C ASP G 311 11.29 -11.87 2.56
N TRP G 312 12.41 -12.32 3.12
CA TRP G 312 13.72 -12.13 2.52
C TRP G 312 14.48 -13.44 2.59
N PHE G 313 15.18 -13.76 1.50
CA PHE G 313 16.15 -14.85 1.46
C PHE G 313 17.34 -14.36 0.65
N ILE G 314 18.50 -14.35 1.28
CA ILE G 314 19.75 -13.94 0.64
C ILE G 314 20.81 -14.97 1.00
N LEU G 315 21.34 -15.64 -0.03
CA LEU G 315 22.33 -16.71 0.13
C LEU G 315 23.43 -16.42 -0.88
N CYS G 316 24.38 -15.61 -0.47
CA CYS G 316 25.52 -15.20 -1.29
C CYS G 316 26.70 -16.14 -1.10
N GLY G 317 27.52 -16.29 -2.15
CA GLY G 317 28.79 -17.00 -2.00
C GLY G 317 29.80 -16.17 -1.22
N ASP G 318 30.95 -16.79 -0.96
CA ASP G 318 32.00 -16.21 -0.13
C ASP G 318 32.65 -15.05 -0.87
N GLY G 319 32.30 -13.82 -0.50
CA GLY G 319 32.90 -12.65 -1.07
C GLY G 319 32.40 -12.26 -2.45
N SER G 320 31.37 -12.91 -2.98
CA SER G 320 30.89 -12.62 -4.31
C SER G 320 29.81 -11.56 -4.36
N CYS G 321 29.31 -11.09 -3.22
CA CYS G 321 28.33 -10.02 -3.19
C CYS G 321 28.92 -8.75 -2.60
N SER G 322 28.59 -7.61 -3.19
CA SER G 322 29.12 -6.32 -2.77
C SER G 322 28.05 -5.25 -2.95
N GLY G 323 28.13 -4.23 -2.11
CA GLY G 323 27.39 -3.01 -2.36
C GLY G 323 25.89 -3.16 -2.51
N PHE G 324 25.23 -3.71 -1.50
CA PHE G 324 23.77 -3.81 -1.45
C PHE G 324 23.17 -2.62 -0.69
N THR G 325 22.16 -1.99 -1.27
CA THR G 325 21.45 -0.86 -0.64
C THR G 325 20.02 -1.29 -0.35
N PHE G 326 19.55 -1.00 0.86
CA PHE G 326 18.16 -1.25 1.24
C PHE G 326 17.56 0.06 1.75
N SER G 327 16.43 0.47 1.19
CA SER G 327 15.80 1.72 1.62
C SER G 327 14.30 1.67 1.45
N GLY G 328 13.56 1.92 2.52
CA GLY G 328 12.11 2.06 2.42
C GLY G 328 11.34 0.80 2.15
N ASN G 329 11.96 -0.35 2.35
CA ASN G 329 11.29 -1.63 2.08
C ASN G 329 10.37 -1.99 3.23
N ALA G 330 9.27 -2.64 2.87
CA ALA G 330 8.28 -3.01 3.87
C ALA G 330 7.52 -4.25 3.42
N ILE G 331 8.24 -5.35 3.39
CA ILE G 331 7.68 -6.64 3.08
C ILE G 331 7.21 -7.29 4.38
N THR G 332 5.95 -7.73 4.42
CA THR G 332 5.44 -8.34 5.64
C THR G 332 4.53 -9.52 5.33
N GLY G 333 4.31 -10.33 6.36
CA GLY G 333 3.38 -11.43 6.30
C GLY G 333 4.00 -12.79 6.28
N GLY G 334 5.32 -12.90 6.08
CA GLY G 334 5.92 -14.23 6.03
C GLY G 334 5.93 -14.87 7.41
N GLY G 335 5.45 -16.10 7.49
CA GLY G 335 5.45 -16.88 8.72
C GLY G 335 6.79 -17.53 9.01
N LYS G 336 7.56 -17.82 7.97
CA LYS G 336 8.83 -18.50 8.11
C LYS G 336 9.95 -17.47 8.21
N THR G 337 10.82 -17.64 9.21
CA THR G 337 11.85 -16.62 9.44
C THR G 337 12.71 -16.41 8.20
N SER G 338 12.98 -15.13 7.89
CA SER G 338 13.86 -14.80 6.79
C SER G 338 15.28 -15.26 7.09
N SER G 339 16.09 -15.35 6.04
CA SER G 339 17.46 -15.84 6.15
C SER G 339 18.32 -15.05 5.18
N CYS G 340 19.30 -14.32 5.70
CA CYS G 340 20.23 -13.57 4.86
C CYS G 340 21.64 -13.77 5.39
N ASN G 341 22.61 -13.91 4.49
CA ASN G 341 24.03 -13.96 4.89
C ASN G 341 24.83 -12.81 4.32
N TYR G 342 24.19 -11.81 3.69
CA TYR G 342 24.86 -10.63 3.18
C TYR G 342 23.83 -9.51 3.15
N PRO G 343 24.20 -8.23 3.53
CA PRO G 343 25.46 -7.69 4.11
C PRO G 343 25.76 -8.21 5.48
N THR G 344 24.73 -8.61 6.21
CA THR G 344 24.87 -9.15 7.55
C THR G 344 24.04 -10.42 7.65
N ASN G 345 24.06 -11.10 8.80
CA ASN G 345 23.25 -12.29 9.02
C ASN G 345 21.82 -11.99 9.43
N THR G 346 21.44 -10.73 9.41
CA THR G 346 20.05 -10.33 9.69
C THR G 346 19.40 -9.63 8.53
N CYS G 347 18.16 -9.98 8.25
CA CYS G 347 17.43 -9.41 7.14
C CYS G 347 16.74 -8.11 7.48
N PRO G 348 16.26 -7.39 6.46
CA PRO G 348 15.45 -6.22 6.81
C PRO G 348 14.12 -6.60 7.48
N SER G 349 13.61 -7.76 7.23
CA SER G 349 12.39 -8.25 7.88
C SER G 349 12.34 -9.75 7.72
N ASP H 1 -1.11 -22.08 6.79
CA ASP H 1 -0.27 -21.52 7.86
C ASP H 1 0.57 -22.58 8.59
N PRO H 2 1.85 -22.67 8.26
CA PRO H 2 2.70 -23.70 8.89
C PRO H 2 2.96 -23.46 10.38
N CYS H 3 2.77 -22.23 10.88
CA CYS H 3 3.03 -21.92 12.28
C CYS H 3 1.87 -22.27 13.20
N SER H 4 0.71 -22.63 12.68
CA SER H 4 -0.42 -23.05 13.51
C SER H 4 -0.54 -24.57 13.36
N VAL H 5 -0.22 -25.29 14.43
CA VAL H 5 -0.15 -26.74 14.41
C VAL H 5 -1.49 -27.32 14.86
N THR H 6 -2.11 -28.11 13.98
CA THR H 6 -3.37 -28.79 14.28
C THR H 6 -3.20 -30.28 14.54
N GLU H 7 -2.04 -30.85 14.22
CA GLU H 7 -1.78 -32.26 14.48
C GLU H 7 -0.27 -32.41 14.64
N TYR H 8 0.16 -33.49 15.30
CA TYR H 8 1.58 -33.66 15.62
C TYR H 8 2.46 -33.63 14.38
N SER H 9 1.96 -34.17 13.25
CA SER H 9 2.77 -34.25 12.04
C SER H 9 3.24 -32.87 11.56
N GLY H 10 2.54 -31.80 11.93
CA GLY H 10 2.95 -30.46 11.55
C GLY H 10 3.86 -29.77 12.54
N LEU H 11 4.21 -30.42 13.64
CA LEU H 11 4.97 -29.76 14.68
C LEU H 11 6.39 -29.43 14.22
N ALA H 12 7.10 -30.43 13.70
CA ALA H 12 8.50 -30.25 13.34
C ALA H 12 8.66 -29.06 12.39
N THR H 13 7.89 -29.04 11.31
CA THR H 13 7.93 -27.90 10.39
C THR H 13 7.79 -26.58 11.16
N ALA H 14 6.79 -26.50 12.04
CA ALA H 14 6.58 -25.27 12.80
C ALA H 14 7.84 -24.90 13.58
N VAL H 15 8.39 -25.88 14.34
CA VAL H 15 9.57 -25.61 15.13
C VAL H 15 10.74 -25.25 14.23
N SER H 16 10.80 -25.87 13.05
CA SER H 16 11.93 -25.59 12.18
C SER H 16 11.87 -24.18 11.60
N SER H 17 10.69 -23.58 11.49
CA SER H 17 10.62 -22.43 10.63
C SER H 17 9.96 -21.21 11.22
N CYS H 18 9.32 -21.31 12.36
CA CYS H 18 8.45 -20.25 12.86
C CYS H 18 8.92 -19.78 14.22
N LYS H 19 8.80 -18.46 14.41
CA LYS H 19 9.08 -17.82 15.69
C LYS H 19 7.83 -17.66 16.54
N ASN H 20 6.63 -17.77 15.96
CA ASN H 20 5.40 -17.70 16.72
C ASN H 20 4.54 -18.92 16.37
N ILE H 21 4.52 -19.89 17.28
CA ILE H 21 3.85 -21.16 17.05
C ILE H 21 2.60 -21.19 17.92
N VAL H 22 1.53 -21.74 17.39
CA VAL H 22 0.33 -22.05 18.16
C VAL H 22 0.10 -23.55 18.08
N LEU H 23 -0.06 -24.18 19.23
CA LEU H 23 -0.47 -25.57 19.30
C LEU H 23 -1.95 -25.58 19.65
N ASN H 24 -2.77 -26.14 18.75
CA ASN H 24 -4.23 -25.98 18.82
C ASN H 24 -4.95 -27.04 19.63
N GLY H 25 -4.23 -27.98 20.24
CA GLY H 25 -4.87 -29.00 21.06
C GLY H 25 -5.14 -30.33 20.35
N PHE H 26 -4.12 -31.18 20.28
CA PHE H 26 -4.23 -32.48 19.63
C PHE H 26 -3.60 -33.53 20.54
N GLN H 27 -3.77 -34.80 20.15
CA GLN H 27 -3.15 -35.91 20.85
C GLN H 27 -1.79 -36.19 20.23
N VAL H 28 -0.77 -36.25 21.07
CA VAL H 28 0.58 -36.61 20.63
C VAL H 28 0.67 -38.13 20.59
N PRO H 29 1.03 -38.72 19.46
CA PRO H 29 0.97 -40.19 19.34
C PRO H 29 2.02 -40.90 20.19
N THR H 30 1.82 -42.20 20.35
CA THR H 30 2.65 -42.97 21.28
C THR H 30 4.10 -42.97 20.83
N GLY H 31 5.00 -42.87 21.81
CA GLY H 31 6.41 -42.86 21.52
C GLY H 31 6.94 -41.61 20.85
N LYS H 32 6.10 -40.60 20.62
CA LYS H 32 6.53 -39.37 19.95
C LYS H 32 6.55 -38.22 20.95
N GLN H 33 7.57 -37.40 20.84
CA GLN H 33 7.86 -36.34 21.79
C GLN H 33 7.30 -35.01 21.29
N LEU H 34 6.61 -34.27 22.17
CA LEU H 34 6.30 -32.88 21.88
C LEU H 34 7.62 -32.11 22.02
N ASP H 35 8.32 -32.03 20.91
CA ASP H 35 9.74 -31.68 20.89
C ASP H 35 9.88 -30.21 20.56
N LEU H 36 10.06 -29.39 21.59
CA LEU H 36 10.39 -27.99 21.42
C LEU H 36 11.85 -27.73 21.77
N SER H 37 12.70 -28.74 21.58
CA SER H 37 14.11 -28.56 21.89
C SER H 37 14.86 -27.78 20.82
N SER H 38 14.27 -27.55 19.65
CA SER H 38 14.95 -26.86 18.57
C SER H 38 14.39 -25.46 18.34
N LEU H 39 13.67 -24.91 19.30
CA LEU H 39 13.06 -23.61 19.11
C LEU H 39 14.12 -22.56 18.75
N GLN H 40 13.76 -21.69 17.80
CA GLN H 40 14.61 -20.58 17.42
C GLN H 40 14.68 -19.53 18.53
N ASN H 41 15.76 -18.74 18.48
CA ASN H 41 15.91 -17.59 19.36
C ASN H 41 14.66 -16.73 19.29
N ASP H 42 14.22 -16.19 20.42
CA ASP H 42 13.10 -15.24 20.48
C ASP H 42 11.77 -15.86 20.05
N SER H 43 11.63 -17.19 20.16
CA SER H 43 10.40 -17.86 19.75
C SER H 43 9.32 -17.78 20.84
N THR H 44 8.06 -17.92 20.41
CA THR H 44 6.91 -18.04 21.30
C THR H 44 6.10 -19.25 20.87
N VAL H 45 5.75 -20.11 21.83
CA VAL H 45 4.84 -21.22 21.62
C VAL H 45 3.62 -20.99 22.50
N THR H 46 2.43 -20.98 21.90
CA THR H 46 1.18 -20.80 22.65
C THR H 46 0.34 -22.06 22.57
N PHE H 47 0.01 -22.63 23.73
CA PHE H 47 -0.91 -23.77 23.79
C PHE H 47 -2.35 -23.26 23.76
N LYS H 48 -3.19 -23.93 22.97
CA LYS H 48 -4.63 -23.69 22.94
C LYS H 48 -5.35 -25.03 23.01
N GLY H 49 -6.63 -24.99 23.37
CA GLY H 49 -7.38 -26.23 23.37
C GLY H 49 -6.84 -27.20 24.40
N THR H 50 -7.01 -28.50 24.11
CA THR H 50 -6.61 -29.57 25.01
C THR H 50 -5.51 -30.41 24.37
N THR H 51 -4.33 -30.40 24.97
CA THR H 51 -3.23 -31.27 24.55
C THR H 51 -3.27 -32.56 25.35
N THR H 52 -3.27 -33.70 24.67
CA THR H 52 -3.29 -35.00 25.34
C THR H 52 -2.18 -35.87 24.78
N PHE H 53 -1.98 -37.03 25.42
CA PHE H 53 -0.89 -37.94 25.06
C PHE H 53 -1.42 -39.36 25.02
N ALA H 54 -1.11 -40.08 23.93
CA ALA H 54 -1.37 -41.50 23.96
C ALA H 54 -0.44 -42.18 24.95
N THR H 55 -0.82 -43.38 25.38
CA THR H 55 -0.06 -44.10 26.40
C THR H 55 1.29 -44.53 25.82
N THR H 56 2.35 -44.30 26.58
CA THR H 56 3.70 -44.80 26.23
C THR H 56 4.31 -45.33 27.52
N ALA H 57 4.11 -46.62 27.80
CA ALA H 57 4.54 -47.18 29.09
C ALA H 57 6.04 -47.47 29.01
N ASP H 58 6.81 -46.43 29.27
CA ASP H 58 8.27 -46.47 29.15
C ASP H 58 8.87 -45.51 30.17
N ASN H 59 9.70 -46.05 31.07
CA ASN H 59 10.29 -45.23 32.13
C ASN H 59 11.16 -44.10 31.57
N ASP H 60 11.90 -44.38 30.49
CA ASP H 60 12.83 -43.42 29.93
C ASP H 60 12.19 -42.43 28.97
N PHE H 61 10.89 -42.54 28.70
CA PHE H 61 10.24 -41.66 27.74
C PHE H 61 9.97 -40.29 28.37
N ASN H 62 10.22 -39.24 27.58
CA ASN H 62 9.99 -37.86 28.01
C ASN H 62 9.01 -37.17 27.07
N PRO H 63 7.76 -36.97 27.51
CA PRO H 63 6.71 -36.44 26.60
C PRO H 63 6.96 -35.05 26.02
N ILE H 64 7.46 -34.10 26.82
CA ILE H 64 7.60 -32.72 26.38
C ILE H 64 9.03 -32.29 26.67
N VAL H 65 9.71 -31.74 25.68
CA VAL H 65 11.06 -31.24 25.92
C VAL H 65 11.17 -29.82 25.40
N ILE H 66 11.84 -28.96 26.15
CA ILE H 66 11.90 -27.53 25.85
C ILE H 66 13.34 -27.07 25.94
N SER H 67 13.78 -26.34 24.91
CA SER H 67 15.12 -25.78 24.93
C SER H 67 15.15 -24.56 24.02
N GLY H 68 15.99 -23.60 24.33
CA GLY H 68 16.14 -22.44 23.48
C GLY H 68 16.64 -21.23 24.26
N SER H 69 16.80 -20.13 23.53
CA SER H 69 17.35 -18.89 24.06
C SER H 69 16.32 -17.78 23.87
N ASN H 70 15.99 -17.10 24.96
CA ASN H 70 14.96 -16.06 24.97
C ASN H 70 13.64 -16.54 24.37
N ILE H 71 13.21 -17.74 24.79
CA ILE H 71 11.96 -18.33 24.31
C ILE H 71 10.83 -18.03 25.31
N THR H 72 9.60 -18.16 24.83
CA THR H 72 8.40 -18.01 25.63
C THR H 72 7.50 -19.21 25.36
N ILE H 73 7.09 -19.91 26.41
CA ILE H 73 6.08 -20.98 26.34
C ILE H 73 4.92 -20.52 27.18
N THR H 74 3.73 -20.42 26.58
CA THR H 74 2.59 -19.85 27.30
C THR H 74 1.30 -20.55 26.87
N GLY H 75 0.20 -20.18 27.51
CA GLY H 75 -1.10 -20.79 27.22
C GLY H 75 -2.17 -19.72 27.13
N ALA H 76 -3.16 -19.96 26.29
CA ALA H 76 -4.31 -19.06 26.17
C ALA H 76 -5.48 -19.57 27.02
N SER H 77 -6.43 -18.66 27.31
CA SER H 77 -7.56 -18.98 28.17
C SER H 77 -8.27 -20.27 27.74
N GLY H 78 -8.54 -21.13 28.72
CA GLY H 78 -9.24 -22.36 28.48
C GLY H 78 -8.37 -23.54 28.11
N HIS H 79 -7.09 -23.33 27.82
CA HIS H 79 -6.26 -24.45 27.38
C HIS H 79 -6.03 -25.44 28.51
N VAL H 80 -5.78 -26.69 28.13
CA VAL H 80 -5.47 -27.77 29.05
C VAL H 80 -4.33 -28.61 28.46
N ILE H 81 -3.38 -28.97 29.31
CA ILE H 81 -2.34 -29.96 28.96
C ILE H 81 -2.56 -31.14 29.90
N ASP H 82 -3.01 -32.27 29.35
CA ASP H 82 -3.24 -33.48 30.13
C ASP H 82 -2.12 -34.47 29.84
N GLY H 83 -1.49 -34.96 30.88
CA GLY H 83 -0.34 -35.83 30.71
C GLY H 83 -0.64 -37.32 30.72
N ASN H 84 -1.92 -37.73 30.69
CA ASN H 84 -2.29 -39.15 30.58
C ASN H 84 -1.81 -39.95 31.79
N GLY H 85 -1.77 -39.28 32.95
CA GLY H 85 -1.25 -39.92 34.14
C GLY H 85 -2.03 -41.15 34.54
N GLN H 86 -3.37 -41.08 34.40
CA GLN H 86 -4.25 -42.18 34.78
C GLN H 86 -3.85 -43.50 34.13
N ALA H 87 -3.20 -43.43 32.96
CA ALA H 87 -2.81 -44.65 32.27
C ALA H 87 -1.62 -45.34 32.93
N TYR H 88 -0.89 -44.65 33.81
CA TYR H 88 0.37 -45.14 34.38
C TYR H 88 0.32 -45.44 35.86
N TRP H 89 -0.44 -44.62 36.62
CA TRP H 89 -0.40 -44.65 38.07
C TRP H 89 -0.66 -46.04 38.61
N ASP H 90 0.15 -46.45 39.58
CA ASP H 90 -0.07 -47.75 40.22
C ASP H 90 0.26 -47.73 41.71
N GLY H 91 0.30 -46.55 42.35
CA GLY H 91 0.65 -46.51 43.74
C GLY H 91 2.13 -46.41 44.04
N LYS H 92 3.00 -46.79 43.10
CA LYS H 92 4.46 -46.90 43.34
C LYS H 92 5.43 -45.91 42.67
N GLY H 93 4.93 -45.14 41.74
CA GLY H 93 5.74 -44.13 41.12
C GLY H 93 6.97 -44.55 40.39
N SER H 94 8.06 -43.88 40.68
CA SER H 94 9.32 -44.16 40.02
C SER H 94 9.89 -45.52 40.33
N ASN H 95 9.74 -45.96 41.55
CA ASN H 95 10.21 -47.26 41.94
C ASN H 95 9.87 -48.37 40.98
N ASN H 99 5.27 -51.58 36.56
CA ASN H 99 4.59 -50.73 35.60
C ASN H 99 5.51 -49.59 35.16
N GLN H 100 5.76 -49.50 33.87
CA GLN H 100 6.63 -48.47 33.35
C GLN H 100 5.84 -47.17 33.15
N LYS H 101 6.45 -46.04 33.55
CA LYS H 101 5.82 -44.74 33.49
C LYS H 101 6.83 -43.68 33.08
N PRO H 102 6.50 -42.79 32.14
CA PRO H 102 7.41 -41.69 31.81
C PRO H 102 7.84 -40.92 33.06
N ASP H 103 9.15 -40.91 33.31
CA ASP H 103 9.64 -40.39 34.58
C ASP H 103 9.60 -38.86 34.64
N HIS H 104 9.82 -38.19 33.51
CA HIS H 104 9.80 -36.73 33.45
C HIS H 104 8.78 -36.29 32.42
N PHE H 105 7.76 -35.55 32.87
CA PHE H 105 6.75 -35.10 31.93
C PHE H 105 7.27 -33.96 31.04
N ILE H 106 7.86 -32.93 31.65
CA ILE H 106 8.34 -31.77 30.92
C ILE H 106 9.81 -31.55 31.29
N VAL H 107 10.69 -31.62 30.31
CA VAL H 107 12.10 -31.38 30.54
C VAL H 107 12.44 -29.99 30.01
N VAL H 108 12.97 -29.13 30.87
CA VAL H 108 13.43 -27.82 30.44
C VAL H 108 14.94 -27.87 30.51
N GLN H 109 15.60 -27.99 29.36
CA GLN H 109 17.05 -28.20 29.38
C GLN H 109 17.72 -27.18 28.50
N LYS H 110 18.87 -26.68 28.97
CA LYS H 110 19.68 -25.71 28.22
C LYS H 110 18.82 -24.53 27.71
N THR H 111 17.89 -24.09 28.55
CA THR H 111 17.05 -22.93 28.25
C THR H 111 17.64 -21.71 28.94
N THR H 112 18.00 -20.71 28.14
CA THR H 112 18.81 -19.60 28.57
C THR H 112 18.19 -18.27 28.11
N GLY H 113 18.82 -17.18 28.55
CA GLY H 113 18.58 -15.87 27.96
C GLY H 113 17.26 -15.22 28.28
N ASN H 114 16.83 -15.31 29.54
CA ASN H 114 15.59 -14.68 30.01
C ASN H 114 14.38 -15.31 29.33
N SER H 115 14.39 -16.61 29.28
CA SER H 115 13.23 -17.32 28.75
C SER H 115 12.15 -17.39 29.79
N LYS H 116 10.93 -17.62 29.37
CA LYS H 116 9.84 -17.77 30.30
C LYS H 116 8.79 -18.83 29.96
N ILE H 117 8.22 -19.47 30.99
CA ILE H 117 7.16 -20.44 30.83
C ILE H 117 6.06 -19.87 31.72
N THR H 118 4.89 -19.55 31.20
CA THR H 118 3.89 -18.82 31.96
C THR H 118 2.47 -19.33 31.70
N ASN H 119 1.66 -19.36 32.75
CA ASN H 119 0.20 -19.50 32.65
C ASN H 119 -0.24 -20.81 32.00
N LEU H 120 0.50 -21.88 32.26
CA LEU H 120 0.10 -23.20 31.78
C LEU H 120 -0.81 -23.90 32.79
N ASN H 121 -1.79 -24.66 32.28
CA ASN H 121 -2.74 -25.42 33.08
C ASN H 121 -2.44 -26.90 32.81
N ILE H 122 -1.79 -27.54 33.76
CA ILE H 122 -1.27 -28.88 33.57
C ILE H 122 -1.94 -29.80 34.58
N GLN H 123 -2.39 -30.96 34.10
CA GLN H 123 -3.09 -31.90 34.96
C GLN H 123 -2.70 -33.32 34.58
N ASN H 124 -2.75 -34.20 35.59
CA ASN H 124 -2.62 -35.65 35.39
C ASN H 124 -1.30 -36.00 34.71
N TRP H 125 -0.19 -35.62 35.35
CA TRP H 125 1.08 -36.04 34.80
C TRP H 125 1.56 -37.34 35.47
N PRO H 126 2.39 -38.16 34.81
CA PRO H 126 2.63 -39.53 35.33
C PRO H 126 3.47 -39.59 36.59
N VAL H 127 4.72 -39.09 36.56
CA VAL H 127 5.60 -39.10 37.72
C VAL H 127 6.11 -37.68 38.02
N HIS H 128 7.38 -37.39 37.75
CA HIS H 128 7.88 -36.04 37.96
C HIS H 128 7.33 -35.13 36.86
N CYS H 129 6.95 -33.91 37.25
CA CYS H 129 6.40 -33.00 36.27
C CYS H 129 7.51 -32.25 35.52
N PHE H 130 8.01 -31.17 36.13
CA PHE H 130 9.07 -30.35 35.54
C PHE H 130 10.44 -30.81 36.00
N ASP H 131 11.32 -31.09 35.05
CA ASP H 131 12.74 -31.35 35.29
C ASP H 131 13.52 -30.21 34.65
N ILE H 132 14.00 -29.29 35.46
CA ILE H 132 14.70 -28.12 34.97
C ILE H 132 16.19 -28.41 35.12
N THR H 133 16.94 -28.35 34.02
CA THR H 133 18.33 -28.77 34.09
C THR H 133 19.16 -27.99 33.09
N GLY H 134 20.40 -27.72 33.49
CA GLY H 134 21.34 -27.01 32.64
C GLY H 134 20.84 -25.69 32.11
N SER H 135 20.04 -24.95 32.89
CA SER H 135 19.40 -23.73 32.40
C SER H 135 19.80 -22.51 33.22
N SER H 136 19.48 -21.35 32.70
CA SER H 136 19.93 -20.11 33.31
C SER H 136 19.02 -18.97 32.89
N GLN H 137 18.68 -18.10 33.86
CA GLN H 137 17.86 -16.92 33.64
C GLN H 137 16.50 -17.32 33.05
N LEU H 138 15.77 -18.09 33.85
CA LEU H 138 14.52 -18.71 33.44
C LEU H 138 13.46 -18.38 34.48
N THR H 139 12.29 -17.97 33.99
CA THR H 139 11.14 -17.72 34.86
C THR H 139 10.03 -18.71 34.54
N ILE H 140 9.43 -19.30 35.57
CA ILE H 140 8.26 -20.16 35.43
C ILE H 140 7.20 -19.60 36.37
N SER H 141 6.10 -19.08 35.80
CA SER H 141 5.14 -18.33 36.64
C SER H 141 3.71 -18.53 36.15
N GLY H 142 2.79 -18.51 37.11
CA GLY H 142 1.37 -18.56 36.81
C GLY H 142 0.81 -19.91 36.45
N LEU H 143 1.53 -20.99 36.75
CA LEU H 143 1.11 -22.34 36.39
C LEU H 143 0.19 -22.96 37.45
N ILE H 144 -0.67 -23.87 36.99
CA ILE H 144 -1.41 -24.80 37.82
C ILE H 144 -0.99 -26.19 37.41
N LEU H 145 -0.43 -26.95 38.37
CA LEU H 145 -0.09 -28.35 38.24
C LEU H 145 -1.09 -29.08 39.11
N ASP H 146 -2.09 -29.72 38.51
CA ASP H 146 -3.19 -30.28 39.28
C ASP H 146 -3.15 -31.79 39.13
N ASN H 147 -2.65 -32.49 40.14
CA ASN H 147 -2.63 -33.94 40.12
C ASN H 147 -3.57 -34.54 41.16
N ARG H 148 -4.62 -33.80 41.51
CA ARG H 148 -5.51 -34.25 42.59
C ARG H 148 -6.19 -35.58 42.27
N ALA H 149 -6.45 -35.85 40.97
CA ALA H 149 -7.04 -37.12 40.58
C ALA H 149 -6.18 -38.31 40.99
N GLY H 150 -4.89 -38.09 41.20
CA GLY H 150 -3.98 -39.11 41.67
C GLY H 150 -4.03 -39.37 43.16
N ASP H 151 -4.84 -38.68 43.92
CA ASP H 151 -4.84 -38.88 45.35
C ASP H 151 -5.62 -40.12 45.70
N LYS H 152 -6.57 -40.44 44.87
CA LYS H 152 -7.34 -41.64 45.09
C LYS H 152 -6.64 -42.95 44.74
N PRO H 153 -6.93 -44.00 45.50
CA PRO H 153 -6.39 -45.28 45.06
C PRO H 153 -7.00 -45.69 43.70
N ASN H 154 -6.26 -46.41 42.89
CA ASN H 154 -6.81 -46.86 41.60
C ASN H 154 -6.76 -48.39 41.51
N ALA H 155 -7.20 -48.93 40.37
CA ALA H 155 -7.39 -50.36 40.31
C ALA H 155 -6.08 -51.14 40.46
N LYS H 156 -4.93 -50.48 40.35
CA LYS H 156 -3.65 -51.16 40.44
C LYS H 156 -2.89 -50.83 41.71
N SER H 157 -3.37 -49.89 42.51
CA SER H 157 -2.61 -49.39 43.64
C SER H 157 -3.00 -50.02 44.97
N GLY H 158 -3.94 -50.97 44.96
CA GLY H 158 -4.42 -51.51 46.22
C GLY H 158 -5.03 -50.40 47.05
N SER H 159 -4.56 -50.27 48.29
CA SER H 159 -5.03 -49.26 49.22
C SER H 159 -4.35 -47.90 49.05
N LEU H 160 -3.26 -47.81 48.25
CA LEU H 160 -2.43 -46.61 48.27
C LEU H 160 -2.92 -45.58 47.25
N PRO H 161 -2.63 -44.31 47.50
CA PRO H 161 -2.84 -43.30 46.44
C PRO H 161 -2.16 -43.72 45.15
N ALA H 162 -2.88 -43.56 44.04
CA ALA H 162 -2.38 -44.06 42.75
C ALA H 162 -1.15 -43.30 42.31
N ALA H 163 -1.17 -41.98 42.44
CA ALA H 163 -0.04 -41.16 42.04
C ALA H 163 0.98 -41.09 43.17
N HIS H 164 2.26 -41.11 42.78
CA HIS H 164 3.38 -41.18 43.73
C HIS H 164 4.61 -40.60 43.04
N ASN H 165 5.48 -39.96 43.83
CA ASN H 165 6.70 -39.34 43.30
C ASN H 165 6.37 -38.27 42.27
N THR H 166 5.26 -37.58 42.45
CA THR H 166 4.80 -36.61 41.45
C THR H 166 5.32 -35.21 41.78
N ASP H 167 6.65 -35.11 41.83
CA ASP H 167 7.31 -33.82 42.10
C ASP H 167 6.77 -32.74 41.17
N GLY H 168 6.61 -31.53 41.70
CA GLY H 168 6.21 -30.42 40.86
C GLY H 168 7.33 -29.86 39.98
N PHE H 169 8.35 -29.31 40.63
CA PHE H 169 9.50 -28.73 39.96
C PHE H 169 10.75 -29.29 40.60
N ASP H 170 11.55 -30.02 39.82
CA ASP H 170 12.88 -30.48 40.21
C ASP H 170 13.90 -29.61 39.49
N ILE H 171 14.88 -29.11 40.22
CA ILE H 171 15.87 -28.20 39.65
C ILE H 171 17.26 -28.81 39.89
N SER H 172 18.06 -28.86 38.84
CA SER H 172 19.46 -29.25 38.99
C SER H 172 20.30 -28.46 38.00
N SER H 173 21.55 -28.23 38.39
CA SER H 173 22.58 -27.65 37.51
C SER H 173 22.07 -26.43 36.72
N SER H 174 21.42 -25.51 37.45
CA SER H 174 20.85 -24.31 36.83
C SER H 174 21.16 -23.11 37.70
N ASP H 175 21.06 -21.93 37.11
CA ASP H 175 21.38 -20.69 37.78
C ASP H 175 20.33 -19.63 37.44
N HIS H 176 19.94 -18.83 38.43
CA HIS H 176 18.99 -17.73 38.22
C HIS H 176 17.68 -18.24 37.63
N VAL H 177 17.09 -19.18 38.32
CA VAL H 177 15.77 -19.70 38.00
C VAL H 177 14.80 -19.15 39.03
N THR H 178 13.70 -18.57 38.54
CA THR H 178 12.65 -18.06 39.41
C THR H 178 11.38 -18.84 39.13
N LEU H 179 10.79 -19.40 40.18
CA LEU H 179 9.47 -20.02 40.16
C LEU H 179 8.55 -19.09 40.95
N ASP H 180 7.56 -18.48 40.29
CA ASP H 180 6.72 -17.52 41.00
C ASP H 180 5.25 -17.78 40.74
N ASN H 181 4.45 -17.72 41.81
CA ASN H 181 2.98 -17.73 41.71
C ASN H 181 2.48 -18.96 40.95
N ASN H 182 2.89 -20.12 41.44
CA ASN H 182 2.46 -21.38 40.88
C ASN H 182 1.66 -22.13 41.94
N HIS H 183 0.66 -22.87 41.49
CA HIS H 183 -0.12 -23.74 42.35
C HIS H 183 0.25 -25.18 42.01
N VAL H 184 0.55 -25.99 43.03
CA VAL H 184 0.96 -27.39 42.86
C VAL H 184 0.13 -28.25 43.79
N TYR H 185 -0.73 -29.12 43.22
CA TYR H 185 -1.50 -30.13 43.93
C TYR H 185 -0.96 -31.47 43.48
N ASN H 186 -0.28 -32.16 44.38
CA ASN H 186 0.44 -33.36 43.96
C ASN H 186 0.63 -34.29 45.16
N GLN H 187 1.61 -35.18 45.07
CA GLN H 187 1.82 -36.23 46.07
C GLN H 187 3.29 -36.34 46.51
N ASP H 188 4.13 -35.39 46.15
CA ASP H 188 5.54 -35.43 46.54
C ASP H 188 6.03 -34.00 46.62
N ASP H 189 7.34 -33.80 46.47
CA ASP H 189 7.89 -32.46 46.63
C ASP H 189 7.17 -31.47 45.72
N CYS H 190 6.76 -30.35 46.31
CA CYS H 190 6.31 -29.21 45.50
C CYS H 190 7.45 -28.68 44.65
N VAL H 191 8.57 -28.36 45.30
CA VAL H 191 9.83 -28.01 44.66
C VAL H 191 10.93 -28.84 45.32
N ALA H 192 11.86 -29.34 44.51
CA ALA H 192 13.05 -30.06 44.99
C ALA H 192 14.28 -29.54 44.26
N VAL H 193 15.20 -28.93 44.99
CA VAL H 193 16.45 -28.45 44.40
C VAL H 193 17.56 -29.41 44.86
N THR H 194 18.15 -30.18 43.92
CA THR H 194 19.30 -31.02 44.29
C THR H 194 20.64 -30.39 43.91
N SER H 195 20.64 -29.34 43.07
CA SER H 195 21.81 -28.53 42.77
C SER H 195 21.30 -27.29 42.05
N GLY H 196 22.10 -26.22 42.13
CA GLY H 196 21.74 -24.99 41.46
C GLY H 196 22.16 -23.80 42.29
N THR H 197 22.09 -22.60 41.70
CA THR H 197 22.50 -21.40 42.38
C THR H 197 21.54 -20.26 42.02
N ASN H 198 21.32 -19.36 42.98
CA ASN H 198 20.47 -18.19 42.72
C ASN H 198 19.09 -18.62 42.26
N ILE H 199 18.47 -19.48 43.04
CA ILE H 199 17.12 -19.95 42.81
C ILE H 199 16.17 -19.17 43.68
N VAL H 200 15.07 -18.71 43.09
CA VAL H 200 14.02 -18.00 43.83
C VAL H 200 12.72 -18.76 43.62
N VAL H 201 12.03 -19.06 44.72
CA VAL H 201 10.77 -19.80 44.72
C VAL H 201 9.81 -18.95 45.54
N SER H 202 8.90 -18.24 44.87
CA SER H 202 8.10 -17.18 45.49
C SER H 202 6.62 -17.38 45.23
N ASN H 203 5.80 -17.05 46.24
CA ASN H 203 4.35 -17.03 46.09
C ASN H 203 3.83 -18.36 45.60
N MET H 204 4.35 -19.43 46.16
CA MET H 204 3.90 -20.77 45.80
C MET H 204 2.72 -21.19 46.67
N TYR H 205 1.83 -21.99 46.09
CA TYR H 205 0.78 -22.69 46.84
C TYR H 205 0.95 -24.18 46.61
N CYS H 206 1.39 -24.92 47.64
CA CYS H 206 1.72 -26.34 47.57
C CYS H 206 0.76 -27.11 48.45
N SER H 207 0.07 -28.09 47.88
CA SER H 207 -0.94 -28.85 48.59
C SER H 207 -0.75 -30.34 48.32
N GLY H 208 -0.84 -31.14 49.37
CA GLY H 208 -0.93 -32.58 49.22
C GLY H 208 0.39 -33.33 49.10
N GLY H 209 1.50 -32.63 48.89
CA GLY H 209 2.76 -33.27 48.57
C GLY H 209 3.69 -33.39 49.77
N HIS H 210 4.99 -33.18 49.52
CA HIS H 210 6.02 -33.37 50.53
C HIS H 210 6.74 -32.07 50.89
N GLY H 211 6.26 -30.91 50.42
CA GLY H 211 6.78 -29.63 50.88
C GLY H 211 7.77 -28.99 49.94
N LEU H 212 8.49 -28.00 50.48
CA LEU H 212 9.49 -27.21 49.77
C LEU H 212 10.88 -27.66 50.21
N SER H 213 11.63 -28.27 49.28
CA SER H 213 12.74 -29.14 49.64
C SER H 213 14.03 -28.77 48.92
N ILE H 214 15.12 -28.80 49.69
CA ILE H 214 16.48 -28.94 49.18
C ILE H 214 16.84 -30.41 49.30
N GLY H 215 17.24 -31.01 48.18
CA GLY H 215 17.77 -32.34 48.27
C GLY H 215 16.78 -33.40 47.80
N SER H 216 17.12 -34.65 48.10
CA SER H 216 18.32 -35.04 48.84
C SER H 216 19.61 -34.81 48.03
N VAL H 217 20.55 -34.14 48.68
CA VAL H 217 21.81 -33.73 48.06
C VAL H 217 22.88 -34.78 48.36
N GLY H 218 23.69 -35.04 47.35
CA GLY H 218 24.81 -35.95 47.51
C GLY H 218 24.70 -37.20 46.67
N GLY H 219 25.85 -37.66 46.17
CA GLY H 219 25.90 -38.87 45.36
C GLY H 219 25.44 -38.64 43.94
N LYS H 220 25.03 -37.44 43.62
CA LYS H 220 24.58 -37.16 42.29
C LYS H 220 25.67 -36.55 41.45
N SER H 221 25.30 -36.23 40.24
CA SER H 221 26.25 -35.73 39.29
C SER H 221 26.70 -34.29 39.62
N ASP H 222 25.82 -33.50 40.25
CA ASP H 222 26.08 -32.15 40.78
C ASP H 222 25.57 -32.15 42.22
N ASN H 223 26.41 -31.79 43.16
CA ASN H 223 26.00 -31.81 44.57
C ASN H 223 26.26 -30.47 45.25
N VAL H 224 26.12 -29.37 44.53
CA VAL H 224 26.32 -28.06 45.12
C VAL H 224 25.01 -27.27 44.98
N VAL H 225 24.48 -26.81 46.12
CA VAL H 225 23.34 -25.93 46.15
C VAL H 225 23.79 -24.62 46.83
N ASP H 226 23.67 -23.50 46.12
CA ASP H 226 24.08 -22.22 46.69
C ASP H 226 23.16 -21.07 46.38
N GLY H 227 22.53 -20.55 47.39
CA GLY H 227 21.64 -19.44 47.20
C GLY H 227 20.27 -19.81 46.73
N VAL H 228 19.42 -20.32 47.60
CA VAL H 228 18.03 -20.62 47.27
C VAL H 228 17.08 -19.87 48.21
N GLN H 229 16.11 -19.18 47.67
CA GLN H 229 15.11 -18.49 48.48
C GLN H 229 13.69 -19.03 48.31
N PHE H 230 13.06 -19.47 49.41
CA PHE H 230 11.65 -19.84 49.38
C PHE H 230 10.89 -18.78 50.15
N LEU H 231 10.03 -18.02 49.47
CA LEU H 231 9.45 -16.79 50.00
C LEU H 231 7.94 -16.79 49.85
N SER H 232 7.25 -16.27 50.87
CA SER H 232 5.84 -15.91 50.78
C SER H 232 5.00 -17.01 50.14
N SER H 233 5.06 -18.19 50.74
CA SER H 233 4.39 -19.35 50.14
C SER H 233 3.62 -20.10 51.21
N GLN H 234 2.64 -20.88 50.76
CA GLN H 234 1.82 -21.71 51.62
C GLN H 234 2.06 -23.18 51.33
N VAL H 235 2.19 -23.98 52.40
CA VAL H 235 2.25 -25.45 52.29
C VAL H 235 1.11 -26.03 53.12
N VAL H 236 0.20 -26.75 52.48
CA VAL H 236 -1.00 -27.27 53.13
C VAL H 236 -1.11 -28.76 52.84
N ASN H 237 -1.61 -29.51 53.83
CA ASN H 237 -1.95 -30.92 53.66
C ASN H 237 -0.78 -31.74 53.12
N SER H 238 0.41 -31.45 53.61
CA SER H 238 1.63 -32.08 53.09
C SER H 238 2.36 -32.79 54.22
N GLN H 239 3.30 -33.66 53.84
CA GLN H 239 4.11 -34.42 54.78
C GLN H 239 5.09 -33.53 55.52
N ASN H 240 5.70 -32.56 54.84
CA ASN H 240 6.63 -31.62 55.47
C ASN H 240 6.33 -30.22 54.97
N GLY H 241 6.78 -29.22 55.73
CA GLY H 241 6.74 -27.85 55.29
C GLY H 241 8.02 -27.46 54.56
N CYS H 242 9.09 -27.23 55.33
CA CYS H 242 10.42 -26.94 54.78
C CYS H 242 11.34 -28.11 55.06
N ARG H 243 12.08 -28.56 54.05
CA ARG H 243 12.94 -29.70 54.20
C ARG H 243 14.32 -29.59 53.54
N ILE H 244 15.38 -29.93 54.25
CA ILE H 244 16.70 -29.98 53.67
C ILE H 244 17.27 -31.34 54.00
N LYS H 245 17.64 -32.10 53.00
CA LYS H 245 18.17 -33.38 53.23
C LYS H 245 19.44 -33.72 52.50
N SER H 246 20.29 -34.49 53.16
CA SER H 246 21.49 -34.97 52.49
C SER H 246 21.67 -36.47 52.66
N ASN H 247 22.30 -37.08 51.67
CA ASN H 247 22.46 -38.51 51.67
C ASN H 247 23.61 -39.00 52.50
N SER H 248 23.37 -40.05 53.27
CA SER H 248 24.44 -40.64 54.07
C SER H 248 25.61 -41.10 53.18
N GLY H 249 26.83 -40.81 53.62
CA GLY H 249 28.06 -41.22 52.95
C GLY H 249 28.48 -40.33 51.79
N ALA H 250 27.68 -39.32 51.45
CA ALA H 250 27.90 -38.50 50.27
C ALA H 250 28.71 -37.25 50.62
N THR H 251 29.14 -36.54 49.58
CA THR H 251 29.82 -35.27 49.70
C THR H 251 29.08 -34.20 48.88
N GLY H 252 29.20 -32.96 49.31
CA GLY H 252 28.50 -31.88 48.66
C GLY H 252 28.39 -30.70 49.59
N THR H 253 27.65 -29.69 49.14
CA THR H 253 27.50 -28.44 49.90
C THR H 253 26.14 -27.81 49.67
N ILE H 254 25.47 -27.43 50.76
CA ILE H 254 24.24 -26.66 50.73
C ILE H 254 24.53 -25.35 51.46
N ASN H 255 24.47 -24.23 50.74
CA ASN H 255 24.85 -22.94 51.30
C ASN H 255 23.82 -21.86 50.94
N ASN H 256 23.48 -21.05 51.94
CA ASN H 256 22.66 -19.85 51.75
C ASN H 256 21.26 -20.20 51.22
N VAL H 257 20.51 -20.90 52.09
CA VAL H 257 19.12 -21.25 51.84
C VAL H 257 18.25 -20.54 52.87
N THR H 258 17.25 -19.80 52.40
CA THR H 258 16.32 -19.06 53.27
C THR H 258 14.89 -19.54 53.04
N TYR H 259 14.16 -19.81 54.12
CA TYR H 259 12.71 -19.97 54.08
C TYR H 259 12.11 -18.79 54.85
N GLN H 260 11.33 -17.97 54.17
CA GLN H 260 10.83 -16.72 54.74
C GLN H 260 9.37 -16.54 54.42
N ASN H 261 8.56 -16.31 55.46
CA ASN H 261 7.12 -16.11 55.34
C ASN H 261 6.48 -17.32 54.67
N ILE H 262 6.65 -18.47 55.30
CA ILE H 262 6.08 -19.73 54.84
C ILE H 262 4.97 -20.10 55.83
N ALA H 263 3.75 -20.24 55.31
CA ALA H 263 2.58 -20.54 56.13
C ALA H 263 2.19 -22.01 55.96
N LEU H 264 2.12 -22.73 57.07
CA LEU H 264 1.90 -24.17 57.12
C LEU H 264 0.51 -24.50 57.63
N THR H 265 -0.13 -25.48 57.00
CA THR H 265 -1.43 -25.98 57.46
C THR H 265 -1.46 -27.49 57.33
N ASN H 266 -1.72 -28.18 58.45
CA ASN H 266 -2.00 -29.62 58.46
C ASN H 266 -0.80 -30.39 57.88
N ILE H 267 0.36 -30.10 58.44
CA ILE H 267 1.58 -30.82 58.07
C ILE H 267 1.61 -32.12 58.88
N SER H 268 1.85 -33.25 58.19
CA SER H 268 1.67 -34.56 58.83
C SER H 268 2.89 -35.04 59.62
N THR H 269 4.12 -34.73 59.19
CA THR H 269 5.32 -35.34 59.77
C THR H 269 6.29 -34.33 60.36
N TYR H 270 6.78 -33.38 59.58
CA TYR H 270 7.77 -32.42 60.05
C TYR H 270 7.37 -31.01 59.61
N GLY H 271 7.22 -30.11 60.56
CA GLY H 271 7.12 -28.72 60.20
C GLY H 271 8.35 -28.25 59.45
N VAL H 272 9.52 -28.33 60.10
CA VAL H 272 10.81 -28.07 59.47
C VAL H 272 11.66 -29.31 59.68
N ASP H 273 12.37 -29.75 58.63
CA ASP H 273 13.14 -30.98 58.66
C ASP H 273 14.50 -30.70 57.99
N VAL H 274 15.58 -30.92 58.73
CA VAL H 274 16.95 -30.81 58.25
C VAL H 274 17.64 -32.07 58.71
N GLN H 275 18.05 -32.94 57.78
CA GLN H 275 18.69 -34.15 58.25
C GLN H 275 19.66 -34.69 57.21
N GLN H 276 20.72 -35.30 57.71
CA GLN H 276 21.82 -35.75 56.87
C GLN H 276 22.07 -37.26 56.96
N ASP H 277 21.02 -38.03 57.19
CA ASP H 277 21.12 -39.47 57.38
C ASP H 277 20.30 -40.29 56.39
N TYR H 278 20.11 -39.79 55.19
CA TYR H 278 19.27 -40.53 54.27
C TYR H 278 19.91 -41.57 53.44
N LEU H 279 19.32 -42.74 53.47
CA LEU H 279 19.81 -43.85 52.74
C LEU H 279 18.68 -44.49 52.02
N ASN H 280 18.75 -44.44 50.71
CA ASN H 280 17.76 -45.04 49.87
C ASN H 280 16.36 -44.58 50.26
N GLY H 281 16.20 -43.27 50.27
CA GLY H 281 14.87 -42.76 50.57
C GLY H 281 14.37 -43.05 51.96
N GLY H 282 15.25 -43.44 52.89
CA GLY H 282 14.87 -43.64 54.28
C GLY H 282 15.92 -43.13 55.26
N PRO H 283 15.49 -42.70 56.44
CA PRO H 283 16.43 -42.22 57.45
C PRO H 283 17.14 -43.38 58.14
N THR H 284 18.42 -43.17 58.48
CA THR H 284 19.18 -44.15 59.24
C THR H 284 19.37 -43.77 60.70
N GLY H 285 19.19 -42.51 61.06
CA GLY H 285 19.55 -42.08 62.41
C GLY H 285 21.02 -41.82 62.61
N LYS H 286 21.86 -42.09 61.62
CA LYS H 286 23.32 -41.89 61.71
C LYS H 286 23.73 -40.85 60.70
N PRO H 287 23.69 -39.56 61.04
CA PRO H 287 24.11 -38.55 60.07
C PRO H 287 25.60 -38.62 59.83
N THR H 288 26.01 -38.46 58.57
CA THR H 288 27.41 -38.32 58.21
C THR H 288 27.67 -36.84 57.96
N ASN H 289 28.94 -36.51 57.73
CA ASN H 289 29.38 -35.11 57.70
C ASN H 289 30.07 -34.72 56.40
N GLY H 290 29.83 -35.46 55.30
CA GLY H 290 30.45 -35.13 54.02
C GLY H 290 29.79 -34.00 53.25
N VAL H 291 28.51 -33.72 53.53
CA VAL H 291 27.79 -32.61 52.93
C VAL H 291 27.74 -31.49 53.94
N LYS H 292 28.36 -30.37 53.61
CA LYS H 292 28.30 -29.20 54.48
C LYS H 292 26.97 -28.47 54.30
N ILE H 293 26.39 -28.01 55.40
CA ILE H 293 25.16 -27.23 55.35
C ILE H 293 25.40 -25.94 56.12
N SER H 294 25.32 -24.81 55.45
CA SER H 294 25.66 -23.55 56.10
C SER H 294 24.78 -22.42 55.62
N ASN H 295 24.61 -21.42 56.50
CA ASN H 295 23.80 -20.22 56.24
C ASN H 295 22.36 -20.57 55.85
N ILE H 296 21.68 -21.23 56.78
CA ILE H 296 20.28 -21.63 56.64
C ILE H 296 19.46 -20.69 57.50
N LYS H 297 18.44 -20.07 56.93
CA LYS H 297 17.58 -19.14 57.65
C LYS H 297 16.15 -19.63 57.64
N PHE H 298 15.51 -19.61 58.79
CA PHE H 298 14.06 -19.84 58.92
C PHE H 298 13.47 -18.58 59.55
N ILE H 299 12.73 -17.81 58.74
CA ILE H 299 12.20 -16.50 59.11
C ILE H 299 10.71 -16.54 58.89
N LYS H 300 9.95 -16.38 59.98
CA LYS H 300 8.50 -16.29 59.88
C LYS H 300 7.92 -17.52 59.20
N VAL H 301 8.39 -18.70 59.62
CA VAL H 301 7.74 -19.96 59.30
C VAL H 301 6.71 -20.22 60.38
N THR H 302 5.43 -20.13 60.02
CA THR H 302 4.37 -20.14 61.01
C THR H 302 3.27 -21.07 60.55
N GLY H 303 2.41 -21.46 61.47
CA GLY H 303 1.23 -22.20 61.09
C GLY H 303 1.06 -23.41 61.96
N THR H 304 0.29 -24.37 61.45
CA THR H 304 -0.12 -25.52 62.24
C THR H 304 0.32 -26.83 61.60
N VAL H 305 0.82 -27.72 62.43
CA VAL H 305 1.08 -29.08 61.99
C VAL H 305 0.07 -30.00 62.66
N ALA H 306 -0.11 -31.18 62.07
CA ALA H 306 -1.02 -32.18 62.62
C ALA H 306 -0.45 -32.79 63.90
N SER H 307 -1.33 -33.44 64.68
CA SER H 307 -0.94 -34.08 65.94
C SER H 307 0.12 -35.17 65.75
N SER H 308 0.15 -35.80 64.58
CA SER H 308 1.15 -36.83 64.28
C SER H 308 2.57 -36.27 64.12
N ALA H 309 2.72 -34.98 63.97
CA ALA H 309 3.97 -34.41 63.49
C ALA H 309 4.87 -33.97 64.64
N GLN H 310 6.11 -33.67 64.28
CA GLN H 310 7.03 -32.86 65.07
C GLN H 310 7.10 -31.46 64.47
N ASP H 311 7.12 -30.44 65.34
CA ASP H 311 7.27 -29.07 64.84
C ASP H 311 8.62 -28.92 64.14
N TRP H 312 9.69 -29.39 64.77
CA TRP H 312 11.06 -29.25 64.26
C TRP H 312 11.82 -30.56 64.38
N PHE H 313 12.58 -30.89 63.32
CA PHE H 313 13.54 -31.98 63.36
C PHE H 313 14.82 -31.54 62.68
N ILE H 314 15.92 -31.54 63.43
CA ILE H 314 17.22 -31.17 62.93
C ILE H 314 18.21 -32.23 63.38
N LEU H 315 18.86 -32.90 62.42
CA LEU H 315 19.78 -33.98 62.69
C LEU H 315 20.99 -33.74 61.79
N CYS H 316 21.92 -32.95 62.30
CA CYS H 316 23.15 -32.64 61.60
C CYS H 316 24.23 -33.67 61.92
N GLY H 317 25.12 -33.91 60.95
CA GLY H 317 26.31 -34.69 61.19
C GLY H 317 27.34 -33.91 61.97
N ASP H 318 28.47 -34.56 62.25
CA ASP H 318 29.51 -34.01 63.11
C ASP H 318 30.21 -32.84 62.43
N GLY H 319 29.87 -31.63 62.83
CA GLY H 319 30.55 -30.46 62.34
C GLY H 319 30.19 -30.03 60.93
N SER H 320 29.20 -30.64 60.31
CA SER H 320 28.85 -30.33 58.93
C SER H 320 27.79 -29.23 58.80
N CYS H 321 27.25 -28.72 59.91
CA CYS H 321 26.26 -27.64 59.87
C CYS H 321 26.84 -26.38 60.49
N SER H 322 26.57 -25.23 59.87
CA SER H 322 27.07 -23.96 60.38
C SER H 322 26.04 -22.87 60.12
N GLY H 323 25.97 -21.90 61.02
CA GLY H 323 25.22 -20.68 60.74
C GLY H 323 23.73 -20.83 60.46
N PHE H 324 22.99 -21.37 61.43
CA PHE H 324 21.53 -21.44 61.34
C PHE H 324 20.92 -20.25 62.06
N THR H 325 19.95 -19.59 61.40
CA THR H 325 19.24 -18.43 61.91
C THR H 325 17.75 -18.78 62.05
N PHE H 326 17.15 -18.38 63.17
CA PHE H 326 15.72 -18.55 63.41
C PHE H 326 15.15 -17.21 63.85
N SER H 327 14.06 -16.77 63.23
CA SER H 327 13.47 -15.49 63.59
C SER H 327 11.98 -15.50 63.28
N GLY H 328 11.17 -15.14 64.26
CA GLY H 328 9.75 -14.96 63.98
C GLY H 328 8.99 -16.24 63.69
N ASN H 329 9.53 -17.40 63.99
CA ASN H 329 8.86 -18.66 63.70
C ASN H 329 7.79 -18.95 64.74
N ALA H 330 6.70 -19.58 64.28
CA ALA H 330 5.58 -19.92 65.14
C ALA H 330 4.89 -21.19 64.62
N ILE H 331 5.61 -22.30 64.64
CA ILE H 331 5.06 -23.60 64.29
C ILE H 331 4.44 -24.21 65.54
N THR H 332 3.20 -24.69 65.41
CA THR H 332 2.47 -25.19 66.55
C THR H 332 1.68 -26.45 66.14
N GLY H 333 1.29 -27.27 67.11
CA GLY H 333 0.48 -28.44 66.83
C GLY H 333 1.02 -29.84 66.96
N GLY H 334 2.33 -29.97 67.02
CA GLY H 334 2.90 -31.28 67.10
C GLY H 334 2.70 -32.15 68.32
N GLY H 335 2.29 -33.39 68.13
CA GLY H 335 2.19 -34.38 69.20
C GLY H 335 3.48 -34.94 69.70
N LYS H 336 4.44 -35.13 68.80
CA LYS H 336 5.73 -35.62 69.18
C LYS H 336 6.67 -34.50 69.42
N THR H 337 7.43 -34.64 70.47
CA THR H 337 8.36 -33.62 70.85
C THR H 337 9.35 -33.46 69.77
N SER H 338 9.68 -32.21 69.50
CA SER H 338 10.62 -31.91 68.47
C SER H 338 12.02 -32.38 68.86
N SER H 339 12.94 -32.42 67.90
CA SER H 339 14.29 -32.94 68.14
C SER H 339 15.27 -32.18 67.29
N CYS H 340 16.23 -31.53 67.95
CA CYS H 340 17.29 -30.80 67.26
C CYS H 340 18.63 -31.08 67.91
N ASN H 341 19.67 -31.25 67.08
CA ASN H 341 21.03 -31.35 67.59
C ASN H 341 21.90 -30.21 67.09
N TYR H 342 21.32 -29.21 66.40
CA TYR H 342 22.08 -28.04 65.96
C TYR H 342 21.11 -26.88 65.79
N PRO H 343 21.49 -25.63 66.15
CA PRO H 343 22.76 -25.16 66.74
C PRO H 343 22.93 -25.61 68.19
N THR H 344 21.81 -25.89 68.88
CA THR H 344 21.78 -26.33 70.28
C THR H 344 21.08 -27.68 70.36
N ASN H 345 20.85 -28.13 71.59
CA ASN H 345 20.07 -29.32 71.88
C ASN H 345 18.58 -29.04 71.96
N THR H 346 18.17 -27.77 71.83
CA THR H 346 16.79 -27.37 71.99
C THR H 346 16.26 -26.76 70.71
N CYS H 347 15.01 -27.05 70.38
CA CYS H 347 14.41 -26.53 69.17
C CYS H 347 13.69 -25.23 69.47
N PRO H 348 13.29 -24.48 68.44
CA PRO H 348 12.48 -23.28 68.69
C PRO H 348 11.09 -23.61 69.17
N SER H 349 10.64 -24.84 68.93
CA SER H 349 9.25 -25.25 69.07
C SER H 349 9.11 -26.75 69.16
C1 NAG I . -34.65 42.07 -25.02
C2 NAG I . -33.70 41.04 -25.64
C3 NAG I . -33.38 39.93 -24.64
C4 NAG I . -32.89 40.49 -23.31
C5 NAG I . -33.89 41.54 -22.80
C6 NAG I . -33.50 42.21 -21.50
C7 NAG I . -35.39 39.78 -26.99
C8 NAG I . -35.77 39.35 -28.38
N2 NAG I . -34.24 40.49 -26.88
O3 NAG I . -32.43 39.05 -25.25
O4 NAG I . -32.86 39.49 -22.30
O5 NAG I . -34.08 42.57 -23.76
O6 NAG I . -32.51 43.20 -21.68
O7 NAG I . -36.11 39.54 -26.02
C1 NAG I . -31.71 38.61 -22.27
C2 NAG I . -31.37 38.26 -20.82
C3 NAG I . -30.20 37.29 -20.78
C4 NAG I . -30.50 36.06 -21.63
C5 NAG I . -30.91 36.46 -23.04
C6 NAG I . -31.41 35.29 -23.86
C7 NAG I . -31.78 39.70 -18.90
C8 NAG I . -31.39 40.94 -18.15
N2 NAG I . -31.09 39.43 -20.00
O3 NAG I . -30.01 36.95 -19.42
O4 NAG I . -29.35 35.21 -21.71
O5 NAG I . -32.00 37.41 -23.00
O6 NAG I . -32.61 34.74 -23.32
O7 NAG I . -32.70 38.97 -18.51
C1 BMA I . -29.20 34.30 -20.59
C2 BMA I . -28.60 32.96 -21.08
C3 BMA I . -28.23 32.06 -19.89
C4 BMA I . -27.33 32.81 -18.91
C5 BMA I . -28.05 34.09 -18.42
C6 BMA I . -27.19 34.94 -17.47
O2 BMA I . -27.41 33.19 -21.80
O3 BMA I . -27.59 30.84 -20.32
O4 BMA I . -27.01 31.98 -17.78
O5 BMA I . -28.37 34.92 -19.58
O6 BMA I . -27.93 36.09 -17.09
C1 NAG J . -18.15 32.43 -14.52
C2 NAG J . -19.07 32.49 -13.30
C3 NAG J . -20.43 33.11 -13.68
C4 NAG J . -20.25 34.43 -14.43
C5 NAG J . -19.22 34.24 -15.56
C6 NAG J . -18.65 35.48 -16.22
C7 NAG J . -18.56 30.75 -11.63
C8 NAG J . -18.79 29.34 -11.22
N2 NAG J . -19.22 31.16 -12.72
O3 NAG J . -21.28 33.31 -12.55
O4 NAG J . -21.52 34.78 -14.97
O5 NAG J . -18.03 33.64 -15.05
O6 NAG J . -19.44 36.65 -16.31
O7 NAG J . -17.80 31.50 -11.01
C1 FUC J . -22.26 32.25 -12.35
C2 FUC J . -22.55 32.26 -10.86
C3 FUC J . -23.29 33.60 -10.54
C4 FUC J . -24.60 33.66 -11.31
C5 FUC J . -24.26 33.61 -12.81
C6 FUC J . -25.50 33.59 -13.72
O2 FUC J . -21.35 32.09 -10.09
O3 FUC J . -23.53 33.80 -9.15
O4 FUC J . -25.42 32.54 -10.95
O5 FUC J . -23.46 32.42 -13.12
C1 NAG J . -21.91 36.12 -14.60
C2 NAG J . -23.11 36.56 -15.46
C3 NAG J . -23.53 37.99 -15.08
C4 NAG J . -23.77 38.09 -13.58
C5 NAG J . -22.57 37.58 -12.81
C6 NAG J . -22.79 37.55 -11.31
C7 NAG J . -23.27 35.49 -17.66
C8 NAG J . -22.86 35.55 -19.11
N2 NAG J . -22.82 36.47 -16.89
O3 NAG J . -24.71 38.35 -15.80
O4 NAG J . -23.98 39.45 -13.22
O5 NAG J . -22.25 36.24 -13.21
O6 NAG J . -22.80 38.87 -10.78
O7 NAG J . -23.97 34.58 -17.22
C1 FUC J . -18.54 37.41 -15.49
C2 FUC J . -17.33 38.07 -16.33
C3 FUC J . -16.95 39.44 -15.73
C4 FUC J . -17.22 39.46 -14.19
C5 FUC J . -18.73 39.20 -13.89
C6 FUC J . -19.01 38.57 -12.53
O2 FUC J . -17.55 38.15 -17.71
O3 FUC J . -15.58 39.71 -15.93
O4 FUC J . -16.39 38.52 -13.52
O5 FUC J . -19.35 38.36 -14.84
C1 NAG K . -9.08 36.63 -15.80
C2 NAG K . -9.27 37.40 -14.48
C3 NAG K . -7.92 37.71 -13.81
C4 NAG K . -7.06 36.46 -13.70
C5 NAG K . -6.96 35.77 -15.06
C6 NAG K . -6.23 34.45 -14.99
C7 NAG K . -11.28 38.82 -14.36
C8 NAG K . -11.86 40.16 -14.70
N2 NAG K . -10.01 38.64 -14.72
O3 NAG K . -8.12 38.23 -12.51
O4 NAG K . -5.73 36.87 -13.38
O5 NAG K . -8.26 35.49 -15.57
O6 NAG K . -5.61 34.17 -16.24
O7 NAG K . -11.93 37.96 -13.76
C1 NAG K . -5.21 36.33 -12.15
C2 NAG K . -3.70 36.63 -12.15
C3 NAG K . -3.06 36.16 -10.85
C4 NAG K . -3.81 36.75 -9.66
C5 NAG K . -5.29 36.43 -9.76
C6 NAG K . -6.11 37.08 -8.67
C7 NAG K . -2.62 36.72 -14.35
C8 NAG K . -1.98 35.92 -15.46
N2 NAG K . -3.06 36.01 -13.30
O3 NAG K . -1.69 36.55 -10.82
O4 NAG K . -3.27 36.26 -8.42
O5 NAG K . -5.80 36.93 -11.00
O6 NAG K . -6.13 38.50 -8.83
O7 NAG K . -2.71 37.93 -14.39
C1 NAG L . -34.79 23.30 38.29
C2 NAG L . -33.85 22.30 37.60
C3 NAG L . -33.44 21.18 38.57
C4 NAG L . -32.91 21.74 39.88
C5 NAG L . -33.91 22.74 40.46
C6 NAG L . -33.46 23.44 41.72
C7 NAG L . -35.53 20.96 36.33
C8 NAG L . -36.00 20.57 34.96
N2 NAG L . -34.45 21.76 36.39
O3 NAG L . -32.48 20.35 37.92
O4 NAG L . -32.73 20.71 40.86
O5 NAG L . -34.17 23.77 39.51
O6 NAG L . -32.44 24.39 41.42
O7 NAG L . -36.11 20.57 37.34
C1 NAG L . -31.60 19.78 40.73
C2 NAG L . -31.18 19.32 42.14
C3 NAG L . -30.01 18.34 42.03
C4 NAG L . -30.34 17.18 41.11
C5 NAG L . -30.82 17.70 39.75
C6 NAG L . -31.31 16.58 38.86
C7 NAG L . -31.53 20.74 44.09
C8 NAG L . -31.06 21.92 44.88
N2 NAG L . -30.83 20.45 42.99
O3 NAG L . -29.69 17.84 43.33
O4 NAG L . -29.19 16.36 40.93
O5 NAG L . -31.92 18.60 39.93
O6 NAG L . -32.43 15.92 39.45
O7 NAG L . -32.50 20.06 44.44
C1 NAG M . 39.16 -3.39 -32.40
C2 NAG M . 37.84 -4.16 -32.21
C3 NAG M . 37.14 -4.35 -33.55
C4 NAG M . 37.00 -3.03 -34.30
C5 NAG M . 38.36 -2.36 -34.40
C6 NAG M . 38.36 -1.01 -35.09
C7 NAG M . 38.77 -6.48 -32.08
C8 NAG M . 38.99 -7.66 -31.18
N2 NAG M . 38.10 -5.43 -31.55
O3 NAG M . 35.87 -4.97 -33.34
O4 NAG M . 36.62 -3.23 -35.66
O5 NAG M . 38.92 -2.17 -33.09
O6 NAG M . 37.82 0.00 -34.27
O7 NAG M . 39.20 -6.48 -33.25
C1 NAG M . 35.25 -3.53 -35.97
C2 NAG M . 35.02 -3.08 -37.41
C3 NAG M . 33.60 -3.44 -37.87
C4 NAG M . 33.35 -4.93 -37.66
C5 NAG M . 33.68 -5.34 -36.22
C6 NAG M . 33.66 -6.85 -36.05
C7 NAG M . 36.14 -1.16 -38.44
C8 NAG M . 36.31 0.33 -38.45
N2 NAG M . 35.27 -1.64 -37.55
O3 NAG M . 33.45 -3.13 -39.25
O4 NAG M . 31.99 -5.24 -37.96
O5 NAG M . 35.01 -4.93 -35.87
O6 NAG M . 34.77 -7.45 -36.71
O7 NAG M . 36.74 -1.89 -39.23
C1 NAG N . 38.23 -21.64 31.07
C2 NAG N . 36.92 -22.43 31.19
C3 NAG N . 36.32 -22.67 29.80
C4 NAG N . 36.23 -21.37 29.00
C5 NAG N . 37.58 -20.68 29.01
C6 NAG N . 37.57 -19.33 28.32
C7 NAG N . 37.93 -24.71 31.45
C8 NAG N . 38.06 -25.88 32.39
N2 NAG N . 37.16 -23.69 31.90
O3 NAG N . 35.04 -23.28 29.94
O4 NAG N . 35.97 -21.60 27.62
O5 NAG N . 38.01 -20.45 30.35
O6 NAG N . 36.67 -18.45 28.97
O7 NAG N . 38.49 -24.71 30.36
C1 NAG N . 34.58 -21.78 27.29
C2 NAG N . 34.28 -21.21 25.90
C3 NAG N . 32.83 -21.50 25.52
C4 NAG N . 32.54 -23.00 25.63
C5 NAG N . 32.95 -23.53 27.01
C6 NAG N . 32.89 -25.04 27.09
C7 NAG N . 35.33 -19.25 24.88
C8 NAG N . 35.50 -17.77 24.93
N2 NAG N . 34.54 -19.79 25.82
O3 NAG N . 32.60 -21.09 24.18
O4 NAG N . 31.16 -23.25 25.41
O5 NAG N . 34.31 -23.18 27.30
O6 NAG N . 33.95 -25.64 26.36
O7 NAG N . 35.86 -19.95 24.01
C1 NAG O . -15.86 12.53 47.32
C2 NAG O . -16.57 12.47 48.69
C3 NAG O . -18.05 12.89 48.55
C4 NAG O . -18.19 14.23 47.82
C5 NAG O . -17.39 14.21 46.51
C6 NAG O . -17.34 15.54 45.77
C7 NAG O . -15.53 10.85 50.20
C8 NAG O . -15.55 9.44 50.72
N2 NAG O . -16.46 11.15 49.29
O3 NAG O . -18.71 12.93 49.81
O4 NAG O . -19.58 14.51 47.62
O5 NAG O . -16.03 13.82 46.74
O6 NAG O . -16.79 16.60 46.54
O7 NAG O . -14.69 11.66 50.58
C1 NAG O . -19.82 15.89 47.94
C2 NAG O . -21.13 16.31 47.27
C3 NAG O . -21.44 17.77 47.62
C4 NAG O . -21.49 17.94 49.14
C5 NAG O . -20.22 17.38 49.79
C6 NAG O . -20.32 17.34 51.29
C7 NAG O . -21.65 15.07 45.23
C8 NAG O . -21.55 15.02 43.73
N2 NAG O . -21.09 16.13 45.82
O3 NAG O . -22.67 18.20 47.05
O4 NAG O . -21.62 19.32 49.49
O5 NAG O . -20.00 16.02 49.36
O6 NAG O . -21.26 16.36 51.70
O7 NAG O . -22.24 14.20 45.87
C1 NAG P . -7.01 16.87 44.76
C2 NAG P . -7.04 17.47 46.18
C3 NAG P . -5.62 17.65 46.75
C4 NAG P . -4.77 16.39 46.57
C5 NAG P . -4.82 15.95 45.12
C6 NAG P . -4.06 14.68 44.83
C7 NAG P . -8.92 19.04 46.56
C8 NAG P . -9.39 20.44 46.36
N2 NAG P . -7.69 18.77 46.11
O3 NAG P . -5.73 17.98 48.13
O4 NAG P . -3.42 16.64 46.91
O5 NAG P . -6.18 15.72 44.75
O6 NAG P . -3.79 14.58 43.43
O7 NAG P . -9.61 18.18 47.11
C1 NAG P . -2.98 15.76 47.96
C2 NAG P . -1.45 15.84 48.05
C3 NAG P . -0.94 15.01 49.24
C4 NAG P . -1.66 15.38 50.52
C5 NAG P . -3.17 15.30 50.31
C6 NAG P . -3.97 15.79 51.50
C7 NAG P . -0.48 16.18 45.80
C8 NAG P . 0.13 15.49 44.61
N2 NAG P . -0.84 15.37 46.81
O3 NAG P . 0.46 15.26 49.41
O4 NAG P . -1.26 14.50 51.56
O5 NAG P . -3.55 16.14 49.21
O6 NAG P . -4.04 14.80 52.52
O7 NAG P . -0.63 17.40 45.86
C1 NAG Q . 19.16 -0.22 -43.67
C2 NAG Q . 19.88 0.33 -44.89
C3 NAG Q . 21.40 0.27 -44.70
C4 NAG Q . 21.86 0.77 -43.34
C5 NAG Q . 21.01 0.17 -42.23
C6 NAG Q . 21.27 0.82 -40.89
C7 NAG Q . 18.67 -0.13 -47.00
C8 NAG Q . 18.42 -1.18 -48.04
N2 NAG Q . 19.51 -0.50 -46.02
O3 NAG Q . 22.04 1.06 -45.70
O4 NAG Q . 23.19 0.28 -43.17
O5 NAG Q . 19.63 0.38 -42.51
O6 NAG Q . 20.87 2.17 -40.96
O7 NAG Q . 18.17 0.99 -47.07
C1 NAG Q . 24.06 1.39 -42.87
C2 NAG Q . 25.35 0.81 -42.28
C3 NAG Q . 26.33 1.96 -41.99
C4 NAG Q . 26.54 2.80 -43.25
C5 NAG Q . 25.20 3.25 -43.83
C6 NAG Q . 25.33 4.00 -45.14
C7 NAG Q . 24.87 -1.26 -41.05
C8 NAG Q . 24.54 -1.87 -39.72
N2 NAG Q . 25.06 0.07 -41.06
O3 NAG Q . 27.59 1.42 -41.59
O4 NAG Q . 27.35 3.93 -42.95
O5 NAG Q . 24.39 2.10 -44.08
O6 NAG Q . 25.55 3.11 -46.24
O7 NAG Q . 24.98 -1.94 -42.07
C1 FUC Q . 21.42 2.91 -39.86
C2 FUC Q . 21.68 4.32 -40.41
C3 FUC Q . 20.33 5.03 -40.72
C4 FUC Q . 19.40 4.95 -39.50
C5 FUC Q . 19.23 3.49 -39.05
C6 FUC Q . 18.39 3.31 -37.79
O2 FUC Q . 22.52 4.30 -41.58
O3 FUC Q . 20.53 6.40 -41.05
O4 FUC Q . 19.94 5.71 -38.46
O5 FUC Q . 20.52 2.89 -38.77
C1 NAG R . 12.07 4.99 -38.96
C2 NAG R . 12.61 6.05 -39.92
C3 NAG R . 11.53 7.10 -40.23
C4 NAG R . 10.23 6.45 -40.66
C5 NAG R . 9.82 5.40 -39.63
C6 NAG R . 8.57 4.62 -40.01
C7 NAG R . 15.01 6.52 -39.80
C8 NAG R . 16.10 7.24 -39.05
N2 NAG R . 13.77 6.69 -39.33
O3 NAG R . 12.00 7.98 -41.26
O4 NAG R . 9.21 7.46 -40.79
O5 NAG R . 10.86 4.44 -39.46
O6 NAG R . 8.06 3.92 -38.87
O7 NAG R . 15.25 5.84 -40.80
C1 NAG R . 8.54 7.33 -42.06
C2 NAG R . 7.18 8.02 -41.96
C3 NAG R . 6.44 7.99 -43.30
C4 NAG R . 7.33 8.47 -44.44
C5 NAG R . 8.67 7.74 -44.40
C6 NAG R . 9.64 8.26 -45.44
C7 NAG R . 6.26 7.94 -39.69
C8 NAG R . 5.40 7.18 -38.72
N2 NAG R . 6.37 7.41 -40.91
O3 NAG R . 5.30 8.83 -43.18
O4 NAG R . 6.74 8.08 -45.69
O5 NAG R . 9.30 7.90 -43.13
O6 NAG R . 10.52 7.22 -45.88
O7 NAG R . 6.82 8.98 -39.39
C1 BMA R . 5.82 8.99 -46.28
C2 BMA R . 5.91 8.76 -47.80
C3 BMA R . 4.81 9.51 -48.54
C4 BMA R . 3.42 9.22 -47.90
C5 BMA R . 3.45 9.49 -46.39
C6 BMA R . 2.15 9.05 -45.70
O2 BMA R . 5.71 7.36 -48.11
O3 BMA R . 4.82 9.16 -49.91
O4 BMA R . 2.39 10.01 -48.48
O5 BMA R . 4.54 8.75 -45.79
O6 BMA R . 2.39 9.00 -44.29
C1 MAN R . 5.14 10.30 -50.72
C2 MAN R . 4.79 9.95 -52.20
C3 MAN R . 5.85 8.97 -52.79
C4 MAN R . 7.28 9.47 -52.55
C5 MAN R . 7.50 9.74 -51.06
C6 MAN R . 8.86 10.33 -50.78
O2 MAN R . 4.80 11.13 -53.05
O3 MAN R . 5.65 8.73 -54.19
O4 MAN R . 8.24 8.51 -52.97
O5 MAN R . 6.51 10.69 -50.57
O6 MAN R . 9.05 10.31 -49.36
C1 MAN R . 1.18 8.61 -43.62
C2 MAN R . 1.35 8.88 -42.08
C3 MAN R . 2.31 7.86 -41.44
C4 MAN R . 1.90 6.40 -41.78
C5 MAN R . 1.74 6.20 -43.31
C6 MAN R . 1.13 4.84 -43.65
O2 MAN R . 0.11 8.70 -41.39
O3 MAN R . 2.42 8.02 -40.02
O4 MAN R . 2.89 5.50 -41.31
O5 MAN R . 0.87 7.23 -43.89
O6 MAN R . 0.12 4.53 -42.66
C1 NAG S . 20.83 -17.03 19.30
C2 NAG S . 21.81 -16.62 18.19
C3 NAG S . 23.26 -16.82 18.64
C4 NAG S . 23.52 -16.14 19.98
C5 NAG S . 22.47 -16.57 21.01
C6 NAG S . 22.57 -15.81 22.32
C7 NAG S . 20.94 -16.82 15.90
C8 NAG S . 20.79 -17.72 14.70
N2 NAG S . 21.56 -17.35 16.96
O3 NAG S . 24.16 -16.33 17.64
O4 NAG S . 24.84 -16.45 20.43
O5 NAG S . 21.15 -16.32 20.51
O6 NAG S . 22.59 -14.41 22.11
O7 NAG S . 20.52 -15.67 15.91
C1 NAG S . 25.55 -15.26 20.85
C2 NAG S . 26.77 -15.68 21.67
C3 NAG S . 27.63 -14.46 22.02
C4 NAG S . 27.95 -13.64 20.78
C5 NAG S . 26.66 -13.29 20.05
C6 NAG S . 26.90 -12.54 18.76
C7 NAG S . 26.27 -17.71 22.98
C8 NAG S . 25.82 -18.22 24.32
N2 NAG S . 26.36 -16.37 22.88
O3 NAG S . 28.83 -14.89 22.66
O4 NAG S . 28.63 -12.44 21.11
O5 NAG S . 25.96 -14.50 19.71
O6 NAG S . 27.42 -11.26 19.05
O7 NAG S . 26.55 -18.45 22.05
C1 NAG T . 13.44 -11.84 23.15
C2 NAG T . 13.96 -10.70 22.26
C3 NAG T . 12.91 -9.59 22.14
C4 NAG T . 11.58 -10.16 21.69
C5 NAG T . 11.15 -11.33 22.58
C6 NAG T . 9.91 -12.03 22.07
C7 NAG T . 15.49 -9.55 23.82
C8 NAG T . 16.91 -9.11 24.04
N2 NAG T . 15.25 -10.19 22.67
O3 NAG T . 13.36 -8.57 21.24
O4 NAG T . 10.56 -9.17 21.72
O5 NAG T . 12.19 -12.32 22.63
O6 NAG T . 9.47 -13.02 22.98
O7 NAG T . 14.60 -9.34 24.65
C1 NAG T . 9.96 -8.97 20.42
C2 NAG T . 8.56 -8.37 20.60
C3 NAG T . 7.94 -8.03 19.25
C4 NAG T . 8.88 -7.18 18.42
C5 NAG T . 10.24 -7.87 18.32
C6 NAG T . 11.27 -7.08 17.56
C7 NAG T . 7.25 -9.08 22.56
C8 NAG T . 6.39 -10.16 23.15
N2 NAG T . 7.71 -9.32 21.33
O3 NAG T . 6.72 -7.32 19.48
O4 NAG T . 8.36 -6.98 17.11
O5 NAG T . 10.76 -8.09 19.63
O6 NAG T . 11.80 -6.01 18.34
O7 NAG T . 7.53 -8.05 23.17
#